data_3FF6
#
_entry.id   3FF6
#
_cell.length_a   81.545
_cell.length_b   168.836
_cell.length_c   293.353
_cell.angle_alpha   90.000
_cell.angle_beta   90.000
_cell.angle_gamma   90.000
#
_symmetry.space_group_name_H-M   'P 21 21 21'
#
loop_
_entity.id
_entity.type
_entity.pdbx_description
1 polymer 'Acetyl-CoA carboxylase 2'
2 non-polymer "(3R)-1'-(9-ANTHRYLCARBONYL)-3-(MORPHOLIN-4-YLCARBONYL)-1,4'-BIPIPERIDINE"
3 water water
#
_entity_poly.entity_id   1
_entity_poly.type   'polypeptide(L)'
_entity_poly.pdbx_seq_one_letter_code
;GNTPYVTKDLLQAKRFQAQTLGTTYIYDFPEMFRQALFKLWGSPDKYPKDILTYTELVLDSQGQLVEMNRLPGGNEVGMV
AFKMRFKTQEYPEGRDVIVIGNDITFRIGSFGPGEDLLYLRASEMARAEGIPKIYVAANSGARIGMAEEIKHMFHVAWVD
PEDPHKGFKYLYLTPQDYTRISSLNSVHCKHIEEGGESRYMITDIIGKDDGLGVENLRGSGMIAGESSLAYEEIVTISLV
TCRAIGIGAYLVRLGQRVIQVENSHIILTGASALNKVLGREVYTSNNQLGGVQIMHYNGVSHITVPDDFEGVYTILEWLS
YMPKDNHSPVPIITPTDPIDREIEFLPSRAPYDPRWMLAGRPHPTLKGTWQSGFFDHGSFKEIMAPWAQTVVTGRARLGG
IPVGVIAVETRTVEVAVPADPANLDSEAKIIQQAGQVWFPDSAYKTAQAIKDFNREKLPLMIFANWRGFSGGMKDMYDQV
LKFGAYIVDGLRQYKQPILIYIPPYAELRGGSWVVIDATINPLCIEMYADKESRGGVLEPEGTVEIKFRKKDLIKSMRRI
DPAYKKLMEQLGEPDLSDKDRKDLEGRLKAREDLLLPIYHQVAVQFADFHDTPGRMLEKGVISDILEWKTARTFLYWRLR
RLLLEDQVKQEILQASGELSHVHIQSMLRRWFVETEGAVKAYLWDNNQVVVQWLEQHWQAGDGPRSTIRENITYLKHDSV
LKTIRGLVEENPEVAVDCVIYLSQHISPAERAQVVHLLSE
;
_entity_poly.pdbx_strand_id   A,B,C,D
#
# COMPACT_ATOMS: atom_id res chain seq x y z
N PRO A 4 -35.01 -42.52 -31.69
CA PRO A 4 -35.35 -41.69 -32.88
C PRO A 4 -34.49 -40.42 -32.97
N TYR A 5 -33.18 -40.57 -32.78
CA TYR A 5 -32.21 -39.44 -32.84
C TYR A 5 -31.18 -39.64 -33.96
N VAL A 6 -31.26 -38.82 -35.02
CA VAL A 6 -30.42 -38.98 -36.24
C VAL A 6 -29.17 -38.09 -36.22
N THR A 7 -28.00 -38.66 -36.55
CA THR A 7 -26.71 -37.94 -36.39
C THR A 7 -26.63 -36.67 -37.22
N LYS A 8 -26.80 -36.79 -38.53
CA LYS A 8 -26.82 -35.62 -39.41
C LYS A 8 -27.77 -34.59 -38.80
N ASP A 9 -29.04 -34.98 -38.77
CA ASP A 9 -30.13 -34.12 -38.32
C ASP A 9 -29.94 -33.66 -36.87
N LEU A 10 -30.12 -34.58 -35.93
CA LEU A 10 -30.15 -34.21 -34.51
C LEU A 10 -28.78 -33.74 -34.02
N LEU A 11 -27.78 -34.60 -34.17
CA LEU A 11 -26.48 -34.38 -33.51
C LEU A 11 -25.75 -33.12 -33.99
N GLN A 12 -25.54 -33.01 -35.30
CA GLN A 12 -24.81 -31.87 -35.88
C GLN A 12 -25.43 -30.54 -35.42
N ALA A 13 -26.74 -30.42 -35.60
CA ALA A 13 -27.46 -29.18 -35.30
C ALA A 13 -27.39 -28.83 -33.82
N LYS A 14 -27.57 -29.81 -32.95
CA LYS A 14 -27.55 -29.57 -31.51
C LYS A 14 -26.17 -29.08 -31.04
N ARG A 15 -25.11 -29.63 -31.62
CA ARG A 15 -23.75 -29.22 -31.27
C ARG A 15 -23.38 -27.83 -31.79
N PHE A 16 -23.85 -27.52 -33.00
CA PHE A 16 -23.74 -26.19 -33.57
C PHE A 16 -24.43 -25.19 -32.63
N GLN A 17 -25.57 -25.62 -32.13
CA GLN A 17 -26.46 -24.81 -31.28
C GLN A 17 -25.86 -24.55 -29.89
N ALA A 18 -25.00 -25.44 -29.43
CA ALA A 18 -24.21 -25.24 -28.22
C ALA A 18 -22.90 -24.51 -28.57
N GLN A 19 -22.33 -24.84 -29.72
CA GLN A 19 -21.14 -24.16 -30.23
C GLN A 19 -21.36 -22.66 -30.26
N THR A 20 -22.42 -22.24 -30.93
CA THR A 20 -22.71 -20.82 -31.13
C THR A 20 -23.15 -20.13 -29.82
N LEU A 21 -23.76 -20.88 -28.91
CA LEU A 21 -24.03 -20.35 -27.55
C LEU A 21 -22.75 -20.22 -26.72
N GLY A 22 -21.62 -20.71 -27.25
CA GLY A 22 -20.35 -20.63 -26.53
C GLY A 22 -20.23 -21.64 -25.39
N THR A 23 -20.75 -22.84 -25.64
CA THR A 23 -20.75 -23.92 -24.67
C THR A 23 -20.56 -25.25 -25.38
N THR A 24 -20.55 -26.32 -24.59
CA THR A 24 -20.34 -27.66 -25.11
C THR A 24 -21.63 -28.45 -24.96
N TYR A 25 -22.10 -29.04 -26.06
CA TYR A 25 -23.31 -29.88 -26.05
C TYR A 25 -23.16 -31.01 -25.04
N ILE A 26 -24.17 -31.18 -24.21
CA ILE A 26 -24.03 -31.96 -22.98
C ILE A 26 -23.44 -33.37 -23.13
N TYR A 27 -23.72 -34.05 -24.25
CA TYR A 27 -23.23 -35.41 -24.47
C TYR A 27 -21.77 -35.48 -24.97
N ASP A 28 -21.16 -34.32 -25.20
CA ASP A 28 -19.75 -34.27 -25.55
C ASP A 28 -18.84 -34.01 -24.34
N PHE A 29 -19.44 -33.91 -23.15
CA PHE A 29 -18.66 -33.79 -21.91
C PHE A 29 -17.99 -35.10 -21.47
N PRO A 30 -18.72 -36.24 -21.55
CA PRO A 30 -18.07 -37.50 -21.21
C PRO A 30 -16.77 -37.69 -21.98
N GLU A 31 -16.80 -37.39 -23.27
CA GLU A 31 -15.61 -37.50 -24.12
C GLU A 31 -14.52 -36.50 -23.69
N MET A 32 -14.93 -35.28 -23.33
CA MET A 32 -14.00 -34.29 -22.75
C MET A 32 -13.28 -34.78 -21.50
N PHE A 33 -14.02 -35.46 -20.63
CA PHE A 33 -13.45 -36.08 -19.44
C PHE A 33 -12.41 -37.14 -19.81
N ARG A 34 -12.69 -37.92 -20.85
CA ARG A 34 -11.72 -38.89 -21.39
C ARG A 34 -10.42 -38.19 -21.80
N GLN A 35 -10.56 -37.03 -22.45
CA GLN A 35 -9.41 -36.29 -22.95
C GLN A 35 -8.59 -35.61 -21.85
N ALA A 36 -9.27 -35.06 -20.85
CA ALA A 36 -8.61 -34.42 -19.72
C ALA A 36 -7.72 -35.41 -18.97
N LEU A 37 -8.27 -36.60 -18.67
CA LEU A 37 -7.52 -37.66 -17.99
C LEU A 37 -6.26 -38.02 -18.76
N PHE A 38 -6.40 -38.21 -20.06
CA PHE A 38 -5.26 -38.51 -20.94
C PHE A 38 -4.11 -37.51 -20.77
N LYS A 39 -4.45 -36.24 -20.56
CA LYS A 39 -3.46 -35.19 -20.33
C LYS A 39 -2.81 -35.37 -18.95
N LEU A 40 -3.65 -35.57 -17.93
CA LEU A 40 -3.21 -35.85 -16.56
C LEU A 40 -2.26 -37.05 -16.41
N TRP A 41 -2.37 -38.00 -17.35
CA TRP A 41 -1.47 -39.15 -17.41
C TRP A 41 -0.26 -38.88 -18.31
N GLY A 42 -0.31 -37.82 -19.12
CA GLY A 42 0.86 -37.26 -19.79
C GLY A 42 1.44 -37.93 -21.03
N SER A 43 0.86 -39.04 -21.52
CA SER A 43 1.36 -39.69 -22.74
C SER A 43 0.39 -40.73 -23.34
N PRO A 44 0.70 -41.26 -24.53
CA PRO A 44 0.01 -42.47 -25.02
C PRO A 44 0.55 -43.77 -24.40
N ASP A 45 1.86 -43.81 -24.09
CA ASP A 45 2.51 -45.02 -23.57
C ASP A 45 2.40 -45.18 -22.05
N LYS A 46 1.82 -44.19 -21.36
CA LYS A 46 1.60 -44.27 -19.92
C LYS A 46 0.12 -44.48 -19.55
N TYR A 47 -0.71 -44.89 -20.52
CA TYR A 47 -2.18 -44.87 -20.36
C TYR A 47 -2.78 -46.26 -20.08
N PRO A 48 -3.62 -46.37 -19.02
CA PRO A 48 -4.25 -47.63 -18.64
C PRO A 48 -5.32 -48.08 -19.61
N LYS A 49 -5.89 -49.25 -19.37
CA LYS A 49 -6.87 -49.85 -20.29
C LYS A 49 -8.11 -48.96 -20.44
N ASP A 50 -8.98 -48.94 -19.43
CA ASP A 50 -10.23 -48.20 -19.52
C ASP A 50 -10.14 -46.91 -18.73
N ILE A 51 -9.59 -45.89 -19.35
CA ILE A 51 -9.40 -44.59 -18.69
C ILE A 51 -10.74 -44.03 -18.21
N LEU A 52 -11.82 -44.28 -18.95
CA LEU A 52 -13.14 -43.73 -18.59
C LEU A 52 -14.30 -44.60 -19.07
N THR A 53 -15.09 -45.06 -18.11
CA THR A 53 -16.33 -45.78 -18.34
C THR A 53 -17.46 -44.86 -17.92
N TYR A 54 -18.55 -44.86 -18.69
CA TYR A 54 -19.73 -44.13 -18.27
C TYR A 54 -21.05 -44.79 -18.66
N THR A 55 -22.11 -44.26 -18.08
CA THR A 55 -23.44 -44.77 -18.30
C THR A 55 -24.41 -43.61 -18.07
N GLU A 56 -25.46 -43.53 -18.88
CA GLU A 56 -26.43 -42.45 -18.74
C GLU A 56 -27.49 -42.86 -17.72
N LEU A 57 -27.77 -41.96 -16.78
CA LEU A 57 -28.87 -42.16 -15.85
C LEU A 57 -30.13 -41.56 -16.49
N VAL A 58 -31.16 -42.39 -16.61
CA VAL A 58 -32.38 -42.05 -17.35
C VAL A 58 -33.63 -42.36 -16.53
N LEU A 59 -34.50 -41.35 -16.39
CA LEU A 59 -35.77 -41.51 -15.67
C LEU A 59 -36.67 -42.48 -16.42
N ASP A 60 -37.15 -43.50 -15.71
CA ASP A 60 -38.10 -44.46 -16.26
C ASP A 60 -39.52 -43.96 -16.01
N SER A 61 -40.49 -44.70 -16.51
CA SER A 61 -41.89 -44.29 -16.48
C SER A 61 -42.44 -44.02 -15.07
N GLN A 62 -41.84 -44.67 -14.06
CA GLN A 62 -42.21 -44.40 -12.66
C GLN A 62 -41.14 -43.58 -11.93
N GLY A 63 -40.60 -42.58 -12.63
CA GLY A 63 -39.72 -41.57 -12.05
C GLY A 63 -38.51 -42.06 -11.27
N GLN A 64 -38.02 -43.26 -11.58
CA GLN A 64 -36.78 -43.76 -10.97
C GLN A 64 -35.69 -43.86 -12.03
N LEU A 65 -34.43 -43.73 -11.59
CA LEU A 65 -33.30 -43.80 -12.51
C LEU A 65 -32.95 -45.23 -12.88
N VAL A 66 -32.52 -45.39 -14.13
CA VAL A 66 -32.08 -46.68 -14.68
C VAL A 66 -30.83 -46.45 -15.54
N GLU A 67 -29.72 -47.08 -15.16
CA GLU A 67 -28.49 -46.98 -15.94
C GLU A 67 -28.71 -47.60 -17.30
N MET A 68 -28.35 -46.86 -18.34
CA MET A 68 -28.31 -47.40 -19.69
C MET A 68 -27.29 -46.63 -20.50
N ASN A 69 -26.80 -47.21 -21.59
CA ASN A 69 -25.98 -46.45 -22.53
C ASN A 69 -26.44 -46.62 -23.96
N ARG A 70 -27.63 -46.06 -24.19
CA ARG A 70 -28.11 -45.66 -25.50
C ARG A 70 -27.13 -44.67 -26.17
N LEU A 71 -27.44 -44.28 -27.39
CA LEU A 71 -26.61 -43.32 -28.13
C LEU A 71 -26.82 -41.90 -27.59
N PRO A 72 -25.94 -40.96 -27.99
CA PRO A 72 -26.12 -39.58 -27.53
C PRO A 72 -27.40 -38.93 -28.05
N GLY A 73 -27.80 -37.84 -27.42
CA GLY A 73 -29.04 -37.16 -27.78
C GLY A 73 -30.23 -37.95 -27.30
N GLY A 74 -31.41 -37.60 -27.80
CA GLY A 74 -32.65 -38.28 -27.43
C GLY A 74 -32.91 -38.33 -25.94
N ASN A 75 -33.07 -37.17 -25.32
CA ASN A 75 -33.42 -37.07 -23.89
C ASN A 75 -34.78 -36.43 -23.72
N GLU A 76 -35.63 -37.08 -22.92
CA GLU A 76 -37.02 -36.63 -22.72
C GLU A 76 -37.17 -35.38 -21.85
N VAL A 77 -36.10 -34.99 -21.14
CA VAL A 77 -36.06 -33.69 -20.43
C VAL A 77 -34.80 -32.93 -20.79
N GLY A 78 -34.78 -31.65 -20.45
CA GLY A 78 -33.63 -30.78 -20.73
C GLY A 78 -32.51 -30.88 -19.71
N MET A 79 -32.36 -32.06 -19.12
CA MET A 79 -31.23 -32.34 -18.25
C MET A 79 -30.73 -33.73 -18.54
N VAL A 80 -29.42 -33.92 -18.49
CA VAL A 80 -28.88 -35.27 -18.57
C VAL A 80 -27.94 -35.53 -17.39
N ALA A 81 -27.89 -36.78 -16.98
CA ALA A 81 -27.04 -37.26 -15.89
C ALA A 81 -26.26 -38.47 -16.37
N PHE A 82 -25.04 -38.61 -15.87
CA PHE A 82 -24.21 -39.77 -16.17
C PHE A 82 -23.59 -40.27 -14.88
N LYS A 83 -23.47 -41.59 -14.76
CA LYS A 83 -22.60 -42.19 -13.75
C LYS A 83 -21.27 -42.55 -14.42
N MET A 84 -20.21 -41.86 -14.03
CA MET A 84 -18.89 -42.04 -14.62
C MET A 84 -17.93 -42.73 -13.66
N ARG A 85 -17.01 -43.50 -14.23
CA ARG A 85 -15.89 -44.05 -13.51
C ARG A 85 -14.66 -43.78 -14.34
N PHE A 86 -13.59 -43.30 -13.71
CA PHE A 86 -12.35 -43.04 -14.43
C PHE A 86 -11.11 -43.35 -13.62
N LYS A 87 -10.19 -44.08 -14.26
CA LYS A 87 -8.93 -44.46 -13.66
C LYS A 87 -8.07 -43.22 -13.55
N THR A 88 -7.83 -42.81 -12.30
CA THR A 88 -7.03 -41.64 -11.99
C THR A 88 -5.76 -42.14 -11.32
N GLN A 89 -4.80 -41.25 -11.09
CA GLN A 89 -3.55 -41.62 -10.42
C GLN A 89 -3.77 -41.97 -8.95
N GLU A 90 -4.74 -41.32 -8.32
CA GLU A 90 -5.09 -41.62 -6.93
C GLU A 90 -5.89 -42.91 -6.81
N TYR A 91 -6.59 -43.29 -7.88
CA TYR A 91 -7.42 -44.50 -7.89
C TYR A 91 -7.26 -45.17 -9.25
N PRO A 92 -6.16 -45.92 -9.42
CA PRO A 92 -5.86 -46.59 -10.68
C PRO A 92 -6.91 -47.60 -11.13
N GLU A 93 -7.57 -48.26 -10.18
CA GLU A 93 -8.63 -49.21 -10.50
C GLU A 93 -10.00 -48.52 -10.52
N GLY A 94 -10.01 -47.18 -10.45
CA GLY A 94 -11.21 -46.39 -10.74
C GLY A 94 -11.83 -45.63 -9.57
N ARG A 95 -12.41 -44.48 -9.89
CA ARG A 95 -13.22 -43.75 -8.92
C ARG A 95 -14.52 -43.34 -9.60
N ASP A 96 -15.63 -43.45 -8.86
CA ASP A 96 -16.93 -43.11 -9.40
C ASP A 96 -17.34 -41.69 -9.04
N VAL A 97 -18.28 -41.17 -9.84
CA VAL A 97 -18.65 -39.76 -9.86
C VAL A 97 -19.97 -39.65 -10.61
N ILE A 98 -20.77 -38.63 -10.29
CA ILE A 98 -22.01 -38.37 -10.99
C ILE A 98 -21.98 -36.97 -11.59
N VAL A 99 -22.30 -36.87 -12.87
CA VAL A 99 -22.36 -35.59 -13.56
C VAL A 99 -23.79 -35.31 -13.99
N ILE A 100 -24.33 -34.18 -13.52
CA ILE A 100 -25.63 -33.65 -13.94
C ILE A 100 -25.35 -32.39 -14.72
N GLY A 101 -26.23 -32.06 -15.66
CA GLY A 101 -26.03 -30.90 -16.51
C GLY A 101 -27.20 -30.63 -17.43
N ASN A 102 -27.45 -29.36 -17.69
CA ASN A 102 -28.53 -28.94 -18.55
C ASN A 102 -28.23 -29.17 -20.03
N ASP A 103 -29.23 -29.65 -20.75
CA ASP A 103 -29.21 -29.58 -22.21
C ASP A 103 -29.72 -28.17 -22.58
N ILE A 104 -28.78 -27.25 -22.76
CA ILE A 104 -29.12 -25.86 -23.11
C ILE A 104 -29.84 -25.77 -24.46
N THR A 105 -29.52 -26.69 -25.37
CA THR A 105 -30.22 -26.75 -26.64
C THR A 105 -31.70 -27.07 -26.44
N PHE A 106 -31.99 -27.85 -25.40
CA PHE A 106 -33.36 -28.20 -25.02
C PHE A 106 -33.99 -27.04 -24.24
N ARG A 107 -34.93 -26.35 -24.87
CA ARG A 107 -35.67 -25.23 -24.26
C ARG A 107 -34.78 -24.25 -23.49
N ILE A 108 -33.81 -23.65 -24.18
CA ILE A 108 -32.84 -22.72 -23.58
C ILE A 108 -32.30 -23.13 -22.20
N GLY A 109 -32.26 -24.44 -21.92
CA GLY A 109 -31.86 -24.94 -20.60
C GLY A 109 -32.77 -24.51 -19.47
N SER A 110 -34.07 -24.37 -19.74
CA SER A 110 -35.05 -23.97 -18.73
C SER A 110 -35.30 -25.11 -17.77
N PHE A 111 -35.85 -24.80 -16.61
CA PHE A 111 -36.04 -25.78 -15.53
C PHE A 111 -37.50 -26.14 -15.37
N GLY A 112 -37.93 -27.22 -16.02
CA GLY A 112 -39.28 -27.72 -15.82
C GLY A 112 -39.32 -28.78 -14.72
N PRO A 113 -40.52 -29.19 -14.30
CA PRO A 113 -40.70 -30.26 -13.32
C PRO A 113 -40.00 -31.58 -13.69
N GLY A 114 -39.91 -31.87 -14.98
CA GLY A 114 -39.21 -33.07 -15.45
C GLY A 114 -37.71 -32.95 -15.25
N GLU A 115 -37.18 -31.78 -15.60
CA GLU A 115 -35.77 -31.49 -15.42
C GLU A 115 -35.44 -31.57 -13.95
N ASP A 116 -36.23 -30.88 -13.15
CA ASP A 116 -36.06 -30.84 -11.70
C ASP A 116 -35.97 -32.25 -11.10
N LEU A 117 -36.80 -33.16 -11.60
CA LEU A 117 -36.86 -34.52 -11.08
C LEU A 117 -35.55 -35.28 -11.35
N LEU A 118 -35.07 -35.24 -12.59
CA LEU A 118 -33.84 -35.95 -12.93
C LEU A 118 -32.67 -35.47 -12.07
N TYR A 119 -32.49 -34.16 -11.99
CA TYR A 119 -31.48 -33.60 -11.10
C TYR A 119 -31.66 -34.12 -9.69
N LEU A 120 -32.91 -34.18 -9.21
CA LEU A 120 -33.17 -34.66 -7.86
C LEU A 120 -32.64 -36.08 -7.67
N ARG A 121 -33.10 -37.01 -8.51
CA ARG A 121 -32.70 -38.41 -8.40
C ARG A 121 -31.21 -38.58 -8.62
N ALA A 122 -30.65 -37.85 -9.57
CA ALA A 122 -29.22 -37.89 -9.81
C ALA A 122 -28.47 -37.52 -8.53
N SER A 123 -28.89 -36.43 -7.89
CA SER A 123 -28.25 -35.97 -6.65
C SER A 123 -28.46 -36.98 -5.52
N GLU A 124 -29.70 -37.43 -5.36
CA GLU A 124 -30.03 -38.44 -4.36
C GLU A 124 -29.17 -39.70 -4.48
N MET A 125 -28.95 -40.14 -5.71
CA MET A 125 -28.11 -41.30 -5.97
C MET A 125 -26.68 -41.01 -5.56
N ALA A 126 -26.18 -39.87 -5.99
CA ALA A 126 -24.82 -39.44 -5.66
C ALA A 126 -24.59 -39.55 -4.16
N ARG A 127 -25.56 -39.06 -3.39
CA ARG A 127 -25.50 -39.17 -1.94
C ARG A 127 -25.72 -40.60 -1.45
N ALA A 128 -26.46 -41.40 -2.21
CA ALA A 128 -26.65 -42.81 -1.89
C ALA A 128 -25.31 -43.54 -1.81
N GLU A 129 -24.44 -43.26 -2.78
CA GLU A 129 -23.15 -43.92 -2.91
C GLU A 129 -22.03 -43.08 -2.32
N GLY A 130 -22.37 -41.91 -1.82
CA GLY A 130 -21.43 -41.05 -1.14
C GLY A 130 -20.32 -40.54 -2.04
N ILE A 131 -20.61 -40.50 -3.34
CA ILE A 131 -19.62 -40.13 -4.36
C ILE A 131 -19.86 -38.69 -4.84
N PRO A 132 -18.84 -38.06 -5.43
CA PRO A 132 -18.94 -36.66 -5.84
C PRO A 132 -20.04 -36.31 -6.85
N LYS A 133 -20.64 -35.14 -6.70
CA LYS A 133 -21.66 -34.65 -7.63
C LYS A 133 -21.14 -33.45 -8.43
N ILE A 134 -20.82 -33.69 -9.70
CA ILE A 134 -20.45 -32.63 -10.63
C ILE A 134 -21.71 -32.10 -11.29
N TYR A 135 -21.88 -30.78 -11.30
CA TYR A 135 -23.01 -30.15 -11.99
C TYR A 135 -22.53 -29.10 -13.00
N VAL A 136 -22.87 -29.34 -14.28
CA VAL A 136 -22.63 -28.37 -15.36
C VAL A 136 -23.84 -27.44 -15.52
N ALA A 137 -23.69 -26.22 -15.00
CA ALA A 137 -24.70 -25.17 -15.14
C ALA A 137 -24.61 -24.53 -16.52
N ALA A 138 -25.66 -24.71 -17.30
CA ALA A 138 -25.85 -23.99 -18.55
C ALA A 138 -27.36 -23.88 -18.80
N ASN A 139 -27.98 -22.83 -18.27
CA ASN A 139 -29.44 -22.77 -18.16
C ASN A 139 -30.07 -21.38 -18.34
N SER A 140 -31.40 -21.31 -18.26
CA SER A 140 -32.15 -20.05 -18.32
C SER A 140 -33.14 -19.90 -17.15
N GLY A 141 -32.86 -20.57 -16.03
CA GLY A 141 -33.72 -20.52 -14.85
C GLY A 141 -35.06 -21.23 -15.01
N ALA A 142 -35.95 -21.01 -14.03
CA ALA A 142 -37.26 -21.65 -14.05
C ALA A 142 -38.02 -21.28 -15.31
N ARG A 143 -38.72 -22.28 -15.84
CA ARG A 143 -39.55 -22.10 -17.03
C ARG A 143 -40.74 -21.20 -16.71
N ILE A 144 -41.12 -20.36 -17.68
CA ILE A 144 -42.31 -19.50 -17.53
C ILE A 144 -43.24 -19.66 -18.74
N GLY A 145 -44.55 -19.77 -18.48
CA GLY A 145 -45.53 -19.98 -19.54
C GLY A 145 -46.92 -19.42 -19.24
N MET A 146 -47.77 -19.45 -20.26
CA MET A 146 -49.14 -18.96 -20.14
C MET A 146 -50.13 -20.04 -20.63
N ALA A 147 -51.42 -19.72 -20.54
CA ALA A 147 -52.48 -20.60 -21.02
C ALA A 147 -52.75 -20.18 -22.46
N GLU A 148 -51.89 -20.66 -23.37
CA GLU A 148 -51.93 -20.24 -24.78
C GLU A 148 -53.27 -20.56 -25.41
N GLU A 149 -53.75 -21.77 -25.18
CA GLU A 149 -55.13 -22.18 -25.49
C GLU A 149 -56.17 -21.06 -25.31
N ILE A 150 -56.12 -20.40 -24.15
CA ILE A 150 -57.12 -19.42 -23.71
C ILE A 150 -56.71 -17.98 -24.04
N LYS A 151 -55.40 -17.79 -24.28
CA LYS A 151 -54.85 -16.51 -24.71
C LYS A 151 -55.61 -15.82 -25.84
N HIS A 152 -56.18 -16.59 -26.77
CA HIS A 152 -56.91 -16.00 -27.90
C HIS A 152 -58.39 -16.40 -27.96
N MET A 153 -58.97 -16.68 -26.78
CA MET A 153 -60.41 -16.93 -26.64
C MET A 153 -61.13 -15.78 -25.93
N PHE A 154 -60.43 -15.15 -24.99
CA PHE A 154 -61.07 -14.27 -24.01
C PHE A 154 -61.56 -12.98 -24.65
N HIS A 155 -62.74 -12.54 -24.23
CA HIS A 155 -63.30 -11.28 -24.66
C HIS A 155 -63.23 -10.30 -23.51
N VAL A 156 -63.25 -9.01 -23.84
CA VAL A 156 -63.09 -7.95 -22.87
C VAL A 156 -64.39 -7.19 -22.67
N ALA A 157 -64.79 -7.05 -21.42
CA ALA A 157 -65.95 -6.23 -21.07
C ALA A 157 -65.48 -4.81 -20.80
N TRP A 158 -65.58 -3.95 -21.81
CA TRP A 158 -65.13 -2.55 -21.70
C TRP A 158 -66.09 -1.75 -20.85
N VAL A 159 -65.57 -0.77 -20.12
CA VAL A 159 -66.42 0.15 -19.36
C VAL A 159 -67.27 0.97 -20.33
N ASP A 160 -66.66 1.36 -21.44
CA ASP A 160 -67.32 2.20 -22.44
C ASP A 160 -66.72 1.92 -23.84
N PRO A 161 -67.34 1.00 -24.60
CA PRO A 161 -66.87 0.57 -25.93
C PRO A 161 -66.42 1.69 -26.88
N GLU A 162 -66.99 2.89 -26.74
CA GLU A 162 -66.54 4.03 -27.52
C GLU A 162 -65.19 4.57 -27.01
N ASP A 163 -64.99 4.61 -25.69
CA ASP A 163 -63.74 5.15 -25.12
C ASP A 163 -62.95 4.11 -24.33
N PRO A 164 -61.97 3.46 -24.98
CA PRO A 164 -61.13 2.47 -24.33
C PRO A 164 -60.05 3.06 -23.42
N HIS A 165 -59.86 4.38 -23.43
CA HIS A 165 -58.99 5.04 -22.46
C HIS A 165 -59.60 4.84 -21.06
N LYS A 166 -60.92 4.97 -20.99
CA LYS A 166 -61.69 4.46 -19.86
C LYS A 166 -61.60 2.94 -19.95
N GLY A 167 -61.07 2.30 -18.90
CA GLY A 167 -60.67 0.89 -18.95
C GLY A 167 -61.75 -0.16 -19.15
N PHE A 168 -61.50 -1.37 -18.64
CA PHE A 168 -62.41 -2.50 -18.81
C PHE A 168 -62.87 -3.08 -17.48
N LYS A 169 -64.02 -3.73 -17.51
CA LYS A 169 -64.67 -4.24 -16.31
C LYS A 169 -64.09 -5.60 -15.90
N TYR A 170 -63.90 -6.45 -16.89
CA TYR A 170 -63.41 -7.82 -16.67
C TYR A 170 -63.11 -8.49 -17.99
N LEU A 171 -62.58 -9.71 -17.92
CA LEU A 171 -62.41 -10.58 -19.07
C LEU A 171 -63.41 -11.73 -18.97
N TYR A 172 -63.83 -12.26 -20.11
CA TYR A 172 -64.80 -13.36 -20.10
C TYR A 172 -64.75 -14.26 -21.32
N LEU A 173 -65.47 -15.37 -21.23
CA LEU A 173 -65.65 -16.30 -22.32
C LEU A 173 -67.14 -16.47 -22.58
N THR A 174 -67.53 -16.57 -23.84
CA THR A 174 -68.90 -16.86 -24.19
C THR A 174 -69.18 -18.35 -23.97
N PRO A 175 -70.47 -18.73 -23.79
CA PRO A 175 -70.81 -20.12 -23.48
C PRO A 175 -70.19 -21.16 -24.42
N GLN A 176 -70.26 -20.91 -25.73
CA GLN A 176 -69.64 -21.78 -26.73
C GLN A 176 -68.11 -21.89 -26.53
N ASP A 177 -67.48 -20.80 -26.12
CA ASP A 177 -66.04 -20.80 -25.79
C ASP A 177 -65.79 -21.66 -24.56
N TYR A 178 -66.56 -21.39 -23.51
CA TYR A 178 -66.42 -22.07 -22.23
C TYR A 178 -66.66 -23.59 -22.33
N THR A 179 -67.61 -23.99 -23.17
CA THR A 179 -67.95 -25.41 -23.34
C THR A 179 -66.75 -26.26 -23.75
N ARG A 180 -65.93 -25.72 -24.64
CA ARG A 180 -64.70 -26.40 -25.06
C ARG A 180 -63.75 -26.57 -23.88
N ILE A 181 -63.39 -25.46 -23.23
CA ILE A 181 -62.42 -25.46 -22.10
C ILE A 181 -63.02 -25.97 -20.78
N SER A 182 -64.33 -26.24 -20.75
CA SER A 182 -65.05 -26.64 -19.54
C SER A 182 -64.44 -27.84 -18.84
N SER A 183 -64.45 -28.97 -19.54
CA SER A 183 -64.07 -30.25 -18.94
C SER A 183 -62.57 -30.34 -18.71
N LEU A 184 -61.80 -29.60 -19.52
CA LEU A 184 -60.33 -29.52 -19.32
C LEU A 184 -59.89 -28.81 -18.03
N ASN A 185 -60.82 -28.13 -17.35
CA ASN A 185 -60.51 -27.31 -16.17
C ASN A 185 -59.27 -26.42 -16.39
N SER A 186 -59.28 -25.72 -17.51
CA SER A 186 -58.22 -24.78 -17.85
C SER A 186 -58.44 -23.44 -17.18
N VAL A 187 -59.70 -23.11 -16.91
CA VAL A 187 -60.11 -21.76 -16.49
C VAL A 187 -61.24 -21.78 -15.46
N HIS A 188 -61.07 -21.04 -14.37
CA HIS A 188 -62.15 -20.78 -13.41
C HIS A 188 -62.82 -19.47 -13.78
N CYS A 189 -64.14 -19.45 -13.81
CA CYS A 189 -64.86 -18.22 -14.13
C CYS A 189 -66.33 -18.22 -13.70
N LYS A 190 -66.76 -17.10 -13.13
CA LYS A 190 -68.11 -16.98 -12.54
C LYS A 190 -69.12 -16.62 -13.61
N HIS A 191 -70.22 -17.37 -13.66
CA HIS A 191 -71.26 -17.13 -14.65
C HIS A 191 -72.00 -15.83 -14.34
N ILE A 192 -71.74 -14.80 -15.15
CA ILE A 192 -72.37 -13.48 -14.99
C ILE A 192 -73.40 -13.27 -16.10
N GLU A 193 -74.35 -12.36 -15.89
CA GLU A 193 -75.38 -12.08 -16.90
C GLU A 193 -75.56 -10.57 -17.17
N GLU A 194 -74.48 -9.92 -17.60
CA GLU A 194 -74.51 -8.49 -17.92
C GLU A 194 -75.32 -8.26 -19.20
N GLY A 195 -75.98 -7.12 -19.27
CA GLY A 195 -76.85 -6.77 -20.39
C GLY A 195 -77.82 -7.88 -20.76
N GLY A 196 -78.24 -8.67 -19.77
CA GLY A 196 -79.08 -9.83 -20.01
C GLY A 196 -78.49 -10.81 -21.02
N GLU A 197 -77.17 -10.95 -21.00
CA GLU A 197 -76.46 -11.91 -21.84
C GLU A 197 -75.53 -12.72 -20.96
N SER A 198 -75.31 -13.98 -21.33
CA SER A 198 -74.51 -14.91 -20.53
C SER A 198 -73.03 -14.86 -20.89
N ARG A 199 -72.21 -14.59 -19.88
CA ARG A 199 -70.75 -14.55 -20.02
C ARG A 199 -70.11 -15.34 -18.88
N TYR A 200 -68.88 -15.77 -19.08
CA TYR A 200 -68.14 -16.55 -18.07
C TYR A 200 -66.92 -15.78 -17.60
N MET A 201 -67.13 -14.95 -16.58
CA MET A 201 -66.15 -13.96 -16.13
C MET A 201 -64.93 -14.64 -15.52
N ILE A 202 -63.78 -14.54 -16.19
CA ILE A 202 -62.57 -15.20 -15.71
C ILE A 202 -62.21 -14.75 -14.29
N THR A 203 -62.04 -15.73 -13.41
CA THR A 203 -61.55 -15.52 -12.04
C THR A 203 -60.16 -16.11 -11.85
N ASP A 204 -59.91 -17.29 -12.42
CA ASP A 204 -58.56 -17.88 -12.44
C ASP A 204 -58.27 -18.60 -13.76
N ILE A 205 -56.99 -18.61 -14.13
CA ILE A 205 -56.53 -19.26 -15.35
C ILE A 205 -55.47 -20.30 -15.03
N ILE A 206 -55.79 -21.58 -15.26
CA ILE A 206 -54.92 -22.69 -14.88
C ILE A 206 -54.06 -23.17 -16.05
N GLY A 207 -54.70 -23.40 -17.19
CA GLY A 207 -54.02 -23.92 -18.39
C GLY A 207 -54.13 -25.44 -18.49
N LYS A 208 -54.38 -25.93 -19.69
CA LYS A 208 -54.39 -27.39 -19.94
C LYS A 208 -52.99 -27.95 -19.74
N ASP A 209 -51.99 -27.17 -20.15
CA ASP A 209 -50.58 -27.59 -20.13
C ASP A 209 -49.88 -27.37 -18.79
N ASP A 210 -49.03 -28.31 -18.40
CA ASP A 210 -48.30 -28.26 -17.12
C ASP A 210 -46.94 -27.57 -17.26
N GLY A 211 -46.42 -27.06 -16.15
CA GLY A 211 -45.10 -26.43 -16.10
C GLY A 211 -45.12 -24.97 -16.49
N LEU A 212 -46.23 -24.29 -16.17
CA LEU A 212 -46.44 -22.88 -16.57
C LEU A 212 -45.94 -21.88 -15.53
N GLY A 213 -46.22 -22.12 -14.26
CA GLY A 213 -45.89 -21.15 -13.21
C GLY A 213 -45.45 -21.69 -11.86
N VAL A 214 -46.31 -21.52 -10.87
CA VAL A 214 -45.89 -21.71 -9.48
C VAL A 214 -45.35 -23.11 -9.23
N GLU A 215 -45.85 -24.09 -9.99
CA GLU A 215 -45.35 -25.46 -9.92
C GLU A 215 -43.85 -25.52 -10.23
N ASN A 216 -43.40 -24.69 -11.18
CA ASN A 216 -41.98 -24.59 -11.53
C ASN A 216 -41.14 -24.06 -10.37
N LEU A 217 -41.69 -23.09 -9.64
CA LEU A 217 -40.98 -22.47 -8.52
C LEU A 217 -40.76 -23.45 -7.37
N ARG A 218 -41.80 -24.22 -7.05
CA ARG A 218 -41.70 -25.30 -6.07
C ARG A 218 -40.62 -26.29 -6.45
N GLY A 219 -40.63 -26.70 -7.72
CA GLY A 219 -39.67 -27.65 -8.26
C GLY A 219 -38.24 -27.15 -8.27
N SER A 220 -38.06 -25.83 -8.24
CA SER A 220 -36.75 -25.23 -8.05
C SER A 220 -36.32 -25.42 -6.61
N GLY A 221 -37.16 -24.98 -5.69
CA GLY A 221 -36.89 -25.10 -4.26
C GLY A 221 -36.58 -26.53 -3.82
N MET A 222 -37.22 -27.49 -4.48
CA MET A 222 -36.98 -28.89 -4.21
C MET A 222 -35.55 -29.31 -4.53
N ILE A 223 -35.08 -28.97 -5.74
CA ILE A 223 -33.69 -29.26 -6.09
C ILE A 223 -32.73 -28.27 -5.45
N ALA A 224 -33.22 -27.09 -5.10
CA ALA A 224 -32.45 -26.14 -4.28
C ALA A 224 -32.15 -26.78 -2.93
N GLY A 225 -33.19 -27.28 -2.28
CA GLY A 225 -33.04 -27.95 -1.00
C GLY A 225 -32.08 -29.12 -1.08
N GLU A 226 -32.34 -30.02 -2.02
CA GLU A 226 -31.51 -31.22 -2.21
C GLU A 226 -30.04 -30.86 -2.28
N SER A 227 -29.76 -29.80 -3.05
CA SER A 227 -28.41 -29.34 -3.27
C SER A 227 -27.77 -28.76 -2.02
N SER A 228 -28.58 -28.20 -1.12
CA SER A 228 -28.11 -27.77 0.19
C SER A 228 -27.60 -28.96 0.99
N LEU A 229 -28.43 -30.01 1.06
CA LEU A 229 -28.09 -31.24 1.79
C LEU A 229 -26.85 -31.93 1.24
N ALA A 230 -26.70 -31.94 -0.08
CA ALA A 230 -25.61 -32.68 -0.71
C ALA A 230 -24.25 -32.07 -0.40
N TYR A 231 -24.21 -30.74 -0.26
CA TYR A 231 -22.98 -30.06 0.12
C TYR A 231 -22.52 -30.55 1.47
N GLU A 232 -23.46 -30.87 2.35
CA GLU A 232 -23.14 -31.45 3.66
C GLU A 232 -22.70 -32.92 3.66
N GLU A 233 -23.06 -33.68 2.63
CA GLU A 233 -22.85 -35.12 2.65
C GLU A 233 -21.79 -35.66 1.69
N ILE A 234 -21.65 -35.04 0.51
CA ILE A 234 -20.67 -35.51 -0.49
C ILE A 234 -19.91 -34.33 -1.11
N VAL A 235 -18.93 -34.65 -1.97
CA VAL A 235 -18.21 -33.61 -2.71
C VAL A 235 -19.12 -33.02 -3.77
N THR A 236 -19.18 -31.69 -3.84
CA THR A 236 -19.96 -31.00 -4.87
C THR A 236 -19.07 -29.98 -5.54
N ILE A 237 -18.95 -30.13 -6.86
CA ILE A 237 -18.21 -29.23 -7.72
C ILE A 237 -19.18 -28.81 -8.81
N SER A 238 -19.05 -27.57 -9.26
CA SER A 238 -19.98 -27.01 -10.22
C SER A 238 -19.24 -26.27 -11.31
N LEU A 239 -19.64 -26.48 -12.57
CA LEU A 239 -19.03 -25.79 -13.71
C LEU A 239 -20.05 -24.89 -14.41
N VAL A 240 -19.71 -23.61 -14.55
CA VAL A 240 -20.61 -22.64 -15.16
C VAL A 240 -20.04 -22.25 -16.53
N THR A 241 -20.77 -22.54 -17.60
CA THR A 241 -20.22 -22.47 -18.96
C THR A 241 -20.85 -21.40 -19.83
N CYS A 242 -22.16 -21.44 -19.96
CA CYS A 242 -22.85 -20.48 -20.79
C CYS A 242 -23.40 -19.41 -19.88
N ARG A 243 -24.23 -19.84 -18.94
CA ARG A 243 -24.85 -18.96 -17.96
C ARG A 243 -25.58 -19.80 -16.92
N ALA A 244 -25.83 -19.18 -15.77
CA ALA A 244 -26.63 -19.79 -14.72
C ALA A 244 -27.58 -18.72 -14.21
N ILE A 245 -28.88 -19.00 -14.28
CA ILE A 245 -29.89 -17.99 -13.91
C ILE A 245 -30.82 -18.49 -12.80
N GLY A 246 -30.90 -17.71 -11.73
CA GLY A 246 -31.85 -17.96 -10.64
C GLY A 246 -31.63 -19.33 -10.02
N ILE A 247 -32.58 -20.23 -10.24
CA ILE A 247 -32.47 -21.59 -9.69
C ILE A 247 -31.16 -22.22 -10.15
N GLY A 248 -30.75 -21.89 -11.37
CA GLY A 248 -29.45 -22.30 -11.89
C GLY A 248 -28.32 -21.73 -11.06
N ALA A 249 -28.42 -20.44 -10.75
CA ALA A 249 -27.41 -19.74 -9.95
C ALA A 249 -27.34 -20.30 -8.53
N TYR A 250 -28.50 -20.55 -7.94
CA TYR A 250 -28.56 -21.02 -6.56
C TYR A 250 -28.04 -22.43 -6.39
N LEU A 251 -28.23 -23.26 -7.40
CA LEU A 251 -27.70 -24.62 -7.38
C LEU A 251 -26.19 -24.56 -7.34
N VAL A 252 -25.60 -23.75 -8.23
CA VAL A 252 -24.15 -23.58 -8.32
C VAL A 252 -23.54 -23.19 -6.97
N ARG A 253 -24.19 -22.22 -6.33
CA ARG A 253 -23.70 -21.63 -5.08
C ARG A 253 -23.88 -22.56 -3.90
N LEU A 254 -25.00 -23.27 -3.84
CA LEU A 254 -25.21 -24.23 -2.75
C LEU A 254 -24.15 -25.33 -2.74
N GLY A 255 -23.66 -25.70 -3.93
CA GLY A 255 -22.53 -26.63 -4.06
C GLY A 255 -21.19 -26.04 -3.64
N GLN A 256 -21.12 -24.70 -3.64
CA GLN A 256 -19.98 -23.91 -3.13
C GLN A 256 -18.82 -23.88 -4.10
N ARG A 257 -18.17 -25.01 -4.30
CA ARG A 257 -17.02 -25.10 -5.19
C ARG A 257 -17.49 -24.86 -6.62
N VAL A 258 -16.97 -23.80 -7.24
CA VAL A 258 -17.48 -23.29 -8.52
C VAL A 258 -16.35 -22.88 -9.49
N ILE A 259 -16.38 -23.47 -10.69
CA ILE A 259 -15.45 -23.15 -11.76
C ILE A 259 -16.20 -22.42 -12.87
N GLN A 260 -15.96 -21.11 -13.00
CA GLN A 260 -16.73 -20.29 -13.94
C GLN A 260 -15.96 -20.03 -15.22
N VAL A 261 -16.52 -20.41 -16.37
CA VAL A 261 -15.88 -20.12 -17.65
C VAL A 261 -16.02 -18.62 -17.93
N GLU A 262 -15.01 -18.02 -18.56
CA GLU A 262 -14.93 -16.56 -18.70
C GLU A 262 -16.10 -15.91 -19.42
N ASN A 263 -16.46 -16.38 -20.61
CA ASN A 263 -17.62 -15.82 -21.30
C ASN A 263 -18.88 -15.69 -20.41
N SER A 264 -18.98 -16.53 -19.38
CA SER A 264 -20.26 -16.81 -18.71
C SER A 264 -20.64 -15.83 -17.62
N HIS A 265 -21.86 -16.02 -17.12
CA HIS A 265 -22.38 -15.22 -16.03
C HIS A 265 -23.33 -15.99 -15.09
N ILE A 266 -23.46 -15.45 -13.87
CA ILE A 266 -24.23 -16.04 -12.76
C ILE A 266 -25.15 -14.97 -12.17
N ILE A 267 -26.41 -14.99 -12.57
CA ILE A 267 -27.33 -13.87 -12.28
C ILE A 267 -28.65 -14.35 -11.73
N LEU A 268 -29.38 -13.43 -11.11
CA LEU A 268 -30.73 -13.71 -10.64
C LEU A 268 -31.75 -13.07 -11.58
N THR A 269 -31.48 -11.82 -11.97
CA THR A 269 -32.31 -11.12 -12.94
C THR A 269 -31.42 -10.35 -13.90
N GLY A 270 -31.64 -10.53 -15.20
CA GLY A 270 -30.77 -9.97 -16.21
C GLY A 270 -30.90 -8.46 -16.43
N ALA A 271 -29.83 -7.87 -16.96
CA ALA A 271 -29.77 -6.43 -17.17
C ALA A 271 -30.93 -5.89 -17.99
N SER A 272 -31.34 -6.63 -19.02
CA SER A 272 -32.46 -6.21 -19.84
C SER A 272 -33.68 -6.04 -18.96
N ALA A 273 -33.86 -6.98 -18.05
CA ALA A 273 -34.99 -6.95 -17.14
C ALA A 273 -34.86 -5.78 -16.19
N LEU A 274 -33.75 -5.73 -15.47
CA LEU A 274 -33.54 -4.67 -14.48
C LEU A 274 -33.69 -3.27 -15.08
N ASN A 275 -33.18 -3.10 -16.29
CA ASN A 275 -33.33 -1.83 -16.98
C ASN A 275 -34.78 -1.47 -17.12
N LYS A 276 -35.59 -2.46 -17.49
CA LYS A 276 -37.00 -2.22 -17.72
C LYS A 276 -37.77 -1.90 -16.44
N VAL A 277 -37.41 -2.51 -15.30
CA VAL A 277 -38.08 -2.23 -14.02
C VAL A 277 -37.70 -0.86 -13.48
N LEU A 278 -36.40 -0.56 -13.51
CA LEU A 278 -35.88 0.68 -12.96
C LEU A 278 -36.25 1.89 -13.81
N GLY A 279 -36.32 1.70 -15.13
CA GLY A 279 -36.81 2.75 -16.03
C GLY A 279 -35.75 3.42 -16.88
N ARG A 280 -34.47 3.20 -16.57
CA ARG A 280 -33.36 3.76 -17.37
C ARG A 280 -32.48 2.64 -17.93
N GLU A 281 -31.63 2.99 -18.89
CA GLU A 281 -30.56 2.09 -19.35
C GLU A 281 -29.47 2.02 -18.28
N VAL A 282 -29.73 1.31 -17.18
CA VAL A 282 -28.81 1.26 -16.04
C VAL A 282 -27.66 0.28 -16.30
N TYR A 283 -28.01 -0.96 -16.65
CA TYR A 283 -27.04 -2.02 -16.84
C TYR A 283 -26.80 -2.29 -18.31
N THR A 284 -25.55 -2.57 -18.66
CA THR A 284 -25.12 -2.75 -20.05
C THR A 284 -25.14 -4.21 -20.50
N SER A 285 -24.94 -5.12 -19.55
CA SER A 285 -24.76 -6.53 -19.88
C SER A 285 -25.09 -7.44 -18.71
N ASN A 286 -25.36 -8.69 -19.03
CA ASN A 286 -25.45 -9.72 -18.02
C ASN A 286 -24.09 -10.01 -17.41
N ASN A 287 -23.02 -9.83 -18.20
CA ASN A 287 -21.64 -9.98 -17.68
C ASN A 287 -21.28 -8.88 -16.68
N GLN A 288 -21.97 -7.74 -16.77
CA GLN A 288 -21.79 -6.65 -15.79
C GLN A 288 -22.33 -7.02 -14.40
N LEU A 289 -23.34 -7.90 -14.36
CA LEU A 289 -24.05 -8.26 -13.13
C LEU A 289 -23.44 -9.43 -12.42
N GLY A 290 -23.10 -10.47 -13.18
CA GLY A 290 -22.61 -11.73 -12.62
C GLY A 290 -21.49 -12.41 -13.40
N GLY A 291 -20.74 -11.64 -14.18
CA GLY A 291 -19.61 -12.18 -14.91
C GLY A 291 -18.46 -12.51 -13.99
N VAL A 292 -17.39 -13.05 -14.57
CA VAL A 292 -16.22 -13.44 -13.80
C VAL A 292 -15.69 -12.27 -12.98
N GLN A 293 -15.61 -11.10 -13.59
CA GLN A 293 -15.03 -9.93 -12.92
C GLN A 293 -15.87 -9.45 -11.73
N ILE A 294 -17.03 -10.05 -11.51
CA ILE A 294 -17.76 -9.89 -10.25
C ILE A 294 -17.64 -11.09 -9.33
N MET A 295 -18.04 -12.27 -9.82
CA MET A 295 -18.11 -13.46 -8.97
C MET A 295 -16.73 -14.01 -8.58
N HIS A 296 -15.78 -13.98 -9.50
CA HIS A 296 -14.43 -14.42 -9.19
C HIS A 296 -13.82 -13.54 -8.13
N TYR A 297 -14.23 -12.28 -8.12
CA TYR A 297 -13.71 -11.30 -7.17
C TYR A 297 -14.49 -11.25 -5.85
N ASN A 298 -15.65 -11.88 -5.75
CA ASN A 298 -16.39 -11.88 -4.47
C ASN A 298 -16.52 -13.25 -3.82
N GLY A 299 -15.73 -14.21 -4.28
CA GLY A 299 -15.65 -15.52 -3.66
C GLY A 299 -16.67 -16.56 -4.12
N VAL A 300 -17.72 -16.12 -4.81
CA VAL A 300 -18.73 -17.07 -5.28
C VAL A 300 -18.11 -18.10 -6.25
N SER A 301 -17.30 -17.62 -7.20
CA SER A 301 -16.57 -18.50 -8.11
C SER A 301 -15.18 -18.72 -7.54
N HIS A 302 -14.86 -19.96 -7.21
CA HIS A 302 -13.56 -20.32 -6.61
C HIS A 302 -12.42 -20.12 -7.59
N ILE A 303 -12.71 -20.31 -8.87
CA ILE A 303 -11.67 -20.20 -9.88
C ILE A 303 -12.28 -20.00 -11.25
N THR A 304 -11.51 -19.38 -12.14
CA THR A 304 -11.94 -19.13 -13.49
C THR A 304 -11.21 -20.05 -14.47
N VAL A 305 -11.83 -20.32 -15.62
CA VAL A 305 -11.20 -21.07 -16.72
C VAL A 305 -11.52 -20.42 -18.05
N PRO A 306 -10.60 -20.51 -19.03
CA PRO A 306 -10.78 -19.90 -20.34
C PRO A 306 -11.80 -20.59 -21.23
N ASP A 307 -11.98 -21.90 -21.06
CA ASP A 307 -12.96 -22.65 -21.85
C ASP A 307 -13.45 -23.89 -21.09
N ASP A 308 -14.50 -24.51 -21.64
CA ASP A 308 -15.12 -25.68 -21.02
C ASP A 308 -14.12 -26.81 -20.72
N PHE A 309 -13.13 -27.01 -21.59
CA PHE A 309 -12.14 -28.07 -21.38
C PHE A 309 -11.26 -27.85 -20.17
N GLU A 310 -10.77 -26.62 -20.01
CA GLU A 310 -9.98 -26.29 -18.84
C GLU A 310 -10.84 -26.34 -17.58
N GLY A 311 -12.15 -26.13 -17.74
CA GLY A 311 -13.11 -26.44 -16.69
C GLY A 311 -13.02 -27.92 -16.32
N VAL A 312 -13.39 -28.80 -17.25
CA VAL A 312 -13.34 -30.25 -17.01
C VAL A 312 -12.02 -30.64 -16.38
N TYR A 313 -10.92 -30.18 -16.95
CA TYR A 313 -9.60 -30.50 -16.44
C TYR A 313 -9.41 -30.07 -14.97
N THR A 314 -9.94 -28.90 -14.59
CA THR A 314 -9.84 -28.43 -13.20
C THR A 314 -10.67 -29.33 -12.31
N ILE A 315 -11.85 -29.72 -12.78
CA ILE A 315 -12.72 -30.62 -12.02
C ILE A 315 -11.96 -31.87 -11.59
N LEU A 316 -11.28 -32.49 -12.54
CA LEU A 316 -10.43 -33.64 -12.24
C LEU A 316 -9.25 -33.23 -11.36
N GLU A 317 -8.68 -32.07 -11.66
CA GLU A 317 -7.56 -31.54 -10.89
C GLU A 317 -7.97 -31.34 -9.42
N TRP A 318 -9.17 -30.82 -9.21
CA TRP A 318 -9.72 -30.70 -7.85
C TRP A 318 -9.96 -32.07 -7.20
N LEU A 319 -10.71 -32.94 -7.87
CA LEU A 319 -10.99 -34.30 -7.35
C LEU A 319 -9.71 -35.08 -6.97
N SER A 320 -8.58 -34.65 -7.52
CA SER A 320 -7.27 -35.22 -7.19
C SER A 320 -6.97 -35.28 -5.69
N TYR A 321 -7.30 -34.22 -4.98
CA TYR A 321 -6.98 -34.13 -3.55
C TYR A 321 -8.00 -34.84 -2.65
N MET A 322 -9.16 -35.16 -3.23
CA MET A 322 -10.34 -35.50 -2.45
C MET A 322 -10.60 -37.00 -2.50
N PRO A 323 -11.09 -37.60 -1.40
CA PRO A 323 -11.34 -39.03 -1.37
C PRO A 323 -12.40 -39.49 -2.36
N LYS A 324 -12.12 -40.63 -2.98
CA LYS A 324 -13.03 -41.35 -3.87
C LYS A 324 -14.49 -41.28 -3.46
N ASP A 325 -14.75 -41.44 -2.17
CA ASP A 325 -16.10 -41.29 -1.61
C ASP A 325 -16.06 -40.72 -0.18
N ASN A 326 -17.23 -40.54 0.42
CA ASN A 326 -17.33 -39.97 1.78
C ASN A 326 -17.23 -41.02 2.91
N HIS A 327 -16.65 -42.17 2.61
CA HIS A 327 -16.21 -43.13 3.63
C HIS A 327 -14.81 -43.72 3.37
N SER A 328 -14.10 -43.18 2.38
CA SER A 328 -12.72 -43.58 2.11
C SER A 328 -11.78 -42.52 2.65
N PRO A 329 -10.51 -42.86 2.83
CA PRO A 329 -9.56 -41.87 3.28
C PRO A 329 -8.99 -41.08 2.13
N VAL A 330 -8.31 -39.99 2.47
CA VAL A 330 -7.67 -39.12 1.48
C VAL A 330 -6.59 -39.89 0.74
N PRO A 331 -6.55 -39.76 -0.59
CA PRO A 331 -5.58 -40.53 -1.34
C PRO A 331 -4.17 -39.98 -1.15
N ILE A 332 -3.35 -40.71 -0.39
CA ILE A 332 -1.94 -40.40 -0.27
C ILE A 332 -1.24 -41.10 -1.43
N ILE A 333 -0.38 -40.36 -2.13
CA ILE A 333 0.33 -40.90 -3.29
C ILE A 333 1.84 -40.79 -3.06
N THR A 334 2.63 -41.65 -3.71
CA THR A 334 4.08 -41.62 -3.54
C THR A 334 4.66 -40.40 -4.26
N PRO A 335 5.25 -39.46 -3.49
CA PRO A 335 5.65 -38.18 -4.07
C PRO A 335 7.00 -38.29 -4.78
N THR A 336 7.14 -37.63 -5.93
CA THR A 336 8.47 -37.49 -6.53
C THR A 336 9.30 -36.49 -5.73
N ASP A 337 8.63 -35.54 -5.08
CA ASP A 337 9.31 -34.54 -4.26
C ASP A 337 9.64 -35.17 -2.90
N PRO A 338 10.93 -35.23 -2.52
CA PRO A 338 11.35 -35.92 -1.30
C PRO A 338 10.87 -35.28 -0.02
N ILE A 339 10.44 -36.09 0.93
CA ILE A 339 10.08 -35.61 2.28
C ILE A 339 11.33 -35.26 3.10
N ASP A 340 12.44 -35.96 2.85
CA ASP A 340 13.67 -35.81 3.64
C ASP A 340 14.45 -34.52 3.33
N ARG A 341 13.95 -33.69 2.40
CA ARG A 341 14.66 -32.46 1.99
C ARG A 341 14.41 -31.29 2.90
N GLU A 342 15.06 -30.17 2.62
CA GLU A 342 14.79 -28.91 3.31
C GLU A 342 14.00 -27.98 2.43
N ILE A 343 13.52 -26.90 3.03
CA ILE A 343 12.83 -25.83 2.32
C ILE A 343 13.87 -24.76 1.96
N GLU A 344 14.01 -24.47 0.66
CA GLU A 344 15.01 -23.51 0.20
C GLU A 344 14.56 -22.07 0.42
N PHE A 345 13.27 -21.81 0.26
CA PHE A 345 12.73 -20.48 0.46
C PHE A 345 12.57 -20.18 1.94
N LEU A 346 13.09 -19.04 2.37
CA LEU A 346 13.02 -18.63 3.78
C LEU A 346 12.19 -17.36 3.90
N PRO A 347 11.13 -17.39 4.70
CA PRO A 347 10.39 -16.15 4.95
C PRO A 347 11.07 -15.24 5.97
N SER A 348 11.05 -13.92 5.72
CA SER A 348 11.84 -12.95 6.47
C SER A 348 10.96 -11.90 7.14
N ARG A 349 11.61 -10.94 7.80
CA ARG A 349 10.92 -9.71 8.21
C ARG A 349 10.53 -8.88 6.99
N ALA A 350 11.18 -9.15 5.87
CA ALA A 350 10.80 -8.55 4.60
C ALA A 350 9.48 -9.14 4.14
N PRO A 351 8.48 -8.29 3.87
CA PRO A 351 7.22 -8.83 3.36
C PRO A 351 7.38 -9.62 2.06
N TYR A 352 6.58 -10.67 1.92
CA TYR A 352 6.71 -11.62 0.82
C TYR A 352 5.35 -12.21 0.47
N ASP A 353 5.26 -12.77 -0.74
CA ASP A 353 4.08 -13.50 -1.17
C ASP A 353 4.08 -14.83 -0.43
N PRO A 354 3.05 -15.11 0.40
CA PRO A 354 3.00 -16.41 1.09
C PRO A 354 2.92 -17.61 0.15
N ARG A 355 2.56 -17.37 -1.12
CA ARG A 355 2.58 -18.42 -2.12
C ARG A 355 3.98 -19.00 -2.29
N TRP A 356 4.99 -18.15 -2.18
CA TRP A 356 6.37 -18.61 -2.38
C TRP A 356 6.82 -19.59 -1.30
N MET A 357 6.39 -19.37 -0.06
CA MET A 357 6.73 -20.29 1.02
C MET A 357 5.97 -21.63 0.90
N LEU A 358 4.78 -21.56 0.30
CA LEU A 358 3.97 -22.73 0.04
C LEU A 358 4.52 -23.50 -1.17
N ALA A 359 4.49 -22.85 -2.33
CA ALA A 359 4.76 -23.48 -3.62
C ALA A 359 6.14 -23.22 -4.16
N GLY A 360 6.91 -22.38 -3.47
CA GLY A 360 8.24 -22.02 -3.94
C GLY A 360 8.17 -20.98 -5.04
N ARG A 361 9.33 -20.70 -5.63
CA ARG A 361 9.45 -19.66 -6.66
C ARG A 361 10.75 -19.86 -7.43
N PRO A 362 10.89 -19.18 -8.59
CA PRO A 362 12.17 -19.25 -9.31
C PRO A 362 13.31 -18.63 -8.49
N HIS A 363 14.41 -19.35 -8.40
CA HIS A 363 15.57 -18.89 -7.67
C HIS A 363 16.03 -17.54 -8.25
N PRO A 364 15.96 -16.47 -7.44
CA PRO A 364 16.27 -15.13 -7.93
C PRO A 364 17.73 -14.94 -8.34
N THR A 365 18.63 -15.68 -7.71
CA THR A 365 20.06 -15.58 -8.01
C THR A 365 20.58 -16.77 -8.83
N LEU A 366 19.76 -17.29 -9.75
CA LEU A 366 20.16 -18.47 -10.56
C LEU A 366 19.31 -18.63 -11.83
N LYS A 367 19.82 -19.37 -12.81
CA LYS A 367 19.17 -19.50 -14.12
C LYS A 367 17.95 -20.41 -14.04
N GLY A 368 18.17 -21.72 -14.08
CA GLY A 368 17.06 -22.68 -14.12
C GLY A 368 16.67 -23.23 -12.76
N THR A 369 17.41 -22.86 -11.73
CA THR A 369 17.14 -23.34 -10.38
C THR A 369 15.77 -22.89 -9.89
N TRP A 370 15.20 -23.67 -8.98
CA TRP A 370 13.92 -23.36 -8.33
C TRP A 370 14.12 -23.31 -6.82
N GLN A 371 13.52 -22.34 -6.14
CA GLN A 371 13.54 -22.34 -4.66
C GLN A 371 12.34 -23.13 -4.14
N SER A 372 12.63 -24.29 -3.53
CA SER A 372 11.58 -25.13 -3.00
C SER A 372 10.85 -24.47 -1.84
N GLY A 373 9.53 -24.60 -1.86
CA GLY A 373 8.67 -24.19 -0.77
C GLY A 373 8.40 -25.34 0.17
N PHE A 374 7.40 -25.16 1.04
CA PHE A 374 7.05 -26.14 2.06
C PHE A 374 6.42 -27.38 1.47
N PHE A 375 5.47 -27.20 0.56
CA PHE A 375 4.74 -28.34 -0.02
C PHE A 375 5.45 -29.01 -1.18
N ASP A 376 4.92 -30.17 -1.57
CA ASP A 376 5.39 -30.92 -2.72
C ASP A 376 5.35 -30.04 -3.96
N HIS A 377 6.46 -29.98 -4.70
CA HIS A 377 6.58 -29.07 -5.83
C HIS A 377 5.41 -29.26 -6.79
N GLY A 378 4.79 -28.15 -7.18
CA GLY A 378 3.70 -28.17 -8.17
C GLY A 378 2.32 -28.54 -7.65
N SER A 379 2.24 -28.94 -6.38
CA SER A 379 1.01 -29.48 -5.80
C SER A 379 0.01 -28.45 -5.30
N PHE A 380 0.49 -27.24 -5.01
CA PHE A 380 -0.38 -26.22 -4.40
C PHE A 380 -1.26 -25.59 -5.45
N LYS A 381 -2.57 -25.67 -5.23
CA LYS A 381 -3.55 -25.16 -6.16
C LYS A 381 -4.54 -24.25 -5.41
N GLU A 382 -4.54 -22.98 -5.77
CA GLU A 382 -5.23 -21.94 -5.02
C GLU A 382 -6.69 -21.85 -5.40
N ILE A 383 -7.51 -21.40 -4.46
CA ILE A 383 -8.91 -21.07 -4.72
C ILE A 383 -9.30 -19.72 -4.11
N MET A 384 -10.32 -19.08 -4.70
CA MET A 384 -10.82 -17.75 -4.28
C MET A 384 -9.72 -16.69 -4.17
N ALA A 385 -8.87 -16.63 -5.20
CA ALA A 385 -7.63 -15.86 -5.16
C ALA A 385 -7.86 -14.35 -5.10
N PRO A 386 -8.64 -13.81 -6.04
CA PRO A 386 -8.76 -12.36 -6.09
C PRO A 386 -9.72 -11.76 -5.06
N TRP A 387 -10.40 -12.59 -4.28
CA TRP A 387 -11.29 -12.11 -3.23
C TRP A 387 -10.63 -12.24 -1.87
N ALA A 388 -10.76 -11.21 -1.05
CA ALA A 388 -10.26 -11.21 0.31
C ALA A 388 -8.76 -11.54 0.35
N GLN A 389 -8.00 -10.86 -0.50
CA GLN A 389 -6.59 -11.18 -0.76
C GLN A 389 -5.68 -11.14 0.47
N THR A 390 -6.23 -10.72 1.61
CA THR A 390 -5.53 -10.72 2.88
C THR A 390 -5.24 -12.14 3.42
N VAL A 391 -6.00 -13.13 2.94
CA VAL A 391 -5.71 -14.53 3.25
C VAL A 391 -5.62 -15.32 1.94
N VAL A 392 -4.80 -16.37 1.96
CA VAL A 392 -4.63 -17.24 0.80
C VAL A 392 -5.14 -18.61 1.17
N THR A 393 -6.06 -19.15 0.37
CA THR A 393 -6.62 -20.48 0.60
C THR A 393 -6.43 -21.35 -0.65
N GLY A 394 -6.32 -22.66 -0.42
CA GLY A 394 -6.06 -23.62 -1.50
C GLY A 394 -5.72 -24.98 -0.94
N ARG A 395 -5.38 -25.91 -1.84
CA ARG A 395 -4.98 -27.27 -1.46
C ARG A 395 -3.54 -27.54 -1.94
N ALA A 396 -2.89 -28.52 -1.32
CA ALA A 396 -1.51 -28.88 -1.62
C ALA A 396 -1.26 -30.34 -1.24
N ARG A 397 -0.03 -30.81 -1.41
CA ARG A 397 0.35 -32.15 -0.95
C ARG A 397 1.67 -32.12 -0.15
N LEU A 398 1.69 -32.82 0.98
CA LEU A 398 2.88 -32.92 1.83
C LEU A 398 3.30 -34.40 1.86
N GLY A 399 4.38 -34.72 1.16
CA GLY A 399 4.81 -36.09 1.00
C GLY A 399 3.79 -36.93 0.26
N GLY A 400 2.92 -36.28 -0.50
CA GLY A 400 1.86 -36.96 -1.24
C GLY A 400 0.56 -37.04 -0.49
N ILE A 401 0.54 -36.51 0.73
CA ILE A 401 -0.67 -36.41 1.54
C ILE A 401 -1.42 -35.15 1.14
N PRO A 402 -2.66 -35.29 0.64
CA PRO A 402 -3.45 -34.10 0.30
C PRO A 402 -3.89 -33.35 1.55
N VAL A 403 -4.14 -32.05 1.40
CA VAL A 403 -4.31 -31.16 2.55
C VAL A 403 -4.85 -29.79 2.14
N GLY A 404 -5.73 -29.23 2.96
CA GLY A 404 -6.16 -27.85 2.76
C GLY A 404 -5.12 -26.91 3.33
N VAL A 405 -4.88 -25.80 2.66
CA VAL A 405 -3.86 -24.84 3.07
C VAL A 405 -4.53 -23.50 3.39
N ILE A 406 -4.11 -22.89 4.49
CA ILE A 406 -4.55 -21.53 4.85
C ILE A 406 -3.33 -20.69 5.23
N ALA A 407 -2.95 -19.77 4.35
CA ALA A 407 -1.79 -18.92 4.57
C ALA A 407 -2.18 -17.44 4.65
N VAL A 408 -1.31 -16.62 5.24
CA VAL A 408 -1.56 -15.18 5.43
C VAL A 408 -0.65 -14.32 4.58
N GLU A 409 -1.25 -13.38 3.86
CA GLU A 409 -0.54 -12.36 3.08
C GLU A 409 0.13 -11.39 4.05
N THR A 410 1.37 -11.01 3.73
CA THR A 410 2.15 -10.11 4.57
C THR A 410 2.51 -8.82 3.85
N ARG A 411 1.98 -8.64 2.65
CA ARG A 411 2.13 -7.40 1.91
C ARG A 411 0.81 -6.63 1.93
N THR A 412 0.89 -5.30 1.90
CA THR A 412 -0.32 -4.49 1.86
C THR A 412 -1.06 -4.77 0.57
N VAL A 413 -2.32 -5.19 0.71
CA VAL A 413 -3.17 -5.52 -0.43
C VAL A 413 -4.03 -4.31 -0.78
N GLU A 414 -4.37 -4.17 -2.05
CA GLU A 414 -5.32 -3.15 -2.50
C GLU A 414 -6.50 -3.86 -3.17
N VAL A 415 -7.70 -3.30 -3.01
CA VAL A 415 -8.91 -3.89 -3.61
C VAL A 415 -9.73 -2.83 -4.31
N ALA A 416 -10.04 -3.06 -5.58
CA ALA A 416 -10.74 -2.10 -6.40
C ALA A 416 -12.23 -2.39 -6.40
N VAL A 417 -12.95 -1.82 -5.43
CA VAL A 417 -14.40 -1.98 -5.40
C VAL A 417 -15.00 -1.11 -6.54
N PRO A 418 -15.78 -1.73 -7.45
CA PRO A 418 -16.30 -1.01 -8.63
C PRO A 418 -17.43 -0.03 -8.31
N ALA A 419 -17.58 0.98 -9.16
CA ALA A 419 -18.63 1.98 -9.01
C ALA A 419 -20.00 1.36 -9.26
N ASP A 420 -21.03 1.91 -8.61
CA ASP A 420 -22.40 1.40 -8.71
C ASP A 420 -23.10 1.92 -9.96
N PRO A 421 -23.46 1.03 -10.92
CA PRO A 421 -24.03 1.52 -12.18
C PRO A 421 -25.42 2.15 -12.05
N ALA A 422 -26.12 1.86 -10.95
CA ALA A 422 -27.40 2.48 -10.64
C ALA A 422 -27.19 3.70 -9.75
N ASN A 423 -26.04 4.34 -9.88
CA ASN A 423 -25.70 5.53 -9.09
C ASN A 423 -24.57 6.31 -9.77
N LEU A 424 -24.93 7.30 -10.59
CA LEU A 424 -23.94 8.18 -11.21
C LEU A 424 -23.24 9.09 -10.19
N ASP A 425 -23.73 9.11 -8.95
CA ASP A 425 -23.05 9.79 -7.85
C ASP A 425 -22.20 8.79 -7.05
N SER A 426 -21.40 8.02 -7.78
CA SER A 426 -20.45 7.06 -7.21
C SER A 426 -19.35 6.76 -8.23
N GLU A 427 -18.21 6.28 -7.72
CA GLU A 427 -17.12 5.83 -8.57
C GLU A 427 -16.32 4.74 -7.89
N ALA A 428 -15.52 4.03 -8.67
CA ALA A 428 -14.70 2.95 -8.15
C ALA A 428 -13.77 3.53 -7.10
N LYS A 429 -13.75 2.89 -5.94
CA LYS A 429 -12.88 3.25 -4.83
C LYS A 429 -11.80 2.17 -4.78
N ILE A 430 -10.59 2.50 -4.33
CA ILE A 430 -9.57 1.48 -3.99
C ILE A 430 -9.35 1.49 -2.48
N ILE A 431 -9.32 0.30 -1.87
CA ILE A 431 -9.21 0.20 -0.41
C ILE A 431 -7.96 -0.54 -0.02
N GLN A 432 -7.21 0.05 0.90
CA GLN A 432 -6.00 -0.58 1.43
C GLN A 432 -6.34 -1.64 2.46
N GLN A 433 -5.63 -2.76 2.41
CA GLN A 433 -5.82 -3.84 3.37
C GLN A 433 -4.45 -4.24 3.90
N ALA A 434 -4.30 -4.16 5.22
CA ALA A 434 -3.03 -4.44 5.87
C ALA A 434 -2.77 -5.92 5.90
N GLY A 435 -1.49 -6.29 5.76
CA GLY A 435 -1.09 -7.68 5.92
C GLY A 435 -1.29 -8.15 7.34
N GLN A 436 -1.32 -9.46 7.52
CA GLN A 436 -1.49 -10.08 8.83
C GLN A 436 -2.71 -9.57 9.61
N VAL A 437 -3.78 -9.23 8.90
CA VAL A 437 -5.00 -8.77 9.56
C VAL A 437 -6.20 -9.51 8.99
N TRP A 438 -7.12 -9.93 9.87
CA TRP A 438 -8.41 -10.45 9.41
C TRP A 438 -9.39 -9.30 9.23
N PHE A 439 -9.88 -9.15 8.00
CA PHE A 439 -10.96 -8.24 7.72
C PHE A 439 -12.25 -9.03 7.61
N PRO A 440 -13.40 -8.34 7.50
CA PRO A 440 -14.63 -9.06 7.27
C PRO A 440 -14.55 -10.07 6.11
N ASP A 441 -13.91 -9.67 5.01
CA ASP A 441 -13.75 -10.55 3.84
C ASP A 441 -12.77 -11.71 4.05
N SER A 442 -11.68 -11.48 4.77
CA SER A 442 -10.70 -12.51 5.07
C SER A 442 -11.25 -13.47 6.12
N ALA A 443 -11.90 -12.90 7.14
CA ALA A 443 -12.59 -13.70 8.15
C ALA A 443 -13.58 -14.68 7.47
N TYR A 444 -14.38 -14.17 6.53
CA TYR A 444 -15.38 -14.99 5.84
C TYR A 444 -14.71 -16.05 4.99
N LYS A 445 -13.81 -15.60 4.11
CA LYS A 445 -13.05 -16.49 3.22
C LYS A 445 -12.37 -17.56 4.03
N THR A 446 -11.75 -17.17 5.13
CA THR A 446 -11.08 -18.13 6.01
C THR A 446 -12.07 -19.15 6.55
N ALA A 447 -13.26 -18.69 6.95
CA ALA A 447 -14.28 -19.61 7.48
C ALA A 447 -14.87 -20.51 6.39
N GLN A 448 -15.00 -19.97 5.17
CA GLN A 448 -15.55 -20.72 4.04
C GLN A 448 -14.64 -21.85 3.64
N ALA A 449 -13.36 -21.53 3.52
CA ALA A 449 -12.31 -22.51 3.22
C ALA A 449 -12.39 -23.65 4.22
N ILE A 450 -12.53 -23.30 5.50
CA ILE A 450 -12.61 -24.29 6.57
C ILE A 450 -13.87 -25.13 6.43
N LYS A 451 -15.01 -24.47 6.27
CA LYS A 451 -16.27 -25.19 6.05
C LYS A 451 -16.12 -26.13 4.85
N ASP A 452 -15.59 -25.63 3.74
CA ASP A 452 -15.51 -26.42 2.50
C ASP A 452 -14.56 -27.60 2.61
N PHE A 453 -13.34 -27.36 3.09
CA PHE A 453 -12.33 -28.39 3.17
C PHE A 453 -12.75 -29.53 4.08
N ASN A 454 -13.40 -29.20 5.19
CA ASN A 454 -13.95 -30.20 6.10
C ASN A 454 -14.87 -31.19 5.40
N ARG A 455 -15.71 -30.68 4.49
CA ARG A 455 -16.62 -31.51 3.70
C ARG A 455 -15.89 -32.41 2.72
N GLU A 456 -14.69 -32.02 2.33
CA GLU A 456 -13.83 -32.87 1.49
C GLU A 456 -13.08 -33.93 2.30
N LYS A 457 -13.35 -33.99 3.60
CA LYS A 457 -12.63 -34.86 4.55
C LYS A 457 -11.12 -34.62 4.52
N LEU A 458 -10.73 -33.41 4.10
CA LEU A 458 -9.32 -33.07 3.97
C LEU A 458 -8.73 -32.67 5.32
N PRO A 459 -7.45 -33.00 5.54
CA PRO A 459 -6.74 -32.47 6.68
C PRO A 459 -6.44 -31.00 6.43
N LEU A 460 -6.10 -30.23 7.47
CA LEU A 460 -5.92 -28.78 7.31
C LEU A 460 -4.60 -28.29 7.89
N MET A 461 -3.90 -27.49 7.10
CA MET A 461 -2.69 -26.83 7.54
C MET A 461 -2.86 -25.31 7.45
N ILE A 462 -2.78 -24.68 8.62
CA ILE A 462 -2.94 -23.24 8.75
C ILE A 462 -1.57 -22.72 9.03
N PHE A 463 -1.05 -21.87 8.15
CA PHE A 463 0.24 -21.24 8.37
C PHE A 463 -0.02 -19.88 9.03
N ALA A 464 -0.13 -19.90 10.35
CA ALA A 464 -0.71 -18.78 11.11
C ALA A 464 0.25 -17.62 11.20
N ASN A 465 -0.26 -16.43 10.86
CA ASN A 465 0.52 -15.22 10.93
C ASN A 465 -0.42 -14.02 10.90
N TRP A 466 -1.18 -13.85 11.99
CA TRP A 466 -2.17 -12.78 12.09
C TRP A 466 -1.95 -11.96 13.35
N ARG A 467 -1.95 -10.63 13.20
CA ARG A 467 -1.82 -9.71 14.34
C ARG A 467 -3.13 -9.44 15.07
N GLY A 468 -4.24 -9.96 14.56
CA GLY A 468 -5.57 -9.74 15.13
C GLY A 468 -6.62 -9.40 14.08
N PHE A 469 -7.83 -9.13 14.53
CA PHE A 469 -8.89 -8.68 13.65
C PHE A 469 -8.84 -7.16 13.53
N SER A 470 -9.23 -6.67 12.35
CA SER A 470 -9.43 -5.24 12.15
C SER A 470 -10.55 -4.82 13.06
N GLY A 471 -10.39 -3.69 13.74
CA GLY A 471 -11.37 -3.31 14.76
C GLY A 471 -11.73 -1.86 14.82
N GLY A 472 -11.62 -1.16 13.69
CA GLY A 472 -12.05 0.22 13.59
C GLY A 472 -13.52 0.24 13.26
N MET A 473 -14.09 1.43 13.17
CA MET A 473 -15.53 1.56 12.97
C MET A 473 -16.00 0.81 11.75
N LYS A 474 -15.55 1.19 10.56
CA LYS A 474 -16.14 0.64 9.34
C LYS A 474 -16.14 -0.88 9.34
N ASP A 475 -15.02 -1.49 9.73
CA ASP A 475 -14.93 -2.94 9.72
C ASP A 475 -15.83 -3.58 10.80
N MET A 476 -16.00 -2.91 11.93
CA MET A 476 -16.92 -3.38 12.96
C MET A 476 -18.37 -3.26 12.47
N TYR A 477 -18.70 -2.11 11.92
CA TYR A 477 -19.98 -1.91 11.24
C TYR A 477 -20.22 -2.96 10.17
N ASP A 478 -19.16 -3.30 9.44
CA ASP A 478 -19.26 -4.29 8.38
C ASP A 478 -19.20 -5.72 8.91
N GLN A 479 -19.55 -5.87 10.19
CA GLN A 479 -19.80 -7.17 10.82
C GLN A 479 -18.58 -8.07 10.83
N VAL A 480 -17.43 -7.55 11.26
CA VAL A 480 -16.23 -8.38 11.31
C VAL A 480 -16.39 -9.42 12.40
N LEU A 481 -17.08 -9.02 13.48
CA LEU A 481 -17.28 -9.85 14.66
C LEU A 481 -18.03 -11.14 14.32
N LYS A 482 -18.97 -11.04 13.38
CA LYS A 482 -19.81 -12.18 13.00
C LYS A 482 -18.98 -13.25 12.31
N PHE A 483 -18.10 -12.81 11.42
CA PHE A 483 -17.28 -13.73 10.62
C PHE A 483 -16.10 -14.25 11.41
N GLY A 484 -15.56 -13.42 12.30
CA GLY A 484 -14.55 -13.88 13.23
C GLY A 484 -15.09 -15.07 14.01
N ALA A 485 -16.35 -14.98 14.42
CA ALA A 485 -16.95 -16.04 15.21
C ALA A 485 -17.23 -17.30 14.39
N TYR A 486 -17.23 -17.22 13.06
CA TYR A 486 -17.43 -18.43 12.27
C TYR A 486 -16.15 -19.27 12.18
N ILE A 487 -14.98 -18.63 12.31
CA ILE A 487 -13.70 -19.35 12.40
C ILE A 487 -13.73 -20.29 13.60
N VAL A 488 -14.39 -19.84 14.68
CA VAL A 488 -14.53 -20.64 15.89
C VAL A 488 -15.47 -21.79 15.64
N ASP A 489 -16.60 -21.49 14.98
CA ASP A 489 -17.59 -22.50 14.57
C ASP A 489 -17.01 -23.56 13.62
N GLY A 490 -16.11 -23.13 12.75
CA GLY A 490 -15.63 -23.96 11.65
C GLY A 490 -14.60 -24.98 12.10
N LEU A 491 -13.71 -24.54 12.99
CA LEU A 491 -12.64 -25.40 13.51
C LEU A 491 -13.21 -26.29 14.60
N ARG A 492 -14.20 -25.80 15.32
CA ARG A 492 -14.87 -26.61 16.34
C ARG A 492 -15.41 -27.87 15.67
N GLN A 493 -16.05 -27.69 14.52
CA GLN A 493 -16.74 -28.79 13.81
C GLN A 493 -15.83 -29.61 12.90
N TYR A 494 -14.56 -29.24 12.82
CA TYR A 494 -13.64 -29.95 11.95
C TYR A 494 -13.45 -31.35 12.51
N LYS A 495 -13.31 -32.33 11.63
CA LYS A 495 -13.19 -33.74 12.03
C LYS A 495 -11.95 -34.41 11.44
N GLN A 496 -11.00 -33.61 10.95
CA GLN A 496 -9.69 -34.12 10.52
C GLN A 496 -8.57 -33.38 11.24
N PRO A 497 -7.35 -33.95 11.21
CA PRO A 497 -6.24 -33.27 11.85
C PRO A 497 -6.02 -31.85 11.32
N ILE A 498 -5.89 -30.90 12.23
CA ILE A 498 -5.50 -29.55 11.89
C ILE A 498 -4.11 -29.29 12.47
N LEU A 499 -3.18 -28.88 11.61
CA LEU A 499 -1.85 -28.50 12.09
C LEU A 499 -1.72 -27.02 11.82
N ILE A 500 -1.70 -26.24 12.89
CA ILE A 500 -1.47 -24.81 12.81
C ILE A 500 0.02 -24.60 13.05
N TYR A 501 0.67 -23.78 12.24
CA TYR A 501 2.12 -23.59 12.33
C TYR A 501 2.52 -22.13 12.12
N ILE A 502 3.13 -21.53 13.14
CA ILE A 502 3.62 -20.14 13.04
C ILE A 502 5.01 -20.18 12.41
N PRO A 503 5.19 -19.54 11.25
CA PRO A 503 6.47 -19.68 10.54
C PRO A 503 7.57 -18.74 11.05
N PRO A 504 8.74 -18.75 10.38
CA PRO A 504 9.79 -17.80 10.75
C PRO A 504 9.32 -16.38 10.57
N TYR A 505 9.58 -15.54 11.57
CA TYR A 505 9.27 -14.11 11.51
C TYR A 505 7.79 -13.85 11.22
N ALA A 506 6.95 -14.77 11.67
CA ALA A 506 5.49 -14.60 11.66
C ALA A 506 5.01 -14.49 13.10
N GLU A 507 3.77 -14.06 13.27
CA GLU A 507 3.21 -13.86 14.60
C GLU A 507 1.74 -14.12 14.66
N LEU A 508 1.28 -14.58 15.82
CA LEU A 508 -0.13 -14.78 16.11
C LEU A 508 -0.45 -14.03 17.41
N ARG A 509 -1.25 -12.98 17.30
CA ARG A 509 -1.48 -12.08 18.42
C ARG A 509 -2.96 -11.98 18.76
N GLY A 510 -3.25 -11.74 20.02
CA GLY A 510 -4.62 -11.50 20.51
C GLY A 510 -5.73 -12.37 19.93
N GLY A 511 -6.83 -11.70 19.56
CA GLY A 511 -8.03 -12.37 19.08
C GLY A 511 -7.84 -13.37 17.94
N SER A 512 -6.76 -13.22 17.18
CA SER A 512 -6.46 -14.20 16.13
C SER A 512 -5.97 -15.52 16.74
N TRP A 513 -5.28 -15.46 17.87
CA TRP A 513 -4.95 -16.68 18.62
C TRP A 513 -6.23 -17.32 19.15
N VAL A 514 -7.16 -16.50 19.64
CA VAL A 514 -8.34 -17.04 20.30
C VAL A 514 -9.16 -17.92 19.35
N VAL A 515 -9.49 -17.41 18.17
CA VAL A 515 -10.29 -18.18 17.20
C VAL A 515 -9.57 -19.40 16.59
N ILE A 516 -8.29 -19.58 16.86
CA ILE A 516 -7.50 -20.67 16.27
C ILE A 516 -7.00 -21.69 17.31
N ASP A 517 -7.09 -21.36 18.59
CA ASP A 517 -6.40 -22.14 19.61
C ASP A 517 -6.84 -23.59 19.65
N ALA A 518 -5.89 -24.48 19.93
CA ALA A 518 -6.14 -25.92 19.98
C ALA A 518 -7.33 -26.34 20.84
N THR A 519 -7.64 -25.58 21.88
CA THR A 519 -8.71 -25.99 22.79
C THR A 519 -10.11 -25.84 22.17
N ILE A 520 -10.23 -25.18 21.04
CA ILE A 520 -11.51 -25.21 20.31
C ILE A 520 -11.80 -26.64 19.84
N ASN A 521 -10.76 -27.35 19.43
CA ASN A 521 -10.88 -28.69 18.85
C ASN A 521 -9.71 -29.55 19.27
N PRO A 522 -9.57 -29.80 20.59
CA PRO A 522 -8.51 -30.57 21.21
C PRO A 522 -8.18 -31.85 20.48
N LEU A 523 -9.22 -32.55 20.02
CA LEU A 523 -9.03 -33.79 19.31
C LEU A 523 -8.33 -33.65 17.96
N CYS A 524 -8.41 -32.48 17.32
CA CYS A 524 -7.86 -32.32 15.96
C CYS A 524 -6.72 -31.32 15.78
N ILE A 525 -6.66 -30.29 16.61
CA ILE A 525 -5.73 -29.18 16.39
C ILE A 525 -4.43 -29.42 17.13
N GLU A 526 -3.33 -29.20 16.44
CA GLU A 526 -1.99 -29.15 17.06
C GLU A 526 -1.28 -27.86 16.64
N MET A 527 -0.77 -27.13 17.63
CA MET A 527 -0.20 -25.81 17.40
C MET A 527 1.31 -25.84 17.52
N TYR A 528 1.99 -25.39 16.46
CA TYR A 528 3.45 -25.39 16.40
C TYR A 528 3.95 -24.00 16.10
N ALA A 529 5.00 -23.58 16.80
CA ALA A 529 5.61 -22.29 16.55
C ALA A 529 7.01 -22.51 16.02
N ASP A 530 7.43 -21.72 15.03
CA ASP A 530 8.81 -21.74 14.56
C ASP A 530 9.71 -21.17 15.65
N LYS A 531 10.98 -21.54 15.58
CA LYS A 531 12.01 -20.98 16.45
C LYS A 531 12.08 -19.46 16.32
N GLU A 532 11.79 -18.92 15.14
CA GLU A 532 11.83 -17.49 14.89
C GLU A 532 10.45 -16.79 14.85
N SER A 533 9.45 -17.39 15.50
CA SER A 533 8.10 -16.83 15.54
C SER A 533 7.80 -16.08 16.85
N ARG A 534 6.64 -15.44 16.92
CA ARG A 534 6.17 -14.74 18.12
C ARG A 534 4.69 -14.94 18.35
N GLY A 535 4.25 -14.76 19.59
CA GLY A 535 2.83 -14.83 19.91
C GLY A 535 2.51 -14.27 21.28
N GLY A 536 1.33 -13.68 21.42
CA GLY A 536 0.92 -13.09 22.69
C GLY A 536 -0.42 -12.37 22.59
N VAL A 537 -0.85 -11.77 23.70
CA VAL A 537 -2.11 -11.03 23.73
C VAL A 537 -1.97 -9.76 22.89
N LEU A 538 -1.07 -8.87 23.29
CA LEU A 538 -0.81 -7.64 22.54
C LEU A 538 0.55 -7.71 21.84
N GLU A 539 0.86 -6.68 21.06
CA GLU A 539 2.20 -6.51 20.56
C GLU A 539 3.04 -5.93 21.69
N PRO A 540 4.37 -6.09 21.62
CA PRO A 540 5.26 -5.67 22.72
C PRO A 540 5.14 -4.19 23.07
N GLU A 541 5.04 -3.35 22.04
CA GLU A 541 4.84 -1.91 22.21
C GLU A 541 3.60 -1.66 23.07
N GLY A 542 2.56 -2.46 22.83
CA GLY A 542 1.30 -2.32 23.54
C GLY A 542 1.34 -2.85 24.96
N THR A 543 2.00 -3.97 25.14
CA THR A 543 2.20 -4.54 26.46
C THR A 543 2.90 -3.52 27.35
N VAL A 544 3.92 -2.86 26.81
CA VAL A 544 4.67 -1.83 27.53
C VAL A 544 3.74 -0.68 27.90
N GLU A 545 2.92 -0.27 26.93
CA GLU A 545 2.00 0.86 27.09
C GLU A 545 1.04 0.65 28.26
N ILE A 546 0.62 -0.59 28.46
CA ILE A 546 -0.30 -0.92 29.54
C ILE A 546 0.44 -1.32 30.80
N LYS A 547 1.42 -2.22 30.68
CA LYS A 547 2.02 -2.89 31.85
C LYS A 547 3.48 -2.50 32.20
N PHE A 548 4.08 -1.58 31.46
CA PHE A 548 5.41 -1.06 31.80
C PHE A 548 5.43 0.44 31.50
N ARG A 549 4.72 1.21 32.30
CA ARG A 549 4.54 2.63 32.02
C ARG A 549 5.68 3.47 32.61
N LYS A 550 5.55 4.80 32.54
CA LYS A 550 6.62 5.71 32.92
C LYS A 550 7.11 5.51 34.35
N LYS A 551 6.18 5.20 35.24
CA LYS A 551 6.47 5.07 36.68
C LYS A 551 7.49 3.94 36.84
N ASP A 552 7.24 2.84 36.15
CA ASP A 552 8.12 1.68 36.18
C ASP A 552 9.45 1.99 35.51
N LEU A 553 9.39 2.75 34.42
CA LEU A 553 10.61 3.11 33.70
C LEU A 553 11.55 3.94 34.57
N ILE A 554 11.03 4.91 35.31
CA ILE A 554 11.91 5.72 36.17
C ILE A 554 12.47 4.88 37.33
N LYS A 555 11.70 3.89 37.78
CA LYS A 555 12.20 2.97 38.79
C LYS A 555 13.37 2.16 38.23
N SER A 556 13.18 1.57 37.05
CA SER A 556 14.24 0.89 36.32
C SER A 556 15.49 1.74 36.26
N MET A 557 15.34 3.03 35.97
CA MET A 557 16.45 3.99 35.99
C MET A 557 17.05 4.05 37.39
N ARG A 558 16.19 4.29 38.39
CA ARG A 558 16.63 4.36 39.79
C ARG A 558 17.50 3.19 40.21
N ARG A 559 17.37 2.07 39.51
CA ARG A 559 18.09 0.83 39.80
C ARG A 559 19.36 0.68 38.95
N ILE A 560 19.20 0.54 37.64
CA ILE A 560 20.33 0.28 36.74
C ILE A 560 21.27 1.48 36.60
N ASP A 561 20.73 2.61 36.16
CA ASP A 561 21.57 3.74 35.75
C ASP A 561 22.27 4.41 36.94
N PRO A 562 23.62 4.35 36.97
CA PRO A 562 24.38 4.84 38.12
C PRO A 562 24.18 6.33 38.39
N ALA A 563 24.22 7.13 37.32
CA ALA A 563 23.98 8.57 37.40
C ALA A 563 22.74 8.91 38.23
N TYR A 564 21.70 8.09 38.16
CA TYR A 564 20.45 8.34 38.90
C TYR A 564 20.58 8.07 40.41
N LYS A 565 21.82 7.82 40.87
CA LYS A 565 22.17 7.91 42.31
C LYS A 565 22.40 9.38 42.76
N LYS A 566 21.93 10.31 41.94
CA LYS A 566 21.57 11.64 42.39
C LYS A 566 20.41 11.50 43.38
N LEU A 567 19.55 10.51 43.18
CA LEU A 567 18.44 10.22 44.08
C LEU A 567 18.93 9.98 45.52
N MET A 568 20.00 9.19 45.66
CA MET A 568 20.62 8.95 46.97
C MET A 568 21.09 10.28 47.52
N GLU A 569 21.85 11.02 46.72
CA GLU A 569 22.29 12.38 47.06
C GLU A 569 21.14 13.32 47.39
N GLN A 570 19.98 13.09 46.75
CA GLN A 570 18.80 13.92 46.96
C GLN A 570 18.22 13.72 48.37
N LEU A 571 17.70 12.52 48.63
CA LEU A 571 16.97 12.25 49.87
C LEU A 571 17.88 11.82 51.04
N GLY A 572 18.79 10.87 50.79
CA GLY A 572 19.59 10.24 51.86
C GLY A 572 20.18 11.26 52.84
N GLU A 573 21.13 12.07 52.38
CA GLU A 573 21.74 13.09 53.22
C GLU A 573 20.70 14.19 53.52
N PRO A 574 20.51 14.54 54.82
CA PRO A 574 19.63 15.67 55.12
C PRO A 574 20.33 17.02 54.92
N ASP A 575 20.00 17.67 53.81
CA ASP A 575 20.46 19.03 53.52
C ASP A 575 19.43 19.72 52.63
N LEU A 576 18.79 20.76 53.17
CA LEU A 576 17.72 21.44 52.47
C LEU A 576 18.12 22.88 52.14
N SER A 577 18.50 23.10 50.88
CA SER A 577 18.76 24.44 50.36
C SER A 577 18.04 24.60 49.02
N ASP A 578 17.45 25.77 48.80
CA ASP A 578 16.79 26.09 47.53
C ASP A 578 17.74 25.84 46.37
N LYS A 579 19.02 26.14 46.59
CA LYS A 579 20.07 25.89 45.60
C LYS A 579 20.23 24.37 45.37
N ASP A 580 20.88 23.68 46.30
CA ASP A 580 21.19 22.25 46.14
C ASP A 580 19.94 21.39 45.95
N ARG A 581 18.92 21.60 46.78
CA ARG A 581 17.68 20.81 46.72
C ARG A 581 16.91 21.06 45.42
N LYS A 582 16.81 22.32 44.99
CA LYS A 582 16.15 22.66 43.71
C LYS A 582 17.04 22.36 42.50
N ASP A 583 18.35 22.47 42.68
CA ASP A 583 19.34 22.18 41.64
C ASP A 583 19.24 20.73 41.18
N LEU A 584 19.40 19.81 42.12
CA LEU A 584 19.30 18.37 41.82
C LEU A 584 17.90 17.99 41.36
N GLU A 585 16.90 18.64 41.95
CA GLU A 585 15.50 18.41 41.60
C GLU A 585 15.25 18.52 40.08
N GLY A 586 15.82 19.56 39.47
CA GLY A 586 15.76 19.76 38.01
C GLY A 586 16.79 18.94 37.25
N ARG A 587 17.94 18.73 37.87
CA ARG A 587 19.05 17.98 37.26
C ARG A 587 18.75 16.48 37.14
N LEU A 588 18.00 15.96 38.11
CA LEU A 588 17.55 14.57 38.08
C LEU A 588 16.54 14.41 36.96
N LYS A 589 15.57 15.32 36.89
CA LYS A 589 14.62 15.36 35.78
C LYS A 589 15.36 15.43 34.45
N ALA A 590 16.48 16.16 34.43
CA ALA A 590 17.33 16.26 33.23
C ALA A 590 17.66 14.87 32.70
N ARG A 591 18.28 14.05 33.55
CA ARG A 591 18.64 12.66 33.22
C ARG A 591 17.42 11.81 32.89
N GLU A 592 16.37 11.96 33.70
CA GLU A 592 15.10 11.29 33.44
C GLU A 592 14.72 11.45 31.98
N ASP A 593 14.69 12.69 31.50
CA ASP A 593 14.31 12.98 30.14
C ASP A 593 15.25 12.35 29.10
N LEU A 594 16.55 12.40 29.36
CA LEU A 594 17.54 11.86 28.42
C LEU A 594 17.39 10.33 28.32
N LEU A 595 17.21 9.67 29.45
CA LEU A 595 17.14 8.21 29.49
C LEU A 595 15.79 7.64 29.04
N LEU A 596 14.71 8.38 29.28
CA LEU A 596 13.37 7.79 29.17
C LEU A 596 13.04 7.08 27.85
N PRO A 597 13.34 7.71 26.70
CA PRO A 597 12.97 7.06 25.43
C PRO A 597 13.74 5.78 25.16
N ILE A 598 14.98 5.72 25.63
CA ILE A 598 15.81 4.54 25.43
C ILE A 598 15.40 3.43 26.39
N TYR A 599 14.99 3.78 27.62
CA TYR A 599 14.49 2.79 28.57
C TYR A 599 13.15 2.22 28.09
N HIS A 600 12.39 3.03 27.36
CA HIS A 600 11.17 2.55 26.72
C HIS A 600 11.54 1.46 25.71
N GLN A 601 12.67 1.66 25.04
CA GLN A 601 13.15 0.73 24.00
C GLN A 601 13.59 -0.56 24.63
N VAL A 602 14.24 -0.47 25.79
CA VAL A 602 14.54 -1.66 26.60
C VAL A 602 13.22 -2.31 26.98
N ALA A 603 12.33 -1.54 27.61
CA ALA A 603 11.00 -2.02 28.02
C ALA A 603 10.30 -2.82 26.92
N VAL A 604 10.41 -2.39 25.67
CA VAL A 604 9.77 -3.12 24.58
C VAL A 604 10.46 -4.45 24.32
N GLN A 605 11.76 -4.51 24.56
CA GLN A 605 12.52 -5.74 24.36
C GLN A 605 12.19 -6.75 25.44
N PHE A 606 12.06 -6.25 26.67
CA PHE A 606 11.64 -7.02 27.83
C PHE A 606 10.28 -7.66 27.56
N ALA A 607 9.34 -6.85 27.09
CA ALA A 607 8.04 -7.34 26.63
C ALA A 607 8.21 -8.49 25.65
N ASP A 608 8.96 -8.25 24.59
CA ASP A 608 9.18 -9.24 23.53
C ASP A 608 9.70 -10.59 24.06
N PHE A 609 10.60 -10.54 25.03
CA PHE A 609 11.19 -11.78 25.52
C PHE A 609 10.16 -12.68 26.21
N HIS A 610 8.99 -12.14 26.53
CA HIS A 610 7.84 -12.95 27.00
C HIS A 610 7.16 -13.68 25.85
N ASP A 611 7.23 -13.15 24.64
CA ASP A 611 6.40 -13.64 23.53
C ASP A 611 7.05 -14.75 22.71
N THR A 612 8.08 -15.37 23.26
CA THR A 612 8.91 -16.30 22.50
C THR A 612 8.21 -17.64 22.42
N PRO A 613 8.54 -18.45 21.40
CA PRO A 613 8.13 -19.85 21.42
C PRO A 613 8.68 -20.58 22.63
N GLY A 614 9.86 -20.16 23.09
CA GLY A 614 10.41 -20.62 24.36
C GLY A 614 9.40 -20.66 25.49
N ARG A 615 8.62 -19.59 25.63
CA ARG A 615 7.59 -19.53 26.66
C ARG A 615 6.33 -20.25 26.24
N MET A 616 6.02 -20.26 24.95
CA MET A 616 4.80 -20.91 24.48
C MET A 616 4.83 -22.36 24.90
N LEU A 617 5.92 -23.03 24.55
CA LEU A 617 6.10 -24.43 24.89
C LEU A 617 6.06 -24.61 26.40
N GLU A 618 6.70 -23.70 27.11
CA GLU A 618 6.78 -23.80 28.56
C GLU A 618 5.42 -23.70 29.22
N LYS A 619 4.54 -22.84 28.70
CA LYS A 619 3.18 -22.75 29.21
C LYS A 619 2.22 -23.66 28.45
N GLY A 620 2.78 -24.63 27.72
CA GLY A 620 2.01 -25.73 27.14
C GLY A 620 0.94 -25.34 26.14
N VAL A 621 1.14 -24.24 25.43
CA VAL A 621 0.17 -23.80 24.43
C VAL A 621 0.51 -24.36 23.05
N ILE A 622 1.78 -24.44 22.70
CA ILE A 622 2.17 -25.08 21.45
C ILE A 622 2.65 -26.48 21.78
N SER A 623 2.59 -27.38 20.79
CA SER A 623 3.04 -28.78 20.98
C SER A 623 4.55 -28.87 21.00
N ASP A 624 5.19 -28.32 19.97
CA ASP A 624 6.63 -28.42 19.84
C ASP A 624 7.14 -27.15 19.19
N ILE A 625 8.43 -26.90 19.31
CA ILE A 625 9.07 -25.82 18.58
C ILE A 625 9.74 -26.44 17.36
N LEU A 626 9.51 -25.86 16.18
CA LEU A 626 10.07 -26.41 14.93
C LEU A 626 11.14 -25.50 14.33
N GLU A 627 11.78 -26.00 13.29
CA GLU A 627 12.73 -25.20 12.52
C GLU A 627 12.39 -25.31 11.05
N TRP A 628 12.05 -24.17 10.46
CA TRP A 628 11.53 -24.10 9.10
C TRP A 628 12.27 -24.96 8.07
N LYS A 629 13.60 -24.99 8.14
CA LYS A 629 14.38 -25.78 7.18
C LYS A 629 13.99 -27.24 7.25
N THR A 630 13.83 -27.76 8.46
CA THR A 630 13.46 -29.16 8.66
C THR A 630 12.03 -29.34 9.19
N ALA A 631 11.13 -28.42 8.82
CA ALA A 631 9.73 -28.44 9.29
C ALA A 631 8.88 -29.33 8.40
N ARG A 632 9.17 -29.28 7.11
CA ARG A 632 8.54 -30.16 6.11
C ARG A 632 8.52 -31.61 6.56
N THR A 633 9.70 -32.14 6.90
CA THR A 633 9.81 -33.57 7.21
C THR A 633 9.15 -33.89 8.55
N PHE A 634 9.22 -32.97 9.51
CA PHE A 634 8.62 -33.19 10.82
C PHE A 634 7.11 -33.27 10.69
N LEU A 635 6.54 -32.25 10.08
CA LEU A 635 5.10 -32.18 9.89
C LEU A 635 4.60 -33.32 9.00
N TYR A 636 5.42 -33.79 8.06
CA TYR A 636 5.03 -34.93 7.23
C TYR A 636 4.75 -36.17 8.05
N TRP A 637 5.72 -36.57 8.88
CA TRP A 637 5.57 -37.77 9.69
C TRP A 637 4.50 -37.59 10.76
N ARG A 638 4.35 -36.37 11.26
CA ARG A 638 3.30 -36.10 12.23
C ARG A 638 1.95 -36.20 11.55
N LEU A 639 1.80 -35.53 10.42
CA LEU A 639 0.53 -35.61 9.68
C LEU A 639 0.21 -37.06 9.33
N ARG A 640 1.22 -37.80 8.88
CA ARG A 640 0.98 -39.12 8.36
C ARG A 640 0.61 -40.10 9.47
N ARG A 641 1.15 -39.86 10.66
CA ARG A 641 0.77 -40.60 11.86
C ARG A 641 -0.67 -40.30 12.30
N LEU A 642 -0.94 -39.01 12.49
CA LEU A 642 -2.24 -38.57 12.98
C LEU A 642 -3.34 -39.11 12.10
N LEU A 643 -3.09 -39.21 10.79
CA LEU A 643 -4.09 -39.76 9.89
C LEU A 643 -4.33 -41.23 10.20
N LEU A 644 -3.25 -41.96 10.42
CA LEU A 644 -3.36 -43.39 10.73
C LEU A 644 -3.97 -43.63 12.11
N GLU A 645 -3.50 -42.94 13.14
CA GLU A 645 -4.12 -43.06 14.46
C GLU A 645 -5.64 -42.82 14.32
N ASP A 646 -6.00 -41.75 13.62
CA ASP A 646 -7.41 -41.40 13.38
C ASP A 646 -8.19 -42.51 12.67
N GLN A 647 -7.54 -43.26 11.78
CA GLN A 647 -8.22 -44.37 11.08
C GLN A 647 -8.56 -45.49 12.04
N VAL A 648 -7.57 -45.94 12.80
CA VAL A 648 -7.75 -46.98 13.80
C VAL A 648 -8.86 -46.63 14.77
N LYS A 649 -8.75 -45.45 15.40
CA LYS A 649 -9.73 -45.00 16.39
C LYS A 649 -11.14 -44.95 15.82
N GLN A 650 -11.39 -43.95 14.98
CA GLN A 650 -12.73 -43.65 14.52
C GLN A 650 -13.20 -44.86 13.72
N GLU A 651 -12.64 -45.00 12.53
CA GLU A 651 -13.07 -46.03 11.55
C GLU A 651 -13.51 -47.33 12.24
N ILE A 652 -12.65 -47.87 13.10
CA ILE A 652 -12.93 -49.19 13.64
C ILE A 652 -13.19 -49.16 15.15
N LEU A 653 -12.25 -48.66 15.93
CA LEU A 653 -12.30 -48.77 17.39
C LEU A 653 -13.56 -48.15 18.00
N GLN A 654 -13.89 -46.92 17.57
CA GLN A 654 -15.12 -46.24 18.00
C GLN A 654 -16.36 -46.81 17.30
N ALA A 655 -16.20 -47.26 16.05
CA ALA A 655 -17.28 -47.96 15.32
C ALA A 655 -17.55 -49.37 15.86
N SER A 656 -16.99 -49.69 17.04
CA SER A 656 -17.20 -51.00 17.70
C SER A 656 -17.42 -50.89 19.21
N GLY A 657 -16.54 -50.17 19.89
CA GLY A 657 -16.58 -50.06 21.35
C GLY A 657 -17.53 -48.98 21.86
N GLU A 658 -17.71 -47.92 21.08
CA GLU A 658 -18.42 -46.70 21.52
C GLU A 658 -17.92 -46.15 22.87
N LEU A 659 -16.63 -46.39 23.17
CA LEU A 659 -16.01 -46.08 24.48
C LEU A 659 -15.37 -44.69 24.50
N SER A 660 -14.73 -44.33 25.61
CA SER A 660 -14.15 -42.96 25.81
C SER A 660 -12.97 -42.59 24.88
N HIS A 661 -12.94 -41.34 24.44
CA HIS A 661 -11.82 -40.80 23.60
C HIS A 661 -10.49 -40.76 24.36
N VAL A 662 -10.52 -40.27 25.61
CA VAL A 662 -9.38 -40.39 26.53
C VAL A 662 -9.00 -41.86 26.72
N HIS A 663 -10.02 -42.71 26.84
CA HIS A 663 -9.83 -44.16 27.01
C HIS A 663 -9.16 -44.76 25.77
N ILE A 664 -9.65 -44.37 24.59
CA ILE A 664 -9.18 -44.95 23.31
C ILE A 664 -7.70 -44.67 23.02
N GLN A 665 -7.25 -43.42 23.25
CA GLN A 665 -5.83 -43.06 23.16
C GLN A 665 -4.99 -44.04 23.98
N SER A 666 -5.39 -44.21 25.24
CA SER A 666 -4.70 -45.14 26.14
C SER A 666 -4.65 -46.54 25.55
N MET A 667 -5.80 -47.06 25.12
CA MET A 667 -5.92 -48.44 24.61
C MET A 667 -5.06 -48.70 23.36
N LEU A 668 -4.79 -47.64 22.59
CA LEU A 668 -3.92 -47.74 21.43
C LEU A 668 -2.47 -47.81 21.88
N ARG A 669 -2.10 -46.94 22.81
CA ARG A 669 -0.77 -46.98 23.39
C ARG A 669 -0.59 -48.27 24.17
N ARG A 670 -1.64 -48.70 24.87
CA ARG A 670 -1.59 -49.93 25.66
C ARG A 670 -1.17 -51.09 24.78
N TRP A 671 -1.64 -51.08 23.54
CA TRP A 671 -1.32 -52.16 22.59
C TRP A 671 0.12 -52.08 22.08
N PHE A 672 0.61 -50.87 21.85
CA PHE A 672 1.99 -50.66 21.44
C PHE A 672 2.93 -51.26 22.47
N VAL A 673 2.89 -50.69 23.68
CA VAL A 673 3.74 -51.15 24.78
C VAL A 673 3.59 -52.64 25.06
N GLU A 674 2.42 -53.21 24.76
CA GLU A 674 2.10 -54.60 25.11
C GLU A 674 2.77 -55.65 24.21
N THR A 675 2.87 -55.34 22.92
CA THR A 675 3.51 -56.24 21.94
C THR A 675 4.95 -55.82 21.65
N GLU A 676 5.23 -54.52 21.71
CA GLU A 676 6.56 -54.00 21.46
C GLU A 676 7.45 -54.03 22.71
N GLY A 677 6.83 -54.21 23.88
CA GLY A 677 7.54 -54.27 25.16
C GLY A 677 7.63 -52.92 25.86
N ALA A 678 7.73 -52.97 27.20
CA ALA A 678 7.88 -51.77 28.03
C ALA A 678 9.23 -51.07 27.80
N VAL A 679 10.28 -51.87 27.60
CA VAL A 679 11.63 -51.36 27.29
C VAL A 679 11.69 -50.48 26.03
N LYS A 680 10.79 -50.75 25.07
CA LYS A 680 10.72 -49.98 23.82
C LYS A 680 9.68 -48.85 23.87
N ALA A 681 8.99 -48.69 25.01
CA ALA A 681 7.82 -47.82 25.13
C ALA A 681 8.07 -46.38 24.68
N TYR A 682 9.22 -45.82 25.09
CA TYR A 682 9.59 -44.44 24.77
C TYR A 682 9.32 -44.06 23.30
N LEU A 683 9.61 -44.99 22.39
CA LEU A 683 9.45 -44.74 20.96
C LEU A 683 8.06 -44.28 20.53
N TRP A 684 7.04 -44.53 21.36
CA TRP A 684 5.68 -44.06 21.05
C TRP A 684 5.63 -42.56 20.75
N ASP A 685 6.59 -41.81 21.32
CA ASP A 685 6.74 -40.37 21.04
C ASP A 685 7.51 -40.06 19.75
N ASN A 686 8.00 -41.09 19.06
CA ASN A 686 8.67 -40.91 17.76
C ASN A 686 7.65 -41.10 16.64
N ASN A 687 7.37 -40.04 15.89
CA ASN A 687 6.37 -40.09 14.83
C ASN A 687 6.60 -41.19 13.80
N GLN A 688 7.82 -41.23 13.27
CA GLN A 688 8.15 -42.16 12.18
C GLN A 688 7.97 -43.62 12.59
N VAL A 689 8.69 -44.04 13.63
CA VAL A 689 8.60 -45.42 14.12
C VAL A 689 7.15 -45.88 14.34
N VAL A 690 6.31 -44.97 14.82
CA VAL A 690 4.89 -45.27 15.08
C VAL A 690 4.13 -45.52 13.77
N VAL A 691 4.50 -44.82 12.71
CA VAL A 691 3.90 -45.01 11.39
C VAL A 691 4.30 -46.37 10.81
N GLN A 692 5.56 -46.76 11.00
CA GLN A 692 6.07 -48.06 10.56
C GLN A 692 5.37 -49.19 11.30
N TRP A 693 5.26 -49.04 12.62
CA TRP A 693 4.55 -50.01 13.46
C TRP A 693 3.05 -50.09 13.11
N LEU A 694 2.44 -48.96 12.80
CA LEU A 694 1.01 -48.90 12.47
C LEU A 694 0.67 -49.68 11.21
N GLU A 695 1.59 -49.70 10.26
CA GLU A 695 1.37 -50.45 9.02
C GLU A 695 1.56 -51.96 9.19
N GLN A 696 2.20 -52.37 10.28
CA GLN A 696 2.25 -53.80 10.66
C GLN A 696 0.85 -54.31 10.98
N HIS A 697 0.00 -53.40 11.46
CA HIS A 697 -1.37 -53.73 11.84
C HIS A 697 -2.34 -53.43 10.69
N TRP A 698 -2.34 -52.18 10.24
CA TRP A 698 -3.30 -51.69 9.25
C TRP A 698 -3.07 -52.27 7.85
N GLN A 699 -1.96 -51.87 7.21
CA GLN A 699 -1.65 -52.31 5.85
C GLN A 699 -1.22 -53.76 5.84
N ARG A 705 -3.87 -62.26 11.50
CA ARG A 705 -3.03 -62.10 12.68
C ARG A 705 -2.66 -60.63 12.98
N SER A 706 -3.42 -59.69 12.41
CA SER A 706 -3.18 -58.26 12.60
C SER A 706 -3.30 -57.87 14.08
N THR A 707 -2.15 -57.69 14.72
CA THR A 707 -2.07 -57.34 16.14
C THR A 707 -3.20 -56.42 16.62
N ILE A 708 -3.64 -55.53 15.73
CA ILE A 708 -4.62 -54.50 16.05
C ILE A 708 -6.06 -54.92 15.71
N ARG A 709 -6.25 -55.52 14.54
CA ARG A 709 -7.58 -55.96 14.10
C ARG A 709 -8.07 -57.17 14.94
N GLU A 710 -7.12 -58.00 15.40
CA GLU A 710 -7.44 -59.11 16.31
C GLU A 710 -7.98 -58.59 17.64
N ASN A 711 -7.60 -57.36 17.99
CA ASN A 711 -8.14 -56.71 19.18
C ASN A 711 -9.51 -56.10 18.92
N ILE A 712 -9.66 -55.41 17.79
CA ILE A 712 -10.95 -54.83 17.40
C ILE A 712 -12.00 -55.95 17.30
N THR A 713 -11.59 -57.09 16.75
CA THR A 713 -12.43 -58.30 16.75
C THR A 713 -13.05 -58.52 18.12
N TYR A 714 -12.19 -58.69 19.12
CA TYR A 714 -12.62 -58.99 20.49
C TYR A 714 -13.47 -57.88 21.11
N LEU A 715 -13.18 -56.63 20.77
CA LEU A 715 -13.98 -55.50 21.25
C LEU A 715 -15.41 -55.54 20.73
N LYS A 716 -15.56 -55.50 19.40
CA LYS A 716 -16.89 -55.44 18.77
C LYS A 716 -17.76 -56.63 19.12
N HIS A 717 -17.15 -57.78 19.37
CA HIS A 717 -17.87 -58.96 19.86
C HIS A 717 -18.33 -58.71 21.29
N ASP A 718 -17.43 -58.29 22.16
CA ASP A 718 -17.78 -58.03 23.56
C ASP A 718 -18.69 -56.82 23.71
N SER A 719 -18.72 -55.96 22.71
CA SER A 719 -19.61 -54.79 22.72
C SER A 719 -21.06 -55.22 22.46
N VAL A 720 -21.26 -56.14 21.53
CA VAL A 720 -22.60 -56.67 21.25
C VAL A 720 -23.12 -57.52 22.43
N LEU A 721 -22.22 -57.99 23.30
CA LEU A 721 -22.64 -58.65 24.53
C LEU A 721 -23.40 -57.65 25.39
N LYS A 722 -22.75 -56.55 25.78
CA LYS A 722 -23.39 -55.52 26.59
C LYS A 722 -24.63 -54.87 25.92
N THR A 723 -24.66 -54.85 24.58
CA THR A 723 -25.77 -54.22 23.85
C THR A 723 -27.06 -55.03 23.94
N ILE A 724 -26.96 -56.36 23.87
CA ILE A 724 -28.12 -57.23 24.03
C ILE A 724 -28.52 -57.39 25.50
N ARG A 725 -27.55 -57.32 26.41
CA ARG A 725 -27.79 -57.34 27.86
C ARG A 725 -28.56 -56.12 28.36
N GLY A 726 -28.31 -54.97 27.75
CA GLY A 726 -28.98 -53.72 28.12
C GLY A 726 -30.46 -53.73 27.74
N LEU A 727 -30.74 -54.23 26.53
CA LEU A 727 -32.10 -54.28 26.02
C LEU A 727 -32.93 -55.30 26.78
N VAL A 728 -32.45 -56.54 26.91
CA VAL A 728 -33.22 -57.57 27.60
C VAL A 728 -33.36 -57.24 29.09
N GLU A 729 -32.36 -56.58 29.67
CA GLU A 729 -32.46 -56.06 31.05
C GLU A 729 -33.52 -54.97 31.10
N GLU A 730 -33.45 -54.03 30.16
CA GLU A 730 -34.47 -53.00 30.00
C GLU A 730 -35.84 -53.63 29.65
N ASN A 731 -35.84 -54.60 28.74
CA ASN A 731 -37.07 -55.19 28.18
C ASN A 731 -37.19 -56.70 28.39
N PRO A 732 -37.41 -57.13 29.65
CA PRO A 732 -37.46 -58.57 29.93
C PRO A 732 -38.61 -59.34 29.28
N GLU A 733 -39.58 -58.62 28.69
CA GLU A 733 -40.71 -59.24 28.01
C GLU A 733 -40.31 -59.97 26.72
N VAL A 734 -39.37 -59.39 25.99
CA VAL A 734 -38.93 -59.95 24.70
C VAL A 734 -38.11 -61.24 24.83
N ALA A 735 -37.17 -61.26 25.76
CA ALA A 735 -36.24 -62.40 25.94
C ALA A 735 -36.83 -63.77 25.58
N VAL A 736 -38.04 -64.05 26.05
CA VAL A 736 -38.70 -65.35 25.78
C VAL A 736 -38.89 -65.61 24.28
N ASP A 737 -39.51 -64.66 23.57
CA ASP A 737 -39.76 -64.80 22.12
C ASP A 737 -38.48 -64.63 21.31
N CYS A 738 -37.47 -64.01 21.92
CA CYS A 738 -36.19 -63.73 21.28
C CYS A 738 -35.34 -64.99 21.06
N VAL A 739 -35.26 -65.86 22.07
CA VAL A 739 -34.52 -67.10 21.94
C VAL A 739 -34.93 -67.92 20.70
N ILE A 740 -36.23 -67.92 20.37
CA ILE A 740 -36.73 -68.65 19.21
C ILE A 740 -36.33 -67.99 17.87
N TYR A 741 -36.11 -66.67 17.89
CA TYR A 741 -35.58 -65.96 16.73
C TYR A 741 -34.17 -66.44 16.42
N LEU A 742 -33.32 -66.37 17.44
CA LEU A 742 -31.92 -66.79 17.34
C LEU A 742 -31.79 -68.28 17.08
N SER A 743 -32.84 -69.04 17.37
CA SER A 743 -32.85 -70.49 17.19
C SER A 743 -33.05 -70.87 15.72
N GLN A 744 -33.78 -70.04 14.97
CA GLN A 744 -34.05 -70.28 13.54
C GLN A 744 -32.77 -70.37 12.69
N HIS A 745 -31.76 -69.58 13.03
CA HIS A 745 -30.51 -69.52 12.26
C HIS A 745 -29.25 -69.81 13.11
N ILE A 746 -29.39 -70.66 14.13
CA ILE A 746 -28.29 -70.92 15.08
C ILE A 746 -27.30 -71.95 14.55
N SER A 747 -27.64 -73.24 14.68
CA SER A 747 -26.75 -74.35 14.26
C SER A 747 -27.31 -75.71 14.71
N PRO A 748 -27.70 -76.58 13.75
CA PRO A 748 -28.36 -77.85 14.11
C PRO A 748 -27.62 -78.66 15.15
N ALA A 749 -26.30 -78.55 15.17
CA ALA A 749 -25.48 -79.21 16.18
C ALA A 749 -25.58 -78.50 17.53
N GLU A 750 -25.41 -77.18 17.53
CA GLU A 750 -25.48 -76.39 18.76
C GLU A 750 -26.94 -76.14 19.20
N ARG A 751 -27.88 -76.41 18.31
CA ARG A 751 -29.32 -76.33 18.63
C ARG A 751 -29.68 -77.32 19.72
N ALA A 752 -29.11 -78.53 19.63
CA ALA A 752 -29.26 -79.53 20.69
C ALA A 752 -28.45 -79.14 21.92
N GLN A 753 -27.35 -78.42 21.72
CA GLN A 753 -26.54 -77.88 22.82
C GLN A 753 -27.40 -77.02 23.75
N VAL A 754 -28.04 -76.01 23.17
CA VAL A 754 -29.04 -75.21 23.88
C VAL A 754 -30.20 -76.10 24.33
N VAL A 755 -30.79 -76.83 23.39
CA VAL A 755 -31.99 -77.65 23.65
C VAL A 755 -31.87 -78.59 24.84
N HIS A 756 -30.64 -78.90 25.25
CA HIS A 756 -30.40 -79.70 26.46
C HIS A 756 -29.97 -78.85 27.66
N LEU A 757 -29.32 -77.71 27.40
CA LEU A 757 -28.81 -76.85 28.47
C LEU A 757 -29.89 -76.46 29.48
N LEU A 758 -30.84 -75.63 29.03
CA LEU A 758 -31.89 -75.10 29.93
C LEU A 758 -33.09 -76.04 29.99
N VAL B 6 -16.11 -5.58 56.68
CA VAL B 6 -16.39 -6.11 55.31
C VAL B 6 -17.64 -5.47 54.65
N THR B 7 -18.78 -5.44 55.33
CA THR B 7 -20.03 -4.91 54.73
C THR B 7 -19.86 -3.52 54.08
N LYS B 8 -19.55 -2.52 54.90
CA LYS B 8 -19.27 -1.18 54.40
C LYS B 8 -18.07 -1.28 53.43
N ASP B 9 -16.92 -1.68 53.98
CA ASP B 9 -15.68 -1.82 53.22
C ASP B 9 -15.89 -2.54 51.88
N LEU B 10 -16.13 -3.85 51.92
CA LEU B 10 -16.37 -4.63 50.69
C LEU B 10 -17.62 -4.15 49.92
N LEU B 11 -18.81 -4.34 50.48
CA LEU B 11 -20.05 -4.18 49.70
C LEU B 11 -20.28 -2.73 49.24
N GLN B 12 -20.37 -1.78 50.17
CA GLN B 12 -20.58 -0.38 49.79
C GLN B 12 -19.52 0.10 48.78
N ALA B 13 -18.26 -0.29 49.01
CA ALA B 13 -17.16 0.11 48.12
C ALA B 13 -17.32 -0.50 46.72
N LYS B 14 -17.37 -1.82 46.67
CA LYS B 14 -17.50 -2.52 45.40
C LYS B 14 -18.75 -2.10 44.64
N ARG B 15 -19.82 -1.76 45.35
CA ARG B 15 -21.01 -1.24 44.68
C ARG B 15 -20.78 0.14 44.11
N PHE B 16 -20.13 1.01 44.87
CA PHE B 16 -19.71 2.32 44.37
C PHE B 16 -18.74 2.15 43.20
N GLN B 17 -17.82 1.20 43.34
CA GLN B 17 -16.87 0.82 42.30
C GLN B 17 -17.57 0.40 41.00
N ALA B 18 -18.64 -0.37 41.13
CA ALA B 18 -19.48 -0.75 39.99
C ALA B 18 -20.28 0.44 39.47
N GLN B 19 -20.79 1.24 40.40
CA GLN B 19 -21.64 2.40 40.08
C GLN B 19 -20.92 3.37 39.17
N THR B 20 -19.66 3.66 39.53
CA THR B 20 -18.86 4.65 38.80
C THR B 20 -18.44 4.17 37.41
N LEU B 21 -18.54 2.87 37.15
CA LEU B 21 -18.32 2.33 35.80
C LEU B 21 -19.62 2.10 35.05
N GLY B 22 -20.70 2.72 35.53
CA GLY B 22 -21.98 2.71 34.82
C GLY B 22 -22.52 1.31 34.66
N THR B 23 -22.53 0.56 35.75
CA THR B 23 -23.07 -0.79 35.74
C THR B 23 -23.31 -1.28 37.18
N THR B 24 -23.95 -2.45 37.26
CA THR B 24 -24.29 -3.06 38.53
C THR B 24 -23.18 -3.97 39.01
N TYR B 25 -23.04 -4.11 40.33
CA TYR B 25 -22.14 -5.09 40.92
C TYR B 25 -22.67 -6.48 40.63
N ILE B 26 -21.77 -7.43 40.40
CA ILE B 26 -22.16 -8.75 39.91
C ILE B 26 -23.11 -9.48 40.86
N TYR B 27 -22.89 -9.32 42.16
CA TYR B 27 -23.70 -10.04 43.16
C TYR B 27 -25.07 -9.41 43.38
N ASP B 28 -25.31 -8.23 42.83
CA ASP B 28 -26.61 -7.57 42.96
C ASP B 28 -27.62 -7.98 41.87
N PHE B 29 -27.17 -8.77 40.90
CA PHE B 29 -28.02 -9.14 39.77
C PHE B 29 -29.18 -10.05 40.17
N PRO B 30 -28.92 -11.08 41.00
CA PRO B 30 -30.02 -11.94 41.48
C PRO B 30 -31.25 -11.15 41.97
N GLU B 31 -31.01 -10.08 42.73
CA GLU B 31 -32.08 -9.22 43.22
C GLU B 31 -32.78 -8.47 42.11
N MET B 32 -32.07 -8.15 41.03
CA MET B 32 -32.70 -7.51 39.87
C MET B 32 -33.60 -8.47 39.14
N PHE B 33 -33.19 -9.72 39.09
CA PHE B 33 -34.03 -10.76 38.52
C PHE B 33 -35.29 -10.91 39.35
N ARG B 34 -35.17 -10.78 40.66
CA ARG B 34 -36.34 -10.78 41.52
C ARG B 34 -37.20 -9.56 41.23
N GLN B 35 -36.56 -8.40 41.19
CA GLN B 35 -37.25 -7.15 40.93
C GLN B 35 -37.84 -7.13 39.53
N ALA B 36 -37.09 -7.67 38.56
CA ALA B 36 -37.59 -7.82 37.20
C ALA B 36 -38.83 -8.72 37.22
N LEU B 37 -38.71 -9.86 37.90
CA LEU B 37 -39.80 -10.86 38.00
C LEU B 37 -41.07 -10.26 38.58
N PHE B 38 -40.94 -9.46 39.63
CA PHE B 38 -42.06 -8.71 40.18
C PHE B 38 -42.79 -7.85 39.12
N LYS B 39 -42.03 -7.07 38.34
CA LYS B 39 -42.60 -6.25 37.26
C LYS B 39 -43.24 -7.10 36.17
N LEU B 40 -42.65 -8.26 35.93
CA LEU B 40 -43.20 -9.19 34.94
C LEU B 40 -44.57 -9.71 35.34
N TRP B 41 -44.76 -9.97 36.64
CA TRP B 41 -46.05 -10.48 37.15
C TRP B 41 -47.15 -9.41 37.29
N GLY B 42 -46.79 -8.15 37.10
CA GLY B 42 -47.73 -7.06 37.26
C GLY B 42 -47.95 -6.71 38.72
N SER B 43 -49.15 -7.00 39.22
CA SER B 43 -49.52 -6.67 40.59
C SER B 43 -48.86 -7.62 41.60
N PRO B 44 -48.71 -7.17 42.86
CA PRO B 44 -48.19 -8.02 43.93
C PRO B 44 -49.14 -9.12 44.35
N ASP B 45 -50.44 -8.92 44.11
CA ASP B 45 -51.41 -9.98 44.36
C ASP B 45 -51.21 -11.11 43.36
N LYS B 46 -50.80 -10.77 42.14
CA LYS B 46 -50.58 -11.76 41.10
C LYS B 46 -49.25 -12.51 41.24
N TYR B 47 -48.42 -12.13 42.22
CA TYR B 47 -47.13 -12.81 42.47
C TYR B 47 -47.30 -14.29 42.79
N PRO B 48 -46.24 -15.11 42.64
CA PRO B 48 -46.20 -16.50 43.09
C PRO B 48 -45.40 -16.70 44.39
N LYS B 49 -45.51 -17.91 44.95
CA LYS B 49 -44.93 -18.27 46.26
C LYS B 49 -43.47 -17.84 46.42
N ASP B 50 -42.56 -18.53 45.75
CA ASP B 50 -41.13 -18.28 45.94
C ASP B 50 -40.54 -17.86 44.60
N ILE B 51 -40.78 -16.59 44.28
CA ILE B 51 -40.57 -16.07 42.95
C ILE B 51 -39.18 -16.40 42.41
N LEU B 52 -38.15 -16.21 43.24
CA LEU B 52 -36.77 -16.52 42.85
C LEU B 52 -36.05 -17.31 43.95
N THR B 53 -35.43 -18.40 43.54
CA THR B 53 -34.53 -19.21 44.37
C THR B 53 -33.23 -19.31 43.62
N TYR B 54 -32.10 -19.13 44.30
CA TYR B 54 -30.82 -19.26 43.62
C TYR B 54 -29.68 -19.67 44.54
N THR B 55 -28.67 -20.28 43.94
CA THR B 55 -27.43 -20.67 44.62
C THR B 55 -26.25 -20.15 43.80
N GLU B 56 -25.13 -19.86 44.45
CA GLU B 56 -23.92 -19.48 43.72
C GLU B 56 -23.14 -20.72 43.33
N LEU B 57 -22.65 -20.72 42.09
CA LEU B 57 -21.73 -21.75 41.61
C LEU B 57 -20.31 -21.30 41.92
N VAL B 58 -19.45 -22.24 42.33
CA VAL B 58 -18.12 -21.93 42.84
C VAL B 58 -17.14 -23.07 42.48
N LEU B 59 -15.96 -22.74 42.00
CA LEU B 59 -14.95 -23.76 41.68
C LEU B 59 -14.36 -24.35 42.96
N ASP B 60 -14.12 -25.67 42.96
CA ASP B 60 -13.49 -26.33 44.10
C ASP B 60 -12.00 -26.62 43.84
N SER B 61 -11.37 -27.34 44.77
CA SER B 61 -9.95 -27.69 44.67
C SER B 61 -9.62 -28.50 43.42
N GLN B 62 -10.56 -29.33 42.98
CA GLN B 62 -10.38 -30.13 41.76
C GLN B 62 -11.15 -29.56 40.57
N GLY B 63 -11.25 -28.23 40.53
CA GLY B 63 -11.79 -27.53 39.36
C GLY B 63 -13.18 -27.99 38.94
N GLN B 64 -14.04 -28.22 39.92
CA GLN B 64 -15.41 -28.67 39.70
C GLN B 64 -16.40 -27.78 40.44
N LEU B 65 -17.51 -27.46 39.79
CA LEU B 65 -18.51 -26.56 40.38
C LEU B 65 -19.25 -27.19 41.55
N VAL B 66 -19.15 -26.56 42.71
CA VAL B 66 -19.96 -26.93 43.86
C VAL B 66 -20.86 -25.77 44.23
N GLU B 67 -22.15 -26.05 44.34
CA GLU B 67 -23.11 -25.03 44.74
C GLU B 67 -22.84 -24.60 46.18
N MET B 68 -22.97 -23.31 46.46
CA MET B 68 -22.99 -22.83 47.84
C MET B 68 -23.71 -21.51 47.98
N ASN B 69 -24.11 -21.21 49.23
CA ASN B 69 -24.77 -19.96 49.56
C ASN B 69 -24.02 -19.29 50.70
N ARG B 70 -23.38 -18.17 50.36
CA ARG B 70 -22.46 -17.45 51.25
C ARG B 70 -22.52 -15.96 50.98
N LEU B 71 -21.93 -15.17 51.87
CA LEU B 71 -21.93 -13.72 51.76
C LEU B 71 -21.28 -13.28 50.44
N PRO B 72 -21.91 -12.32 49.73
CA PRO B 72 -21.35 -11.68 48.54
C PRO B 72 -19.95 -11.12 48.77
N GLY B 73 -19.31 -10.67 47.70
CA GLY B 73 -17.87 -10.46 47.74
C GLY B 73 -17.29 -11.83 47.95
N GLY B 74 -15.99 -11.89 48.19
CA GLY B 74 -15.32 -13.18 48.43
C GLY B 74 -15.19 -14.10 47.23
N ASN B 75 -15.66 -13.70 46.05
CA ASN B 75 -15.34 -14.44 44.84
C ASN B 75 -13.83 -14.38 44.68
N GLU B 76 -13.22 -15.55 44.54
CA GLU B 76 -11.77 -15.67 44.54
C GLU B 76 -11.21 -15.65 43.11
N VAL B 77 -12.09 -15.39 42.15
CA VAL B 77 -11.75 -15.27 40.74
C VAL B 77 -12.63 -14.16 40.14
N GLY B 78 -12.16 -13.50 39.09
CA GLY B 78 -12.91 -12.41 38.47
C GLY B 78 -14.19 -12.77 37.75
N MET B 79 -14.82 -13.87 38.15
CA MET B 79 -16.00 -14.37 37.45
C MET B 79 -16.93 -14.98 38.49
N VAL B 80 -18.23 -14.84 38.24
CA VAL B 80 -19.25 -15.32 39.17
C VAL B 80 -20.37 -15.92 38.35
N ALA B 81 -21.09 -16.86 38.96
CA ALA B 81 -22.20 -17.51 38.31
C ALA B 81 -23.17 -18.11 39.33
N PHE B 82 -24.45 -18.06 39.00
CA PHE B 82 -25.50 -18.57 39.85
C PHE B 82 -26.36 -19.56 39.10
N LYS B 83 -26.95 -20.51 39.83
CA LYS B 83 -28.05 -21.30 39.29
C LYS B 83 -29.31 -20.72 39.90
N MET B 84 -30.24 -20.31 39.05
CA MET B 84 -31.47 -19.67 39.50
C MET B 84 -32.68 -20.47 39.05
N ARG B 85 -33.68 -20.54 39.92
CA ARG B 85 -34.99 -21.01 39.54
C ARG B 85 -35.98 -19.90 39.81
N PHE B 86 -36.61 -19.38 38.77
CA PHE B 86 -37.66 -18.41 38.95
C PHE B 86 -38.97 -18.86 38.33
N LYS B 87 -40.06 -18.41 38.95
CA LYS B 87 -41.42 -18.76 38.60
C LYS B 87 -42.01 -17.73 37.62
N THR B 88 -42.35 -18.17 36.41
CA THR B 88 -42.89 -17.30 35.36
C THR B 88 -44.35 -17.66 35.08
N GLN B 89 -44.96 -16.97 34.12
CA GLN B 89 -46.37 -17.16 33.81
C GLN B 89 -46.58 -18.52 33.18
N GLU B 90 -45.79 -18.82 32.17
CA GLU B 90 -45.81 -20.12 31.50
C GLU B 90 -45.19 -21.23 32.33
N TYR B 91 -44.37 -20.87 33.31
CA TYR B 91 -43.80 -21.86 34.23
C TYR B 91 -44.01 -21.46 35.68
N PRO B 92 -45.26 -21.56 36.17
CA PRO B 92 -45.59 -21.12 37.51
C PRO B 92 -44.83 -21.86 38.59
N GLU B 93 -44.72 -23.18 38.44
CA GLU B 93 -44.01 -24.01 39.42
C GLU B 93 -42.47 -23.90 39.27
N GLY B 94 -42.00 -23.05 38.36
CA GLY B 94 -40.58 -22.70 38.27
C GLY B 94 -39.91 -23.13 36.98
N ARG B 95 -38.84 -22.42 36.63
CA ARG B 95 -37.98 -22.80 35.50
C ARG B 95 -36.54 -22.45 35.85
N ASP B 96 -35.59 -23.27 35.37
CA ASP B 96 -34.18 -23.14 35.74
C ASP B 96 -33.35 -22.41 34.68
N VAL B 97 -32.30 -21.70 35.12
CA VAL B 97 -31.29 -21.09 34.25
C VAL B 97 -29.97 -20.94 34.99
N ILE B 98 -28.87 -20.84 34.24
CA ILE B 98 -27.55 -20.58 34.80
C ILE B 98 -27.09 -19.18 34.38
N VAL B 99 -27.07 -18.23 35.33
CA VAL B 99 -26.55 -16.88 35.09
C VAL B 99 -25.06 -16.90 35.34
N ILE B 100 -24.33 -16.13 34.56
CA ILE B 100 -22.87 -16.12 34.66
C ILE B 100 -22.35 -14.80 34.08
N GLY B 101 -21.44 -14.16 34.79
CA GLY B 101 -20.95 -12.84 34.37
C GLY B 101 -19.65 -12.45 35.03
N ASN B 102 -18.94 -11.51 34.39
CA ASN B 102 -17.71 -10.99 34.93
C ASN B 102 -17.93 -10.13 36.17
N ASP B 103 -16.92 -10.06 37.02
CA ASP B 103 -16.86 -9.08 38.08
C ASP B 103 -15.94 -7.97 37.59
N ILE B 104 -16.53 -6.89 37.10
CA ILE B 104 -15.78 -5.72 36.65
C ILE B 104 -14.98 -5.10 37.79
N THR B 105 -15.36 -5.39 39.04
CA THR B 105 -14.69 -4.82 40.21
C THR B 105 -13.50 -5.66 40.66
N PHE B 106 -13.31 -6.84 40.04
CA PHE B 106 -12.23 -7.74 40.44
C PHE B 106 -10.87 -7.27 39.88
N ARG B 107 -10.65 -7.47 38.59
CA ARG B 107 -9.45 -6.97 37.94
C ARG B 107 -9.84 -6.41 36.60
N ILE B 108 -10.31 -5.16 36.59
CA ILE B 108 -10.92 -4.50 35.43
C ILE B 108 -11.85 -5.44 34.67
N GLY B 109 -12.33 -6.48 35.36
CA GLY B 109 -13.08 -7.56 34.74
C GLY B 109 -12.31 -8.36 33.70
N SER B 110 -11.00 -8.51 33.87
CA SER B 110 -10.20 -9.25 32.89
C SER B 110 -10.42 -10.76 32.94
N PHE B 111 -9.92 -11.45 31.93
CA PHE B 111 -10.03 -12.91 31.83
C PHE B 111 -8.68 -13.55 32.07
N GLY B 112 -8.58 -14.27 33.18
CA GLY B 112 -7.43 -15.14 33.41
C GLY B 112 -7.91 -16.57 33.42
N PRO B 113 -6.98 -17.53 33.53
CA PRO B 113 -7.33 -18.95 33.46
C PRO B 113 -8.41 -19.38 34.45
N GLY B 114 -8.43 -18.80 35.64
CA GLY B 114 -9.42 -19.16 36.65
C GLY B 114 -10.79 -18.63 36.29
N GLU B 115 -10.80 -17.40 35.79
CA GLU B 115 -12.02 -16.76 35.29
C GLU B 115 -12.58 -17.57 34.15
N ASP B 116 -11.67 -18.06 33.29
CA ASP B 116 -12.05 -18.90 32.17
C ASP B 116 -12.67 -20.20 32.66
N LEU B 117 -11.97 -20.90 33.53
CA LEU B 117 -12.44 -22.17 34.10
C LEU B 117 -13.87 -22.11 34.67
N LEU B 118 -14.20 -21.03 35.39
CA LEU B 118 -15.55 -20.91 35.93
C LEU B 118 -16.55 -20.82 34.79
N TYR B 119 -16.29 -19.96 33.82
CA TYR B 119 -17.15 -19.87 32.65
C TYR B 119 -17.31 -21.24 31.99
N LEU B 120 -16.19 -21.94 31.83
CA LEU B 120 -16.18 -23.25 31.19
C LEU B 120 -17.11 -24.20 31.92
N ARG B 121 -16.87 -24.38 33.22
CA ARG B 121 -17.68 -25.30 34.01
C ARG B 121 -19.15 -24.91 34.09
N ALA B 122 -19.43 -23.63 34.26
CA ALA B 122 -20.83 -23.16 34.36
C ALA B 122 -21.60 -23.37 33.06
N SER B 123 -20.94 -23.19 31.92
CA SER B 123 -21.57 -23.38 30.61
C SER B 123 -21.77 -24.87 30.34
N GLU B 124 -20.73 -25.64 30.62
CA GLU B 124 -20.81 -27.09 30.55
C GLU B 124 -22.03 -27.61 31.31
N MET B 125 -22.29 -27.01 32.46
CA MET B 125 -23.43 -27.39 33.33
C MET B 125 -24.76 -27.01 32.71
N ALA B 126 -24.84 -25.79 32.20
CA ALA B 126 -25.99 -25.33 31.44
C ALA B 126 -26.35 -26.35 30.34
N ARG B 127 -25.33 -26.81 29.61
CA ARG B 127 -25.55 -27.77 28.54
C ARG B 127 -25.94 -29.13 29.10
N ALA B 128 -25.27 -29.54 30.17
CA ALA B 128 -25.55 -30.80 30.83
C ALA B 128 -27.03 -30.91 31.17
N GLU B 129 -27.59 -29.83 31.72
CA GLU B 129 -28.99 -29.82 32.19
C GLU B 129 -29.98 -29.35 31.14
N GLY B 130 -29.46 -28.93 29.99
CA GLY B 130 -30.29 -28.49 28.86
C GLY B 130 -30.94 -27.15 29.07
N ILE B 131 -30.47 -26.40 30.07
CA ILE B 131 -31.10 -25.14 30.49
C ILE B 131 -30.34 -23.91 29.97
N PRO B 132 -31.05 -22.77 29.83
CA PRO B 132 -30.47 -21.57 29.24
C PRO B 132 -29.23 -21.07 29.97
N LYS B 133 -28.39 -20.36 29.23
CA LYS B 133 -27.19 -19.78 29.79
C LYS B 133 -27.21 -18.27 29.54
N ILE B 134 -27.48 -17.52 30.60
CA ILE B 134 -27.45 -16.06 30.53
C ILE B 134 -26.02 -15.61 30.84
N TYR B 135 -25.50 -14.69 30.02
CA TYR B 135 -24.13 -14.20 30.20
C TYR B 135 -24.10 -12.70 30.31
N VAL B 136 -23.65 -12.20 31.46
CA VAL B 136 -23.49 -10.76 31.67
C VAL B 136 -22.06 -10.33 31.34
N ALA B 137 -21.93 -9.50 30.31
CA ALA B 137 -20.66 -8.97 29.86
C ALA B 137 -20.34 -7.63 30.51
N ALA B 138 -19.33 -7.64 31.38
CA ALA B 138 -18.64 -6.42 31.79
C ALA B 138 -17.20 -6.80 32.05
N ASN B 139 -16.34 -6.59 31.05
CA ASN B 139 -14.99 -7.11 31.11
C ASN B 139 -13.99 -6.23 30.35
N SER B 140 -12.73 -6.68 30.31
CA SER B 140 -11.68 -6.01 29.55
C SER B 140 -10.83 -7.01 28.76
N GLY B 141 -11.46 -8.04 28.21
CA GLY B 141 -10.73 -9.04 27.43
C GLY B 141 -9.67 -9.80 28.20
N ALA B 142 -8.90 -10.62 27.49
CA ALA B 142 -7.84 -11.44 28.09
C ALA B 142 -6.92 -10.61 28.98
N ARG B 143 -6.51 -11.19 30.10
CA ARG B 143 -5.61 -10.52 31.04
C ARG B 143 -4.22 -10.40 30.43
N ILE B 144 -3.55 -9.27 30.66
CA ILE B 144 -2.13 -9.12 30.23
C ILE B 144 -1.17 -8.78 31.38
N GLY B 145 -0.02 -9.46 31.41
CA GLY B 145 0.98 -9.27 32.46
C GLY B 145 2.42 -9.57 32.07
N MET B 146 3.33 -9.36 33.01
CA MET B 146 4.76 -9.60 32.79
C MET B 146 5.44 -10.25 34.02
N ALA B 147 6.60 -10.83 33.81
CA ALA B 147 7.38 -11.41 34.89
C ALA B 147 7.93 -10.28 35.74
N GLU B 148 7.20 -9.89 36.79
CA GLU B 148 7.61 -8.75 37.64
C GLU B 148 8.97 -8.98 38.28
N GLU B 149 9.12 -10.14 38.87
CA GLU B 149 10.41 -10.63 39.36
C GLU B 149 11.63 -10.25 38.48
N ILE B 150 11.54 -10.47 37.16
CA ILE B 150 12.64 -10.18 36.24
C ILE B 150 12.68 -8.67 35.97
N LYS B 151 11.51 -8.09 35.76
CA LYS B 151 11.34 -6.64 35.67
C LYS B 151 12.18 -5.91 36.71
N HIS B 152 12.27 -6.47 37.92
CA HIS B 152 13.00 -5.85 39.01
C HIS B 152 14.45 -6.30 39.14
N MET B 153 14.91 -7.16 38.23
CA MET B 153 16.23 -7.80 38.36
C MET B 153 17.20 -7.65 37.17
N PHE B 154 16.67 -7.43 35.96
CA PHE B 154 17.49 -7.43 34.75
C PHE B 154 18.37 -6.19 34.66
N HIS B 155 19.48 -6.36 33.95
CA HIS B 155 20.42 -5.28 33.62
C HIS B 155 20.54 -5.18 32.10
N VAL B 156 20.93 -4.02 31.61
CA VAL B 156 21.08 -3.78 30.17
C VAL B 156 22.56 -3.77 29.83
N ALA B 157 22.98 -4.61 28.88
CA ALA B 157 24.33 -4.54 28.32
C ALA B 157 24.35 -3.49 27.22
N TRP B 158 24.77 -2.29 27.56
CA TRP B 158 24.80 -1.17 26.63
C TRP B 158 25.92 -1.33 25.61
N VAL B 159 25.72 -0.72 24.44
CA VAL B 159 26.81 -0.60 23.47
C VAL B 159 27.93 0.25 24.09
N ASP B 160 27.53 1.33 24.76
CA ASP B 160 28.46 2.23 25.49
C ASP B 160 27.77 2.76 26.74
N PRO B 161 28.35 2.53 27.94
CA PRO B 161 27.72 2.95 29.20
C PRO B 161 27.36 4.43 29.31
N GLU B 162 28.29 5.34 29.01
CA GLU B 162 28.03 6.78 29.25
C GLU B 162 27.26 7.47 28.13
N ASP B 163 26.79 6.71 27.13
CA ASP B 163 25.88 7.24 26.13
C ASP B 163 24.87 6.16 25.70
N PRO B 164 23.85 5.93 26.54
CA PRO B 164 22.86 4.90 26.25
C PRO B 164 22.09 5.08 24.94
N HIS B 165 22.22 6.24 24.29
CA HIS B 165 21.58 6.44 22.99
C HIS B 165 22.31 5.74 21.84
N LYS B 166 23.52 5.23 22.11
CA LYS B 166 24.15 4.29 21.19
C LYS B 166 23.47 2.91 21.19
N GLY B 167 22.43 2.73 22.01
CA GLY B 167 21.63 1.50 22.02
C GLY B 167 22.21 0.44 22.92
N PHE B 168 21.61 -0.75 22.90
CA PHE B 168 22.02 -1.86 23.74
C PHE B 168 22.07 -3.22 23.01
N LYS B 169 23.08 -4.02 23.39
CA LYS B 169 23.35 -5.31 22.77
C LYS B 169 22.33 -6.36 23.19
N TYR B 170 22.18 -6.55 24.50
CA TYR B 170 21.27 -7.54 25.05
C TYR B 170 20.89 -7.16 26.49
N LEU B 171 19.87 -7.83 27.03
CA LEU B 171 19.50 -7.72 28.45
C LEU B 171 20.06 -8.96 29.15
N TYR B 172 20.30 -8.88 30.46
CA TYR B 172 20.92 -10.02 31.16
C TYR B 172 20.67 -10.02 32.68
N LEU B 173 20.99 -11.15 33.29
CA LEU B 173 20.89 -11.30 34.75
C LEU B 173 22.28 -11.60 35.26
N THR B 174 22.61 -11.08 36.44
CA THR B 174 23.90 -11.40 37.04
C THR B 174 23.84 -12.84 37.54
N PRO B 175 24.99 -13.54 37.54
CA PRO B 175 25.03 -14.91 38.06
C PRO B 175 24.49 -15.03 39.48
N GLN B 176 24.77 -14.04 40.33
CA GLN B 176 24.14 -13.94 41.63
C GLN B 176 22.62 -14.00 41.48
N ASP B 177 22.06 -13.00 40.80
CA ASP B 177 20.62 -12.91 40.61
C ASP B 177 20.02 -14.15 39.94
N TYR B 178 20.80 -14.84 39.11
CA TYR B 178 20.27 -16.02 38.42
C TYR B 178 20.07 -17.20 39.36
N THR B 179 20.92 -17.29 40.38
CA THR B 179 20.83 -18.38 41.35
C THR B 179 19.63 -18.23 42.30
N ARG B 180 18.99 -17.07 42.30
CA ARG B 180 17.76 -16.87 43.07
C ARG B 180 16.54 -17.36 42.29
N ILE B 181 16.72 -17.56 40.99
CA ILE B 181 15.62 -17.72 40.05
C ILE B 181 15.61 -19.09 39.38
N SER B 182 16.77 -19.71 39.25
CA SER B 182 16.93 -20.96 38.49
C SER B 182 15.95 -22.08 38.88
N SER B 183 15.77 -22.24 40.19
CA SER B 183 14.77 -23.16 40.73
C SER B 183 13.36 -22.85 40.24
N LEU B 184 13.03 -21.56 40.13
CA LEU B 184 11.68 -21.11 39.79
C LEU B 184 11.33 -21.20 38.30
N ASN B 185 12.31 -21.48 37.44
CA ASN B 185 12.06 -21.56 36.00
C ASN B 185 11.37 -20.29 35.48
N SER B 186 11.81 -19.14 35.99
CA SER B 186 11.20 -17.87 35.62
C SER B 186 11.76 -17.34 34.29
N VAL B 187 13.00 -17.71 33.96
CA VAL B 187 13.68 -17.14 32.81
C VAL B 187 14.72 -18.10 32.23
N HIS B 188 14.78 -18.18 30.91
CA HIS B 188 15.79 -18.98 30.23
C HIS B 188 16.85 -18.02 29.71
N CYS B 189 18.12 -18.40 29.83
CA CYS B 189 19.20 -17.53 29.34
C CYS B 189 20.52 -18.26 29.11
N LYS B 190 21.31 -17.73 28.17
CA LYS B 190 22.60 -18.30 27.80
C LYS B 190 23.72 -17.56 28.55
N HIS B 191 24.73 -18.32 28.97
CA HIS B 191 25.91 -17.73 29.61
C HIS B 191 26.73 -16.96 28.59
N ILE B 192 27.36 -15.88 29.02
CA ILE B 192 28.16 -15.03 28.14
C ILE B 192 29.20 -14.28 28.96
N GLU B 193 30.36 -14.00 28.35
CA GLU B 193 31.40 -13.18 29.01
C GLU B 193 31.55 -11.88 28.26
N GLU B 194 31.28 -10.78 28.95
CA GLU B 194 31.52 -9.45 28.41
C GLU B 194 32.73 -8.91 29.15
N GLY B 195 33.84 -8.76 28.44
CA GLY B 195 35.09 -8.32 29.04
C GLY B 195 35.37 -9.02 30.36
N GLY B 196 35.31 -10.34 30.37
CA GLY B 196 35.73 -11.14 31.52
C GLY B 196 34.77 -11.22 32.70
N GLU B 197 33.66 -10.50 32.60
CA GLU B 197 32.57 -10.58 33.58
C GLU B 197 31.58 -11.58 33.01
N SER B 198 31.14 -12.54 33.83
CA SER B 198 30.15 -13.52 33.38
C SER B 198 28.75 -12.93 33.49
N ARG B 199 27.94 -13.17 32.45
CA ARG B 199 26.57 -12.69 32.42
C ARG B 199 25.61 -13.75 31.86
N TYR B 200 24.40 -13.76 32.38
CA TYR B 200 23.38 -14.66 31.87
C TYR B 200 22.42 -13.89 30.99
N MET B 201 22.53 -14.09 29.69
CA MET B 201 21.82 -13.28 28.70
C MET B 201 20.38 -13.76 28.50
N ILE B 202 19.40 -12.93 28.87
CA ILE B 202 18.00 -13.34 28.78
C ILE B 202 17.65 -13.72 27.36
N THR B 203 17.23 -14.96 27.16
CA THR B 203 16.73 -15.43 25.87
C THR B 203 15.20 -15.54 25.86
N ASP B 204 14.62 -16.02 26.97
CA ASP B 204 13.17 -16.12 27.11
C ASP B 204 12.78 -15.77 28.54
N ILE B 205 11.66 -15.07 28.72
CA ILE B 205 11.14 -14.74 30.05
C ILE B 205 9.83 -15.47 30.27
N ILE B 206 9.77 -16.36 31.28
CA ILE B 206 8.61 -17.25 31.49
C ILE B 206 7.63 -16.81 32.59
N GLY B 207 8.17 -16.25 33.67
CA GLY B 207 7.35 -15.76 34.77
C GLY B 207 6.98 -16.87 35.75
N LYS B 208 7.29 -16.65 37.01
CA LYS B 208 6.85 -17.50 38.10
C LYS B 208 5.33 -17.55 38.16
N ASP B 209 4.70 -16.38 38.34
CA ASP B 209 3.25 -16.32 38.53
C ASP B 209 2.52 -16.65 37.23
N ASP B 210 1.60 -17.61 37.29
CA ASP B 210 0.86 -18.07 36.12
C ASP B 210 -0.16 -17.03 35.68
N GLY B 211 -0.52 -17.04 34.40
CA GLY B 211 -1.59 -16.20 33.86
C GLY B 211 -1.18 -14.84 33.32
N LEU B 212 -0.06 -14.82 32.59
CA LEU B 212 0.54 -13.57 32.09
C LEU B 212 0.24 -13.23 30.63
N GLY B 213 0.28 -14.25 29.76
CA GLY B 213 0.21 -14.03 28.31
C GLY B 213 -0.47 -15.14 27.52
N VAL B 214 0.28 -15.84 26.68
CA VAL B 214 -0.29 -16.77 25.69
C VAL B 214 -1.23 -17.82 26.28
N GLU B 215 -1.02 -18.18 27.53
CA GLU B 215 -1.93 -19.08 28.22
C GLU B 215 -3.32 -18.48 28.39
N ASN B 216 -3.42 -17.15 28.40
CA ASN B 216 -4.72 -16.47 28.50
C ASN B 216 -5.49 -16.53 27.21
N LEU B 217 -4.77 -16.47 26.09
CA LEU B 217 -5.37 -16.64 24.77
C LEU B 217 -5.93 -18.04 24.65
N ARG B 218 -5.12 -19.03 25.03
CA ARG B 218 -5.58 -20.43 25.09
C ARG B 218 -6.93 -20.52 25.84
N GLY B 219 -6.95 -20.01 27.06
CA GLY B 219 -8.13 -20.05 27.93
C GLY B 219 -9.33 -19.30 27.36
N SER B 220 -9.05 -18.27 26.57
CA SER B 220 -10.09 -17.59 25.82
C SER B 220 -10.61 -18.55 24.78
N GLY B 221 -9.71 -19.01 23.92
CA GLY B 221 -10.06 -19.96 22.85
C GLY B 221 -10.90 -21.13 23.35
N MET B 222 -10.68 -21.52 24.60
CA MET B 222 -11.44 -22.59 25.24
C MET B 222 -12.90 -22.21 25.45
N ILE B 223 -13.15 -21.08 26.09
CA ILE B 223 -14.54 -20.67 26.36
C ILE B 223 -15.26 -20.14 25.11
N ALA B 224 -14.48 -19.73 24.10
CA ALA B 224 -15.05 -19.44 22.78
C ALA B 224 -15.62 -20.72 22.19
N GLY B 225 -14.80 -21.77 22.16
CA GLY B 225 -15.21 -23.07 21.65
C GLY B 225 -16.43 -23.61 22.38
N GLU B 226 -16.40 -23.53 23.71
CA GLU B 226 -17.53 -23.89 24.56
C GLU B 226 -18.77 -23.06 24.18
N SER B 227 -18.57 -21.75 24.03
CA SER B 227 -19.67 -20.84 23.70
C SER B 227 -20.28 -21.17 22.34
N SER B 228 -19.41 -21.45 21.39
CA SER B 228 -19.81 -21.82 20.05
C SER B 228 -20.71 -23.05 20.08
N LEU B 229 -20.37 -24.02 20.94
CA LEU B 229 -21.18 -25.23 21.08
C LEU B 229 -22.47 -24.99 21.88
N ALA B 230 -22.39 -24.18 22.92
CA ALA B 230 -23.56 -23.82 23.72
C ALA B 230 -24.73 -23.33 22.85
N TYR B 231 -24.43 -22.55 21.83
CA TYR B 231 -25.45 -21.98 20.93
C TYR B 231 -26.18 -23.06 20.14
N GLU B 232 -25.51 -24.18 19.92
CA GLU B 232 -26.07 -25.34 19.20
C GLU B 232 -26.95 -26.25 20.05
N GLU B 233 -26.81 -26.18 21.38
CA GLU B 233 -27.44 -27.15 22.26
C GLU B 233 -28.53 -26.57 23.14
N ILE B 234 -28.28 -25.38 23.68
CA ILE B 234 -29.20 -24.72 24.61
C ILE B 234 -29.44 -23.26 24.18
N VAL B 235 -30.44 -22.63 24.76
CA VAL B 235 -30.65 -21.20 24.56
C VAL B 235 -29.57 -20.42 25.29
N THR B 236 -29.11 -19.36 24.63
CA THR B 236 -28.00 -18.55 25.10
C THR B 236 -28.34 -17.09 24.86
N ILE B 237 -28.44 -16.31 25.94
CA ILE B 237 -28.70 -14.87 25.88
C ILE B 237 -27.52 -14.15 26.52
N SER B 238 -27.35 -12.88 26.20
CA SER B 238 -26.18 -12.13 26.64
C SER B 238 -26.49 -10.64 26.79
N LEU B 239 -26.01 -10.05 27.89
CA LEU B 239 -26.24 -8.63 28.19
C LEU B 239 -24.91 -7.91 28.39
N VAL B 240 -24.62 -6.96 27.51
CA VAL B 240 -23.44 -6.11 27.63
C VAL B 240 -23.82 -4.89 28.46
N THR B 241 -23.24 -4.73 29.65
CA THR B 241 -23.65 -3.62 30.56
C THR B 241 -22.68 -2.45 30.61
N CYS B 242 -21.40 -2.74 30.45
CA CYS B 242 -20.40 -1.71 30.54
C CYS B 242 -19.57 -1.70 29.28
N ARG B 243 -19.03 -2.87 28.96
CA ARG B 243 -18.21 -3.10 27.79
C ARG B 243 -17.86 -4.59 27.71
N ALA B 244 -17.86 -5.14 26.50
CA ALA B 244 -17.34 -6.48 26.27
C ALA B 244 -16.14 -6.25 25.39
N ILE B 245 -14.97 -6.75 25.79
CA ILE B 245 -13.72 -6.49 25.04
C ILE B 245 -13.07 -7.79 24.59
N GLY B 246 -12.60 -7.80 23.35
CA GLY B 246 -11.90 -8.94 22.78
C GLY B 246 -12.68 -10.23 22.98
N ILE B 247 -12.12 -11.17 23.75
CA ILE B 247 -12.79 -12.43 24.05
C ILE B 247 -14.20 -12.19 24.55
N GLY B 248 -14.38 -11.12 25.33
CA GLY B 248 -15.69 -10.69 25.82
C GLY B 248 -16.64 -10.34 24.69
N ALA B 249 -16.10 -9.77 23.62
CA ALA B 249 -16.88 -9.45 22.41
C ALA B 249 -17.24 -10.72 21.65
N TYR B 250 -16.40 -11.72 21.75
CA TYR B 250 -16.60 -12.94 20.98
C TYR B 250 -17.56 -13.90 21.66
N LEU B 251 -17.56 -13.90 22.99
CA LEU B 251 -18.52 -14.70 23.75
C LEU B 251 -19.91 -14.13 23.52
N VAL B 252 -20.05 -12.83 23.70
CA VAL B 252 -21.31 -12.14 23.47
C VAL B 252 -21.88 -12.48 22.09
N ARG B 253 -21.02 -12.52 21.08
CA ARG B 253 -21.45 -12.81 19.72
C ARG B 253 -21.75 -14.29 19.51
N LEU B 254 -20.89 -15.15 20.01
CA LEU B 254 -21.06 -16.58 19.79
C LEU B 254 -22.39 -17.08 20.36
N GLY B 255 -22.86 -16.42 21.41
CA GLY B 255 -24.18 -16.71 21.98
C GLY B 255 -25.30 -15.97 21.26
N GLN B 256 -24.94 -15.24 20.20
CA GLN B 256 -25.88 -14.66 19.24
C GLN B 256 -26.85 -13.64 19.81
N ARG B 257 -27.76 -14.10 20.65
CA ARG B 257 -28.82 -13.25 21.15
C ARG B 257 -28.19 -12.35 22.19
N VAL B 258 -28.18 -11.04 21.93
CA VAL B 258 -27.47 -10.09 22.80
C VAL B 258 -28.21 -8.77 23.02
N ILE B 259 -28.28 -8.39 24.30
CA ILE B 259 -28.91 -7.17 24.77
C ILE B 259 -27.80 -6.20 25.17
N GLN B 260 -27.78 -5.02 24.55
CA GLN B 260 -26.75 -4.03 24.84
C GLN B 260 -27.36 -2.83 25.53
N VAL B 261 -26.77 -2.47 26.67
CA VAL B 261 -27.12 -1.25 27.41
C VAL B 261 -26.53 -0.08 26.64
N GLU B 262 -27.09 1.12 26.80
CA GLU B 262 -26.79 2.22 25.88
C GLU B 262 -25.32 2.71 25.85
N ASN B 263 -24.80 3.29 26.94
CA ASN B 263 -23.43 3.85 26.89
C ASN B 263 -22.30 2.81 26.79
N SER B 264 -22.66 1.51 26.87
CA SER B 264 -21.69 0.41 26.74
C SER B 264 -21.16 0.25 25.33
N HIS B 265 -20.12 -0.57 25.18
CA HIS B 265 -19.55 -0.87 23.88
C HIS B 265 -19.01 -2.30 23.75
N ILE B 266 -19.11 -2.85 22.54
CA ILE B 266 -18.57 -4.16 22.20
C ILE B 266 -17.45 -3.96 21.19
N ILE B 267 -16.21 -4.16 21.63
CA ILE B 267 -15.05 -3.88 20.78
C ILE B 267 -13.99 -4.97 20.88
N LEU B 268 -12.96 -4.85 20.05
CA LEU B 268 -11.78 -5.69 20.12
C LEU B 268 -10.60 -4.85 20.63
N THR B 269 -10.06 -3.98 19.79
CA THR B 269 -9.03 -3.06 20.25
C THR B 269 -9.68 -1.68 20.42
N GLY B 270 -9.31 -0.98 21.49
CA GLY B 270 -9.98 0.25 21.84
C GLY B 270 -9.57 1.41 20.95
N ALA B 271 -10.42 2.44 20.93
CA ALA B 271 -10.12 3.68 20.24
C ALA B 271 -8.73 4.23 20.56
N SER B 272 -8.36 4.21 21.84
CA SER B 272 -7.02 4.66 22.24
C SER B 272 -5.94 3.98 21.43
N ALA B 273 -5.95 2.65 21.49
CA ALA B 273 -4.94 1.86 20.82
C ALA B 273 -4.91 2.17 19.32
N LEU B 274 -6.06 2.09 18.65
CA LEU B 274 -6.12 2.35 17.21
C LEU B 274 -5.55 3.72 16.85
N ASN B 275 -5.87 4.73 17.66
CA ASN B 275 -5.37 6.09 17.41
C ASN B 275 -3.84 6.14 17.37
N LYS B 276 -3.20 5.49 18.35
CA LYS B 276 -1.73 5.43 18.39
C LYS B 276 -1.20 4.73 17.15
N VAL B 277 -1.74 3.53 16.89
CA VAL B 277 -1.43 2.73 15.71
C VAL B 277 -1.71 3.42 14.39
N LEU B 278 -2.83 4.14 14.29
CA LEU B 278 -3.20 4.80 13.04
C LEU B 278 -2.40 6.07 12.76
N GLY B 279 -1.87 6.70 13.79
CA GLY B 279 -0.99 7.85 13.61
C GLY B 279 -1.63 9.21 13.76
N ARG B 280 -2.96 9.24 13.95
CA ARG B 280 -3.68 10.47 14.31
C ARG B 280 -4.89 10.14 15.18
N GLU B 281 -5.39 11.12 15.91
CA GLU B 281 -6.54 10.90 16.81
C GLU B 281 -7.80 10.73 15.98
N VAL B 282 -7.98 9.56 15.39
CA VAL B 282 -9.11 9.31 14.51
C VAL B 282 -10.39 9.16 15.33
N TYR B 283 -10.37 8.24 16.29
CA TYR B 283 -11.59 7.87 17.04
C TYR B 283 -11.69 8.57 18.39
N THR B 284 -12.85 9.16 18.67
CA THR B 284 -13.10 9.93 19.90
C THR B 284 -13.57 9.06 21.06
N SER B 285 -14.14 7.89 20.77
CA SER B 285 -14.71 7.02 21.81
C SER B 285 -14.68 5.53 21.44
N ASN B 286 -14.85 4.68 22.45
CA ASN B 286 -15.06 3.23 22.21
C ASN B 286 -16.45 2.97 21.66
N ASN B 287 -17.41 3.80 22.06
CA ASN B 287 -18.78 3.71 21.55
C ASN B 287 -18.80 3.95 20.05
N GLN B 288 -17.86 4.77 19.60
CA GLN B 288 -17.71 5.04 18.18
C GLN B 288 -17.36 3.80 17.40
N LEU B 289 -16.70 2.83 18.05
CA LEU B 289 -16.31 1.57 17.41
C LEU B 289 -17.32 0.44 17.66
N GLY B 290 -17.91 0.41 18.85
CA GLY B 290 -18.78 -0.72 19.23
C GLY B 290 -19.94 -0.37 20.14
N GLY B 291 -20.36 0.90 20.10
CA GLY B 291 -21.50 1.35 20.85
C GLY B 291 -22.79 0.87 20.22
N VAL B 292 -23.88 1.17 20.91
CA VAL B 292 -25.22 0.83 20.45
C VAL B 292 -25.42 1.25 19.00
N GLN B 293 -24.95 2.45 18.64
CA GLN B 293 -25.22 3.04 17.32
C GLN B 293 -24.67 2.23 16.15
N ILE B 294 -23.68 1.39 16.42
CA ILE B 294 -23.12 0.51 15.41
C ILE B 294 -23.69 -0.89 15.53
N MET B 295 -23.52 -1.52 16.70
CA MET B 295 -23.90 -2.93 16.90
C MET B 295 -25.41 -3.19 16.84
N HIS B 296 -26.21 -2.17 17.17
CA HIS B 296 -27.66 -2.28 17.06
C HIS B 296 -28.06 -2.21 15.59
N TYR B 297 -27.35 -1.38 14.83
CA TYR B 297 -27.65 -1.17 13.42
C TYR B 297 -27.05 -2.21 12.48
N ASN B 298 -26.20 -3.10 12.99
CA ASN B 298 -25.54 -4.09 12.14
C ASN B 298 -25.90 -5.54 12.43
N GLY B 299 -26.81 -5.75 13.37
CA GLY B 299 -27.30 -7.10 13.69
C GLY B 299 -26.67 -7.79 14.89
N VAL B 300 -25.51 -7.29 15.33
CA VAL B 300 -24.83 -7.88 16.47
C VAL B 300 -25.73 -7.76 17.70
N SER B 301 -26.23 -6.57 17.98
CA SER B 301 -27.19 -6.37 19.10
C SER B 301 -28.65 -6.53 18.63
N HIS B 302 -29.31 -7.56 19.16
CA HIS B 302 -30.69 -7.86 18.80
C HIS B 302 -31.63 -6.76 19.27
N ILE B 303 -31.37 -6.24 20.46
CA ILE B 303 -32.17 -5.18 21.05
C ILE B 303 -31.29 -4.30 21.93
N THR B 304 -31.75 -3.08 22.22
CA THR B 304 -31.00 -2.17 23.06
C THR B 304 -31.86 -1.81 24.29
N VAL B 305 -31.22 -1.55 25.42
CA VAL B 305 -31.93 -1.15 26.63
C VAL B 305 -31.27 0.12 27.20
N PRO B 306 -31.99 0.85 28.05
CA PRO B 306 -31.47 2.06 28.66
C PRO B 306 -30.67 1.83 29.94
N ASP B 307 -30.94 0.74 30.64
CA ASP B 307 -30.20 0.42 31.85
C ASP B 307 -30.15 -1.09 32.11
N ASP B 308 -29.46 -1.47 33.18
CA ASP B 308 -29.34 -2.87 33.54
C ASP B 308 -30.69 -3.49 33.88
N PHE B 309 -31.49 -2.80 34.69
CA PHE B 309 -32.76 -3.36 35.12
C PHE B 309 -33.60 -3.79 33.94
N GLU B 310 -33.78 -2.87 33.00
CA GLU B 310 -34.59 -3.12 31.82
C GLU B 310 -33.90 -4.16 30.93
N GLY B 311 -32.60 -4.31 31.10
CA GLY B 311 -31.86 -5.39 30.44
C GLY B 311 -32.23 -6.76 30.99
N VAL B 312 -32.22 -6.87 32.31
CA VAL B 312 -32.60 -8.11 33.00
C VAL B 312 -34.03 -8.47 32.63
N TYR B 313 -34.86 -7.45 32.50
CA TYR B 313 -36.25 -7.62 32.13
C TYR B 313 -36.37 -8.27 30.76
N THR B 314 -35.68 -7.73 29.76
CA THR B 314 -35.67 -8.31 28.42
C THR B 314 -35.26 -9.79 28.41
N ILE B 315 -34.31 -10.15 29.26
CA ILE B 315 -33.90 -11.53 29.44
C ILE B 315 -35.09 -12.40 29.81
N LEU B 316 -35.84 -11.97 30.82
CA LEU B 316 -37.05 -12.68 31.21
C LEU B 316 -38.06 -12.70 30.06
N GLU B 317 -38.23 -11.55 29.42
CA GLU B 317 -39.18 -11.36 28.33
C GLU B 317 -38.85 -12.23 27.11
N TRP B 318 -37.58 -12.39 26.83
CA TRP B 318 -37.15 -13.31 25.79
C TRP B 318 -37.37 -14.76 26.18
N LEU B 319 -36.99 -15.12 27.40
CA LEU B 319 -37.15 -16.48 27.88
C LEU B 319 -38.61 -16.90 27.93
N SER B 320 -39.55 -15.94 27.96
CA SER B 320 -40.97 -16.27 28.07
C SER B 320 -41.52 -16.98 26.85
N TYR B 321 -40.87 -16.82 25.70
CA TYR B 321 -41.26 -17.51 24.48
C TYR B 321 -40.60 -18.88 24.37
N MET B 322 -39.56 -19.09 25.17
CA MET B 322 -38.66 -20.21 24.98
C MET B 322 -38.96 -21.31 25.99
N PRO B 323 -38.75 -22.58 25.61
CA PRO B 323 -38.98 -23.68 26.54
C PRO B 323 -37.98 -23.73 27.71
N LYS B 324 -38.46 -24.20 28.87
CA LYS B 324 -37.67 -24.17 30.10
C LYS B 324 -36.32 -24.88 29.97
N ASP B 325 -36.29 -25.94 29.16
CA ASP B 325 -35.06 -26.60 28.75
C ASP B 325 -35.21 -27.13 27.32
N ASN B 326 -34.14 -27.71 26.79
CA ASN B 326 -34.11 -28.13 25.38
C ASN B 326 -34.67 -29.53 25.12
N HIS B 327 -35.32 -30.11 26.12
CA HIS B 327 -36.11 -31.34 25.94
C HIS B 327 -37.55 -31.16 26.37
N SER B 328 -37.98 -29.91 26.53
CA SER B 328 -39.36 -29.57 26.82
C SER B 328 -39.97 -28.89 25.60
N PRO B 329 -41.31 -28.87 25.49
CA PRO B 329 -41.97 -28.27 24.35
C PRO B 329 -42.30 -26.80 24.56
N VAL B 330 -42.60 -26.08 23.48
CA VAL B 330 -42.86 -24.64 23.56
C VAL B 330 -44.03 -24.38 24.50
N PRO B 331 -43.85 -23.45 25.43
CA PRO B 331 -44.83 -23.20 26.48
C PRO B 331 -46.07 -22.45 25.99
N ILE B 332 -47.16 -23.16 25.76
CA ILE B 332 -48.42 -22.49 25.43
C ILE B 332 -49.04 -21.96 26.71
N ILE B 333 -49.58 -20.74 26.66
CA ILE B 333 -50.25 -20.14 27.82
C ILE B 333 -51.68 -19.75 27.43
N THR B 334 -52.61 -19.79 28.39
CA THR B 334 -54.02 -19.52 28.05
C THR B 334 -54.19 -18.02 27.73
N PRO B 335 -54.58 -17.70 26.48
CA PRO B 335 -54.53 -16.32 26.01
C PRO B 335 -55.67 -15.46 26.55
N THR B 336 -55.41 -14.16 26.70
CA THR B 336 -56.47 -13.21 27.02
C THR B 336 -57.08 -12.68 25.73
N ASP B 337 -56.27 -12.50 24.70
CA ASP B 337 -56.78 -12.09 23.40
C ASP B 337 -57.38 -13.33 22.75
N PRO B 338 -58.72 -13.45 22.76
CA PRO B 338 -59.38 -14.71 22.38
C PRO B 338 -59.05 -15.15 20.96
N ILE B 339 -58.93 -16.46 20.76
CA ILE B 339 -58.50 -17.02 19.46
C ILE B 339 -59.53 -16.82 18.34
N ASP B 340 -60.79 -16.63 18.71
CA ASP B 340 -61.89 -16.66 17.74
C ASP B 340 -62.25 -15.31 17.09
N ARG B 341 -61.57 -14.23 17.45
CA ARG B 341 -61.86 -12.91 16.88
C ARG B 341 -61.33 -12.80 15.47
N GLU B 342 -61.67 -11.71 14.79
CA GLU B 342 -61.12 -11.42 13.46
C GLU B 342 -60.05 -10.34 13.56
N ILE B 343 -59.21 -10.26 12.54
CA ILE B 343 -58.14 -9.27 12.50
C ILE B 343 -58.73 -7.98 11.96
N GLU B 344 -58.56 -6.89 12.72
CA GLU B 344 -59.17 -5.62 12.35
C GLU B 344 -58.28 -4.82 11.39
N PHE B 345 -56.97 -4.91 11.55
CA PHE B 345 -56.08 -4.32 10.55
C PHE B 345 -56.21 -5.06 9.22
N LEU B 346 -56.25 -4.29 8.14
CA LEU B 346 -56.43 -4.83 6.80
C LEU B 346 -55.29 -4.38 5.91
N PRO B 347 -54.34 -5.30 5.61
CA PRO B 347 -53.23 -4.94 4.76
C PRO B 347 -53.70 -4.35 3.44
N SER B 348 -53.08 -3.24 3.06
CA SER B 348 -53.51 -2.48 1.90
C SER B 348 -52.70 -2.83 0.66
N ARG B 349 -53.31 -2.65 -0.50
CA ARG B 349 -52.58 -2.78 -1.76
C ARG B 349 -51.37 -1.84 -1.73
N ALA B 350 -51.60 -0.62 -1.27
CA ALA B 350 -50.52 0.35 -1.06
C ALA B 350 -49.67 -0.09 0.11
N PRO B 351 -48.44 0.44 0.23
CA PRO B 351 -47.55 0.08 1.32
C PRO B 351 -48.07 0.44 2.72
N TYR B 352 -47.62 -0.30 3.73
CA TYR B 352 -47.99 -0.06 5.13
C TYR B 352 -46.92 -0.63 6.03
N ASP B 353 -46.97 -0.28 7.32
CA ASP B 353 -46.02 -0.80 8.29
C ASP B 353 -46.38 -2.24 8.63
N PRO B 354 -45.53 -3.21 8.23
CA PRO B 354 -45.83 -4.63 8.52
C PRO B 354 -46.25 -4.85 9.96
N ARG B 355 -45.49 -4.27 10.88
CA ARG B 355 -45.80 -4.34 12.31
C ARG B 355 -47.27 -4.13 12.63
N TRP B 356 -47.96 -3.33 11.82
CA TRP B 356 -49.38 -3.10 12.04
C TRP B 356 -50.20 -4.37 11.89
N MET B 357 -49.92 -5.15 10.86
CA MET B 357 -50.66 -6.41 10.66
C MET B 357 -50.28 -7.44 11.70
N LEU B 358 -49.09 -7.30 12.26
CA LEU B 358 -48.62 -8.19 13.32
C LEU B 358 -49.23 -7.79 14.66
N ALA B 359 -48.90 -6.59 15.12
CA ALA B 359 -49.19 -6.16 16.49
C ALA B 359 -50.47 -5.35 16.60
N GLY B 360 -50.97 -4.85 15.48
CA GLY B 360 -52.12 -3.95 15.50
C GLY B 360 -51.69 -2.49 15.64
N ARG B 361 -52.66 -1.60 15.72
CA ARG B 361 -52.37 -0.17 15.75
C ARG B 361 -53.47 0.66 16.40
N PRO B 362 -53.19 1.94 16.71
CA PRO B 362 -54.24 2.78 17.28
C PRO B 362 -55.27 3.12 16.22
N HIS B 363 -56.54 2.87 16.52
CA HIS B 363 -57.59 3.09 15.53
C HIS B 363 -57.53 4.54 15.06
N PRO B 364 -57.38 4.77 13.75
CA PRO B 364 -57.23 6.14 13.22
C PRO B 364 -58.51 7.01 13.33
N THR B 365 -59.66 6.38 13.08
CA THR B 365 -60.97 7.04 13.19
C THR B 365 -61.75 6.57 14.42
N LEU B 366 -61.10 6.63 15.59
CA LEU B 366 -61.76 6.31 16.87
C LEU B 366 -61.12 7.09 18.03
N LYS B 367 -61.65 6.90 19.23
CA LYS B 367 -61.16 7.61 20.41
C LYS B 367 -59.95 6.88 20.99
N GLY B 368 -60.20 5.74 21.64
CA GLY B 368 -59.13 4.92 22.23
C GLY B 368 -59.13 3.49 21.72
N THR B 369 -59.82 3.23 20.62
CA THR B 369 -59.93 1.88 20.08
C THR B 369 -58.58 1.39 19.54
N TRP B 370 -58.36 0.10 19.67
CA TRP B 370 -57.22 -0.57 19.07
C TRP B 370 -57.71 -1.34 17.85
N GLN B 371 -57.03 -1.16 16.72
CA GLN B 371 -57.21 -2.08 15.59
C GLN B 371 -56.37 -3.31 15.87
N SER B 372 -57.03 -4.46 15.99
CA SER B 372 -56.35 -5.73 16.20
C SER B 372 -55.42 -6.10 15.03
N GLY B 373 -54.34 -6.80 15.37
CA GLY B 373 -53.43 -7.40 14.39
C GLY B 373 -53.60 -8.90 14.35
N PHE B 374 -52.67 -9.59 13.72
CA PHE B 374 -52.77 -11.04 13.59
C PHE B 374 -52.47 -11.77 14.91
N PHE B 375 -51.42 -11.33 15.60
CA PHE B 375 -50.99 -12.02 16.80
C PHE B 375 -51.69 -11.48 18.04
N ASP B 376 -51.48 -12.15 19.17
CA ASP B 376 -52.04 -11.75 20.45
C ASP B 376 -51.63 -10.34 20.80
N HIS B 377 -52.51 -9.60 21.45
CA HIS B 377 -52.21 -8.21 21.78
C HIS B 377 -51.05 -8.08 22.76
N GLY B 378 -50.15 -7.14 22.47
CA GLY B 378 -48.97 -6.91 23.29
C GLY B 378 -47.87 -7.94 23.12
N SER B 379 -48.14 -9.02 22.39
CA SER B 379 -47.30 -10.19 22.41
C SER B 379 -46.10 -10.14 21.46
N PHE B 380 -46.21 -9.41 20.37
CA PHE B 380 -45.10 -9.33 19.42
C PHE B 380 -44.00 -8.40 19.93
N LYS B 381 -42.80 -8.94 20.04
CA LYS B 381 -41.64 -8.14 20.40
C LYS B 381 -40.61 -8.27 19.29
N GLU B 382 -40.14 -7.14 18.77
CA GLU B 382 -39.19 -7.17 17.66
C GLU B 382 -37.73 -7.38 18.09
N ILE B 383 -36.96 -8.07 17.24
CA ILE B 383 -35.50 -8.09 17.35
C ILE B 383 -34.83 -7.54 16.08
N MET B 384 -33.60 -7.07 16.24
CA MET B 384 -32.78 -6.53 15.13
C MET B 384 -33.54 -5.49 14.30
N ALA B 385 -34.29 -4.63 14.96
CA ALA B 385 -35.17 -3.67 14.27
C ALA B 385 -34.41 -2.78 13.30
N PRO B 386 -33.40 -2.06 13.79
CA PRO B 386 -32.77 -1.06 12.92
C PRO B 386 -31.89 -1.61 11.81
N TRP B 387 -31.57 -2.90 11.84
CA TRP B 387 -30.72 -3.50 10.82
C TRP B 387 -31.56 -4.18 9.74
N ALA B 388 -31.16 -4.01 8.48
CA ALA B 388 -31.77 -4.68 7.33
C ALA B 388 -33.28 -4.51 7.36
N GLN B 389 -33.71 -3.27 7.50
CA GLN B 389 -35.10 -2.95 7.82
C GLN B 389 -36.15 -3.42 6.81
N THR B 390 -35.69 -3.79 5.61
CA THR B 390 -36.50 -4.45 4.58
C THR B 390 -37.27 -5.69 5.07
N VAL B 391 -36.69 -6.40 6.02
CA VAL B 391 -37.35 -7.55 6.65
C VAL B 391 -37.54 -7.21 8.12
N VAL B 392 -38.55 -7.82 8.73
CA VAL B 392 -38.88 -7.65 10.17
C VAL B 392 -38.84 -9.00 10.91
N THR B 393 -38.07 -9.06 11.99
CA THR B 393 -37.88 -10.31 12.74
C THR B 393 -38.24 -10.13 14.21
N GLY B 394 -38.76 -11.17 14.82
CA GLY B 394 -39.20 -11.07 16.21
C GLY B 394 -40.02 -12.25 16.69
N ARG B 395 -40.56 -12.12 17.88
CA ARG B 395 -41.36 -13.17 18.49
C ARG B 395 -42.72 -12.65 18.90
N ALA B 396 -43.75 -13.47 18.69
CA ALA B 396 -45.11 -13.11 19.01
C ALA B 396 -45.81 -14.34 19.57
N ARG B 397 -47.10 -14.21 19.90
CA ARG B 397 -47.90 -15.35 20.35
C ARG B 397 -49.24 -15.43 19.62
N LEU B 398 -49.59 -16.63 19.18
CA LEU B 398 -50.85 -16.87 18.54
C LEU B 398 -51.63 -17.76 19.48
N GLY B 399 -52.71 -17.22 20.05
CA GLY B 399 -53.49 -17.92 21.06
C GLY B 399 -52.61 -18.49 22.15
N GLY B 400 -51.59 -17.73 22.53
CA GLY B 400 -50.67 -18.14 23.58
C GLY B 400 -49.57 -19.08 23.14
N ILE B 401 -49.64 -19.57 21.90
CA ILE B 401 -48.57 -20.37 21.33
C ILE B 401 -47.42 -19.43 20.96
N PRO B 402 -46.25 -19.58 21.59
CA PRO B 402 -45.12 -18.75 21.18
C PRO B 402 -44.68 -19.12 19.78
N VAL B 403 -44.04 -18.18 19.08
CA VAL B 403 -43.67 -18.40 17.68
C VAL B 403 -42.73 -17.31 17.18
N GLY B 404 -41.68 -17.72 16.49
CA GLY B 404 -40.82 -16.79 15.78
C GLY B 404 -41.56 -16.19 14.60
N VAL B 405 -41.28 -14.93 14.27
CA VAL B 405 -42.03 -14.19 13.27
C VAL B 405 -41.14 -13.53 12.24
N ILE B 406 -41.43 -13.74 10.96
CA ILE B 406 -40.73 -13.02 9.90
C ILE B 406 -41.77 -12.35 9.02
N ALA B 407 -41.59 -11.04 8.83
CA ALA B 407 -42.48 -10.23 8.02
C ALA B 407 -41.66 -9.33 7.09
N VAL B 408 -42.26 -8.90 5.98
CA VAL B 408 -41.58 -8.09 4.97
C VAL B 408 -42.03 -6.64 5.05
N GLU B 409 -41.13 -5.70 4.77
CA GLU B 409 -41.46 -4.29 4.70
C GLU B 409 -41.99 -3.96 3.31
N THR B 410 -42.97 -3.06 3.25
CA THR B 410 -43.53 -2.62 1.96
C THR B 410 -43.25 -1.15 1.64
N ARG B 411 -43.07 -0.31 2.65
CA ARG B 411 -42.60 1.06 2.45
C ARG B 411 -41.14 1.04 2.02
N THR B 412 -40.65 2.16 1.49
CA THR B 412 -39.22 2.28 1.12
C THR B 412 -38.38 2.48 2.37
N VAL B 413 -37.21 1.87 2.39
CA VAL B 413 -36.34 1.89 3.54
C VAL B 413 -35.15 2.83 3.32
N GLU B 414 -34.78 3.56 4.36
CA GLU B 414 -33.62 4.44 4.32
C GLU B 414 -32.60 4.03 5.38
N VAL B 415 -31.46 3.49 4.94
CA VAL B 415 -30.36 3.14 5.85
C VAL B 415 -29.33 4.27 5.82
N ALA B 416 -29.04 4.81 7.00
CA ALA B 416 -28.18 5.97 7.13
C ALA B 416 -26.79 5.51 7.54
N VAL B 417 -26.02 5.04 6.56
CA VAL B 417 -24.69 4.50 6.78
C VAL B 417 -23.74 5.62 7.25
N PRO B 418 -22.92 5.35 8.29
CA PRO B 418 -22.15 6.41 8.93
C PRO B 418 -20.75 6.56 8.35
N ALA B 419 -20.21 7.78 8.41
CA ALA B 419 -18.91 8.09 7.82
C ALA B 419 -17.81 7.45 8.64
N ASP B 420 -16.90 6.78 7.96
CA ASP B 420 -15.75 6.15 8.59
C ASP B 420 -14.73 7.25 8.93
N PRO B 421 -14.51 7.52 10.24
CA PRO B 421 -13.57 8.56 10.65
C PRO B 421 -12.15 8.33 10.16
N ALA B 422 -11.78 7.05 10.03
CA ALA B 422 -10.45 6.65 9.55
C ALA B 422 -10.25 6.90 8.05
N ASN B 423 -11.34 7.14 7.31
CA ASN B 423 -11.24 7.46 5.88
C ASN B 423 -11.65 8.91 5.62
N LEU B 424 -10.65 9.74 5.31
CA LEU B 424 -10.87 11.16 5.01
C LEU B 424 -11.87 11.37 3.87
N ASP B 425 -11.91 10.45 2.92
CA ASP B 425 -12.84 10.60 1.79
C ASP B 425 -14.31 10.38 2.17
N SER B 426 -14.59 9.35 2.98
CA SER B 426 -15.98 8.96 3.26
C SER B 426 -16.72 9.96 4.18
N GLU B 427 -17.77 10.56 3.64
CA GLU B 427 -18.78 11.22 4.45
C GLU B 427 -19.97 10.26 4.60
N ALA B 428 -20.91 10.59 5.48
CA ALA B 428 -22.10 9.75 5.68
C ALA B 428 -22.92 9.66 4.39
N LYS B 429 -23.72 8.61 4.28
CA LYS B 429 -24.53 8.38 3.08
C LYS B 429 -25.94 7.92 3.44
N ILE B 430 -26.86 8.07 2.50
CA ILE B 430 -28.24 7.62 2.68
C ILE B 430 -28.60 6.67 1.54
N ILE B 431 -28.81 5.39 1.87
CA ILE B 431 -29.18 4.39 0.88
C ILE B 431 -30.67 4.11 0.92
N GLN B 432 -31.31 4.19 -0.24
CA GLN B 432 -32.69 3.74 -0.39
C GLN B 432 -32.67 2.24 -0.62
N GLN B 433 -33.61 1.53 0.02
CA GLN B 433 -33.78 0.09 -0.15
C GLN B 433 -35.25 -0.21 -0.46
N ALA B 434 -35.50 -0.74 -1.66
CA ALA B 434 -36.87 -1.03 -2.08
C ALA B 434 -37.54 -2.03 -1.14
N GLY B 435 -38.86 -1.93 -1.00
CA GLY B 435 -39.62 -2.88 -0.21
C GLY B 435 -39.82 -4.18 -0.96
N GLN B 436 -40.38 -5.17 -0.29
CA GLN B 436 -40.69 -6.47 -0.88
C GLN B 436 -39.49 -7.09 -1.60
N VAL B 437 -38.27 -6.79 -1.14
CA VAL B 437 -37.06 -7.30 -1.77
C VAL B 437 -36.03 -7.74 -0.75
N TRP B 438 -35.44 -8.91 -0.99
CA TRP B 438 -34.32 -9.37 -0.20
C TRP B 438 -33.04 -8.68 -0.67
N PHE B 439 -32.21 -8.31 0.31
CA PHE B 439 -30.91 -7.72 0.06
C PHE B 439 -29.85 -8.56 0.77
N PRO B 440 -28.56 -8.27 0.50
CA PRO B 440 -27.53 -8.95 1.26
C PRO B 440 -27.72 -8.89 2.79
N ASP B 441 -28.42 -7.87 3.30
CA ASP B 441 -28.71 -7.78 4.73
C ASP B 441 -30.07 -8.38 5.13
N SER B 442 -31.11 -8.17 4.33
CA SER B 442 -32.43 -8.75 4.64
C SER B 442 -32.35 -10.27 4.61
N ALA B 443 -31.68 -10.79 3.58
CA ALA B 443 -31.39 -12.20 3.48
C ALA B 443 -30.62 -12.66 4.71
N TYR B 444 -29.50 -12.00 5.00
CA TYR B 444 -28.67 -12.39 6.14
C TYR B 444 -29.53 -12.38 7.39
N LYS B 445 -30.21 -11.26 7.65
CA LYS B 445 -31.06 -11.13 8.83
C LYS B 445 -32.09 -12.24 8.87
N THR B 446 -32.74 -12.49 7.74
CA THR B 446 -33.74 -13.54 7.64
C THR B 446 -33.19 -14.89 8.06
N ALA B 447 -32.12 -15.36 7.42
CA ALA B 447 -31.49 -16.65 7.77
C ALA B 447 -30.91 -16.67 9.20
N GLN B 448 -30.54 -15.49 9.70
CA GLN B 448 -29.98 -15.36 11.04
C GLN B 448 -31.08 -15.50 12.08
N ALA B 449 -32.23 -14.92 11.79
CA ALA B 449 -33.41 -15.11 12.61
C ALA B 449 -33.83 -16.58 12.58
N ILE B 450 -33.83 -17.19 11.39
CA ILE B 450 -34.22 -18.59 11.25
C ILE B 450 -33.34 -19.52 12.09
N LYS B 451 -32.03 -19.29 12.10
CA LYS B 451 -31.12 -20.14 12.86
C LYS B 451 -31.27 -19.85 14.35
N ASP B 452 -31.34 -18.59 14.73
CA ASP B 452 -31.54 -18.25 16.15
C ASP B 452 -32.79 -18.92 16.69
N PHE B 453 -33.91 -18.73 16.01
CA PHE B 453 -35.20 -19.26 16.47
C PHE B 453 -35.24 -20.79 16.49
N ASN B 454 -34.64 -21.42 15.49
CA ASN B 454 -34.61 -22.89 15.43
C ASN B 454 -33.95 -23.52 16.67
N ARG B 455 -32.95 -22.84 17.22
CA ARG B 455 -32.27 -23.30 18.44
C ARG B 455 -33.08 -23.06 19.71
N GLU B 456 -34.01 -22.12 19.66
CA GLU B 456 -34.95 -21.94 20.76
C GLU B 456 -36.08 -23.00 20.74
N LYS B 457 -36.08 -23.84 19.69
CA LYS B 457 -37.09 -24.87 19.50
C LYS B 457 -38.49 -24.26 19.34
N LEU B 458 -38.55 -23.09 18.72
CA LEU B 458 -39.82 -22.38 18.44
C LEU B 458 -40.39 -22.77 17.07
N PRO B 459 -41.69 -22.59 16.89
CA PRO B 459 -42.21 -22.65 15.53
C PRO B 459 -41.99 -21.34 14.81
N LEU B 460 -41.98 -21.37 13.48
CA LEU B 460 -41.75 -20.17 12.67
C LEU B 460 -42.99 -19.81 11.90
N MET B 461 -43.20 -18.51 11.71
CA MET B 461 -44.30 -18.00 10.91
C MET B 461 -43.79 -16.90 9.99
N ILE B 462 -43.77 -17.19 8.70
CA ILE B 462 -43.28 -16.25 7.68
C ILE B 462 -44.47 -15.64 6.95
N PHE B 463 -44.74 -14.36 7.21
CA PHE B 463 -45.76 -13.63 6.49
C PHE B 463 -45.08 -13.07 5.26
N ALA B 464 -45.01 -13.93 4.25
CA ALA B 464 -44.17 -13.71 3.09
C ALA B 464 -44.74 -12.65 2.15
N ASN B 465 -43.87 -11.81 1.63
CA ASN B 465 -44.26 -10.75 0.71
C ASN B 465 -43.03 -10.24 -0.04
N TRP B 466 -42.53 -11.08 -0.96
CA TRP B 466 -41.28 -10.81 -1.66
C TRP B 466 -41.42 -10.93 -3.17
N ARG B 467 -40.92 -9.92 -3.87
CA ARG B 467 -40.89 -9.90 -5.34
C ARG B 467 -39.62 -10.53 -5.90
N GLY B 468 -38.62 -10.71 -5.04
CA GLY B 468 -37.39 -11.41 -5.41
C GLY B 468 -36.18 -10.91 -4.67
N PHE B 469 -35.01 -11.47 -5.02
CA PHE B 469 -33.73 -10.98 -4.51
C PHE B 469 -33.28 -9.77 -5.31
N SER B 470 -32.64 -8.82 -4.64
CA SER B 470 -32.09 -7.66 -5.31
C SER B 470 -30.94 -8.09 -6.20
N GLY B 471 -31.21 -8.19 -7.49
CA GLY B 471 -30.17 -8.43 -8.49
C GLY B 471 -29.42 -7.15 -8.77
N GLY B 472 -28.72 -7.08 -9.89
CA GLY B 472 -27.94 -5.89 -10.19
C GLY B 472 -26.60 -5.91 -9.50
N MET B 473 -25.65 -5.20 -10.11
CA MET B 473 -24.23 -5.36 -9.80
C MET B 473 -23.87 -5.18 -8.32
N LYS B 474 -24.13 -4.01 -7.75
CA LYS B 474 -23.65 -3.72 -6.40
C LYS B 474 -24.11 -4.77 -5.41
N ASP B 475 -25.38 -5.12 -5.45
CA ASP B 475 -25.89 -6.17 -4.57
C ASP B 475 -25.34 -7.56 -4.92
N MET B 476 -25.07 -7.85 -6.19
CA MET B 476 -24.44 -9.13 -6.59
C MET B 476 -22.98 -9.21 -6.19
N TYR B 477 -22.27 -8.11 -6.40
CA TYR B 477 -20.92 -7.96 -5.89
C TYR B 477 -20.93 -8.11 -4.38
N ASP B 478 -21.97 -7.58 -3.74
CA ASP B 478 -22.12 -7.67 -2.29
C ASP B 478 -22.76 -8.98 -1.85
N GLN B 479 -22.46 -10.03 -2.60
CA GLN B 479 -22.68 -11.41 -2.18
C GLN B 479 -24.13 -11.79 -1.83
N VAL B 480 -25.11 -11.17 -2.47
CA VAL B 480 -26.52 -11.47 -2.16
C VAL B 480 -26.77 -12.95 -2.37
N LEU B 481 -26.20 -13.49 -3.43
CA LEU B 481 -26.39 -14.87 -3.80
C LEU B 481 -25.96 -15.83 -2.70
N LYS B 482 -24.98 -15.44 -1.90
CA LYS B 482 -24.53 -16.29 -0.77
C LYS B 482 -25.58 -16.32 0.35
N PHE B 483 -26.05 -15.15 0.75
CA PHE B 483 -26.99 -15.06 1.86
C PHE B 483 -28.36 -15.57 1.47
N GLY B 484 -28.72 -15.42 0.20
CA GLY B 484 -29.95 -16.01 -0.33
C GLY B 484 -29.94 -17.51 -0.14
N ALA B 485 -28.82 -18.14 -0.49
CA ALA B 485 -28.65 -19.56 -0.22
C ALA B 485 -28.80 -19.90 1.27
N TYR B 486 -28.29 -19.06 2.17
CA TYR B 486 -28.36 -19.37 3.60
C TYR B 486 -29.82 -19.54 4.11
N ILE B 487 -30.76 -18.86 3.47
CA ILE B 487 -32.16 -19.02 3.85
C ILE B 487 -32.59 -20.47 3.58
N VAL B 488 -32.09 -21.06 2.51
CA VAL B 488 -32.42 -22.44 2.16
C VAL B 488 -31.92 -23.39 3.26
N ASP B 489 -30.62 -23.28 3.56
CA ASP B 489 -29.99 -24.10 4.61
C ASP B 489 -30.79 -23.99 5.91
N GLY B 490 -31.19 -22.78 6.26
CA GLY B 490 -31.84 -22.50 7.55
C GLY B 490 -33.19 -23.15 7.73
N LEU B 491 -34.00 -23.14 6.67
CA LEU B 491 -35.31 -23.78 6.69
C LEU B 491 -35.18 -25.29 6.44
N ARG B 492 -34.12 -25.69 5.74
CA ARG B 492 -33.86 -27.10 5.51
C ARG B 492 -33.58 -27.79 6.84
N GLN B 493 -32.87 -27.09 7.71
CA GLN B 493 -32.45 -27.64 8.99
C GLN B 493 -33.47 -27.38 10.11
N TYR B 494 -34.60 -26.79 9.78
CA TYR B 494 -35.58 -26.43 10.80
C TYR B 494 -36.26 -27.70 11.30
N LYS B 495 -36.51 -27.75 12.61
CA LYS B 495 -37.07 -28.93 13.27
C LYS B 495 -38.42 -28.71 13.96
N GLN B 496 -38.99 -27.52 13.79
CA GLN B 496 -40.34 -27.21 14.31
C GLN B 496 -41.25 -26.88 13.12
N PRO B 497 -42.53 -26.57 13.38
CA PRO B 497 -43.37 -26.21 12.24
C PRO B 497 -43.06 -24.84 11.68
N ILE B 498 -43.03 -24.75 10.35
CA ILE B 498 -42.90 -23.48 9.64
C ILE B 498 -44.19 -23.25 8.86
N LEU B 499 -44.94 -22.20 9.20
CA LEU B 499 -46.15 -21.86 8.49
C LEU B 499 -45.88 -20.62 7.63
N ILE B 500 -45.93 -20.77 6.31
CA ILE B 500 -45.79 -19.61 5.42
C ILE B 500 -47.20 -19.17 5.02
N TYR B 501 -47.47 -17.88 5.18
CA TYR B 501 -48.74 -17.32 4.76
C TYR B 501 -48.45 -16.07 3.93
N ILE B 502 -48.93 -16.06 2.69
CA ILE B 502 -48.90 -14.86 1.87
C ILE B 502 -50.16 -14.07 2.24
N PRO B 503 -50.01 -12.96 2.97
CA PRO B 503 -51.20 -12.25 3.39
C PRO B 503 -51.95 -11.59 2.22
N PRO B 504 -53.06 -10.91 2.50
CA PRO B 504 -53.76 -10.16 1.45
C PRO B 504 -52.86 -9.16 0.75
N TYR B 505 -53.05 -9.02 -0.56
CA TYR B 505 -52.28 -8.11 -1.40
C TYR B 505 -50.77 -8.28 -1.24
N ALA B 506 -50.35 -9.48 -0.82
CA ALA B 506 -48.93 -9.80 -0.72
C ALA B 506 -48.62 -10.69 -1.90
N GLU B 507 -47.34 -10.75 -2.26
CA GLU B 507 -46.91 -11.60 -3.36
C GLU B 507 -45.63 -12.38 -3.03
N LEU B 508 -45.48 -13.51 -3.69
CA LEU B 508 -44.31 -14.35 -3.56
C LEU B 508 -43.91 -14.73 -4.97
N ARG B 509 -42.73 -14.29 -5.40
CA ARG B 509 -42.31 -14.38 -6.79
C ARG B 509 -40.95 -15.01 -6.92
N GLY B 510 -40.67 -15.52 -8.11
CA GLY B 510 -39.31 -15.90 -8.51
C GLY B 510 -38.44 -16.60 -7.48
N GLY B 511 -37.21 -16.13 -7.34
CA GLY B 511 -36.24 -16.73 -6.42
C GLY B 511 -36.69 -16.67 -4.96
N SER B 512 -37.50 -15.68 -4.63
CA SER B 512 -38.08 -15.59 -3.30
C SER B 512 -39.03 -16.76 -2.99
N TRP B 513 -39.76 -17.25 -4.00
CA TRP B 513 -40.50 -18.48 -3.79
C TRP B 513 -39.52 -19.62 -3.52
N VAL B 514 -38.52 -19.73 -4.39
CA VAL B 514 -37.62 -20.88 -4.40
C VAL B 514 -36.94 -21.17 -3.05
N VAL B 515 -36.34 -20.15 -2.44
CA VAL B 515 -35.61 -20.31 -1.18
C VAL B 515 -36.48 -20.47 0.07
N ILE B 516 -37.80 -20.46 -0.10
CA ILE B 516 -38.76 -20.51 1.01
C ILE B 516 -39.83 -21.61 0.79
N ASP B 517 -39.62 -22.48 -0.20
CA ASP B 517 -40.65 -23.43 -0.60
C ASP B 517 -40.83 -24.54 0.43
N ALA B 518 -41.97 -25.21 0.40
CA ALA B 518 -42.23 -26.33 1.32
C ALA B 518 -41.35 -27.56 1.06
N THR B 519 -41.05 -27.83 -0.21
CA THR B 519 -40.27 -29.02 -0.57
C THR B 519 -38.85 -28.99 0.03
N ILE B 520 -38.37 -27.79 0.38
CA ILE B 520 -37.09 -27.65 1.09
C ILE B 520 -37.11 -28.41 2.43
N ASN B 521 -38.26 -28.43 3.09
CA ASN B 521 -38.41 -29.12 4.35
C ASN B 521 -39.86 -29.55 4.46
N PRO B 522 -40.20 -30.63 3.76
CA PRO B 522 -41.59 -31.06 3.61
C PRO B 522 -42.21 -31.57 4.90
N LEU B 523 -41.40 -31.99 5.86
CA LEU B 523 -41.93 -32.42 7.15
C LEU B 523 -42.31 -31.26 8.08
N CYS B 524 -41.89 -30.04 7.76
CA CYS B 524 -42.17 -28.88 8.62
C CYS B 524 -42.92 -27.70 7.99
N ILE B 525 -42.72 -27.46 6.70
CA ILE B 525 -43.19 -26.23 6.05
C ILE B 525 -44.55 -26.41 5.37
N GLU B 526 -45.56 -25.72 5.88
CA GLU B 526 -46.86 -25.63 5.23
C GLU B 526 -47.09 -24.23 4.67
N MET B 527 -47.55 -24.18 3.42
CA MET B 527 -47.68 -22.91 2.68
C MET B 527 -49.14 -22.53 2.44
N TYR B 528 -49.49 -21.28 2.74
CA TYR B 528 -50.86 -20.78 2.57
C TYR B 528 -50.88 -19.42 1.86
N ALA B 529 -51.84 -19.24 0.95
CA ALA B 529 -51.98 -17.98 0.21
C ALA B 529 -53.35 -17.38 0.48
N ASP B 530 -53.37 -16.10 0.87
CA ASP B 530 -54.63 -15.40 1.11
C ASP B 530 -55.42 -15.24 -0.19
N LYS B 531 -56.75 -15.18 -0.07
CA LYS B 531 -57.66 -15.06 -1.22
C LYS B 531 -57.22 -13.92 -2.15
N GLU B 532 -56.75 -12.83 -1.56
CA GLU B 532 -56.27 -11.67 -2.31
C GLU B 532 -54.75 -11.62 -2.45
N SER B 533 -54.06 -12.74 -2.24
CA SER B 533 -52.60 -12.79 -2.41
C SER B 533 -52.28 -13.19 -3.85
N ARG B 534 -50.99 -13.16 -4.20
CA ARG B 534 -50.54 -13.44 -5.55
C ARG B 534 -49.17 -14.13 -5.57
N GLY B 535 -48.90 -14.91 -6.60
CA GLY B 535 -47.65 -15.65 -6.69
C GLY B 535 -47.39 -16.27 -8.05
N GLY B 536 -46.11 -16.34 -8.42
CA GLY B 536 -45.72 -16.83 -9.74
C GLY B 536 -44.28 -16.52 -10.09
N VAL B 537 -43.85 -17.03 -11.25
CA VAL B 537 -42.44 -16.94 -11.65
C VAL B 537 -42.03 -15.50 -11.85
N LEU B 538 -42.71 -14.78 -12.75
CA LEU B 538 -42.45 -13.34 -12.97
C LEU B 538 -43.59 -12.50 -12.41
N GLU B 539 -43.37 -11.19 -12.33
CA GLU B 539 -44.47 -10.24 -12.14
C GLU B 539 -45.28 -10.21 -13.44
N PRO B 540 -46.57 -9.81 -13.34
CA PRO B 540 -47.40 -9.88 -14.55
C PRO B 540 -46.88 -8.92 -15.62
N GLU B 541 -46.39 -7.77 -15.18
CA GLU B 541 -45.75 -6.80 -16.06
C GLU B 541 -44.62 -7.47 -16.87
N GLY B 542 -43.87 -8.35 -16.20
CA GLY B 542 -42.74 -9.07 -16.80
C GLY B 542 -43.13 -10.28 -17.64
N THR B 543 -44.12 -11.04 -17.18
CA THR B 543 -44.70 -12.13 -17.97
C THR B 543 -45.09 -11.63 -19.35
N VAL B 544 -45.83 -10.51 -19.36
CA VAL B 544 -46.30 -9.88 -20.60
C VAL B 544 -45.15 -9.45 -21.47
N GLU B 545 -44.10 -8.90 -20.87
CA GLU B 545 -42.93 -8.50 -21.62
C GLU B 545 -42.33 -9.66 -22.42
N ILE B 546 -42.47 -10.88 -21.91
CA ILE B 546 -41.87 -12.06 -22.54
C ILE B 546 -42.86 -12.83 -23.40
N LYS B 547 -44.06 -13.09 -22.87
CA LYS B 547 -45.00 -14.00 -23.52
C LYS B 547 -46.27 -13.34 -24.08
N PHE B 548 -46.37 -12.00 -24.01
CA PHE B 548 -47.50 -11.27 -24.62
C PHE B 548 -46.96 -9.96 -25.23
N ARG B 549 -46.34 -10.08 -26.41
CA ARG B 549 -45.59 -8.99 -27.01
C ARG B 549 -46.40 -8.23 -28.04
N LYS B 550 -45.79 -7.21 -28.65
CA LYS B 550 -46.50 -6.31 -29.58
C LYS B 550 -47.26 -7.09 -30.67
N LYS B 551 -46.55 -7.90 -31.44
CA LYS B 551 -47.18 -8.72 -32.48
C LYS B 551 -48.46 -9.40 -31.98
N ASP B 552 -48.42 -9.88 -30.73
CA ASP B 552 -49.54 -10.60 -30.12
C ASP B 552 -50.67 -9.67 -29.67
N LEU B 553 -50.31 -8.50 -29.13
CA LEU B 553 -51.30 -7.45 -28.84
C LEU B 553 -52.04 -7.05 -30.10
N ILE B 554 -51.33 -7.05 -31.23
CA ILE B 554 -51.95 -6.75 -32.51
C ILE B 554 -52.94 -7.84 -32.89
N LYS B 555 -52.53 -9.09 -32.72
CA LYS B 555 -53.41 -10.25 -32.99
C LYS B 555 -54.72 -10.17 -32.18
N SER B 556 -54.62 -9.68 -30.94
CA SER B 556 -55.79 -9.49 -30.09
C SER B 556 -56.73 -8.45 -30.68
N MET B 557 -56.18 -7.32 -31.12
CA MET B 557 -56.98 -6.21 -31.68
C MET B 557 -57.72 -6.63 -32.95
N ARG B 558 -57.03 -7.38 -33.82
CA ARG B 558 -57.65 -7.95 -35.03
C ARG B 558 -58.87 -8.77 -34.67
N ARG B 559 -58.76 -9.48 -33.56
CA ARG B 559 -59.81 -10.37 -33.08
C ARG B 559 -60.97 -9.60 -32.44
N ILE B 560 -60.66 -8.59 -31.63
CA ILE B 560 -61.60 -8.10 -30.62
C ILE B 560 -61.93 -6.60 -30.69
N ASP B 561 -61.36 -5.86 -31.63
CA ASP B 561 -61.62 -4.43 -31.75
C ASP B 561 -62.43 -4.10 -33.00
N PRO B 562 -63.68 -3.64 -32.85
CA PRO B 562 -64.56 -3.39 -33.99
C PRO B 562 -64.07 -2.32 -34.95
N ALA B 563 -63.60 -1.21 -34.40
CA ALA B 563 -63.03 -0.11 -35.19
C ALA B 563 -61.87 -0.62 -36.05
N TYR B 564 -60.91 -1.27 -35.39
CA TYR B 564 -59.75 -1.86 -36.05
C TYR B 564 -60.17 -2.90 -37.10
N LYS B 565 -61.11 -3.75 -36.71
CA LYS B 565 -61.60 -4.84 -37.56
C LYS B 565 -62.33 -4.30 -38.80
N LYS B 566 -63.02 -3.17 -38.64
CA LYS B 566 -63.71 -2.50 -39.75
C LYS B 566 -62.74 -1.89 -40.75
N LEU B 567 -61.58 -1.43 -40.30
CA LEU B 567 -60.58 -0.84 -41.19
C LEU B 567 -60.05 -1.87 -42.16
N MET B 568 -59.59 -3.00 -41.62
CA MET B 568 -59.11 -4.13 -42.42
C MET B 568 -60.10 -4.52 -43.50
N GLU B 569 -61.35 -4.70 -43.09
CA GLU B 569 -62.45 -4.99 -44.00
C GLU B 569 -62.49 -4.07 -45.23
N GLN B 570 -62.12 -2.81 -45.04
CA GLN B 570 -62.14 -1.81 -46.11
C GLN B 570 -61.00 -2.00 -47.12
N LEU B 571 -59.80 -2.24 -46.61
CA LEU B 571 -58.64 -2.55 -47.45
C LEU B 571 -58.76 -3.93 -48.09
N GLY B 572 -59.67 -4.74 -47.55
CA GLY B 572 -59.96 -6.07 -48.07
C GLY B 572 -60.73 -6.10 -49.38
N GLU B 573 -61.15 -4.93 -49.88
CA GLU B 573 -61.79 -4.84 -51.20
C GLU B 573 -60.85 -4.15 -52.21
N PRO B 574 -59.55 -4.56 -52.26
CA PRO B 574 -58.53 -3.82 -53.04
C PRO B 574 -58.95 -3.52 -54.48
N ASP B 575 -59.59 -2.37 -54.64
CA ASP B 575 -60.07 -1.85 -55.91
C ASP B 575 -60.23 -0.34 -55.77
N LEU B 576 -59.26 0.28 -55.09
CA LEU B 576 -59.33 1.69 -54.68
C LEU B 576 -58.07 2.41 -55.10
N SER B 577 -58.02 3.71 -54.84
CA SER B 577 -56.90 4.53 -55.26
C SER B 577 -55.83 4.45 -54.19
N ASP B 578 -54.60 4.80 -54.56
CA ASP B 578 -53.48 4.75 -53.61
C ASP B 578 -53.69 5.78 -52.49
N LYS B 579 -54.47 6.82 -52.80
CA LYS B 579 -54.99 7.77 -51.80
C LYS B 579 -55.70 7.00 -50.68
N ASP B 580 -56.71 6.22 -51.05
CA ASP B 580 -57.48 5.42 -50.10
C ASP B 580 -56.64 4.32 -49.46
N ARG B 581 -55.74 3.72 -50.23
CA ARG B 581 -54.87 2.66 -49.74
C ARG B 581 -53.90 3.21 -48.69
N LYS B 582 -53.29 4.37 -48.97
CA LYS B 582 -52.37 5.02 -48.02
C LYS B 582 -53.10 5.59 -46.80
N ASP B 583 -54.34 6.03 -47.00
CA ASP B 583 -55.14 6.63 -45.92
C ASP B 583 -55.51 5.60 -44.86
N LEU B 584 -56.23 4.56 -45.28
CA LEU B 584 -56.69 3.52 -44.37
C LEU B 584 -55.51 2.81 -43.70
N GLU B 585 -54.38 2.70 -44.41
CA GLU B 585 -53.14 2.19 -43.82
C GLU B 585 -52.67 3.10 -42.68
N GLY B 586 -52.77 4.41 -42.91
CA GLY B 586 -52.46 5.40 -41.89
C GLY B 586 -53.41 5.30 -40.71
N ARG B 587 -54.71 5.24 -41.01
CA ARG B 587 -55.76 5.11 -39.98
C ARG B 587 -55.58 3.87 -39.10
N LEU B 588 -55.30 2.74 -39.72
CA LEU B 588 -55.13 1.48 -38.99
C LEU B 588 -53.92 1.56 -38.06
N LYS B 589 -52.84 2.19 -38.50
CA LYS B 589 -51.68 2.45 -37.64
C LYS B 589 -52.05 3.39 -36.50
N ALA B 590 -52.87 4.39 -36.81
CA ALA B 590 -53.41 5.31 -35.81
C ALA B 590 -54.14 4.53 -34.73
N ARG B 591 -55.06 3.68 -35.17
CA ARG B 591 -55.87 2.90 -34.25
C ARG B 591 -55.05 1.94 -33.38
N GLU B 592 -53.99 1.36 -33.93
CA GLU B 592 -53.17 0.41 -33.15
C GLU B 592 -52.23 1.10 -32.15
N ASP B 593 -51.82 2.32 -32.47
CA ASP B 593 -51.04 3.14 -31.55
C ASP B 593 -51.90 3.54 -30.36
N LEU B 594 -53.13 3.97 -30.64
CA LEU B 594 -54.10 4.33 -29.61
C LEU B 594 -54.33 3.17 -28.65
N LEU B 595 -54.47 1.97 -29.19
CA LEU B 595 -54.89 0.79 -28.42
C LEU B 595 -53.77 0.00 -27.72
N LEU B 596 -52.55 0.08 -28.23
CA LEU B 596 -51.44 -0.71 -27.65
C LEU B 596 -51.26 -0.56 -26.13
N PRO B 597 -51.34 0.68 -25.59
CA PRO B 597 -51.24 0.87 -24.15
C PRO B 597 -52.45 0.32 -23.41
N ILE B 598 -53.61 0.34 -24.06
CA ILE B 598 -54.83 -0.20 -23.47
C ILE B 598 -54.78 -1.72 -23.47
N TYR B 599 -54.32 -2.29 -24.58
CA TYR B 599 -54.23 -3.74 -24.70
C TYR B 599 -53.09 -4.31 -23.88
N HIS B 600 -52.04 -3.54 -23.65
CA HIS B 600 -51.00 -3.94 -22.70
C HIS B 600 -51.63 -4.16 -21.32
N GLN B 601 -52.54 -3.27 -20.93
CA GLN B 601 -53.22 -3.40 -19.64
C GLN B 601 -54.09 -4.65 -19.57
N VAL B 602 -54.80 -4.94 -20.66
CA VAL B 602 -55.61 -6.15 -20.71
C VAL B 602 -54.72 -7.40 -20.68
N ALA B 603 -53.54 -7.32 -21.31
CA ALA B 603 -52.60 -8.46 -21.34
C ALA B 603 -51.96 -8.73 -19.98
N VAL B 604 -51.66 -7.68 -19.21
CA VAL B 604 -51.09 -7.87 -17.88
C VAL B 604 -52.12 -8.52 -16.96
N GLN B 605 -53.38 -8.09 -17.10
CA GLN B 605 -54.48 -8.64 -16.30
C GLN B 605 -54.70 -10.11 -16.61
N PHE B 606 -54.53 -10.47 -17.88
CA PHE B 606 -54.63 -11.85 -18.34
C PHE B 606 -53.50 -12.67 -17.73
N ALA B 607 -52.29 -12.10 -17.74
CA ALA B 607 -51.15 -12.70 -17.08
C ALA B 607 -51.43 -12.86 -15.59
N ASP B 608 -52.02 -11.83 -14.99
CA ASP B 608 -52.29 -11.80 -13.56
C ASP B 608 -53.23 -12.92 -13.14
N PHE B 609 -54.19 -13.25 -13.99
CA PHE B 609 -55.14 -14.30 -13.66
C PHE B 609 -54.48 -15.67 -13.55
N HIS B 610 -53.23 -15.81 -14.03
CA HIS B 610 -52.47 -17.04 -13.81
C HIS B 610 -51.89 -17.08 -12.41
N ASP B 611 -51.51 -15.91 -11.90
CA ASP B 611 -50.80 -15.81 -10.62
C ASP B 611 -51.71 -15.98 -9.38
N THR B 612 -52.93 -16.46 -9.58
CA THR B 612 -53.93 -16.44 -8.52
C THR B 612 -53.68 -17.55 -7.48
N PRO B 613 -54.20 -17.36 -6.25
CA PRO B 613 -54.20 -18.42 -5.26
C PRO B 613 -55.05 -19.61 -5.72
N GLY B 614 -56.03 -19.35 -6.58
CA GLY B 614 -56.76 -20.41 -7.22
C GLY B 614 -55.85 -21.41 -7.89
N ARG B 615 -54.90 -20.91 -8.68
CA ARG B 615 -54.02 -21.78 -9.45
C ARG B 615 -53.01 -22.50 -8.57
N MET B 616 -52.40 -21.74 -7.65
CA MET B 616 -51.49 -22.32 -6.65
C MET B 616 -52.10 -23.59 -6.06
N LEU B 617 -53.38 -23.51 -5.72
CA LEU B 617 -54.10 -24.60 -5.08
C LEU B 617 -54.35 -25.78 -6.05
N GLU B 618 -54.73 -25.48 -7.29
CA GLU B 618 -54.93 -26.53 -8.30
C GLU B 618 -53.64 -27.24 -8.64
N LYS B 619 -52.55 -26.49 -8.77
CA LYS B 619 -51.24 -27.09 -9.01
C LYS B 619 -50.56 -27.61 -7.73
N GLY B 620 -51.19 -27.40 -6.58
CA GLY B 620 -50.78 -28.06 -5.34
C GLY B 620 -49.54 -27.49 -4.67
N VAL B 621 -49.18 -26.27 -5.02
CA VAL B 621 -48.05 -25.62 -4.37
C VAL B 621 -48.41 -25.16 -2.95
N ILE B 622 -49.68 -24.82 -2.73
CA ILE B 622 -50.16 -24.38 -1.40
C ILE B 622 -51.08 -25.40 -0.73
N SER B 623 -51.16 -25.33 0.60
CA SER B 623 -51.92 -26.27 1.40
C SER B 623 -53.39 -25.88 1.52
N ASP B 624 -53.68 -24.58 1.43
CA ASP B 624 -55.06 -24.09 1.46
C ASP B 624 -55.09 -22.60 1.11
N ILE B 625 -56.22 -22.11 0.56
CA ILE B 625 -56.47 -20.65 0.42
C ILE B 625 -57.17 -20.15 1.69
N LEU B 626 -56.76 -18.97 2.17
CA LEU B 626 -57.21 -18.49 3.47
C LEU B 626 -57.76 -17.08 3.40
N GLU B 627 -58.56 -16.72 4.39
CA GLU B 627 -59.18 -15.40 4.42
C GLU B 627 -58.77 -14.67 5.69
N TRP B 628 -58.06 -13.57 5.49
CA TRP B 628 -57.41 -12.76 6.54
C TRP B 628 -58.22 -12.55 7.83
N LYS B 629 -59.54 -12.38 7.69
CA LYS B 629 -60.41 -12.23 8.85
C LYS B 629 -60.34 -13.49 9.70
N THR B 630 -60.50 -14.64 9.05
CA THR B 630 -60.44 -15.94 9.72
C THR B 630 -59.01 -16.50 9.83
N ALA B 631 -58.02 -15.81 9.26
CA ALA B 631 -56.65 -16.31 9.23
C ALA B 631 -56.14 -16.71 10.61
N ARG B 632 -56.34 -15.82 11.58
CA ARG B 632 -55.90 -16.04 12.94
C ARG B 632 -56.42 -17.34 13.51
N THR B 633 -57.74 -17.51 13.48
CA THR B 633 -58.39 -18.69 14.06
C THR B 633 -57.97 -19.99 13.36
N PHE B 634 -57.89 -19.93 12.03
CA PHE B 634 -57.54 -21.13 11.28
C PHE B 634 -56.14 -21.61 11.64
N LEU B 635 -55.16 -20.72 11.49
CA LEU B 635 -53.78 -21.08 11.74
C LEU B 635 -53.55 -21.53 13.20
N TYR B 636 -54.17 -20.85 14.16
CA TYR B 636 -54.03 -21.21 15.57
C TYR B 636 -54.27 -22.71 15.80
N TRP B 637 -55.37 -23.22 15.27
CA TRP B 637 -55.70 -24.64 15.40
C TRP B 637 -54.73 -25.52 14.61
N ARG B 638 -54.33 -25.08 13.43
CA ARG B 638 -53.39 -25.85 12.64
C ARG B 638 -52.03 -25.90 13.30
N LEU B 639 -51.60 -24.78 13.86
CA LEU B 639 -50.35 -24.75 14.61
C LEU B 639 -50.47 -25.69 15.80
N ARG B 640 -51.50 -25.49 16.60
CA ARG B 640 -51.67 -26.27 17.81
C ARG B 640 -51.71 -27.78 17.52
N ARG B 641 -52.44 -28.15 16.46
CA ARG B 641 -52.45 -29.53 15.99
C ARG B 641 -51.06 -29.99 15.59
N LEU B 642 -50.46 -29.31 14.63
CA LEU B 642 -49.13 -29.67 14.12
C LEU B 642 -48.12 -29.84 15.25
N LEU B 643 -48.27 -29.06 16.33
CA LEU B 643 -47.38 -29.17 17.50
C LEU B 643 -47.59 -30.46 18.26
N LEU B 644 -48.82 -30.72 18.66
CA LEU B 644 -49.17 -31.99 19.30
C LEU B 644 -48.73 -33.18 18.44
N GLU B 645 -49.08 -33.17 17.16
CA GLU B 645 -48.74 -34.28 16.26
C GLU B 645 -47.25 -34.54 16.30
N ASP B 646 -46.47 -33.48 16.20
CA ASP B 646 -45.03 -33.59 16.23
C ASP B 646 -44.51 -34.00 17.60
N GLN B 647 -45.28 -33.67 18.64
CA GLN B 647 -44.93 -34.04 20.01
C GLN B 647 -44.97 -35.56 20.17
N VAL B 648 -46.13 -36.13 19.85
CA VAL B 648 -46.32 -37.57 19.90
C VAL B 648 -45.32 -38.23 18.98
N LYS B 649 -45.34 -37.83 17.70
CA LYS B 649 -44.45 -38.41 16.70
C LYS B 649 -42.99 -38.33 17.15
N GLN B 650 -42.44 -37.11 17.18
CA GLN B 650 -40.99 -36.92 17.33
C GLN B 650 -40.49 -37.36 18.70
N GLU B 651 -41.23 -37.03 19.75
CA GLU B 651 -40.84 -37.44 21.09
C GLU B 651 -41.20 -38.92 21.31
N ILE B 652 -42.46 -39.18 21.65
CA ILE B 652 -42.86 -40.49 22.11
C ILE B 652 -42.68 -41.54 21.02
N LEU B 653 -43.41 -41.36 19.92
CA LEU B 653 -43.51 -42.38 18.89
C LEU B 653 -42.16 -42.76 18.28
N GLN B 654 -41.27 -41.78 18.15
CA GLN B 654 -39.99 -42.01 17.48
C GLN B 654 -38.98 -42.73 18.38
N ALA B 655 -39.16 -42.56 19.70
CA ALA B 655 -38.31 -43.24 20.69
C ALA B 655 -38.40 -44.76 20.53
N SER B 656 -39.59 -45.26 20.26
CA SER B 656 -39.80 -46.69 20.07
C SER B 656 -39.17 -47.20 18.76
N GLY B 657 -39.85 -47.00 17.63
CA GLY B 657 -39.38 -47.49 16.33
C GLY B 657 -38.63 -46.40 15.59
N GLU B 658 -37.94 -46.78 14.52
CA GLU B 658 -37.18 -45.81 13.71
C GLU B 658 -37.72 -45.72 12.28
N LEU B 659 -38.95 -46.20 12.07
CA LEU B 659 -39.57 -46.25 10.74
C LEU B 659 -39.69 -44.86 10.10
N SER B 660 -40.09 -44.85 8.83
CA SER B 660 -40.26 -43.61 8.09
C SER B 660 -41.50 -42.86 8.57
N HIS B 661 -41.61 -41.61 8.12
CA HIS B 661 -42.69 -40.73 8.53
C HIS B 661 -43.99 -41.06 7.78
N VAL B 662 -43.89 -41.96 6.80
CA VAL B 662 -45.06 -42.49 6.08
C VAL B 662 -45.98 -43.25 7.03
N HIS B 663 -45.40 -44.14 7.84
CA HIS B 663 -46.15 -44.82 8.89
C HIS B 663 -46.62 -43.80 9.93
N ILE B 664 -45.68 -43.09 10.54
CA ILE B 664 -45.99 -42.12 11.60
C ILE B 664 -47.26 -41.29 11.28
N GLN B 665 -47.45 -40.90 10.03
CA GLN B 665 -48.64 -40.16 9.63
C GLN B 665 -49.83 -41.09 9.43
N SER B 666 -49.66 -42.09 8.57
CA SER B 666 -50.72 -43.07 8.29
C SER B 666 -51.21 -43.73 9.57
N MET B 667 -50.25 -44.08 10.44
CA MET B 667 -50.48 -44.80 11.68
C MET B 667 -51.26 -43.95 12.69
N LEU B 668 -50.82 -42.70 12.85
CA LEU B 668 -51.50 -41.72 13.69
C LEU B 668 -52.97 -41.56 13.28
N ARG B 669 -53.18 -41.40 11.98
CA ARG B 669 -54.51 -41.36 11.41
C ARG B 669 -55.22 -42.70 11.60
N ARG B 670 -54.58 -43.79 11.19
CA ARG B 670 -55.17 -45.13 11.32
C ARG B 670 -55.65 -45.40 12.74
N TRP B 671 -54.91 -44.88 13.72
CA TRP B 671 -55.33 -44.96 15.12
C TRP B 671 -56.56 -44.12 15.37
N PHE B 672 -56.59 -42.91 14.81
CA PHE B 672 -57.75 -42.03 14.94
C PHE B 672 -59.01 -42.69 14.40
N VAL B 673 -58.92 -43.29 13.21
CA VAL B 673 -60.08 -43.92 12.55
C VAL B 673 -60.57 -45.16 13.32
N GLU B 674 -59.67 -45.80 14.06
CA GLU B 674 -60.01 -46.98 14.89
C GLU B 674 -60.83 -46.60 16.10
N THR B 675 -60.33 -45.63 16.87
CA THR B 675 -60.98 -45.22 18.10
C THR B 675 -62.23 -44.37 17.86
N GLU B 676 -62.36 -43.79 16.66
CA GLU B 676 -63.46 -42.85 16.38
C GLU B 676 -64.38 -43.22 15.22
N GLY B 677 -64.19 -44.39 14.62
CA GLY B 677 -65.09 -44.89 13.58
C GLY B 677 -64.79 -44.35 12.19
N ALA B 678 -65.06 -45.17 11.18
CA ALA B 678 -64.73 -44.84 9.78
C ALA B 678 -65.66 -43.79 9.20
N VAL B 679 -66.89 -43.74 9.71
CA VAL B 679 -67.84 -42.67 9.35
C VAL B 679 -67.33 -41.29 9.78
N LYS B 680 -66.70 -41.25 10.95
CA LYS B 680 -66.09 -40.04 11.48
C LYS B 680 -64.62 -39.89 11.02
N ALA B 681 -64.27 -40.50 9.90
CA ALA B 681 -62.89 -40.45 9.38
C ALA B 681 -62.53 -39.08 8.78
N TYR B 682 -63.49 -38.46 8.12
CA TYR B 682 -63.28 -37.16 7.49
C TYR B 682 -62.75 -36.04 8.41
N LEU B 683 -63.00 -36.18 9.73
CA LEU B 683 -62.58 -35.17 10.71
C LEU B 683 -61.07 -35.13 10.94
N TRP B 684 -60.34 -36.11 10.40
CA TRP B 684 -58.88 -36.03 10.42
C TRP B 684 -58.42 -34.75 9.75
N ASP B 685 -59.20 -34.29 8.79
CA ASP B 685 -58.93 -33.02 8.12
C ASP B 685 -59.35 -31.79 8.96
N ASN B 686 -60.07 -32.01 10.05
CA ASN B 686 -60.47 -30.92 10.95
C ASN B 686 -59.46 -30.72 12.08
N ASN B 687 -58.79 -29.57 12.09
CA ASN B 687 -57.71 -29.29 13.06
C ASN B 687 -58.13 -29.29 14.52
N GLN B 688 -59.31 -28.76 14.82
CA GLN B 688 -59.75 -28.60 16.20
C GLN B 688 -60.17 -29.94 16.79
N VAL B 689 -60.96 -30.70 16.03
CA VAL B 689 -61.37 -32.03 16.43
C VAL B 689 -60.15 -32.90 16.72
N VAL B 690 -59.12 -32.75 15.88
CA VAL B 690 -57.89 -33.51 16.02
C VAL B 690 -57.10 -33.08 17.27
N VAL B 691 -57.04 -31.78 17.53
CA VAL B 691 -56.43 -31.26 18.75
C VAL B 691 -57.17 -31.78 19.99
N GLN B 692 -58.51 -31.72 19.96
CA GLN B 692 -59.33 -32.23 21.05
C GLN B 692 -59.01 -33.71 21.29
N TRP B 693 -58.90 -34.48 20.21
CA TRP B 693 -58.66 -35.93 20.24
C TRP B 693 -57.32 -36.30 20.88
N LEU B 694 -56.26 -35.66 20.40
CA LEU B 694 -54.92 -35.97 20.90
C LEU B 694 -54.83 -35.79 22.42
N GLU B 695 -55.34 -34.66 22.92
CA GLU B 695 -55.30 -34.37 24.36
C GLU B 695 -56.12 -35.40 25.12
N GLN B 696 -57.39 -35.54 24.76
CA GLN B 696 -58.31 -36.46 25.45
C GLN B 696 -57.79 -37.90 25.51
N HIS B 697 -56.89 -38.26 24.59
CA HIS B 697 -56.33 -39.60 24.56
C HIS B 697 -54.90 -39.69 25.08
N TRP B 698 -53.94 -39.12 24.34
CA TRP B 698 -52.54 -39.28 24.68
C TRP B 698 -52.11 -38.49 25.92
N GLN B 699 -52.30 -37.17 25.89
CA GLN B 699 -51.83 -36.29 26.99
C GLN B 699 -52.54 -36.57 28.32
N ALA B 700 -53.86 -36.81 28.26
CA ALA B 700 -54.68 -37.10 29.46
C ALA B 700 -54.52 -38.56 29.86
N THR B 707 -55.19 -47.33 21.24
CA THR B 707 -53.75 -47.44 21.04
C THR B 707 -53.03 -46.20 21.61
N ILE B 708 -53.33 -45.88 22.87
CA ILE B 708 -52.83 -44.64 23.52
C ILE B 708 -51.31 -44.68 23.70
N ARG B 709 -50.85 -45.56 24.59
CA ARG B 709 -49.47 -46.03 24.64
C ARG B 709 -49.47 -47.58 24.70
N GLU B 710 -50.55 -48.17 24.19
CA GLU B 710 -50.68 -49.62 24.03
C GLU B 710 -50.15 -49.99 22.64
N ASN B 711 -50.44 -49.15 21.65
CA ASN B 711 -49.88 -49.27 20.31
C ASN B 711 -48.42 -48.88 20.30
N ILE B 712 -48.08 -47.82 21.03
CA ILE B 712 -46.67 -47.39 21.16
C ILE B 712 -45.83 -48.45 21.89
N THR B 713 -46.40 -49.05 22.94
CA THR B 713 -45.75 -50.17 23.64
C THR B 713 -45.43 -51.31 22.68
N TYR B 714 -46.41 -51.70 21.87
CA TYR B 714 -46.26 -52.76 20.87
C TYR B 714 -45.17 -52.43 19.82
N LEU B 715 -44.93 -51.14 19.58
CA LEU B 715 -43.84 -50.73 18.68
C LEU B 715 -42.49 -51.08 19.29
N LYS B 716 -42.37 -51.03 20.62
CA LYS B 716 -41.10 -51.25 21.31
C LYS B 716 -40.58 -52.69 21.13
N HIS B 717 -41.45 -53.69 21.24
CA HIS B 717 -41.02 -55.08 21.07
C HIS B 717 -40.50 -55.34 19.65
N ASP B 718 -41.37 -55.17 18.65
CA ASP B 718 -41.01 -55.43 17.25
C ASP B 718 -39.78 -54.61 16.79
N SER B 719 -39.56 -53.46 17.44
CA SER B 719 -38.36 -52.66 17.20
C SER B 719 -37.11 -53.25 17.88
N VAL B 720 -37.23 -53.61 19.16
CA VAL B 720 -36.10 -54.17 19.91
C VAL B 720 -35.61 -55.49 19.34
N LEU B 721 -36.57 -56.34 18.98
CA LEU B 721 -36.27 -57.60 18.29
C LEU B 721 -35.56 -57.31 16.97
N LYS B 722 -36.17 -56.46 16.13
CA LYS B 722 -35.56 -56.03 14.88
C LYS B 722 -34.09 -55.66 15.10
N THR B 723 -33.83 -54.84 16.13
CA THR B 723 -32.48 -54.38 16.45
C THR B 723 -31.54 -55.55 16.71
N ILE B 724 -31.96 -56.45 17.59
CA ILE B 724 -31.13 -57.60 17.98
C ILE B 724 -30.87 -58.54 16.79
N ARG B 725 -31.89 -58.71 15.94
CA ARG B 725 -31.77 -59.51 14.70
C ARG B 725 -30.61 -59.05 13.83
N GLY B 726 -30.56 -57.74 13.57
CA GLY B 726 -29.51 -57.16 12.75
C GLY B 726 -28.12 -57.39 13.31
N LEU B 727 -27.98 -57.29 14.63
CA LEU B 727 -26.70 -57.53 15.31
C LEU B 727 -26.24 -58.97 15.13
N VAL B 728 -27.19 -59.90 15.19
CA VAL B 728 -26.88 -61.32 15.02
C VAL B 728 -26.73 -61.66 13.53
N GLU B 729 -27.56 -61.04 12.70
CA GLU B 729 -27.37 -61.08 11.25
C GLU B 729 -25.95 -60.63 10.90
N GLU B 730 -25.55 -59.47 11.43
CA GLU B 730 -24.20 -58.91 11.25
C GLU B 730 -23.07 -59.78 11.86
N ASN B 731 -23.27 -60.28 13.08
CA ASN B 731 -22.22 -61.02 13.81
C ASN B 731 -22.65 -62.42 14.27
N PRO B 732 -22.73 -63.38 13.34
CA PRO B 732 -22.97 -64.76 13.79
C PRO B 732 -21.97 -65.21 14.88
N GLU B 733 -20.85 -64.48 15.00
CA GLU B 733 -19.93 -64.64 16.14
C GLU B 733 -20.67 -64.63 17.48
N VAL B 734 -21.46 -63.57 17.68
CA VAL B 734 -22.19 -63.36 18.94
C VAL B 734 -23.27 -64.42 19.25
N ALA B 735 -23.82 -65.06 18.21
CA ALA B 735 -25.01 -65.90 18.32
C ALA B 735 -25.03 -66.89 19.50
N VAL B 736 -24.12 -67.87 19.47
CA VAL B 736 -24.15 -68.99 20.42
C VAL B 736 -23.69 -68.63 21.84
N ASP B 737 -22.97 -67.52 21.99
CA ASP B 737 -22.58 -67.01 23.32
C ASP B 737 -23.75 -66.25 23.94
N CYS B 738 -24.47 -65.49 23.12
CA CYS B 738 -25.68 -64.77 23.53
C CYS B 738 -26.79 -65.76 23.88
N VAL B 739 -27.00 -66.76 23.04
CA VAL B 739 -28.00 -67.80 23.27
C VAL B 739 -27.79 -68.49 24.62
N ILE B 740 -26.53 -68.78 24.97
CA ILE B 740 -26.19 -69.45 26.23
C ILE B 740 -25.95 -68.46 27.38
N TYR B 741 -25.78 -67.17 27.07
CA TYR B 741 -25.84 -66.13 28.09
C TYR B 741 -27.30 -65.90 28.49
N LEU B 742 -28.21 -66.20 27.56
CA LEU B 742 -29.65 -65.96 27.72
C LEU B 742 -30.35 -67.14 28.43
N SER B 743 -29.61 -68.21 28.68
CA SER B 743 -30.08 -69.29 29.55
C SER B 743 -30.11 -68.82 31.00
N GLN B 744 -29.40 -67.73 31.29
CA GLN B 744 -29.46 -67.07 32.59
C GLN B 744 -30.82 -66.40 32.79
N HIS B 745 -31.24 -65.64 31.78
CA HIS B 745 -32.42 -64.76 31.88
C HIS B 745 -33.79 -65.46 31.87
N ILE B 746 -33.97 -66.51 31.06
CA ILE B 746 -35.29 -67.15 30.91
C ILE B 746 -35.74 -67.87 32.19
N SER B 747 -37.05 -67.93 32.41
CA SER B 747 -37.61 -68.50 33.64
C SER B 747 -37.59 -70.02 33.62
N PRO B 748 -37.59 -70.66 34.80
CA PRO B 748 -37.74 -72.12 34.91
C PRO B 748 -39.03 -72.65 34.25
N ALA B 749 -40.14 -71.96 34.47
CA ALA B 749 -41.40 -72.30 33.81
C ALA B 749 -41.35 -71.89 32.33
N GLU B 750 -40.62 -70.82 32.04
CA GLU B 750 -40.39 -70.36 30.67
C GLU B 750 -39.43 -71.29 29.92
N ARG B 751 -38.56 -71.99 30.67
CA ARG B 751 -37.64 -72.97 30.10
C ARG B 751 -38.41 -74.07 29.37
N ALA B 752 -39.31 -74.75 30.07
CA ALA B 752 -40.20 -75.74 29.45
C ALA B 752 -41.08 -75.11 28.36
N GLN B 753 -41.38 -73.82 28.49
CA GLN B 753 -42.09 -73.07 27.45
C GLN B 753 -41.32 -73.11 26.13
N VAL B 754 -40.04 -72.72 26.20
CA VAL B 754 -39.16 -72.72 25.02
C VAL B 754 -38.67 -74.14 24.63
N VAL B 755 -38.46 -75.01 25.63
CA VAL B 755 -37.85 -76.33 25.40
C VAL B 755 -38.68 -77.24 24.50
N HIS B 756 -40.00 -77.08 24.53
CA HIS B 756 -40.89 -77.79 23.61
C HIS B 756 -41.08 -76.97 22.34
N LEU B 757 -41.20 -75.65 22.50
CA LEU B 757 -41.33 -74.73 21.38
C LEU B 757 -40.17 -74.83 20.37
N LEU B 758 -38.97 -75.19 20.85
CA LEU B 758 -37.79 -75.33 19.99
C LEU B 758 -37.51 -76.79 19.56
N SER B 759 -37.70 -77.74 20.46
CA SER B 759 -37.43 -79.16 20.14
C SER B 759 -38.52 -79.74 19.27
N VAL C 6 26.36 1.96 -55.93
CA VAL C 6 26.88 1.92 -54.53
C VAL C 6 25.91 1.23 -53.58
N THR C 7 24.60 1.35 -53.81
CA THR C 7 23.58 0.73 -52.95
C THR C 7 23.84 -0.78 -52.81
N LYS C 8 23.95 -1.48 -53.96
CA LYS C 8 24.16 -2.94 -54.03
C LYS C 8 25.33 -3.42 -53.15
N ASP C 9 26.54 -3.00 -53.51
CA ASP C 9 27.74 -3.34 -52.74
C ASP C 9 27.88 -2.52 -51.44
N LEU C 10 27.89 -1.20 -51.56
CA LEU C 10 28.36 -0.30 -50.47
C LEU C 10 27.32 0.09 -49.38
N LEU C 11 26.09 0.38 -49.79
CA LEU C 11 25.04 0.82 -48.86
C LEU C 11 24.45 -0.33 -48.04
N GLN C 12 24.03 -1.40 -48.71
CA GLN C 12 23.35 -2.52 -48.07
C GLN C 12 24.17 -3.13 -46.92
N ALA C 13 25.46 -3.33 -47.14
CA ALA C 13 26.34 -3.86 -46.11
C ALA C 13 26.30 -2.96 -44.90
N LYS C 14 26.53 -1.67 -45.13
CA LYS C 14 26.52 -0.69 -44.06
C LYS C 14 25.14 -0.52 -43.41
N ARG C 15 24.07 -0.71 -44.18
CA ARG C 15 22.72 -0.76 -43.60
C ARG C 15 22.55 -2.01 -42.73
N PHE C 16 22.99 -3.15 -43.25
CA PHE C 16 22.90 -4.43 -42.53
C PHE C 16 23.67 -4.42 -41.20
N GLN C 17 24.90 -3.89 -41.23
CA GLN C 17 25.75 -3.83 -40.04
C GLN C 17 25.00 -3.21 -38.87
N ALA C 18 24.37 -2.07 -39.13
CA ALA C 18 23.52 -1.41 -38.14
C ALA C 18 22.25 -2.26 -37.90
N GLN C 19 21.72 -2.84 -38.97
CA GLN C 19 20.52 -3.70 -38.89
C GLN C 19 20.74 -5.00 -38.09
N THR C 20 21.97 -5.28 -37.69
CA THR C 20 22.26 -6.39 -36.77
C THR C 20 22.86 -5.93 -35.44
N LEU C 21 22.99 -4.62 -35.26
CA LEU C 21 23.38 -4.06 -33.97
C LEU C 21 22.16 -3.44 -33.29
N GLY C 22 20.99 -3.64 -33.88
CA GLY C 22 19.72 -3.15 -33.32
C GLY C 22 19.51 -1.65 -33.45
N THR C 23 20.18 -1.05 -34.43
CA THR C 23 20.15 0.40 -34.62
C THR C 23 19.96 0.72 -36.10
N THR C 24 19.74 2.01 -36.37
CA THR C 24 19.62 2.51 -37.74
C THR C 24 20.96 3.08 -38.17
N TYR C 25 21.31 2.87 -39.43
CA TYR C 25 22.54 3.45 -39.99
C TYR C 25 22.42 4.97 -39.92
N ILE C 26 23.50 5.63 -39.58
CA ILE C 26 23.46 7.05 -39.22
C ILE C 26 22.90 7.95 -40.34
N TYR C 27 23.20 7.60 -41.59
CA TYR C 27 22.77 8.42 -42.73
C TYR C 27 21.32 8.19 -43.13
N ASP C 28 20.66 7.21 -42.51
CA ASP C 28 19.25 6.93 -42.78
C ASP C 28 18.32 7.62 -41.78
N PHE C 29 18.90 8.44 -40.90
CA PHE C 29 18.14 9.18 -39.89
C PHE C 29 17.30 10.34 -40.45
N PRO C 30 17.90 11.21 -41.29
CA PRO C 30 17.09 12.26 -41.92
C PRO C 30 15.80 11.74 -42.55
N GLU C 31 15.89 10.60 -43.22
CA GLU C 31 14.74 9.94 -43.83
C GLU C 31 13.69 9.48 -42.78
N MET C 32 14.16 9.07 -41.61
CA MET C 32 13.28 8.74 -40.47
C MET C 32 12.58 9.98 -39.88
N PHE C 33 13.29 11.11 -39.85
CA PHE C 33 12.68 12.37 -39.42
C PHE C 33 11.55 12.78 -40.36
N ARG C 34 11.77 12.57 -41.66
CA ARG C 34 10.76 12.92 -42.66
C ARG C 34 9.52 12.07 -42.47
N GLN C 35 9.71 10.76 -42.33
CA GLN C 35 8.60 9.84 -42.06
C GLN C 35 7.94 10.15 -40.71
N ALA C 36 8.75 10.58 -39.75
CA ALA C 36 8.24 10.99 -38.43
C ALA C 36 7.37 12.23 -38.54
N LEU C 37 7.86 13.23 -39.27
CA LEU C 37 7.09 14.46 -39.49
C LEU C 37 5.72 14.16 -40.09
N PHE C 38 5.69 13.40 -41.17
CA PHE C 38 4.42 12.99 -41.78
C PHE C 38 3.41 12.47 -40.74
N LYS C 39 3.86 11.61 -39.85
CA LYS C 39 2.99 11.07 -38.81
C LYS C 39 2.53 12.19 -37.86
N LEU C 40 3.43 13.11 -37.54
CA LEU C 40 3.10 14.26 -36.68
C LEU C 40 2.17 15.27 -37.34
N TRP C 41 2.05 15.23 -38.65
CA TRP C 41 1.02 15.98 -39.36
C TRP C 41 -0.22 15.12 -39.61
N GLY C 42 0.01 13.84 -39.94
CA GLY C 42 -1.04 12.86 -40.17
C GLY C 42 -1.89 13.14 -41.40
N SER C 43 -1.25 13.16 -42.58
CA SER C 43 -1.96 13.33 -43.85
C SER C 43 -1.08 13.30 -45.11
N PRO C 44 -1.74 13.06 -46.24
CA PRO C 44 -1.16 13.26 -47.57
C PRO C 44 -2.00 14.34 -48.27
N ASP C 45 -3.31 14.14 -48.32
CA ASP C 45 -4.25 15.16 -48.79
C ASP C 45 -4.41 16.28 -47.76
N TYR C 47 0.30 17.25 -46.88
CA TYR C 47 1.72 17.35 -46.56
C TYR C 47 2.39 18.48 -47.36
N PRO C 48 3.01 19.47 -46.66
CA PRO C 48 3.67 20.59 -47.35
C PRO C 48 4.96 20.16 -48.07
N LYS C 49 5.34 20.90 -49.11
CA LYS C 49 6.41 20.48 -50.03
C LYS C 49 7.75 20.14 -49.36
N ASP C 50 8.42 21.15 -48.80
CA ASP C 50 9.74 20.95 -48.17
C ASP C 50 9.61 20.66 -46.68
N ILE C 51 8.91 19.58 -46.36
CA ILE C 51 8.68 19.18 -44.97
C ILE C 51 9.98 19.03 -44.18
N LEU C 52 11.08 18.73 -44.88
CA LEU C 52 12.39 18.54 -44.26
C LEU C 52 13.52 18.94 -45.21
N THR C 53 14.32 19.95 -44.84
CA THR C 53 15.56 20.29 -45.53
C THR C 53 16.72 19.81 -44.68
N TYR C 54 17.84 19.43 -45.33
CA TYR C 54 19.08 19.17 -44.59
C TYR C 54 20.32 19.19 -45.47
N THR C 55 21.47 19.40 -44.81
CA THR C 55 22.78 19.39 -45.44
C THR C 55 23.78 18.88 -44.43
N GLU C 56 24.74 18.08 -44.87
CA GLU C 56 25.70 17.47 -43.96
C GLU C 56 26.76 18.47 -43.57
N LEU C 57 27.22 18.38 -42.32
CA LEU C 57 28.29 19.23 -41.80
C LEU C 57 29.61 18.47 -41.82
N VAL C 58 30.50 18.85 -42.74
CA VAL C 58 31.79 18.18 -42.92
C VAL C 58 32.96 19.11 -42.59
N LEU C 59 33.90 18.60 -41.79
CA LEU C 59 35.09 19.37 -41.40
C LEU C 59 36.00 19.55 -42.61
N ASP C 60 36.35 20.81 -42.88
CA ASP C 60 37.25 21.11 -44.01
C ASP C 60 38.70 20.89 -43.59
N SER C 61 39.61 20.99 -44.56
CA SER C 61 41.05 20.85 -44.33
C SER C 61 41.52 21.48 -43.02
N GLN C 62 40.98 22.65 -42.68
CA GLN C 62 41.40 23.39 -41.48
C GLN C 62 40.35 23.36 -40.35
N GLY C 63 39.83 22.18 -40.05
CA GLY C 63 39.04 21.95 -38.83
C GLY C 63 37.69 22.64 -38.67
N GLN C 64 37.18 23.26 -39.75
CA GLN C 64 35.92 24.01 -39.70
C GLN C 64 34.81 23.32 -40.49
N LEU C 65 33.59 23.34 -39.94
CA LEU C 65 32.43 22.71 -40.57
C LEU C 65 31.94 23.52 -41.77
N VAL C 66 32.04 22.94 -42.96
CA VAL C 66 31.34 23.48 -44.13
C VAL C 66 30.09 22.66 -44.37
N GLU C 67 29.03 23.31 -44.85
CA GLU C 67 27.83 22.58 -45.26
C GLU C 67 28.14 21.94 -46.60
N MET C 68 27.64 20.73 -46.82
CA MET C 68 27.67 20.14 -48.15
C MET C 68 26.60 19.06 -48.33
N ASN C 69 26.19 18.87 -49.58
CA ASN C 69 25.08 17.98 -49.93
C ASN C 69 25.57 16.81 -50.79
N ARG C 70 26.37 15.94 -50.17
CA ARG C 70 27.06 14.84 -50.86
C ARG C 70 26.34 13.50 -50.70
N LEU C 71 26.90 12.47 -51.33
CA LEU C 71 26.33 11.13 -51.30
C LEU C 71 26.58 10.50 -49.93
N PRO C 72 25.59 9.79 -49.39
CA PRO C 72 25.72 9.18 -48.05
C PRO C 72 26.94 8.28 -47.92
N GLY C 73 27.24 7.88 -46.68
CA GLY C 73 28.47 7.16 -46.38
C GLY C 73 29.65 8.07 -46.65
N GLY C 74 30.82 7.49 -46.89
CA GLY C 74 32.00 8.27 -47.24
C GLY C 74 32.26 9.40 -46.27
N ASN C 75 32.50 9.04 -45.01
CA ASN C 75 32.77 10.00 -43.95
C ASN C 75 34.14 9.73 -43.37
N GLU C 76 35.03 10.72 -43.46
CA GLU C 76 36.44 10.55 -43.12
C GLU C 76 36.70 10.24 -41.62
N VAL C 77 35.82 10.69 -40.72
CA VAL C 77 35.91 10.29 -39.30
C VAL C 77 34.65 9.57 -38.86
N GLY C 78 34.72 8.94 -37.69
CA GLY C 78 33.62 8.14 -37.14
C GLY C 78 32.43 8.87 -36.58
N MET C 79 32.16 10.10 -37.06
CA MET C 79 30.96 10.85 -36.70
C MET C 79 30.43 11.67 -37.85
N VAL C 80 29.10 11.67 -38.01
CA VAL C 80 28.44 12.52 -39.01
C VAL C 80 27.55 13.53 -38.29
N ALA C 81 27.28 14.63 -38.96
CA ALA C 81 26.43 15.69 -38.42
C ALA C 81 25.66 16.35 -39.56
N PHE C 82 24.41 16.71 -39.28
CA PHE C 82 23.58 17.42 -40.24
C PHE C 82 23.07 18.73 -39.65
N LYS C 83 22.82 19.70 -40.51
CA LYS C 83 21.95 20.81 -40.16
C LYS C 83 20.61 20.49 -40.78
N MET C 84 19.56 20.50 -39.97
CA MET C 84 18.23 20.17 -40.44
C MET C 84 17.31 21.33 -40.22
N ARG C 85 16.31 21.44 -41.09
CA ARG C 85 15.30 22.48 -41.02
C ARG C 85 13.97 21.90 -41.47
N PHE C 86 13.05 21.73 -40.53
CA PHE C 86 11.74 21.12 -40.85
C PHE C 86 10.52 21.94 -40.41
N LYS C 87 9.43 21.76 -41.14
CA LYS C 87 8.17 22.45 -40.90
C LYS C 87 7.29 21.61 -39.98
N THR C 88 6.78 22.22 -38.92
CA THR C 88 5.93 21.53 -37.96
C THR C 88 4.67 22.34 -37.70
N GLN C 89 3.82 21.83 -36.83
CA GLN C 89 2.53 22.48 -36.51
C GLN C 89 2.78 23.90 -35.98
N GLU C 90 3.66 24.01 -34.98
CA GLU C 90 3.91 25.27 -34.29
C GLU C 90 4.88 26.18 -35.03
N TYR C 91 5.61 25.64 -35.99
CA TYR C 91 6.45 26.46 -36.85
C TYR C 91 6.22 26.03 -38.30
N PRO C 92 5.12 26.52 -38.91
CA PRO C 92 4.74 26.07 -40.24
C PRO C 92 5.75 26.45 -41.31
N GLU C 93 6.55 27.48 -41.09
CA GLU C 93 7.57 27.87 -42.07
C GLU C 93 8.82 27.01 -41.90
N GLY C 94 9.16 26.66 -40.66
CA GLY C 94 10.27 25.72 -40.40
C GLY C 94 11.17 26.10 -39.23
N ARG C 95 11.89 25.11 -38.70
CA ARG C 95 12.80 25.34 -37.57
C ARG C 95 14.14 24.64 -37.77
N ASP C 96 15.21 25.35 -37.40
CA ASP C 96 16.55 24.80 -37.49
C ASP C 96 16.88 23.92 -36.29
N VAL C 97 17.77 22.97 -36.54
CA VAL C 97 18.32 22.10 -35.52
C VAL C 97 19.54 21.42 -36.10
N ILE C 98 20.57 21.24 -35.28
CA ILE C 98 21.71 20.44 -35.66
C ILE C 98 21.56 19.09 -35.01
N VAL C 99 21.76 18.04 -35.82
CA VAL C 99 21.71 16.66 -35.33
C VAL C 99 23.07 16.05 -35.63
N ILE C 100 23.70 15.46 -34.62
CA ILE C 100 24.99 14.81 -34.79
C ILE C 100 25.01 13.47 -34.05
N GLY C 101 25.82 12.55 -34.56
CA GLY C 101 25.84 11.20 -34.02
C GLY C 101 27.04 10.39 -34.46
N ASN C 102 27.34 9.38 -33.67
CA ASN C 102 28.39 8.40 -33.95
C ASN C 102 28.00 7.55 -35.15
N ASP C 103 28.96 7.18 -35.97
CA ASP C 103 28.75 6.13 -36.96
C ASP C 103 29.22 4.85 -36.32
N ILE C 104 28.28 3.98 -35.94
CA ILE C 104 28.60 2.74 -35.22
C ILE C 104 29.27 1.72 -36.14
N THR C 105 28.99 1.80 -37.43
CA THR C 105 29.64 0.96 -38.43
C THR C 105 31.07 1.38 -38.71
N PHE C 106 31.43 2.61 -38.32
CA PHE C 106 32.78 3.14 -38.49
C PHE C 106 33.57 2.95 -37.21
N ARG C 107 34.54 2.03 -37.23
CA ARG C 107 35.41 1.75 -36.08
C ARG C 107 34.60 1.58 -34.79
N ILE C 108 33.59 0.71 -34.87
CA ILE C 108 32.65 0.41 -33.79
C ILE C 108 32.08 1.64 -33.04
N GLY C 109 32.15 2.82 -33.66
CA GLY C 109 31.67 4.04 -33.05
C GLY C 109 32.58 4.62 -31.98
N SER C 110 33.88 4.34 -32.09
CA SER C 110 34.86 4.83 -31.10
C SER C 110 35.20 6.32 -31.25
N PHE C 111 35.58 6.97 -30.15
CA PHE C 111 35.86 8.41 -30.13
C PHE C 111 37.35 8.71 -30.30
N GLY C 112 37.78 8.93 -31.55
CA GLY C 112 39.13 9.45 -31.83
C GLY C 112 39.12 10.96 -31.85
N PRO C 113 40.29 11.59 -32.00
CA PRO C 113 40.35 13.06 -31.99
C PRO C 113 39.58 13.75 -33.14
N GLY C 114 39.43 13.08 -34.26
CA GLY C 114 38.64 13.62 -35.38
C GLY C 114 37.16 13.53 -35.10
N GLU C 115 36.76 12.44 -34.46
CA GLU C 115 35.37 12.21 -34.11
C GLU C 115 34.94 13.27 -33.12
N ASP C 116 35.81 13.51 -32.14
CA ASP C 116 35.59 14.52 -31.12
C ASP C 116 35.46 15.90 -31.74
N LEU C 117 36.38 16.23 -32.65
CA LEU C 117 36.41 17.56 -33.25
C LEU C 117 35.09 17.88 -33.97
N LEU C 118 34.54 16.91 -34.69
CA LEU C 118 33.28 17.12 -35.40
C LEU C 118 32.19 17.52 -34.41
N TYR C 119 32.05 16.72 -33.37
CA TYR C 119 31.08 16.98 -32.32
C TYR C 119 31.25 18.40 -31.74
N LEU C 120 32.49 18.77 -31.42
CA LEU C 120 32.75 20.09 -30.84
C LEU C 120 32.27 21.19 -31.79
N ARG C 121 32.67 21.12 -33.05
CA ARG C 121 32.29 22.13 -34.04
C ARG C 121 30.79 22.12 -34.28
N ALA C 122 30.22 20.93 -34.40
CA ALA C 122 28.78 20.75 -34.60
C ALA C 122 28.01 21.38 -33.46
N SER C 123 28.46 21.14 -32.22
CA SER C 123 27.83 21.72 -31.02
C SER C 123 28.09 23.22 -30.94
N GLU C 124 29.34 23.61 -31.19
CA GLU C 124 29.72 25.03 -31.20
C GLU C 124 28.77 25.85 -32.08
N MET C 125 28.46 25.32 -33.26
CA MET C 125 27.58 25.99 -34.23
C MET C 125 26.16 26.14 -33.73
N ALA C 126 25.66 25.09 -33.08
CA ALA C 126 24.31 25.08 -32.52
C ALA C 126 24.17 26.06 -31.36
N ARG C 127 25.20 26.15 -30.53
CA ARG C 127 25.27 27.21 -29.53
C ARG C 127 25.31 28.57 -30.21
N ALA C 128 26.20 28.69 -31.20
CA ALA C 128 26.37 29.92 -31.99
C ALA C 128 25.06 30.42 -32.59
N GLU C 129 24.20 29.50 -33.00
CA GLU C 129 22.89 29.85 -33.55
C GLU C 129 21.76 29.80 -32.50
N GLY C 130 22.01 29.15 -31.37
CA GLY C 130 20.99 29.05 -30.33
C GLY C 130 19.86 28.10 -30.68
N ILE C 131 20.16 27.12 -31.54
CA ILE C 131 19.19 26.13 -31.99
C ILE C 131 19.48 24.80 -31.30
N PRO C 132 18.52 23.86 -31.31
CA PRO C 132 18.73 22.61 -30.56
C PRO C 132 19.91 21.76 -31.07
N LYS C 133 20.48 20.97 -30.16
CA LYS C 133 21.51 19.98 -30.50
C LYS C 133 20.96 18.60 -30.18
N ILE C 134 20.71 17.80 -31.21
CA ILE C 134 20.23 16.43 -31.04
C ILE C 134 21.39 15.46 -31.23
N TYR C 135 21.78 14.75 -30.17
CA TYR C 135 22.91 13.82 -30.26
C TYR C 135 22.44 12.38 -30.26
N VAL C 136 22.68 11.68 -31.37
CA VAL C 136 22.41 10.24 -31.46
C VAL C 136 23.62 9.45 -30.96
N ALA C 137 23.41 8.75 -29.84
CA ALA C 137 24.45 7.93 -29.23
C ALA C 137 24.33 6.47 -29.69
N ALA C 138 25.31 6.03 -30.47
CA ALA C 138 25.50 4.63 -30.79
C ALA C 138 26.99 4.40 -30.94
N ASN C 139 27.66 4.10 -29.83
CA ASN C 139 29.11 4.12 -29.76
C ASN C 139 29.75 3.09 -28.82
N SER C 140 31.07 3.08 -28.81
CA SER C 140 31.85 2.17 -27.97
C SER C 140 32.77 2.94 -27.01
N GLY C 141 32.60 4.25 -26.89
CA GLY C 141 33.42 5.03 -25.99
C GLY C 141 34.80 5.36 -26.55
N ALA C 142 35.64 5.93 -25.70
CA ALA C 142 36.97 6.39 -26.11
C ALA C 142 37.70 5.30 -26.89
N ARG C 143 38.35 5.68 -27.97
CA ARG C 143 39.11 4.72 -28.78
C ARG C 143 40.40 4.29 -28.07
N ILE C 144 40.61 2.98 -27.96
CA ILE C 144 41.86 2.45 -27.39
C ILE C 144 42.66 1.76 -28.49
N GLY C 145 43.99 1.90 -28.43
CA GLY C 145 44.85 1.35 -29.47
C GLY C 145 46.31 1.30 -29.05
N MET C 146 47.08 0.46 -29.73
CA MET C 146 48.52 0.32 -29.48
C MET C 146 49.33 0.59 -30.74
N ALA C 147 50.60 0.90 -30.54
CA ALA C 147 51.54 1.07 -31.65
C ALA C 147 51.84 -0.29 -32.24
N GLU C 148 51.10 -0.67 -33.28
CA GLU C 148 51.22 -2.02 -33.87
C GLU C 148 52.59 -2.21 -34.50
N GLU C 149 53.14 -1.13 -35.05
CA GLU C 149 54.50 -1.08 -35.59
C GLU C 149 55.55 -1.72 -34.68
N ILE C 150 55.45 -1.48 -33.38
CA ILE C 150 56.42 -1.99 -32.42
C ILE C 150 55.92 -3.29 -31.78
N LYS C 151 54.60 -3.49 -31.78
CA LYS C 151 53.97 -4.70 -31.21
C LYS C 151 54.65 -5.98 -31.63
N HIS C 152 55.12 -6.06 -32.88
CA HIS C 152 55.76 -7.29 -33.34
C HIS C 152 57.18 -7.06 -33.83
N MET C 153 57.83 -6.06 -33.26
CA MET C 153 59.21 -5.74 -33.53
C MET C 153 60.09 -5.95 -32.29
N PHE C 154 59.49 -5.87 -31.10
CA PHE C 154 60.23 -5.82 -29.85
C PHE C 154 60.69 -7.20 -29.41
N HIS C 155 61.80 -7.23 -28.65
CA HIS C 155 62.34 -8.45 -28.08
C HIS C 155 62.20 -8.46 -26.56
N VAL C 156 62.54 -9.60 -25.95
CA VAL C 156 62.49 -9.79 -24.51
C VAL C 156 63.88 -10.14 -24.00
N ALA C 157 64.39 -9.36 -23.04
CA ALA C 157 65.64 -9.70 -22.34
C ALA C 157 65.30 -10.57 -21.13
N TRP C 158 65.36 -11.89 -21.34
CA TRP C 158 64.88 -12.85 -20.33
C TRP C 158 65.79 -12.90 -19.12
N VAL C 159 65.22 -13.28 -17.97
CA VAL C 159 66.01 -13.54 -16.76
C VAL C 159 66.79 -14.86 -16.88
N ASP C 160 66.28 -15.76 -17.73
CA ASP C 160 66.98 -16.98 -18.12
C ASP C 160 66.28 -17.53 -19.36
N PRO C 161 66.99 -17.53 -20.51
CA PRO C 161 66.41 -18.07 -21.75
C PRO C 161 65.76 -19.45 -21.61
N GLU C 162 66.50 -20.42 -21.08
CA GLU C 162 65.99 -21.79 -20.93
C GLU C 162 64.75 -21.90 -20.04
N ASP C 163 64.67 -21.12 -18.96
CA ASP C 163 63.49 -21.11 -18.10
C ASP C 163 62.74 -19.78 -18.16
N PRO C 164 61.68 -19.73 -18.99
CA PRO C 164 61.04 -18.46 -19.28
C PRO C 164 60.18 -17.96 -18.13
N HIS C 165 59.52 -18.86 -17.41
CA HIS C 165 58.64 -18.47 -16.29
C HIS C 165 59.38 -17.68 -15.20
N LYS C 166 60.69 -17.88 -15.12
CA LYS C 166 61.55 -17.12 -14.21
C LYS C 166 61.20 -15.63 -14.23
N GLY C 167 61.31 -15.03 -15.42
CA GLY C 167 60.92 -13.62 -15.62
C GLY C 167 61.70 -12.98 -16.75
N PHE C 168 61.31 -11.75 -17.12
CA PHE C 168 62.10 -10.98 -18.07
C PHE C 168 62.62 -9.69 -17.45
N LYS C 169 63.83 -9.29 -17.86
CA LYS C 169 64.51 -8.12 -17.32
C LYS C 169 64.01 -6.84 -17.96
N TYR C 170 63.87 -6.86 -19.29
CA TYR C 170 63.38 -5.69 -20.03
C TYR C 170 62.98 -6.02 -21.46
N LEU C 171 62.31 -5.07 -22.11
CA LEU C 171 61.98 -5.17 -23.53
C LEU C 171 62.93 -4.28 -24.30
N TYR C 172 63.32 -4.72 -25.50
CA TYR C 172 64.30 -3.99 -26.30
C TYR C 172 64.18 -4.18 -27.80
N LEU C 173 64.71 -3.20 -28.53
CA LEU C 173 64.74 -3.22 -30.00
C LEU C 173 66.18 -3.39 -30.49
N THR C 174 66.34 -4.01 -31.66
CA THR C 174 67.66 -4.17 -32.26
C THR C 174 68.09 -2.83 -32.83
N PRO C 175 69.40 -2.57 -32.92
CA PRO C 175 69.84 -1.33 -33.57
C PRO C 175 69.35 -1.25 -35.02
N GLN C 176 69.34 -2.39 -35.70
CA GLN C 176 68.83 -2.48 -37.06
C GLN C 176 67.38 -2.01 -37.11
N ASP C 177 66.56 -2.55 -36.21
CA ASP C 177 65.15 -2.15 -36.13
C ASP C 177 64.96 -0.76 -35.53
N TYR C 178 65.89 -0.34 -34.68
CA TYR C 178 65.79 0.95 -34.02
C TYR C 178 65.94 2.08 -35.01
N THR C 179 67.06 2.11 -35.73
CA THR C 179 67.32 3.15 -36.73
C THR C 179 66.27 3.14 -37.84
N ARG C 180 65.78 1.95 -38.17
CA ARG C 180 64.70 1.79 -39.14
C ARG C 180 63.47 2.63 -38.74
N ILE C 181 63.12 2.63 -37.46
CA ILE C 181 61.94 3.35 -36.98
C ILE C 181 62.30 4.57 -36.13
N SER C 182 63.54 5.05 -36.24
CA SER C 182 64.03 6.15 -35.39
C SER C 182 63.45 7.49 -35.80
N SER C 183 63.19 7.64 -37.10
CA SER C 183 62.63 8.87 -37.64
C SER C 183 61.21 9.10 -37.14
N LEU C 184 60.43 8.03 -37.07
CA LEU C 184 59.00 8.12 -36.82
C LEU C 184 58.64 8.59 -35.40
N ASN C 185 59.64 8.71 -34.53
CA ASN C 185 59.40 9.11 -33.15
C ASN C 185 58.32 8.24 -32.51
N SER C 186 58.46 6.92 -32.70
CA SER C 186 57.48 5.96 -32.20
C SER C 186 57.86 5.37 -30.85
N VAL C 187 59.16 5.37 -30.52
CA VAL C 187 59.63 4.70 -29.31
C VAL C 187 60.83 5.42 -28.72
N HIS C 188 60.97 5.34 -27.40
CA HIS C 188 62.09 5.97 -26.69
C HIS C 188 62.90 4.89 -26.00
N CYS C 189 64.19 4.82 -26.34
CA CYS C 189 65.06 3.76 -25.85
C CYS C 189 66.39 4.28 -25.32
N LYS C 190 66.78 3.80 -24.14
CA LYS C 190 68.10 4.04 -23.59
C LYS C 190 69.04 2.98 -24.15
N HIS C 191 70.19 3.41 -24.65
CA HIS C 191 71.20 2.50 -25.15
C HIS C 191 71.79 1.71 -23.99
N ILE C 192 71.91 0.39 -24.16
CA ILE C 192 72.31 -0.48 -23.07
C ILE C 192 72.83 -1.79 -23.62
N GLU C 193 73.80 -2.39 -22.94
CA GLU C 193 74.40 -3.67 -23.36
C GLU C 193 74.22 -4.78 -22.31
N GLU C 194 73.40 -5.80 -22.65
CA GLU C 194 73.09 -6.91 -21.71
C GLU C 194 74.23 -7.91 -21.72
N GLY C 195 74.48 -8.50 -22.88
CA GLY C 195 75.60 -9.42 -23.04
C GLY C 195 76.74 -8.69 -23.72
N GLY C 196 77.13 -9.16 -24.88
CA GLY C 196 78.11 -8.45 -25.72
C GLY C 196 77.41 -7.84 -26.91
N GLU C 197 76.12 -7.65 -26.75
CA GLU C 197 75.21 -7.44 -27.85
C GLU C 197 74.62 -6.04 -27.73
N SER C 198 74.66 -5.28 -28.83
CA SER C 198 74.07 -3.94 -28.83
C SER C 198 72.58 -4.08 -28.63
N ARG C 199 72.05 -3.46 -27.58
CA ARG C 199 70.62 -3.53 -27.27
C ARG C 199 70.03 -2.12 -27.03
N TYR C 200 68.72 -1.98 -27.23
CA TYR C 200 68.00 -0.72 -27.01
C TYR C 200 66.78 -0.91 -26.13
N MET C 201 66.92 -0.59 -24.84
CA MET C 201 65.90 -0.87 -23.87
C MET C 201 64.75 0.12 -23.98
N ILE C 202 63.54 -0.40 -24.23
CA ILE C 202 62.37 0.46 -24.39
C ILE C 202 62.02 1.09 -23.04
N THR C 203 61.88 2.42 -23.05
CA THR C 203 61.47 3.15 -21.85
C THR C 203 60.10 3.80 -22.02
N ASP C 204 59.80 4.24 -23.24
CA ASP C 204 58.48 4.81 -23.56
C ASP C 204 58.11 4.42 -24.98
N ILE C 205 56.83 4.12 -25.19
CA ILE C 205 56.30 3.75 -26.51
C ILE C 205 55.25 4.75 -26.94
N ILE C 206 55.50 5.49 -28.01
CA ILE C 206 54.62 6.58 -28.45
C ILE C 206 53.65 6.12 -29.54
N GLY C 207 54.19 5.62 -30.63
CA GLY C 207 53.41 5.29 -31.82
C GLY C 207 53.63 6.30 -32.91
N LYS C 208 53.62 5.83 -34.16
CA LYS C 208 53.66 6.69 -35.35
C LYS C 208 52.28 7.26 -35.54
N ASP C 209 51.29 6.38 -35.38
CA ASP C 209 49.89 6.72 -35.56
C ASP C 209 49.37 7.56 -34.39
N ASP C 210 48.30 8.31 -34.66
CA ASP C 210 47.67 9.16 -33.66
C ASP C 210 46.33 8.59 -33.21
N GLY C 211 45.85 9.06 -32.06
CA GLY C 211 44.57 8.64 -31.53
C GLY C 211 44.62 7.23 -30.98
N LEU C 212 45.63 6.95 -30.15
CA LEU C 212 45.82 5.64 -29.54
C LEU C 212 45.34 5.63 -28.09
N GLY C 213 45.90 6.54 -27.30
CA GLY C 213 45.77 6.48 -25.84
C GLY C 213 45.32 7.78 -25.20
N VAL C 214 46.16 8.32 -24.31
CA VAL C 214 45.76 9.40 -23.41
C VAL C 214 45.27 10.67 -24.13
N GLU C 215 45.69 10.84 -25.39
CA GLU C 215 45.21 11.96 -26.21
C GLU C 215 43.71 11.84 -26.53
N ASN C 216 43.20 10.62 -26.57
CA ASN C 216 41.76 10.39 -26.73
C ASN C 216 40.98 10.74 -25.46
N LEU C 217 41.63 10.62 -24.30
CA LEU C 217 41.04 11.06 -23.03
C LEU C 217 40.93 12.59 -22.95
N ARG C 218 41.94 13.25 -23.52
CA ARG C 218 41.91 14.71 -23.65
C ARG C 218 40.75 15.13 -24.56
N GLY C 219 40.76 14.60 -25.78
CA GLY C 219 39.71 14.88 -26.77
C GLY C 219 38.30 14.54 -26.30
N SER C 220 38.16 13.59 -25.38
CA SER C 220 36.85 13.27 -24.80
C SER C 220 36.42 14.36 -23.80
N GLY C 221 37.30 14.69 -22.86
CA GLY C 221 37.03 15.75 -21.90
C GLY C 221 36.74 17.08 -22.56
N MET C 222 37.37 17.30 -23.72
CA MET C 222 37.11 18.48 -24.53
C MET C 222 35.63 18.53 -24.85
N ILE C 223 35.12 17.48 -25.49
CA ILE C 223 33.70 17.44 -25.88
C ILE C 223 32.78 17.11 -24.69
N ALA C 224 33.34 16.83 -23.53
CA ALA C 224 32.55 16.76 -22.28
C ALA C 224 32.16 18.17 -21.81
N GLY C 225 33.14 19.08 -21.74
CA GLY C 225 32.89 20.44 -21.33
C GLY C 225 32.00 21.18 -22.32
N GLU C 226 32.24 20.94 -23.61
CA GLU C 226 31.42 21.51 -24.68
C GLU C 226 29.95 21.16 -24.45
N SER C 227 29.68 19.90 -24.10
CA SER C 227 28.32 19.47 -23.80
C SER C 227 27.79 20.13 -22.54
N SER C 228 28.59 20.15 -21.50
CA SER C 228 28.25 20.87 -20.27
C SER C 228 27.78 22.28 -20.57
N LEU C 229 28.54 23.00 -21.39
CA LEU C 229 28.15 24.35 -21.82
C LEU C 229 26.84 24.36 -22.61
N ALA C 230 26.77 23.54 -23.67
CA ALA C 230 25.56 23.43 -24.50
C ALA C 230 24.25 23.33 -23.70
N TYR C 231 24.27 22.59 -22.60
CA TYR C 231 23.09 22.47 -21.74
C TYR C 231 22.72 23.81 -21.11
N GLU C 232 23.71 24.68 -20.89
CA GLU C 232 23.45 25.99 -20.32
C GLU C 232 22.80 26.97 -21.30
N GLU C 233 23.04 26.76 -22.60
CA GLU C 233 22.75 27.76 -23.64
C GLU C 233 21.64 27.39 -24.64
N ILE C 234 21.57 26.12 -25.03
CA ILE C 234 20.55 25.63 -26.00
C ILE C 234 19.82 24.39 -25.50
N VAL C 235 18.68 24.10 -26.11
CA VAL C 235 18.00 22.82 -25.87
C VAL C 235 18.91 21.71 -26.39
N THR C 236 18.92 20.57 -25.69
CA THR C 236 19.86 19.47 -25.98
C THR C 236 19.21 18.13 -25.70
N ILE C 237 19.00 17.32 -26.74
CA ILE C 237 18.32 16.02 -26.64
C ILE C 237 19.20 14.87 -27.11
N SER C 238 19.02 13.70 -26.50
CA SER C 238 19.83 12.53 -26.83
C SER C 238 19.00 11.28 -27.04
N LEU C 239 19.41 10.50 -28.05
CA LEU C 239 18.82 9.18 -28.34
C LEU C 239 19.88 8.08 -28.23
N VAL C 240 19.67 7.15 -27.30
CA VAL C 240 20.51 5.97 -27.16
C VAL C 240 19.85 4.81 -27.90
N THR C 241 20.47 4.35 -28.99
CA THR C 241 19.88 3.33 -29.87
C THR C 241 20.57 1.96 -29.82
N CYS C 242 21.89 1.96 -29.64
CA CYS C 242 22.62 0.71 -29.51
C CYS C 242 23.29 0.64 -28.16
N ARG C 243 24.13 1.63 -27.87
CA ARG C 243 24.83 1.69 -26.61
C ARG C 243 25.56 3.01 -26.51
N ALA C 244 25.68 3.52 -25.29
CA ALA C 244 26.53 4.66 -25.01
C ALA C 244 27.55 4.26 -23.95
N ILE C 245 28.81 4.13 -24.34
CA ILE C 245 29.86 3.74 -23.41
C ILE C 245 30.80 4.90 -23.16
N GLY C 246 31.31 4.98 -21.92
CA GLY C 246 32.37 5.91 -21.54
C GLY C 246 32.02 7.37 -21.68
N ILE C 247 32.79 8.08 -22.52
CA ILE C 247 32.51 9.49 -22.83
C ILE C 247 31.09 9.65 -23.36
N GLY C 248 30.63 8.69 -24.16
CA GLY C 248 29.25 8.65 -24.66
C GLY C 248 28.20 8.62 -23.56
N ALA C 249 28.43 7.79 -22.56
CA ALA C 249 27.58 7.78 -21.37
C ALA C 249 27.50 9.20 -20.85
N TYR C 250 28.65 9.85 -20.70
CA TYR C 250 28.74 11.20 -20.14
C TYR C 250 28.22 12.33 -21.05
N LEU C 251 28.36 12.16 -22.36
CA LEU C 251 27.80 13.13 -23.31
C LEU C 251 26.30 13.10 -23.19
N VAL C 252 25.72 11.92 -23.42
CA VAL C 252 24.28 11.73 -23.31
C VAL C 252 23.68 12.39 -22.05
N ARG C 253 24.36 12.19 -20.93
CA ARG C 253 23.91 12.66 -19.62
C ARG C 253 24.01 14.17 -19.46
N LEU C 254 25.17 14.73 -19.81
CA LEU C 254 25.35 16.19 -19.77
C LEU C 254 24.27 16.92 -20.56
N GLY C 255 23.74 16.27 -21.61
CA GLY C 255 22.56 16.78 -22.31
C GLY C 255 21.22 16.56 -21.62
N GLN C 256 21.23 16.29 -20.31
CA GLN C 256 20.02 15.92 -19.54
C GLN C 256 18.91 15.14 -20.27
N ARG C 257 18.24 15.75 -21.26
CA ARG C 257 17.19 15.06 -22.02
C ARG C 257 17.72 13.80 -22.71
N VAL C 258 17.15 12.65 -22.34
CA VAL C 258 17.63 11.36 -22.82
C VAL C 258 16.48 10.42 -23.13
N ILE C 259 16.35 10.04 -24.41
CA ILE C 259 15.44 9.02 -24.88
C ILE C 259 16.27 7.75 -25.09
N GLN C 260 15.84 6.63 -24.50
CA GLN C 260 16.61 5.37 -24.61
C GLN C 260 15.79 4.27 -25.29
N VAL C 261 16.39 3.64 -26.30
CA VAL C 261 15.78 2.50 -26.98
C VAL C 261 15.84 1.28 -26.05
N GLU C 262 14.98 0.29 -26.29
CA GLU C 262 14.75 -0.77 -25.29
C GLU C 262 15.86 -1.82 -25.15
N ASN C 263 16.45 -2.28 -26.24
CA ASN C 263 17.54 -3.27 -26.14
C ASN C 263 18.87 -2.64 -25.66
N SER C 264 18.97 -1.31 -25.71
CA SER C 264 20.25 -0.62 -25.54
C SER C 264 20.69 -0.50 -24.10
N HIS C 265 21.92 -0.03 -23.92
CA HIS C 265 22.45 0.18 -22.58
C HIS C 265 23.42 1.38 -22.53
N ILE C 266 23.46 2.03 -21.37
CA ILE C 266 24.35 3.15 -21.11
C ILE C 266 25.33 2.69 -20.03
N ILE C 267 26.61 2.56 -20.36
CA ILE C 267 27.58 2.06 -19.38
C ILE C 267 28.88 2.86 -19.32
N LEU C 268 29.70 2.57 -18.31
CA LEU C 268 31.05 3.14 -18.17
C LEU C 268 32.09 2.08 -18.51
N THR C 269 32.05 0.95 -17.79
CA THR C 269 32.74 -0.26 -18.24
C THR C 269 31.76 -1.43 -18.24
N GLY C 270 32.03 -2.42 -19.10
CA GLY C 270 31.07 -3.49 -19.39
C GLY C 270 31.04 -4.61 -18.37
N ALA C 271 30.19 -5.59 -18.62
CA ALA C 271 30.02 -6.72 -17.72
C ALA C 271 31.24 -7.65 -17.71
N SER C 272 31.83 -7.90 -18.87
CA SER C 272 33.04 -8.74 -18.96
C SER C 272 34.15 -8.09 -18.16
N ALA C 273 34.49 -6.87 -18.56
CA ALA C 273 35.56 -6.14 -17.93
C ALA C 273 35.39 -6.22 -16.42
N LEU C 274 34.19 -5.95 -15.94
CA LEU C 274 33.94 -5.93 -14.51
C LEU C 274 34.08 -7.31 -13.85
N ASN C 275 33.68 -8.36 -14.55
CA ASN C 275 33.89 -9.73 -14.05
C ASN C 275 35.37 -10.04 -14.00
N LYS C 276 36.06 -9.64 -15.07
CA LYS C 276 37.50 -9.79 -15.17
C LYS C 276 38.19 -9.10 -14.01
N VAL C 277 37.79 -7.87 -13.69
CA VAL C 277 38.44 -7.15 -12.60
C VAL C 277 38.05 -7.77 -11.26
N LEU C 278 36.78 -8.13 -11.09
CA LEU C 278 36.28 -8.64 -9.81
C LEU C 278 36.73 -10.08 -9.51
N GLY C 279 36.67 -10.95 -10.53
CA GLY C 279 37.09 -12.34 -10.36
C GLY C 279 35.95 -13.32 -10.57
N ARG C 280 34.87 -13.19 -9.80
CA ARG C 280 33.68 -14.01 -9.99
C ARG C 280 32.95 -13.61 -11.28
N GLU C 281 32.09 -14.50 -11.75
CA GLU C 281 31.17 -14.23 -12.84
C GLU C 281 29.98 -13.42 -12.29
N VAL C 282 30.22 -12.15 -11.95
CA VAL C 282 29.25 -11.39 -11.18
C VAL C 282 28.10 -10.90 -12.04
N TYR C 283 28.37 -10.03 -13.00
CA TYR C 283 27.33 -9.42 -13.83
C TYR C 283 27.12 -10.19 -15.12
N THR C 284 25.85 -10.39 -15.49
CA THR C 284 25.47 -11.28 -16.61
C THR C 284 25.34 -10.60 -17.99
N SER C 285 25.10 -9.29 -18.01
CA SER C 285 24.85 -8.56 -19.26
C SER C 285 25.24 -7.08 -19.13
N ASN C 286 25.44 -6.41 -20.26
CA ASN C 286 25.64 -4.96 -20.25
C ASN C 286 24.33 -4.21 -19.95
N ASN C 287 23.20 -4.81 -20.34
CA ASN C 287 21.87 -4.29 -20.00
C ASN C 287 21.60 -4.33 -18.49
N GLN C 288 22.25 -5.28 -17.80
CA GLN C 288 22.16 -5.37 -16.35
C GLN C 288 22.77 -4.17 -15.63
N LEU C 289 23.73 -3.51 -16.29
CA LEU C 289 24.43 -2.36 -15.73
C LEU C 289 23.80 -1.05 -16.22
N GLY C 290 23.37 -1.03 -17.48
CA GLY C 290 22.89 0.20 -18.10
C GLY C 290 21.62 0.09 -18.90
N GLY C 291 20.90 -1.01 -18.72
CA GLY C 291 19.65 -1.21 -19.45
C GLY C 291 18.54 -0.30 -18.98
N VAL C 292 17.43 -0.37 -19.70
CA VAL C 292 16.27 0.48 -19.47
C VAL C 292 15.81 0.40 -18.02
N GLN C 293 15.75 -0.83 -17.49
CA GLN C 293 15.30 -1.05 -16.11
C GLN C 293 16.12 -0.33 -15.06
N ILE C 294 17.29 0.20 -15.42
CA ILE C 294 18.14 0.94 -14.49
C ILE C 294 18.16 2.45 -14.73
N MET C 295 18.22 2.86 -15.99
CA MET C 295 18.37 4.28 -16.31
C MET C 295 17.02 5.00 -16.37
N HIS C 296 16.00 4.27 -16.83
CA HIS C 296 14.63 4.78 -16.84
C HIS C 296 14.25 4.99 -15.37
N TYR C 297 14.67 4.05 -14.53
CA TYR C 297 14.28 4.02 -13.12
C TYR C 297 15.17 4.81 -12.15
N ASN C 298 16.22 5.46 -12.63
CA ASN C 298 17.02 6.35 -11.77
C ASN C 298 17.10 7.77 -12.29
N GLY C 299 16.37 8.05 -13.37
CA GLY C 299 16.21 9.40 -13.89
C GLY C 299 17.21 9.81 -14.93
N VAL C 300 18.12 8.90 -15.30
CA VAL C 300 19.08 9.18 -16.36
C VAL C 300 18.39 9.17 -17.72
N SER C 301 17.46 8.24 -17.91
CA SER C 301 16.68 8.15 -19.13
C SER C 301 15.29 8.72 -18.89
N HIS C 302 15.00 9.85 -19.55
CA HIS C 302 13.71 10.54 -19.40
C HIS C 302 12.56 9.68 -19.88
N ILE C 303 12.78 8.97 -20.98
CA ILE C 303 11.76 8.09 -21.51
C ILE C 303 12.34 6.94 -22.30
N THR C 304 11.60 5.85 -22.29
CA THR C 304 11.95 4.63 -22.97
C THR C 304 11.13 4.62 -24.27
N VAL C 305 11.76 4.24 -25.38
CA VAL C 305 11.05 4.02 -26.65
C VAL C 305 11.39 2.61 -27.18
N PRO C 306 10.50 2.03 -27.99
CA PRO C 306 10.67 0.63 -28.43
C PRO C 306 11.67 0.44 -29.58
N ASP C 307 11.90 1.48 -30.37
CA ASP C 307 12.84 1.42 -31.50
C ASP C 307 13.31 2.82 -31.92
N ASP C 308 14.22 2.86 -32.88
CA ASP C 308 14.85 4.09 -33.32
C ASP C 308 13.89 5.09 -33.95
N PHE C 309 12.81 4.60 -34.56
CA PHE C 309 11.83 5.48 -35.18
C PHE C 309 11.06 6.25 -34.11
N GLU C 310 10.41 5.52 -33.21
CA GLU C 310 9.56 6.12 -32.20
C GLU C 310 10.35 7.03 -31.25
N GLY C 311 11.67 6.88 -31.23
CA GLY C 311 12.55 7.85 -30.61
C GLY C 311 12.63 9.15 -31.42
N VAL C 312 12.83 9.03 -32.73
CA VAL C 312 12.84 10.19 -33.64
C VAL C 312 11.51 10.93 -33.59
N TYR C 313 10.43 10.21 -33.30
CA TYR C 313 9.12 10.82 -33.03
C TYR C 313 9.19 11.63 -31.74
N THR C 314 9.70 11.02 -30.68
CA THR C 314 9.76 11.64 -29.35
C THR C 314 10.58 12.92 -29.31
N ILE C 315 11.67 12.94 -30.08
CA ILE C 315 12.51 14.12 -30.18
C ILE C 315 11.65 15.27 -30.71
N LEU C 316 10.96 15.02 -31.82
CA LEU C 316 10.04 16.01 -32.41
C LEU C 316 8.92 16.37 -31.45
N GLU C 317 8.43 15.37 -30.72
CA GLU C 317 7.40 15.56 -29.70
C GLU C 317 7.88 16.51 -28.61
N TRP C 318 9.12 16.31 -28.15
CA TRP C 318 9.69 17.21 -27.15
C TRP C 318 9.92 18.62 -27.70
N LEU C 319 10.41 18.70 -28.93
CA LEU C 319 10.63 19.99 -29.61
C LEU C 319 9.32 20.73 -29.90
N SER C 320 8.20 20.01 -29.83
CA SER C 320 6.87 20.59 -29.98
C SER C 320 6.52 21.66 -28.95
N TYR C 321 7.09 21.56 -27.75
CA TYR C 321 6.81 22.50 -26.65
C TYR C 321 7.88 23.59 -26.55
N MET C 322 8.99 23.38 -27.23
CA MET C 322 10.19 24.18 -27.01
C MET C 322 10.39 25.23 -28.10
N PRO C 323 10.95 26.39 -27.73
CA PRO C 323 11.20 27.43 -28.70
C PRO C 323 12.19 26.99 -29.77
N LYS C 324 11.78 27.11 -31.03
CA LYS C 324 12.64 26.90 -32.20
C LYS C 324 14.10 27.36 -31.99
N ASP C 325 14.23 28.48 -31.30
CA ASP C 325 15.48 29.17 -31.10
C ASP C 325 15.57 29.51 -29.61
N ASN C 326 16.72 29.96 -29.13
CA ASN C 326 16.80 30.47 -27.75
C ASN C 326 16.50 31.97 -27.68
N HIS C 327 16.28 32.60 -28.82
CA HIS C 327 15.82 33.99 -28.89
C HIS C 327 14.29 34.03 -28.94
N SER C 328 13.72 33.09 -29.68
CA SER C 328 12.28 33.08 -29.94
C SER C 328 11.49 32.66 -28.69
N PRO C 329 10.27 33.19 -28.53
CA PRO C 329 9.45 32.86 -27.37
C PRO C 329 8.81 31.49 -27.47
N VAL C 330 8.11 31.09 -26.41
CA VAL C 330 7.41 29.82 -26.40
C VAL C 330 6.43 29.79 -27.56
N PRO C 331 6.43 28.71 -28.34
CA PRO C 331 5.51 28.60 -29.46
C PRO C 331 4.09 28.32 -29.00
N ILE C 332 3.23 29.32 -29.11
CA ILE C 332 1.82 29.19 -28.75
C ILE C 332 1.00 28.86 -30.00
N ILE C 333 0.43 27.66 -30.03
CA ILE C 333 -0.40 27.22 -31.14
C ILE C 333 -1.88 27.48 -30.84
N THR C 334 -2.68 27.65 -31.89
CA THR C 334 -4.12 27.85 -31.70
C THR C 334 -4.75 26.53 -31.27
N PRO C 335 -5.38 26.51 -30.08
CA PRO C 335 -5.88 25.26 -29.53
C PRO C 335 -7.15 24.76 -30.21
N THR C 336 -7.35 23.45 -30.21
CA THR C 336 -8.63 22.85 -30.62
C THR C 336 -9.43 22.45 -29.39
N ASP C 337 -8.78 22.35 -28.24
CA ASP C 337 -9.49 22.16 -26.99
C ASP C 337 -9.76 23.54 -26.41
N PRO C 338 -11.05 23.90 -26.23
CA PRO C 338 -11.41 25.24 -25.77
C PRO C 338 -10.80 25.67 -24.45
N ILE C 339 -10.67 26.98 -24.27
CA ILE C 339 -10.24 27.56 -23.02
C ILE C 339 -11.45 27.94 -22.18
N ASP C 340 -12.59 28.14 -22.82
CA ASP C 340 -13.80 28.62 -22.15
C ASP C 340 -14.48 27.51 -21.35
N ARG C 341 -14.04 26.27 -21.54
CA ARG C 341 -14.70 25.13 -20.91
C ARG C 341 -14.30 24.90 -19.46
N GLU C 342 -15.18 24.17 -18.77
CA GLU C 342 -15.06 23.83 -17.36
C GLU C 342 -14.23 22.54 -17.24
N ILE C 343 -13.56 22.33 -16.12
CA ILE C 343 -12.86 21.07 -15.87
C ILE C 343 -13.87 20.04 -15.37
N GLU C 344 -13.71 18.78 -15.80
CA GLU C 344 -14.64 17.71 -15.46
C GLU C 344 -14.10 16.75 -14.40
N PHE C 345 -12.85 16.35 -14.52
CA PHE C 345 -12.22 15.57 -13.45
C PHE C 345 -12.12 16.43 -12.18
N LEU C 346 -12.83 16.01 -11.15
CA LEU C 346 -12.80 16.69 -9.87
C LEU C 346 -11.92 15.91 -8.90
N PRO C 347 -10.74 16.46 -8.57
CA PRO C 347 -9.92 15.87 -7.51
C PRO C 347 -10.63 15.86 -6.14
N SER C 348 -10.23 14.90 -5.32
CA SER C 348 -10.97 14.57 -4.12
C SER C 348 -10.06 14.03 -3.05
N ARG C 349 -10.57 14.00 -1.83
CA ARG C 349 -9.84 13.45 -0.69
C ARG C 349 -9.46 11.98 -0.94
N ALA C 350 -10.29 11.28 -1.72
CA ALA C 350 -9.99 9.92 -2.15
C ALA C 350 -8.77 9.92 -3.07
N PRO C 351 -7.63 9.41 -2.59
CA PRO C 351 -6.39 9.55 -3.35
C PRO C 351 -6.59 9.13 -4.79
N TYR C 352 -5.96 9.86 -5.69
CA TYR C 352 -6.19 9.69 -7.12
C TYR C 352 -4.89 9.86 -7.89
N ASP C 353 -4.89 9.35 -9.11
CA ASP C 353 -3.75 9.52 -9.99
C ASP C 353 -3.74 10.98 -10.44
N PRO C 354 -2.63 11.71 -10.15
CA PRO C 354 -2.57 13.11 -10.56
C PRO C 354 -2.63 13.29 -12.08
N ARG C 355 -2.32 12.24 -12.82
CA ARG C 355 -2.42 12.30 -14.27
C ARG C 355 -3.87 12.47 -14.73
N TRP C 356 -4.83 12.06 -13.90
CA TRP C 356 -6.24 12.24 -14.21
C TRP C 356 -6.69 13.72 -14.22
N MET C 357 -5.99 14.56 -13.45
CA MET C 357 -6.34 15.98 -13.37
C MET C 357 -5.58 16.80 -14.39
N LEU C 358 -4.50 16.25 -14.92
CA LEU C 358 -3.73 16.92 -15.95
C LEU C 358 -4.29 16.54 -17.32
N ALA C 359 -4.15 15.26 -17.66
CA ALA C 359 -4.51 14.76 -18.99
C ALA C 359 -5.93 14.21 -19.06
N GLY C 360 -6.61 14.13 -17.92
CA GLY C 360 -7.96 13.57 -17.86
C GLY C 360 -7.94 12.05 -17.86
N ARG C 361 -9.08 11.45 -18.19
CA ARG C 361 -9.22 10.00 -18.22
C ARG C 361 -10.50 9.66 -18.93
N PRO C 362 -10.71 8.38 -19.24
CA PRO C 362 -12.04 7.99 -19.69
C PRO C 362 -13.06 8.16 -18.57
N HIS C 363 -14.25 8.63 -18.92
CA HIS C 363 -15.36 8.82 -17.99
C HIS C 363 -15.76 7.47 -17.41
N PRO C 364 -15.85 7.36 -16.08
CA PRO C 364 -16.12 6.06 -15.43
C PRO C 364 -17.50 5.46 -15.72
N THR C 365 -18.53 6.29 -15.78
CA THR C 365 -19.93 5.85 -15.99
C THR C 365 -20.38 5.82 -17.46
N LEU C 366 -19.59 6.40 -18.35
CA LEU C 366 -19.94 6.52 -19.78
C LEU C 366 -18.82 5.94 -20.63
N LYS C 367 -19.17 4.96 -21.46
CA LYS C 367 -18.18 4.24 -22.26
C LYS C 367 -17.63 5.04 -23.46
N GLY C 368 -18.31 6.13 -23.81
CA GLY C 368 -17.86 7.00 -24.89
C GLY C 368 -17.21 8.28 -24.37
N THR C 369 -17.85 8.89 -23.37
CA THR C 369 -17.39 10.16 -22.81
C THR C 369 -15.97 10.09 -22.28
N TRP C 370 -15.23 11.19 -22.47
CA TRP C 370 -13.92 11.36 -21.87
C TRP C 370 -13.98 12.51 -20.87
N GLN C 371 -13.29 12.37 -19.74
CA GLN C 371 -13.32 13.41 -18.70
C GLN C 371 -12.19 14.42 -18.87
N SER C 372 -12.56 15.68 -19.00
CA SER C 372 -11.62 16.78 -19.22
C SER C 372 -10.71 16.98 -18.02
N GLY C 373 -9.40 16.97 -18.28
CA GLY C 373 -8.42 17.33 -17.27
C GLY C 373 -8.30 18.84 -17.13
N PHE C 374 -7.08 19.29 -16.85
CA PHE C 374 -6.79 20.71 -16.72
C PHE C 374 -6.29 21.22 -18.07
N PHE C 375 -5.22 20.61 -18.57
CA PHE C 375 -4.60 21.05 -19.81
C PHE C 375 -5.39 20.61 -21.03
N ASP C 376 -4.92 21.05 -22.20
CA ASP C 376 -5.51 20.65 -23.48
C ASP C 376 -5.43 19.14 -23.65
N HIS C 377 -6.52 18.55 -24.14
CA HIS C 377 -6.61 17.11 -24.31
C HIS C 377 -5.43 16.57 -25.12
N GLY C 378 -4.78 15.53 -24.61
CA GLY C 378 -3.68 14.85 -25.30
C GLY C 378 -2.33 15.55 -25.29
N SER C 379 -2.24 16.68 -24.59
CA SER C 379 -1.06 17.53 -24.64
C SER C 379 0.00 17.09 -23.63
N PHE C 380 -0.44 16.51 -22.52
CA PHE C 380 0.49 16.17 -21.45
C PHE C 380 1.36 14.99 -21.84
N LYS C 381 2.67 15.19 -21.85
CA LYS C 381 3.62 14.11 -22.11
C LYS C 381 4.65 14.01 -20.98
N GLU C 382 4.52 12.97 -20.17
CA GLU C 382 5.36 12.79 -18.97
C GLU C 382 6.80 12.45 -19.30
N ILE C 383 7.70 12.88 -18.43
CA ILE C 383 9.11 12.49 -18.49
C ILE C 383 9.56 11.97 -17.12
N MET C 384 10.54 11.08 -17.13
CA MET C 384 11.07 10.44 -15.92
C MET C 384 9.97 9.82 -15.11
N ALA C 385 9.10 9.09 -15.80
CA ALA C 385 7.88 8.56 -15.18
C ALA C 385 8.16 7.55 -14.05
N PRO C 386 8.97 6.51 -14.33
CA PRO C 386 9.12 5.44 -13.34
C PRO C 386 9.98 5.78 -12.14
N TRP C 387 10.67 6.91 -12.17
CA TRP C 387 11.60 7.29 -11.10
C TRP C 387 10.97 8.32 -10.17
N ALA C 388 11.33 8.22 -8.88
CA ALA C 388 10.95 9.22 -7.88
C ALA C 388 9.45 9.47 -7.91
N GLN C 389 8.69 8.38 -7.82
CA GLN C 389 7.27 8.37 -8.23
C GLN C 389 6.31 9.14 -7.33
N THR C 390 6.83 9.67 -6.24
CA THR C 390 6.07 10.61 -5.42
C THR C 390 5.69 11.87 -6.20
N VAL C 391 6.51 12.29 -7.18
CA VAL C 391 6.25 13.49 -8.01
C VAL C 391 6.15 13.12 -9.49
N VAL C 392 5.29 13.83 -10.22
CA VAL C 392 5.06 13.60 -11.65
C VAL C 392 5.58 14.79 -12.44
N THR C 393 6.52 14.55 -13.36
CA THR C 393 7.12 15.62 -14.18
C THR C 393 6.86 15.42 -15.68
N GLY C 394 6.51 16.51 -16.37
CA GLY C 394 6.19 16.45 -17.79
C GLY C 394 5.84 17.79 -18.42
N ARG C 395 5.38 17.73 -19.67
CA ARG C 395 5.04 18.93 -20.45
C ARG C 395 3.62 18.81 -21.03
N ALA C 396 2.83 19.86 -20.83
CA ALA C 396 1.46 19.94 -21.34
C ALA C 396 1.27 21.26 -22.09
N ARG C 397 0.05 21.54 -22.51
CA ARG C 397 -0.28 22.83 -23.13
C ARG C 397 -1.55 23.39 -22.52
N LEU C 398 -1.52 24.68 -22.17
CA LEU C 398 -2.70 25.36 -21.63
C LEU C 398 -3.18 26.39 -22.63
N GLY C 399 -4.28 26.06 -23.31
CA GLY C 399 -4.84 26.91 -24.35
C GLY C 399 -3.91 27.12 -25.54
N GLY C 400 -3.03 26.14 -25.78
CA GLY C 400 -2.05 26.23 -26.84
C GLY C 400 -0.70 26.72 -26.37
N ILE C 401 -0.65 27.25 -25.15
CA ILE C 401 0.59 27.74 -24.56
C ILE C 401 1.31 26.53 -23.95
N PRO C 402 2.55 26.24 -24.38
CA PRO C 402 3.29 25.14 -23.78
C PRO C 402 3.85 25.50 -22.40
N VAL C 403 3.89 24.52 -21.50
CA VAL C 403 4.35 24.75 -20.14
C VAL C 403 4.87 23.46 -19.51
N GLY C 404 5.90 23.58 -18.68
CA GLY C 404 6.37 22.45 -17.88
C GLY C 404 5.41 22.21 -16.73
N VAL C 405 5.24 20.95 -16.35
CA VAL C 405 4.24 20.58 -15.34
C VAL C 405 4.87 19.77 -14.20
N ILE C 406 4.65 20.22 -12.96
CA ILE C 406 4.99 19.40 -11.78
C ILE C 406 3.72 19.12 -10.97
N ALA C 407 3.51 17.85 -10.65
CA ALA C 407 2.34 17.41 -9.90
C ALA C 407 2.76 16.36 -8.87
N VAL C 408 1.91 16.16 -7.86
CA VAL C 408 2.20 15.24 -6.77
C VAL C 408 1.28 14.01 -6.79
N GLU C 409 1.87 12.84 -6.57
CA GLU C 409 1.14 11.60 -6.39
C GLU C 409 0.50 11.60 -5.01
N THR C 410 -0.79 11.25 -4.97
CA THR C 410 -1.53 11.18 -3.69
C THR C 410 -1.67 9.73 -3.22
N ARG C 411 -1.50 8.76 -4.11
CA ARG C 411 -1.49 7.34 -3.73
C ARG C 411 -0.12 6.96 -3.17
N THR C 412 -0.03 5.78 -2.55
CA THR C 412 1.24 5.31 -1.98
C THR C 412 2.05 4.58 -3.04
N VAL C 413 3.28 5.03 -3.23
CA VAL C 413 4.18 4.46 -4.22
C VAL C 413 4.96 3.31 -3.62
N GLU C 414 5.27 2.33 -4.46
CA GLU C 414 6.13 1.21 -4.11
C GLU C 414 7.26 1.17 -5.12
N VAL C 415 8.50 1.16 -4.62
CA VAL C 415 9.67 1.17 -5.50
C VAL C 415 10.38 -0.17 -5.40
N ALA C 416 10.56 -0.84 -6.53
CA ALA C 416 11.37 -2.07 -6.59
C ALA C 416 12.83 -1.69 -6.60
N VAL C 417 13.54 -2.01 -5.52
CA VAL C 417 14.98 -1.82 -5.46
C VAL C 417 15.69 -3.16 -5.67
N PRO C 418 16.45 -3.30 -6.78
CA PRO C 418 17.00 -4.60 -7.16
C PRO C 418 18.18 -5.02 -6.30
N ALA C 419 18.54 -6.30 -6.37
CA ALA C 419 19.66 -6.83 -5.60
C ALA C 419 20.98 -6.46 -6.24
N ASP C 420 22.00 -6.19 -5.41
CA ASP C 420 23.35 -5.96 -5.91
C ASP C 420 23.95 -7.32 -6.22
N PRO C 421 24.27 -7.59 -7.50
CA PRO C 421 24.92 -8.86 -7.84
C PRO C 421 26.29 -9.04 -7.22
N ALA C 422 26.95 -7.93 -6.90
CA ALA C 422 28.27 -7.94 -6.28
C ALA C 422 28.28 -8.50 -4.86
N ASN C 423 27.12 -8.46 -4.21
CA ASN C 423 26.93 -9.10 -2.92
C ASN C 423 25.88 -10.22 -3.02
N LEU C 424 26.31 -11.47 -2.79
CA LEU C 424 25.39 -12.62 -2.88
C LEU C 424 24.61 -12.85 -1.57
N ASP C 425 24.75 -11.92 -0.63
CA ASP C 425 23.90 -11.86 0.57
C ASP C 425 22.85 -10.75 0.46
N SER C 426 22.65 -10.23 -0.76
CA SER C 426 21.72 -9.11 -1.01
C SER C 426 20.45 -9.55 -1.73
N GLU C 427 19.31 -9.44 -1.05
CA GLU C 427 18.01 -9.69 -1.68
C GLU C 427 17.53 -8.43 -2.37
N ALA C 428 16.74 -8.60 -3.44
CA ALA C 428 15.99 -7.50 -4.03
C ALA C 428 14.85 -7.20 -3.08
N LYS C 429 14.46 -5.93 -2.96
CA LYS C 429 13.41 -5.53 -2.01
C LYS C 429 12.48 -4.44 -2.52
N ILE C 430 11.30 -4.33 -1.89
CA ILE C 430 10.32 -3.26 -2.20
C ILE C 430 10.29 -2.25 -1.06
N ILE C 431 10.16 -0.98 -1.40
CA ILE C 431 10.07 0.12 -0.44
C ILE C 431 8.78 0.90 -0.70
N GLN C 432 8.08 1.30 0.36
CA GLN C 432 6.89 2.14 0.23
C GLN C 432 7.31 3.59 0.34
N GLN C 433 6.74 4.45 -0.51
CA GLN C 433 6.87 5.91 -0.37
C GLN C 433 5.47 6.49 -0.23
N ALA C 434 5.20 7.17 0.87
CA ALA C 434 3.89 7.77 1.07
C ALA C 434 3.74 8.99 0.17
N GLY C 435 2.56 9.18 -0.41
CA GLY C 435 2.28 10.35 -1.24
C GLY C 435 2.38 11.69 -0.52
N GLN C 436 2.31 12.78 -1.28
CA GLN C 436 2.38 14.15 -0.75
C GLN C 436 3.65 14.48 0.07
N VAL C 437 4.69 13.65 -0.06
CA VAL C 437 5.92 13.79 0.71
C VAL C 437 7.14 13.80 -0.23
N TRP C 438 7.94 14.86 -0.17
CA TRP C 438 9.19 14.90 -0.91
C TRP C 438 10.22 13.99 -0.26
N PHE C 439 10.65 12.98 -1.01
CA PHE C 439 11.74 12.11 -0.60
C PHE C 439 12.98 12.57 -1.34
N PRO C 440 14.16 12.09 -0.93
CA PRO C 440 15.35 12.54 -1.63
C PRO C 440 15.21 12.41 -3.15
N ASP C 441 14.70 11.28 -3.62
CA ASP C 441 14.48 11.10 -5.06
C ASP C 441 13.45 12.08 -5.64
N SER C 442 12.34 12.31 -4.95
CA SER C 442 11.28 13.22 -5.44
C SER C 442 11.74 14.67 -5.48
N ALA C 443 12.53 15.04 -4.48
CA ALA C 443 13.15 16.37 -4.42
C ALA C 443 14.11 16.52 -5.57
N TYR C 444 14.93 15.49 -5.79
CA TYR C 444 15.91 15.51 -6.87
C TYR C 444 15.21 15.64 -8.22
N LYS C 445 14.23 14.76 -8.46
CA LYS C 445 13.46 14.82 -9.70
C LYS C 445 12.81 16.18 -9.92
N THR C 446 12.30 16.77 -8.84
CA THR C 446 11.68 18.08 -8.90
C THR C 446 12.70 19.13 -9.26
N ALA C 447 13.81 19.18 -8.52
CA ALA C 447 14.91 20.10 -8.82
C ALA C 447 15.38 19.92 -10.27
N GLN C 448 15.41 18.67 -10.72
CA GLN C 448 15.88 18.35 -12.06
C GLN C 448 14.91 18.88 -13.12
N ALA C 449 13.61 18.67 -12.89
CA ALA C 449 12.57 19.09 -13.83
C ALA C 449 12.54 20.62 -13.93
N ILE C 450 12.79 21.29 -12.81
CA ILE C 450 12.83 22.74 -12.79
C ILE C 450 14.01 23.20 -13.65
N LYS C 451 15.21 22.69 -13.34
CA LYS C 451 16.42 23.12 -14.03
C LYS C 451 16.34 22.83 -15.53
N ASP C 452 15.78 21.68 -15.91
CA ASP C 452 15.62 21.34 -17.33
C ASP C 452 14.60 22.23 -18.06
N PHE C 453 13.43 22.44 -17.45
CA PHE C 453 12.40 23.28 -18.07
C PHE C 453 12.82 24.75 -18.18
N ASN C 454 13.66 25.21 -17.26
CA ASN C 454 14.21 26.57 -17.33
C ASN C 454 15.10 26.74 -18.56
N ARG C 455 15.97 25.76 -18.81
CA ARG C 455 16.81 25.72 -20.01
C ARG C 455 16.00 25.65 -21.29
N GLU C 456 14.81 25.07 -21.21
CA GLU C 456 13.90 25.01 -22.37
C GLU C 456 13.17 26.33 -22.60
N LYS C 457 13.35 27.29 -21.68
CA LYS C 457 12.65 28.58 -21.72
C LYS C 457 11.12 28.44 -21.64
N LEU C 458 10.66 27.39 -20.96
CA LEU C 458 9.23 27.17 -20.72
C LEU C 458 8.79 27.83 -19.42
N PRO C 459 7.51 28.19 -19.34
CA PRO C 459 6.95 28.57 -18.06
C PRO C 459 6.72 27.30 -17.26
N LEU C 460 6.41 27.46 -15.96
CA LEU C 460 6.30 26.31 -15.06
C LEU C 460 4.98 26.34 -14.30
N MET C 461 4.25 25.22 -14.36
CA MET C 461 3.01 25.09 -13.61
C MET C 461 3.13 23.96 -12.59
N ILE C 462 3.18 24.33 -11.32
CA ILE C 462 3.33 23.38 -10.21
C ILE C 462 2.00 23.25 -9.51
N PHE C 463 1.44 22.06 -9.52
CA PHE C 463 0.17 21.84 -8.85
C PHE C 463 0.45 21.36 -7.44
N ALA C 464 0.58 22.32 -6.52
CA ALA C 464 1.20 22.09 -5.22
C ALA C 464 0.40 21.18 -4.31
N ASN C 465 0.94 20.02 -3.97
CA ASN C 465 0.31 19.15 -2.96
C ASN C 465 1.33 18.34 -2.14
N TRP C 466 2.02 19.01 -1.21
CA TRP C 466 3.05 18.39 -0.37
C TRP C 466 2.89 18.75 1.11
N ARG C 467 3.09 17.75 1.97
CA ARG C 467 3.00 17.92 3.42
C ARG C 467 4.34 18.23 4.06
N GLY C 468 5.41 18.14 3.28
CA GLY C 468 6.76 18.34 3.80
C GLY C 468 7.74 17.33 3.26
N PHE C 469 9.01 17.50 3.60
CA PHE C 469 10.02 16.52 3.27
C PHE C 469 9.98 15.44 4.33
N SER C 470 10.40 14.23 3.99
CA SER C 470 10.51 13.18 4.99
C SER C 470 11.74 13.42 5.84
N GLY C 471 11.52 13.64 7.14
CA GLY C 471 12.59 13.62 8.13
C GLY C 471 12.72 12.20 8.62
N GLY C 472 13.85 11.84 9.19
CA GLY C 472 14.01 10.47 9.68
C GLY C 472 15.37 9.91 9.32
N MET C 473 15.86 9.01 10.18
CA MET C 473 17.19 8.45 10.02
C MET C 473 17.58 8.35 8.53
N LYS C 474 16.89 7.48 7.80
CA LYS C 474 17.40 7.04 6.51
C LYS C 474 17.42 8.18 5.53
N ASP C 475 16.27 8.81 5.30
CA ASP C 475 16.16 9.87 4.29
C ASP C 475 17.02 11.12 4.60
N MET C 476 17.31 11.36 5.89
CA MET C 476 18.23 12.43 6.29
C MET C 476 19.68 12.02 6.05
N TYR C 477 20.03 10.82 6.48
CA TYR C 477 21.31 10.22 6.13
C TYR C 477 21.47 10.13 4.61
N ASP C 478 20.36 9.91 3.90
CA ASP C 478 20.36 9.87 2.44
C ASP C 478 20.21 11.26 1.83
N GLN C 479 20.48 12.28 2.64
CA GLN C 479 20.77 13.63 2.18
C GLN C 479 19.55 14.42 1.64
N VAL C 480 18.33 14.06 2.06
CA VAL C 480 17.12 14.77 1.63
C VAL C 480 17.31 16.29 1.68
N LEU C 481 18.03 16.74 2.70
CA LEU C 481 18.30 18.17 2.96
C LEU C 481 19.02 18.87 1.80
N LYS C 482 19.91 18.15 1.13
CA LYS C 482 20.66 18.70 -0.01
C LYS C 482 19.76 18.94 -1.22
N PHE C 483 18.79 18.06 -1.41
CA PHE C 483 17.93 18.11 -2.58
C PHE C 483 16.73 19.01 -2.35
N GLY C 484 16.34 19.18 -1.09
CA GLY C 484 15.42 20.25 -0.74
C GLY C 484 16.04 21.59 -1.13
N ALA C 485 17.31 21.77 -0.77
CA ALA C 485 18.10 22.95 -1.15
C ALA C 485 18.04 23.30 -2.65
N TYR C 486 18.20 22.29 -3.50
CA TYR C 486 18.24 22.50 -4.95
C TYR C 486 16.90 22.97 -5.54
N ILE C 487 15.79 22.57 -4.91
CA ILE C 487 14.48 23.10 -5.30
C ILE C 487 14.48 24.63 -5.17
N VAL C 488 15.06 25.15 -4.07
CA VAL C 488 15.15 26.59 -3.84
C VAL C 488 16.06 27.27 -4.86
N ASP C 489 17.23 26.68 -5.09
CA ASP C 489 18.16 27.15 -6.12
C ASP C 489 17.44 27.23 -7.47
N GLY C 490 16.76 26.13 -7.84
CA GLY C 490 16.12 26.00 -9.14
C GLY C 490 15.09 27.06 -9.43
N LEU C 491 14.19 27.30 -8.46
CA LEU C 491 13.13 28.26 -8.66
C LEU C 491 13.71 29.66 -8.67
N ARG C 492 14.69 29.91 -7.82
CA ARG C 492 15.35 31.21 -7.75
C ARG C 492 15.81 31.60 -9.15
N GLN C 493 16.54 30.70 -9.79
CA GLN C 493 17.20 30.96 -11.08
C GLN C 493 16.27 30.97 -12.30
N TYR C 494 15.01 30.55 -12.08
CA TYR C 494 14.02 30.46 -13.14
C TYR C 494 13.73 31.84 -13.72
N LYS C 495 13.50 31.89 -15.03
CA LYS C 495 13.34 33.15 -15.76
C LYS C 495 12.04 33.28 -16.55
N GLN C 496 11.16 32.28 -16.47
CA GLN C 496 9.85 32.35 -17.10
C GLN C 496 8.81 32.40 -16.00
N PRO C 497 7.55 32.69 -16.35
CA PRO C 497 6.53 32.75 -15.30
C PRO C 497 6.35 31.40 -14.65
N ILE C 498 6.00 31.41 -13.37
CA ILE C 498 5.70 30.17 -12.64
C ILE C 498 4.40 30.33 -11.86
N LEU C 499 3.45 29.46 -12.16
CA LEU C 499 2.14 29.53 -11.53
C LEU C 499 2.05 28.34 -10.60
N ILE C 500 2.03 28.59 -9.30
CA ILE C 500 1.92 27.52 -8.31
C ILE C 500 0.46 27.47 -7.85
N TYR C 501 -0.21 26.36 -8.09
CA TYR C 501 -1.63 26.21 -7.76
C TYR C 501 -1.90 25.00 -6.86
N ILE C 502 -2.31 25.25 -5.62
CA ILE C 502 -2.78 24.20 -4.73
C ILE C 502 -4.20 23.84 -5.15
N PRO C 503 -4.41 22.63 -5.69
CA PRO C 503 -5.72 22.24 -6.19
C PRO C 503 -6.67 21.87 -5.05
N PRO C 504 -7.93 21.49 -5.39
CA PRO C 504 -8.89 21.10 -4.36
C PRO C 504 -8.38 19.96 -3.48
N TYR C 505 -8.69 20.04 -2.18
CA TYR C 505 -8.35 19.01 -1.21
C TYR C 505 -6.86 18.70 -1.21
N ALA C 506 -6.07 19.64 -1.73
CA ALA C 506 -4.64 19.50 -1.73
C ALA C 506 -4.14 20.37 -0.60
N GLU C 507 -2.84 20.36 -0.37
CA GLU C 507 -2.26 21.16 0.69
C GLU C 507 -0.78 21.43 0.49
N LEU C 508 -0.32 22.52 1.11
CA LEU C 508 1.08 22.90 1.09
C LEU C 508 1.52 23.21 2.53
N ARG C 509 2.28 22.29 3.13
CA ARG C 509 2.68 22.43 4.53
C ARG C 509 4.18 22.56 4.70
N GLY C 510 4.58 23.26 5.76
CA GLY C 510 5.94 23.22 6.31
C GLY C 510 7.09 23.51 5.36
N GLY C 511 7.97 22.52 5.21
CA GLY C 511 9.16 22.65 4.38
C GLY C 511 8.84 22.79 2.91
N SER C 512 7.83 22.06 2.44
CA SER C 512 7.42 22.17 1.06
C SER C 512 7.09 23.60 0.68
N TRP C 513 6.33 24.30 1.51
CA TRP C 513 6.03 25.72 1.26
C TRP C 513 7.30 26.58 1.25
N VAL C 514 8.17 26.39 2.25
CA VAL C 514 9.40 27.19 2.37
C VAL C 514 10.28 27.18 1.11
N VAL C 515 10.35 26.04 0.43
CA VAL C 515 11.25 25.88 -0.72
C VAL C 515 10.60 26.25 -2.07
N ILE C 516 9.32 26.56 -2.03
CA ILE C 516 8.53 26.81 -3.23
C ILE C 516 7.91 28.22 -3.20
N ASP C 517 8.18 28.99 -2.15
CA ASP C 517 7.42 30.23 -1.89
C ASP C 517 7.77 31.35 -2.85
N ALA C 518 6.75 32.10 -3.26
CA ALA C 518 6.89 33.14 -4.29
C ALA C 518 8.08 34.07 -4.08
N THR C 519 8.36 34.41 -2.82
CA THR C 519 9.45 35.34 -2.50
C THR C 519 10.85 34.78 -2.78
N ILE C 520 10.95 33.54 -3.27
CA ILE C 520 12.21 33.04 -3.80
C ILE C 520 12.52 33.76 -5.13
N ASN C 521 11.54 33.77 -6.03
CA ASN C 521 11.65 34.47 -7.33
C ASN C 521 10.37 35.33 -7.54
N PRO C 522 10.33 36.51 -6.90
CA PRO C 522 9.09 37.30 -6.87
C PRO C 522 8.65 37.82 -8.25
N LEU C 523 9.59 37.92 -9.19
CA LEU C 523 9.26 38.35 -10.54
C LEU C 523 8.51 37.30 -11.36
N CYS C 524 8.65 36.02 -10.98
CA CYS C 524 8.10 34.90 -11.76
C CYS C 524 6.96 34.14 -11.08
N ILE C 525 7.11 33.87 -9.79
CA ILE C 525 6.20 32.97 -9.08
C ILE C 525 4.94 33.68 -8.61
N GLU C 526 3.80 33.12 -8.95
CA GLU C 526 2.53 33.53 -8.37
C GLU C 526 1.86 32.31 -7.76
N MET C 527 1.32 32.47 -6.56
CA MET C 527 0.72 31.35 -5.82
C MET C 527 -0.80 31.44 -5.78
N TYR C 528 -1.45 30.29 -6.01
CA TYR C 528 -2.91 30.20 -6.10
C TYR C 528 -3.47 29.08 -5.25
N ALA C 529 -4.43 29.43 -4.39
CA ALA C 529 -5.09 28.48 -3.49
C ALA C 529 -6.47 28.19 -4.03
N ASP C 530 -6.86 26.91 -3.99
CA ASP C 530 -8.24 26.55 -4.29
C ASP C 530 -9.05 26.78 -3.02
N LYS C 531 -10.35 27.03 -3.19
CA LYS C 531 -11.25 27.28 -2.06
C LYS C 531 -11.30 26.07 -1.14
N GLU C 532 -11.00 24.90 -1.70
CA GLU C 532 -10.98 23.66 -0.96
C GLU C 532 -9.55 23.19 -0.67
N SER C 533 -8.60 24.12 -0.60
CA SER C 533 -7.20 23.80 -0.26
C SER C 533 -6.87 24.18 1.18
N ARG C 534 -5.68 23.79 1.63
CA ARG C 534 -5.14 24.24 2.93
C ARG C 534 -3.67 24.56 2.86
N GLY C 535 -3.21 25.26 3.88
CA GLY C 535 -1.80 25.50 4.06
C GLY C 535 -1.51 26.08 5.43
N GLY C 536 -0.50 25.53 6.09
CA GLY C 536 0.03 26.08 7.33
C GLY C 536 1.40 25.50 7.61
N VAL C 537 2.01 25.90 8.73
CA VAL C 537 3.31 25.35 9.11
C VAL C 537 3.20 23.86 9.39
N LEU C 538 2.27 23.50 10.27
CA LEU C 538 2.00 22.10 10.61
C LEU C 538 0.65 21.67 10.08
N GLU C 539 0.35 20.38 10.25
CA GLU C 539 -1.00 19.89 10.09
C GLU C 539 -1.73 20.24 11.39
N PRO C 540 -3.04 20.48 11.32
CA PRO C 540 -3.77 20.94 12.51
C PRO C 540 -3.54 20.08 13.76
N GLU C 541 -3.39 18.77 13.57
CA GLU C 541 -3.14 17.87 14.69
C GLU C 541 -1.89 18.33 15.46
N GLY C 542 -0.83 18.60 14.71
CA GLY C 542 0.41 19.07 15.30
C GLY C 542 0.32 20.49 15.83
N THR C 543 -0.44 21.33 15.13
CA THR C 543 -0.70 22.68 15.60
C THR C 543 -1.32 22.61 17.00
N VAL C 544 -2.34 21.75 17.15
CA VAL C 544 -3.03 21.56 18.44
C VAL C 544 -2.06 21.04 19.47
N GLU C 545 -1.32 20.00 19.09
CA GLU C 545 -0.31 19.39 19.96
C GLU C 545 0.79 20.36 20.43
N ILE C 546 1.07 21.40 19.66
CA ILE C 546 2.12 22.36 20.03
C ILE C 546 1.60 23.68 20.58
N LYS C 547 0.35 24.03 20.28
CA LYS C 547 -0.24 25.28 20.75
C LYS C 547 -1.60 25.18 21.47
N PHE C 548 -2.28 24.05 21.38
CA PHE C 548 -3.57 23.86 22.05
C PHE C 548 -3.47 22.60 22.91
N ARG C 549 -2.69 22.73 23.98
CA ARG C 549 -2.33 21.60 24.83
C ARG C 549 -3.46 21.27 25.82
N LYS C 550 -3.21 20.27 26.66
CA LYS C 550 -4.18 19.82 27.67
C LYS C 550 -4.62 20.98 28.55
N LYS C 551 -3.66 21.73 29.06
CA LYS C 551 -3.93 22.93 29.84
C LYS C 551 -5.00 23.79 29.15
N ASP C 552 -4.77 24.08 27.87
CA ASP C 552 -5.71 24.91 27.11
C ASP C 552 -7.02 24.20 26.84
N LEU C 553 -6.99 22.88 26.73
CA LEU C 553 -8.22 22.10 26.57
C LEU C 553 -9.04 22.11 27.87
N ILE C 554 -8.39 21.88 29.01
CA ILE C 554 -9.09 21.88 30.30
C ILE C 554 -9.59 23.30 30.66
N LYS C 555 -8.97 24.32 30.08
CA LYS C 555 -9.42 25.69 30.25
C LYS C 555 -10.73 25.93 29.52
N SER C 556 -10.79 25.51 28.25
CA SER C 556 -11.97 25.76 27.45
C SER C 556 -13.17 24.98 27.99
N MET C 557 -12.88 23.88 28.69
CA MET C 557 -13.92 23.15 29.42
C MET C 557 -14.48 23.98 30.57
N ARG C 558 -13.61 24.61 31.35
CA ARG C 558 -14.04 25.57 32.37
C ARG C 558 -14.94 26.65 31.76
N ARG C 559 -14.71 26.95 30.48
CA ARG C 559 -15.47 28.00 29.78
C ARG C 559 -16.75 27.48 29.14
N ILE C 560 -16.64 26.50 28.23
CA ILE C 560 -17.81 26.00 27.49
C ILE C 560 -18.68 25.04 28.30
N ASP C 561 -18.13 23.92 28.78
CA ASP C 561 -18.93 22.89 29.46
C ASP C 561 -19.38 23.33 30.86
N PRO C 562 -20.71 23.49 31.07
CA PRO C 562 -21.19 24.00 32.35
C PRO C 562 -20.89 23.06 33.51
N ALA C 563 -21.10 21.77 33.28
CA ALA C 563 -20.81 20.73 34.26
C ALA C 563 -19.44 20.96 34.88
N TYR C 564 -18.43 21.17 34.05
CA TYR C 564 -17.07 21.42 34.52
C TYR C 564 -16.99 22.76 35.27
N LYS C 565 -17.56 23.80 34.67
CA LYS C 565 -17.57 25.13 35.28
C LYS C 565 -18.05 25.05 36.72
N LYS C 566 -19.26 24.53 36.91
CA LYS C 566 -19.89 24.46 38.24
C LYS C 566 -19.18 23.53 39.23
N LEU C 567 -18.43 22.54 38.75
CA LEU C 567 -17.64 21.71 39.66
C LEU C 567 -16.48 22.54 40.18
N MET C 568 -15.63 22.99 39.26
CA MET C 568 -14.50 23.87 39.60
C MET C 568 -14.96 24.95 40.57
N GLU C 569 -15.98 25.67 40.15
CA GLU C 569 -16.57 26.74 40.93
C GLU C 569 -16.84 26.35 42.39
N GLN C 570 -17.35 25.14 42.60
CA GLN C 570 -17.68 24.66 43.95
C GLN C 570 -16.43 24.39 44.79
N LEU C 571 -15.58 23.50 44.27
CA LEU C 571 -14.34 23.11 44.94
C LEU C 571 -13.43 24.30 45.20
N GLY C 572 -13.48 25.29 44.30
CA GLY C 572 -12.62 26.46 44.37
C GLY C 572 -12.90 27.36 45.57
N GLU C 573 -13.97 28.14 45.49
CA GLU C 573 -14.20 29.21 46.46
C GLU C 573 -14.48 28.67 47.86
N PRO C 574 -15.72 28.23 48.11
CA PRO C 574 -16.12 27.90 49.49
C PRO C 574 -15.27 26.79 50.13
N ASP C 575 -15.20 26.81 51.46
CA ASP C 575 -14.47 25.82 52.23
C ASP C 575 -15.38 24.65 52.61
N LEU C 576 -14.99 23.46 52.16
CA LEU C 576 -15.80 22.25 52.33
C LEU C 576 -14.97 21.10 52.86
N SER C 577 -15.65 20.21 53.58
CA SER C 577 -15.03 19.02 54.15
C SER C 577 -14.26 18.24 53.11
N ASP C 578 -13.18 17.58 53.55
CA ASP C 578 -12.32 16.79 52.66
C ASP C 578 -13.04 15.59 52.03
N LYS C 579 -14.12 15.14 52.68
CA LYS C 579 -14.98 14.11 52.09
C LYS C 579 -15.55 14.62 50.79
N ASP C 580 -16.36 15.67 50.87
CA ASP C 580 -16.94 16.31 49.69
C ASP C 580 -15.85 16.84 48.74
N ARG C 581 -14.70 17.23 49.29
CA ARG C 581 -13.59 17.76 48.50
C ARG C 581 -13.00 16.68 47.59
N LYS C 582 -12.67 15.52 48.15
CA LYS C 582 -12.15 14.40 47.36
C LYS C 582 -13.21 13.82 46.40
N ASP C 583 -14.49 13.96 46.75
CA ASP C 583 -15.59 13.44 45.93
C ASP C 583 -15.70 14.18 44.61
N LEU C 584 -15.96 15.49 44.68
CA LEU C 584 -16.02 16.34 43.49
C LEU C 584 -14.70 16.30 42.72
N GLU C 585 -13.59 16.20 43.45
CA GLU C 585 -12.24 16.14 42.86
C GLU C 585 -12.10 15.01 41.84
N GLY C 586 -12.60 13.81 42.18
CA GLY C 586 -12.60 12.69 41.27
C GLY C 586 -13.65 12.87 40.19
N ARG C 587 -14.84 13.30 40.64
CA ARG C 587 -15.97 13.63 39.78
C ARG C 587 -15.57 14.57 38.62
N LEU C 588 -14.73 15.56 38.94
CA LEU C 588 -14.19 16.49 37.96
C LEU C 588 -13.40 15.73 36.89
N LYS C 589 -12.53 14.83 37.35
CA LYS C 589 -11.71 14.05 36.44
C LYS C 589 -12.56 13.18 35.53
N ALA C 590 -13.66 12.65 36.08
CA ALA C 590 -14.64 11.90 35.29
C ALA C 590 -15.00 12.71 34.06
N ARG C 591 -15.57 13.88 34.30
CA ARG C 591 -15.99 14.81 33.24
C ARG C 591 -14.82 15.12 32.29
N GLU C 592 -13.67 15.41 32.87
CA GLU C 592 -12.49 15.79 32.10
C GLU C 592 -12.07 14.67 31.16
N ASP C 593 -11.97 13.47 31.69
CA ASP C 593 -11.63 12.30 30.91
C ASP C 593 -12.66 12.04 29.80
N LEU C 594 -13.92 12.33 30.07
CA LEU C 594 -14.98 12.12 29.09
C LEU C 594 -14.92 13.10 27.94
N LEU C 595 -14.82 14.39 28.25
CA LEU C 595 -14.84 15.44 27.24
C LEU C 595 -13.51 15.64 26.54
N LEU C 596 -12.43 15.14 27.12
CA LEU C 596 -11.09 15.49 26.62
C LEU C 596 -10.81 15.05 25.17
N PRO C 597 -11.29 13.87 24.74
CA PRO C 597 -11.11 13.48 23.34
C PRO C 597 -11.94 14.32 22.39
N ILE C 598 -13.14 14.68 22.82
CA ILE C 598 -14.05 15.46 21.98
C ILE C 598 -13.59 16.91 21.89
N TYR C 599 -12.96 17.42 22.95
CA TYR C 599 -12.49 18.81 22.95
C TYR C 599 -11.23 18.95 22.13
N HIS C 600 -10.43 17.89 22.07
CA HIS C 600 -9.30 17.86 21.15
C HIS C 600 -9.82 18.05 19.74
N GLN C 601 -10.93 17.38 19.42
CA GLN C 601 -11.54 17.46 18.11
C GLN C 601 -11.89 18.91 17.79
N VAL C 602 -12.50 19.58 18.75
CA VAL C 602 -12.85 20.99 18.63
C VAL C 602 -11.60 21.85 18.41
N ALA C 603 -10.51 21.51 19.10
CA ALA C 603 -9.25 22.24 18.93
C ALA C 603 -8.69 22.03 17.53
N VAL C 604 -8.75 20.81 17.02
CA VAL C 604 -8.19 20.54 15.69
C VAL C 604 -9.00 21.25 14.60
N GLN C 605 -10.30 21.43 14.83
CA GLN C 605 -11.11 22.21 13.91
C GLN C 605 -10.77 23.68 14.01
N PHE C 606 -10.61 24.16 15.24
CA PHE C 606 -10.17 25.53 15.52
C PHE C 606 -8.86 25.82 14.80
N ALA C 607 -7.95 24.87 14.85
CA ALA C 607 -6.64 25.01 14.24
C ALA C 607 -6.74 25.04 12.72
N ASP C 608 -7.66 24.23 12.20
CA ASP C 608 -7.90 24.12 10.76
C ASP C 608 -8.40 25.43 10.15
N PHE C 609 -9.24 26.15 10.90
CA PHE C 609 -9.78 27.42 10.44
C PHE C 609 -8.71 28.51 10.27
N HIS C 610 -7.49 28.26 10.75
CA HIS C 610 -6.35 29.16 10.54
C HIS C 610 -5.54 28.85 9.25
N ASP C 611 -5.82 27.70 8.63
CA ASP C 611 -5.03 27.25 7.48
C ASP C 611 -5.81 27.41 6.18
N THR C 612 -6.80 28.31 6.18
CA THR C 612 -7.71 28.42 5.06
C THR C 612 -7.07 29.25 3.94
N PRO C 613 -7.50 29.00 2.68
CA PRO C 613 -7.12 29.91 1.60
C PRO C 613 -7.62 31.34 1.86
N GLY C 614 -8.67 31.44 2.68
CA GLY C 614 -9.14 32.73 3.17
C GLY C 614 -8.07 33.52 3.90
N ARG C 615 -7.36 32.87 4.82
CA ARG C 615 -6.28 33.52 5.52
C ARG C 615 -5.10 33.73 4.58
N MET C 616 -4.83 32.75 3.73
CA MET C 616 -3.73 32.85 2.78
C MET C 616 -3.82 34.17 2.02
N LEU C 617 -4.99 34.44 1.46
CA LEU C 617 -5.24 35.64 0.66
C LEU C 617 -5.17 36.89 1.53
N GLU C 618 -5.89 36.86 2.64
CA GLU C 618 -5.98 37.96 3.58
C GLU C 618 -4.61 38.32 4.19
N LYS C 619 -3.75 37.32 4.36
CA LYS C 619 -2.40 37.57 4.88
C LYS C 619 -1.35 37.82 3.78
N GLY C 620 -1.77 37.74 2.52
CA GLY C 620 -0.94 38.16 1.40
C GLY C 620 -0.12 37.10 0.70
N VAL C 621 -0.08 35.87 1.21
CA VAL C 621 0.79 34.85 0.61
C VAL C 621 0.27 34.21 -0.71
N ILE C 622 -0.97 34.51 -1.13
CA ILE C 622 -1.43 34.11 -2.46
C ILE C 622 -2.03 35.26 -3.24
N SER C 623 -1.99 35.14 -4.56
CA SER C 623 -2.58 36.14 -5.44
C SER C 623 -4.09 36.08 -5.39
N ASP C 624 -4.64 34.87 -5.50
CA ASP C 624 -6.07 34.72 -5.69
C ASP C 624 -6.60 33.33 -5.31
N ILE C 625 -7.77 33.31 -4.67
CA ILE C 625 -8.54 32.07 -4.47
C ILE C 625 -9.15 31.64 -5.81
N LEU C 626 -9.10 30.34 -6.14
CA LEU C 626 -9.65 29.85 -7.40
C LEU C 626 -10.61 28.67 -7.25
N GLU C 627 -11.59 28.60 -8.16
CA GLU C 627 -12.53 27.48 -8.23
C GLU C 627 -12.05 26.55 -9.34
N TRP C 628 -11.51 25.40 -8.93
CA TRP C 628 -10.90 24.41 -9.84
C TRP C 628 -11.69 24.18 -11.15
N LYS C 629 -13.01 24.06 -11.04
CA LYS C 629 -13.85 23.89 -12.23
C LYS C 629 -13.44 24.86 -13.35
N THR C 630 -13.30 26.13 -12.98
CA THR C 630 -13.09 27.23 -13.93
C THR C 630 -11.63 27.73 -14.00
N ALA C 631 -10.73 27.07 -13.27
CA ALA C 631 -9.36 27.58 -13.12
C ALA C 631 -8.50 27.35 -14.35
N ARG C 632 -8.93 26.45 -15.23
CA ARG C 632 -8.26 26.26 -16.51
C ARG C 632 -8.43 27.53 -17.30
N THR C 633 -9.66 28.01 -17.39
CA THR C 633 -9.95 29.23 -18.13
C THR C 633 -9.22 30.41 -17.47
N PHE C 634 -9.26 30.48 -16.14
CA PHE C 634 -8.65 31.60 -15.41
C PHE C 634 -7.16 31.66 -15.63
N LEU C 635 -6.48 30.55 -15.34
CA LEU C 635 -5.02 30.49 -15.42
C LEU C 635 -4.50 30.53 -16.87
N TYR C 636 -5.38 30.41 -17.86
CA TYR C 636 -4.99 30.69 -19.23
C TYR C 636 -4.70 32.19 -19.37
N TRP C 637 -5.72 33.00 -19.13
CA TRP C 637 -5.62 34.44 -19.30
C TRP C 637 -4.54 35.09 -18.43
N ARG C 638 -4.27 34.50 -17.27
CA ARG C 638 -3.23 35.02 -16.41
C ARG C 638 -1.86 34.73 -16.99
N LEU C 639 -1.65 33.51 -17.47
CA LEU C 639 -0.36 33.10 -18.05
C LEU C 639 -0.07 33.84 -19.36
N ARG C 640 -1.10 33.95 -20.19
CA ARG C 640 -0.99 34.65 -21.47
C ARG C 640 -0.63 36.11 -21.25
N ARG C 641 -1.17 36.69 -20.17
CA ARG C 641 -0.81 38.05 -19.76
C ARG C 641 0.63 38.11 -19.30
N LEU C 642 0.96 37.32 -18.28
CA LEU C 642 2.31 37.30 -17.71
C LEU C 642 3.35 37.12 -18.81
N LEU C 643 3.02 36.32 -19.82
CA LEU C 643 3.92 36.08 -20.94
C LEU C 643 4.17 37.33 -21.77
N LEU C 644 3.12 38.08 -22.08
CA LEU C 644 3.26 39.34 -22.82
C LEU C 644 4.04 40.36 -22.00
N GLU C 645 3.55 40.63 -20.80
CA GLU C 645 4.26 41.53 -19.89
C GLU C 645 5.74 41.20 -19.86
N ASP C 646 6.07 39.92 -19.65
CA ASP C 646 7.46 39.49 -19.49
C ASP C 646 8.32 39.65 -20.75
N GLN C 647 7.67 39.73 -21.92
CA GLN C 647 8.36 40.05 -23.18
C GLN C 647 8.69 41.53 -23.19
N VAL C 648 7.64 42.34 -23.29
CA VAL C 648 7.74 43.79 -23.29
C VAL C 648 8.58 44.29 -22.12
N LYS C 649 8.17 43.90 -20.91
CA LYS C 649 8.83 44.34 -19.69
C LYS C 649 10.33 44.02 -19.71
N GLN C 650 10.67 42.72 -19.70
CA GLN C 650 12.06 42.31 -19.58
C GLN C 650 12.86 42.67 -20.83
N GLU C 651 12.61 41.91 -21.90
CA GLU C 651 13.53 41.87 -23.03
C GLU C 651 13.46 43.14 -23.87
N ILE C 652 12.32 43.84 -23.82
CA ILE C 652 12.11 45.05 -24.64
C ILE C 652 12.47 46.31 -23.88
N LEU C 653 11.97 46.42 -22.65
CA LEU C 653 12.19 47.62 -21.84
C LEU C 653 13.52 47.55 -21.13
N GLN C 654 13.76 46.47 -20.39
CA GLN C 654 15.00 46.35 -19.62
C GLN C 654 16.24 46.43 -20.52
N ALA C 655 16.23 45.69 -21.63
CA ALA C 655 17.38 45.67 -22.56
C ALA C 655 17.64 47.03 -23.20
N SER C 656 16.57 47.69 -23.64
CA SER C 656 16.68 49.02 -24.30
C SER C 656 17.02 50.16 -23.32
N GLY C 657 16.60 50.02 -22.06
CA GLY C 657 16.96 50.97 -21.00
C GLY C 657 17.92 50.34 -20.02
N GLU C 658 17.73 50.63 -18.73
CA GLU C 658 18.54 50.05 -17.65
C GLU C 658 18.06 50.57 -16.30
N LEU C 659 17.67 49.66 -15.42
CA LEU C 659 17.20 50.02 -14.07
C LEU C 659 18.34 49.97 -13.06
N HIS C 661 13.69 48.84 -10.57
CA HIS C 661 13.20 47.63 -11.23
C HIS C 661 11.72 47.34 -10.96
N VAL C 662 11.29 47.47 -9.70
CA VAL C 662 9.85 47.50 -9.38
C VAL C 662 9.24 48.71 -10.12
N HIS C 663 10.11 49.62 -10.54
CA HIS C 663 9.76 50.71 -11.47
C HIS C 663 9.48 50.18 -12.88
N ILE C 664 10.15 49.10 -13.29
CA ILE C 664 9.81 48.42 -14.54
C ILE C 664 8.40 47.84 -14.45
N GLN C 665 8.13 47.13 -13.35
CA GLN C 665 6.76 46.72 -13.02
C GLN C 665 5.84 47.93 -13.08
N SER C 666 6.12 48.91 -12.23
CA SER C 666 5.26 50.08 -12.10
C SER C 666 5.14 50.85 -13.42
N MET C 667 6.20 50.87 -14.21
CA MET C 667 6.24 51.63 -15.48
C MET C 667 5.16 51.12 -16.43
N LEU C 668 5.12 49.81 -16.62
CA LEU C 668 4.15 49.19 -17.53
C LEU C 668 2.72 49.51 -17.11
N ARG C 669 2.42 49.30 -15.82
CA ARG C 669 1.10 49.64 -15.29
C ARG C 669 0.82 51.14 -15.40
N ARG C 670 1.83 51.96 -15.16
CA ARG C 670 1.70 53.40 -15.29
C ARG C 670 1.41 53.76 -16.75
N TRP C 671 2.09 53.10 -17.70
CA TRP C 671 1.87 53.35 -19.13
C TRP C 671 0.49 52.88 -19.60
N PHE C 672 -0.08 51.90 -18.89
CA PHE C 672 -1.47 51.49 -19.09
C PHE C 672 -2.39 52.58 -18.56
N VAL C 673 -2.03 53.15 -17.41
CA VAL C 673 -2.83 54.17 -16.75
C VAL C 673 -2.76 55.55 -17.45
N GLU C 674 -1.58 55.93 -17.95
CA GLU C 674 -1.41 57.19 -18.70
C GLU C 674 -2.26 57.17 -19.97
N THR C 675 -2.04 56.14 -20.80
CA THR C 675 -2.68 56.02 -22.13
C THR C 675 -4.19 55.70 -22.06
N GLU C 676 -4.57 54.82 -21.15
CA GLU C 676 -5.98 54.45 -20.97
C GLU C 676 -6.69 55.50 -20.12
N GLY C 677 -6.08 55.88 -19.01
CA GLY C 677 -6.66 56.84 -18.07
C GLY C 677 -6.48 56.39 -16.64
N ALA C 678 -6.49 57.34 -15.71
CA ALA C 678 -6.33 57.05 -14.27
C ALA C 678 -7.57 56.37 -13.67
N VAL C 679 -8.74 56.62 -14.27
CA VAL C 679 -10.02 56.08 -13.81
C VAL C 679 -10.17 54.58 -14.11
N LYS C 680 -9.62 54.16 -15.26
CA LYS C 680 -9.80 52.80 -15.76
C LYS C 680 -8.89 51.78 -15.05
N ALA C 681 -7.91 52.27 -14.27
CA ALA C 681 -6.82 51.46 -13.68
C ALA C 681 -7.19 50.15 -12.93
N TYR C 682 -8.43 50.04 -12.48
CA TYR C 682 -8.90 48.82 -11.81
C TYR C 682 -9.13 47.64 -12.79
N LEU C 683 -9.14 47.96 -14.08
CA LEU C 683 -9.18 46.94 -15.15
C LEU C 683 -7.78 46.37 -15.42
N TRP C 684 -6.77 46.92 -14.74
CA TRP C 684 -5.45 46.32 -14.71
C TRP C 684 -5.53 44.93 -14.09
N ASP C 685 -6.38 44.79 -13.07
CA ASP C 685 -6.65 43.51 -12.42
C ASP C 685 -7.51 42.56 -13.29
N ASN C 686 -7.81 42.95 -14.52
CA ASN C 686 -8.54 42.11 -15.48
C ASN C 686 -7.58 41.51 -16.52
N ASN C 687 -7.18 40.27 -16.30
CA ASN C 687 -6.18 39.60 -17.14
C ASN C 687 -6.54 39.55 -18.62
N GLN C 688 -7.83 39.48 -18.93
CA GLN C 688 -8.29 39.41 -20.30
C GLN C 688 -8.24 40.77 -20.98
N VAL C 689 -8.70 41.80 -20.27
CA VAL C 689 -8.65 43.16 -20.78
C VAL C 689 -7.21 43.55 -21.14
N VAL C 690 -6.31 43.32 -20.20
CA VAL C 690 -4.89 43.63 -20.38
C VAL C 690 -4.28 42.85 -21.55
N VAL C 691 -4.64 41.57 -21.68
CA VAL C 691 -4.14 40.74 -22.79
C VAL C 691 -4.53 41.32 -24.15
N GLN C 692 -5.78 41.75 -24.28
CA GLN C 692 -6.22 42.46 -25.48
C GLN C 692 -5.43 43.75 -25.62
N TRP C 693 -5.43 44.57 -24.58
CA TRP C 693 -4.72 45.85 -24.57
C TRP C 693 -3.21 45.72 -24.86
N LEU C 694 -2.56 44.73 -24.25
CA LEU C 694 -1.11 44.57 -24.44
C LEU C 694 -0.75 44.29 -25.90
N GLU C 695 -1.27 43.18 -26.42
CA GLU C 695 -0.93 42.75 -27.78
C GLU C 695 -1.35 43.76 -28.84
N GLN C 696 -2.50 44.39 -28.65
CA GLN C 696 -3.00 45.36 -29.64
C GLN C 696 -2.11 46.60 -29.75
N HIS C 697 -1.40 46.91 -28.67
CA HIS C 697 -0.50 48.06 -28.65
C HIS C 697 0.89 47.69 -29.16
N TRP C 698 1.51 46.67 -28.56
CA TRP C 698 2.88 46.32 -28.91
C TRP C 698 2.99 45.48 -30.20
N GLN C 699 2.63 44.20 -30.11
CA GLN C 699 2.85 43.26 -31.21
C GLN C 699 1.81 43.43 -32.31
N ARG C 705 5.73 51.38 -31.21
CA ARG C 705 6.69 52.49 -31.26
C ARG C 705 6.20 53.74 -30.50
N SER C 706 5.14 54.38 -31.00
CA SER C 706 4.72 55.70 -30.50
C SER C 706 4.40 55.80 -28.99
N THR C 707 3.87 54.73 -28.39
CA THR C 707 3.59 54.74 -26.94
C THR C 707 4.74 54.10 -26.17
N ILE C 708 4.95 52.82 -26.39
CA ILE C 708 5.95 52.07 -25.63
C ILE C 708 7.36 52.46 -26.09
N ARG C 709 7.64 52.33 -27.39
CA ARG C 709 9.00 52.55 -27.89
C ARG C 709 9.45 54.02 -27.87
N GLU C 710 8.52 54.97 -27.94
CA GLU C 710 8.87 56.41 -27.85
C GLU C 710 9.29 56.75 -26.43
N ASN C 711 8.67 56.08 -25.46
CA ASN C 711 9.12 56.17 -24.07
C ASN C 711 10.53 55.63 -23.97
N ILE C 712 10.70 54.34 -24.31
CA ILE C 712 11.97 53.63 -24.26
C ILE C 712 13.16 54.48 -24.73
N THR C 713 12.97 55.22 -25.83
CA THR C 713 14.03 56.03 -26.43
C THR C 713 14.32 57.30 -25.63
N TYR C 714 13.28 57.89 -25.04
CA TYR C 714 13.42 59.08 -24.21
C TYR C 714 14.20 58.77 -22.93
N LEU C 715 14.16 57.52 -22.49
CA LEU C 715 14.98 57.01 -21.40
C LEU C 715 16.26 56.31 -21.90
N LYS C 716 16.29 55.95 -23.18
CA LYS C 716 17.52 55.49 -23.84
C LYS C 716 18.44 56.68 -24.05
N HIS C 717 17.91 57.76 -24.62
CA HIS C 717 18.65 59.02 -24.76
C HIS C 717 18.88 59.71 -23.40
N ASP C 718 18.34 59.10 -22.34
CA ASP C 718 18.66 59.46 -20.96
C ASP C 718 19.76 58.55 -20.42
N SER C 719 19.62 57.24 -20.63
CA SER C 719 20.66 56.25 -20.27
C SER C 719 22.02 56.55 -20.94
N VAL C 720 21.99 57.13 -22.14
CA VAL C 720 23.20 57.49 -22.88
C VAL C 720 23.88 58.73 -22.29
N LEU C 721 23.08 59.73 -21.92
CA LEU C 721 23.60 60.91 -21.22
C LEU C 721 24.00 60.53 -19.79
N LYS C 722 23.24 59.59 -19.21
CA LYS C 722 23.53 59.06 -17.87
C LYS C 722 24.91 58.40 -17.83
N THR C 723 25.19 57.57 -18.82
CA THR C 723 26.45 56.85 -18.88
C THR C 723 27.60 57.78 -19.24
N ILE C 724 27.50 58.48 -20.37
CA ILE C 724 28.60 59.30 -20.87
C ILE C 724 29.09 60.35 -19.86
N ARG C 725 28.17 60.91 -19.08
CA ARG C 725 28.53 61.90 -18.06
C ARG C 725 29.06 61.23 -16.79
N GLY C 726 28.78 59.94 -16.63
CA GLY C 726 29.28 59.15 -15.50
C GLY C 726 30.60 58.45 -15.78
N LEU C 727 30.94 58.30 -17.06
CA LEU C 727 32.20 57.66 -17.48
C LEU C 727 33.31 58.69 -17.67
N VAL C 728 32.95 59.97 -17.69
CA VAL C 728 33.92 61.06 -17.55
C VAL C 728 33.90 61.57 -16.09
N GLU C 729 32.76 61.43 -15.42
CA GLU C 729 32.68 61.55 -13.95
C GLU C 729 33.28 60.31 -13.25
N GLU C 730 33.80 59.37 -14.03
CA GLU C 730 34.78 58.39 -13.57
C GLU C 730 36.18 58.77 -14.08
N ASN C 731 36.29 58.97 -15.40
CA ASN C 731 37.58 59.20 -16.07
C ASN C 731 37.67 60.60 -16.71
N PRO C 732 38.06 61.62 -15.92
CA PRO C 732 38.02 63.00 -16.44
C PRO C 732 39.09 63.35 -17.48
N GLU C 733 40.06 62.47 -17.71
CA GLU C 733 41.15 62.73 -18.68
C GLU C 733 40.67 62.62 -20.13
N VAL C 734 39.54 61.95 -20.33
CA VAL C 734 38.95 61.76 -21.67
C VAL C 734 38.37 63.04 -22.28
N ALA C 735 37.85 63.92 -21.43
CA ALA C 735 37.10 65.10 -21.86
C ALA C 735 37.73 65.89 -23.03
N VAL C 736 39.05 66.10 -22.98
CA VAL C 736 39.76 66.91 -23.98
C VAL C 736 39.53 66.43 -25.42
N ASP C 737 39.67 65.13 -25.64
CA ASP C 737 39.40 64.53 -26.96
C ASP C 737 37.90 64.35 -27.17
N CYS C 738 37.21 63.92 -26.11
CA CYS C 738 35.80 63.50 -26.16
C CYS C 738 34.84 64.49 -26.82
N VAL C 739 35.26 65.75 -26.90
CA VAL C 739 34.43 66.78 -27.52
C VAL C 739 34.40 66.68 -29.06
N ILE C 740 35.58 66.69 -29.69
CA ILE C 740 35.68 66.68 -31.16
C ILE C 740 35.16 65.38 -31.77
N TYR C 741 35.21 64.30 -30.98
CA TYR C 741 34.74 62.98 -31.39
C TYR C 741 33.21 62.93 -31.54
N LEU C 742 32.54 64.02 -31.17
CA LEU C 742 31.09 64.17 -31.30
C LEU C 742 30.77 65.37 -32.17
N SER C 743 31.46 66.48 -31.91
CA SER C 743 31.29 67.77 -32.60
C SER C 743 30.81 67.67 -34.05
N GLN C 744 31.49 66.85 -34.86
CA GLN C 744 31.15 66.75 -36.27
C GLN C 744 30.14 65.62 -36.54
N HIS C 745 28.94 65.81 -36.00
CA HIS C 745 27.73 65.09 -36.43
C HIS C 745 26.50 66.01 -36.57
N ILE C 746 26.64 67.27 -36.15
CA ILE C 746 25.64 68.30 -36.42
C ILE C 746 26.38 69.57 -36.84
N SER C 747 27.34 69.40 -37.75
CA SER C 747 28.25 70.46 -38.18
C SER C 747 27.59 71.83 -38.35
N PRO C 748 26.46 71.90 -39.08
CA PRO C 748 25.79 73.18 -39.24
C PRO C 748 24.88 73.56 -38.06
N ALA C 749 24.13 72.57 -37.56
CA ALA C 749 23.18 72.81 -36.46
C ALA C 749 23.90 73.15 -35.16
N GLU C 750 24.57 72.15 -34.60
CA GLU C 750 25.12 72.24 -33.23
C GLU C 750 26.42 73.07 -33.09
N ARG C 751 27.06 73.43 -34.21
CA ARG C 751 28.34 74.18 -34.17
C ARG C 751 28.19 75.55 -33.55
N ALA C 752 27.44 76.42 -34.21
CA ALA C 752 27.19 77.78 -33.70
C ALA C 752 26.21 77.77 -32.53
N GLN C 753 25.48 76.67 -32.35
CA GLN C 753 24.58 76.50 -31.22
C GLN C 753 25.26 76.77 -29.87
N VAL C 754 26.53 76.37 -29.76
CA VAL C 754 27.35 76.62 -28.56
C VAL C 754 28.55 77.50 -28.90
N VAL D 6 17.14 43.87 34.05
CA VAL D 6 18.50 44.42 33.80
C VAL D 6 19.58 43.31 33.80
N THR D 7 20.55 43.40 34.71
CA THR D 7 21.69 42.46 34.72
C THR D 7 21.34 41.08 35.32
N LYS D 8 20.29 41.05 36.15
CA LYS D 8 19.80 39.82 36.74
C LYS D 8 18.62 39.34 35.89
N ASP D 9 17.56 40.15 35.89
CA ASP D 9 16.32 39.78 35.18
C ASP D 9 16.55 39.40 33.70
N LEU D 10 17.16 40.29 32.93
CA LEU D 10 17.42 40.02 31.51
C LEU D 10 18.72 39.22 31.33
N LEU D 11 19.87 39.82 31.63
CA LEU D 11 21.17 39.22 31.27
C LEU D 11 21.39 37.84 31.92
N GLN D 12 21.52 37.82 33.25
CA GLN D 12 21.80 36.59 34.00
C GLN D 12 20.77 35.49 33.68
N ALA D 13 19.52 35.90 33.48
CA ALA D 13 18.46 34.98 33.11
C ALA D 13 18.68 34.42 31.70
N LYS D 14 18.83 35.32 30.73
CA LYS D 14 19.02 34.92 29.34
C LYS D 14 20.31 34.13 29.11
N ARG D 15 21.31 34.34 29.95
CA ARG D 15 22.57 33.61 29.81
C ARG D 15 22.44 32.18 30.31
N PHE D 16 21.95 32.03 31.54
CA PHE D 16 21.73 30.70 32.12
C PHE D 16 20.67 29.95 31.34
N GLN D 17 19.72 30.68 30.77
CA GLN D 17 18.72 30.11 29.86
C GLN D 17 19.39 29.52 28.61
N ALA D 18 20.38 30.26 28.10
CA ALA D 18 21.21 29.78 26.99
C ALA D 18 22.08 28.61 27.45
N GLN D 19 22.68 28.76 28.63
CA GLN D 19 23.55 27.73 29.18
C GLN D 19 22.83 26.40 29.33
N THR D 20 21.68 26.43 29.98
CA THR D 20 20.88 25.21 30.21
C THR D 20 20.20 24.67 28.94
N LEU D 21 20.32 25.38 27.82
CA LEU D 21 19.99 24.85 26.48
C LEU D 21 21.25 24.38 25.74
N GLY D 22 22.38 24.36 26.43
CA GLY D 22 23.64 23.86 25.87
C GLY D 22 24.25 24.74 24.79
N THR D 23 24.18 26.05 24.98
CA THR D 23 24.62 27.02 23.96
C THR D 23 24.99 28.38 24.57
N THR D 24 25.65 29.22 23.79
CA THR D 24 26.07 30.56 24.22
C THR D 24 24.97 31.59 23.95
N TYR D 25 24.77 32.55 24.87
CA TYR D 25 23.81 33.62 24.62
C TYR D 25 24.32 34.40 23.43
N ILE D 26 23.42 34.78 22.53
CA ILE D 26 23.83 35.34 21.24
C ILE D 26 24.73 36.56 21.37
N TYR D 27 24.48 37.38 22.38
CA TYR D 27 25.28 38.58 22.62
C TYR D 27 26.67 38.28 23.20
N ASP D 28 26.90 37.04 23.64
CA ASP D 28 28.22 36.66 24.18
C ASP D 28 29.15 36.15 23.08
N PHE D 29 28.70 36.18 21.83
CA PHE D 29 29.53 35.74 20.71
C PHE D 29 30.66 36.69 20.36
N PRO D 30 30.37 38.01 20.25
CA PRO D 30 31.44 38.96 19.96
C PRO D 30 32.71 38.75 20.80
N GLU D 31 32.55 38.65 22.12
CA GLU D 31 33.68 38.36 23.00
C GLU D 31 34.28 37.01 22.63
N MET D 32 33.44 36.03 22.35
CA MET D 32 33.93 34.72 21.94
C MET D 32 34.86 34.79 20.73
N PHE D 33 34.54 35.64 19.77
CA PHE D 33 35.42 35.86 18.63
C PHE D 33 36.71 36.54 19.05
N ARG D 34 36.62 37.53 19.94
CA ARG D 34 37.82 38.17 20.48
C ARG D 34 38.71 37.13 21.16
N GLN D 35 38.11 36.26 21.95
CA GLN D 35 38.85 35.20 22.65
C GLN D 35 39.53 34.22 21.69
N ALA D 36 38.84 33.90 20.59
CA ALA D 36 39.40 33.02 19.55
C ALA D 36 40.52 33.70 18.75
N LEU D 37 40.49 35.03 18.68
CA LEU D 37 41.54 35.80 18.01
C LEU D 37 42.81 35.83 18.84
N PHE D 38 42.65 35.95 20.16
CA PHE D 38 43.78 35.85 21.09
C PHE D 38 44.47 34.49 20.96
N LYS D 39 43.70 33.42 20.93
CA LYS D 39 44.27 32.09 20.79
C LYS D 39 45.04 32.00 19.47
N LEU D 40 44.39 32.42 18.38
CA LEU D 40 45.03 32.41 17.06
C LEU D 40 46.28 33.30 16.98
N TRP D 41 46.30 34.38 17.76
CA TRP D 41 47.44 35.29 17.80
C TRP D 41 48.56 34.84 18.74
N GLY D 42 48.34 33.73 19.46
CA GLY D 42 49.37 33.15 20.32
C GLY D 42 49.67 33.97 21.57
N SER D 43 50.94 34.29 21.77
CA SER D 43 51.39 34.92 23.01
C SER D 43 50.70 36.26 23.21
N PRO D 44 50.51 36.67 24.49
CA PRO D 44 50.08 38.04 24.81
C PRO D 44 51.05 39.12 24.31
N ASP D 45 52.31 38.74 24.09
CA ASP D 45 53.27 39.61 23.41
C ASP D 45 52.77 40.00 22.01
N LYS D 46 52.25 39.01 21.28
CA LYS D 46 51.89 39.18 19.85
C LYS D 46 50.47 39.70 19.57
N TYR D 47 49.84 40.38 20.54
CA TYR D 47 48.51 40.95 20.30
C TYR D 47 48.61 42.36 19.73
N PRO D 48 47.64 42.75 18.87
CA PRO D 48 47.50 44.11 18.38
C PRO D 48 46.38 44.91 19.07
N LYS D 49 46.54 46.24 19.11
CA LYS D 49 45.51 47.13 19.66
C LYS D 49 44.23 46.98 18.84
N ASP D 50 43.11 46.99 19.55
CA ASP D 50 41.78 46.76 18.94
C ASP D 50 41.77 45.51 18.07
N ILE D 51 41.89 44.34 18.70
CA ILE D 51 41.88 43.07 17.98
C ILE D 51 40.56 42.82 17.26
N LEU D 52 39.48 43.42 17.78
CA LEU D 52 38.16 43.29 17.20
C LEU D 52 37.28 44.44 17.64
N THR D 53 36.56 45.06 16.70
CA THR D 53 35.47 45.96 17.03
C THR D 53 34.22 45.47 16.32
N TYR D 54 33.07 45.72 16.92
CA TYR D 54 31.81 45.33 16.31
C TYR D 54 30.74 46.37 16.55
N THR D 55 29.66 46.22 15.80
CA THR D 55 28.50 47.09 15.92
C THR D 55 27.25 46.24 15.62
N GLU D 56 26.19 46.39 16.42
CA GLU D 56 24.95 45.65 16.16
C GLU D 56 24.21 46.26 14.98
N LEU D 57 23.56 45.39 14.19
CA LEU D 57 22.78 45.82 13.02
C LEU D 57 21.28 45.67 13.28
N VAL D 58 20.60 46.79 13.54
CA VAL D 58 19.20 46.79 13.98
C VAL D 58 18.26 47.36 12.92
N LEU D 59 17.06 46.80 12.81
CA LEU D 59 16.05 47.24 11.82
C LEU D 59 15.33 48.52 12.26
N ASP D 60 15.38 49.55 11.41
CA ASP D 60 14.64 50.79 11.68
C ASP D 60 13.18 50.59 11.27
N SER D 61 12.32 51.50 11.72
CA SER D 61 10.87 51.42 11.48
C SER D 61 10.44 51.35 10.00
N GLN D 62 11.36 51.67 9.09
CA GLN D 62 11.10 51.52 7.65
C GLN D 62 11.76 50.27 7.07
N GLY D 63 12.30 49.41 7.92
CA GLY D 63 12.79 48.10 7.50
C GLY D 63 14.25 48.03 7.07
N GLN D 64 14.97 49.14 7.15
CA GLN D 64 16.39 49.15 6.79
C GLN D 64 17.26 49.01 8.02
N LEU D 65 18.47 48.50 7.82
CA LEU D 65 19.39 48.29 8.94
C LEU D 65 20.02 49.61 9.35
N VAL D 66 20.37 49.69 10.63
CA VAL D 66 21.13 50.81 11.17
C VAL D 66 22.11 50.27 12.19
N GLU D 67 23.38 50.63 12.02
CA GLU D 67 24.42 50.24 12.94
C GLU D 67 24.18 50.95 14.25
N MET D 68 24.36 50.25 15.37
CA MET D 68 24.33 50.91 16.66
C MET D 68 25.05 50.14 17.76
N ASN D 69 25.32 50.85 18.85
CA ASN D 69 25.93 50.29 20.05
C ASN D 69 24.97 50.46 21.21
N ARG D 70 24.35 49.36 21.62
CA ARG D 70 23.37 49.37 22.70
C ARG D 70 23.59 48.18 23.63
N LEU D 71 23.10 48.29 24.87
CA LEU D 71 23.25 47.22 25.84
C LEU D 71 22.74 45.89 25.25
N PRO D 72 23.43 44.78 25.56
CA PRO D 72 22.92 43.45 25.20
C PRO D 72 21.52 43.21 25.77
N GLY D 73 20.79 42.25 25.19
CA GLY D 73 19.38 42.09 25.49
C GLY D 73 18.62 43.27 24.90
N GLY D 74 17.31 43.31 25.12
CA GLY D 74 16.50 44.40 24.59
C GLY D 74 16.29 44.42 23.08
N ASN D 75 16.74 43.38 22.38
CA ASN D 75 16.38 43.18 20.98
C ASN D 75 14.89 42.91 20.84
N GLU D 76 14.31 43.49 19.79
CA GLU D 76 12.86 43.46 19.57
C GLU D 76 12.42 42.26 18.72
N VAL D 77 13.37 41.61 18.04
CA VAL D 77 13.11 40.37 17.31
C VAL D 77 14.04 39.28 17.78
N GLY D 78 13.68 38.03 17.49
CA GLY D 78 14.50 36.86 17.82
C GLY D 78 15.62 36.59 16.82
N MET D 79 16.45 37.60 16.62
CA MET D 79 17.53 37.57 15.63
C MET D 79 18.40 38.77 15.92
N VAL D 80 19.72 38.59 15.92
CA VAL D 80 20.61 39.75 15.99
C VAL D 80 21.72 39.59 14.96
N ALA D 81 22.21 40.74 14.48
CA ALA D 81 23.31 40.77 13.52
C ALA D 81 24.39 41.75 13.99
N PHE D 82 25.63 41.44 13.66
CA PHE D 82 26.75 42.35 13.92
C PHE D 82 27.57 42.53 12.65
N LYS D 83 28.08 43.74 12.46
CA LYS D 83 29.16 43.95 11.51
C LYS D 83 30.41 44.03 12.38
N MET D 84 31.28 43.05 12.20
CA MET D 84 32.47 42.89 13.01
C MET D 84 33.67 43.21 12.15
N ARG D 85 34.69 43.76 12.80
CA ARG D 85 35.97 44.00 12.15
C ARG D 85 37.06 43.50 13.07
N PHE D 86 37.75 42.44 12.65
CA PHE D 86 38.88 41.90 13.44
C PHE D 86 40.16 41.73 12.64
N LYS D 87 41.27 41.74 13.37
CA LYS D 87 42.61 41.72 12.80
C LYS D 87 43.21 40.33 12.90
N THR D 88 43.61 39.77 11.77
CA THR D 88 44.24 38.45 11.75
C THR D 88 45.61 38.54 11.09
N GLN D 89 46.38 37.46 11.14
CA GLN D 89 47.74 37.45 10.55
C GLN D 89 47.70 37.74 9.06
N GLU D 90 46.61 37.34 8.41
CA GLU D 90 46.43 37.54 6.97
C GLU D 90 46.02 38.98 6.67
N TYR D 91 45.17 39.53 7.52
CA TYR D 91 44.72 40.91 7.36
C TYR D 91 44.93 41.62 8.69
N PRO D 92 46.18 42.07 8.95
CA PRO D 92 46.55 42.62 10.25
C PRO D 92 46.08 44.04 10.43
N GLU D 93 45.56 44.64 9.38
CA GLU D 93 44.94 45.96 9.45
C GLU D 93 43.41 45.85 9.61
N GLY D 94 42.91 44.63 9.74
CA GLY D 94 41.49 44.39 9.95
C GLY D 94 40.77 43.85 8.73
N ARG D 95 39.78 42.97 8.96
CA ARG D 95 38.90 42.48 7.90
C ARG D 95 37.45 42.46 8.38
N ASP D 96 36.54 42.78 7.48
CA ASP D 96 35.10 42.90 7.81
C ASP D 96 34.35 41.57 7.66
N VAL D 97 33.35 41.37 8.50
CA VAL D 97 32.47 40.22 8.41
C VAL D 97 31.12 40.58 9.03
N ILE D 98 30.07 39.87 8.65
CA ILE D 98 28.75 40.10 9.23
C ILE D 98 28.21 38.82 9.83
N VAL D 99 27.88 38.88 11.11
CA VAL D 99 27.39 37.71 11.85
C VAL D 99 25.90 37.85 12.12
N ILE D 100 25.14 36.81 11.77
CA ILE D 100 23.69 36.77 11.99
C ILE D 100 23.37 35.54 12.82
N GLY D 101 22.66 35.75 13.93
CA GLY D 101 22.32 34.65 14.84
C GLY D 101 20.90 34.71 15.36
N ASN D 102 20.31 33.55 15.59
CA ASN D 102 19.03 33.47 16.27
C ASN D 102 19.25 33.76 17.75
N ASP D 103 18.28 34.40 18.40
CA ASP D 103 18.26 34.45 19.86
C ASP D 103 17.42 33.27 20.36
N ILE D 104 18.09 32.18 20.73
CA ILE D 104 17.42 30.97 21.24
C ILE D 104 16.50 31.32 22.42
N THR D 105 16.92 32.28 23.25
CA THR D 105 16.15 32.69 24.43
C THR D 105 14.95 33.58 24.09
N PHE D 106 14.78 33.93 22.82
CA PHE D 106 13.68 34.76 22.38
C PHE D 106 12.70 33.93 21.57
N ARG D 107 11.56 33.58 22.18
CA ARG D 107 10.57 32.70 21.54
C ARG D 107 11.21 31.47 20.93
N ILE D 108 11.86 30.69 21.80
CA ILE D 108 12.59 29.48 21.42
C ILE D 108 13.40 29.60 20.12
N GLY D 109 13.76 30.81 19.74
CA GLY D 109 14.48 31.06 18.49
C GLY D 109 13.68 30.69 17.24
N SER D 110 12.37 30.85 17.28
CA SER D 110 11.55 30.60 16.10
C SER D 110 11.70 31.76 15.11
N PHE D 111 11.45 31.48 13.84
CA PHE D 111 11.50 32.49 12.79
C PHE D 111 10.12 33.11 12.58
N GLY D 112 9.94 34.36 12.98
CA GLY D 112 8.75 35.13 12.60
C GLY D 112 9.13 36.07 11.48
N PRO D 113 8.14 36.75 10.87
CA PRO D 113 8.44 37.71 9.80
C PRO D 113 9.51 38.74 10.19
N GLY D 114 9.49 39.21 11.43
CA GLY D 114 10.45 40.21 11.91
C GLY D 114 11.85 39.66 12.09
N GLU D 115 11.93 38.40 12.44
CA GLU D 115 13.21 37.71 12.52
C GLU D 115 13.74 37.51 11.09
N ASP D 116 12.85 37.17 10.17
CA ASP D 116 13.22 36.94 8.79
C ASP D 116 13.80 38.20 8.19
N LEU D 117 13.11 39.31 8.41
CA LEU D 117 13.50 40.58 7.78
C LEU D 117 14.93 40.97 8.18
N LEU D 118 15.25 40.88 9.47
CA LEU D 118 16.62 41.14 9.92
C LEU D 118 17.65 40.27 9.17
N TYR D 119 17.37 38.99 9.06
CA TYR D 119 18.28 38.09 8.33
C TYR D 119 18.43 38.55 6.87
N LEU D 120 17.30 38.75 6.19
CA LEU D 120 17.34 39.20 4.79
C LEU D 120 18.24 40.43 4.68
N ARG D 121 17.91 41.46 5.44
CA ARG D 121 18.63 42.74 5.37
C ARG D 121 20.08 42.63 5.77
N ALA D 122 20.39 41.82 6.78
CA ALA D 122 21.78 41.60 7.18
C ALA D 122 22.55 40.83 6.09
N SER D 123 21.88 39.86 5.46
CA SER D 123 22.47 39.07 4.37
C SER D 123 22.74 39.94 3.13
N GLU D 124 21.79 40.80 2.80
CA GLU D 124 21.96 41.69 1.66
C GLU D 124 23.12 42.65 1.84
N MET D 125 23.38 43.08 3.08
CA MET D 125 24.52 43.94 3.39
C MET D 125 25.82 43.17 3.24
N ALA D 126 25.84 41.96 3.79
CA ALA D 126 26.97 41.06 3.56
C ALA D 126 27.31 41.03 2.08
N ARG D 127 26.31 40.77 1.24
CA ARG D 127 26.49 40.75 -0.22
C ARG D 127 26.85 42.12 -0.78
N ALA D 128 26.20 43.18 -0.30
CA ALA D 128 26.43 44.53 -0.79
C ALA D 128 27.90 44.91 -0.72
N GLU D 129 28.51 44.61 0.42
CA GLU D 129 29.93 44.93 0.64
C GLU D 129 30.85 43.77 0.24
N GLY D 130 30.29 42.60 -0.02
CA GLY D 130 31.05 41.45 -0.48
C GLY D 130 31.90 40.75 0.57
N ILE D 131 31.56 40.92 1.84
CA ILE D 131 32.31 40.31 2.93
C ILE D 131 31.66 38.99 3.30
N PRO D 132 32.31 38.19 4.18
CA PRO D 132 31.69 36.91 4.55
C PRO D 132 30.48 37.10 5.45
N LYS D 133 29.64 36.07 5.49
CA LYS D 133 28.44 36.05 6.33
C LYS D 133 28.46 34.81 7.20
N ILE D 134 28.77 35.00 8.48
CA ILE D 134 28.73 33.91 9.47
C ILE D 134 27.31 33.80 10.00
N TYR D 135 26.76 32.59 10.01
CA TYR D 135 25.41 32.38 10.51
C TYR D 135 25.39 31.43 11.70
N VAL D 136 24.85 31.90 12.83
CA VAL D 136 24.73 31.08 14.03
C VAL D 136 23.29 30.61 14.13
N ALA D 137 23.09 29.30 13.90
CA ALA D 137 21.76 28.69 13.97
C ALA D 137 21.51 28.13 15.36
N ALA D 138 20.44 28.59 16.01
CA ALA D 138 20.02 28.09 17.31
C ALA D 138 18.51 28.30 17.46
N ASN D 139 17.73 27.48 16.76
CA ASN D 139 16.35 27.85 16.39
C ASN D 139 15.31 26.72 16.43
N SER D 140 14.04 27.09 16.29
CA SER D 140 12.91 26.15 16.24
C SER D 140 12.13 26.27 14.94
N GLY D 141 12.81 26.72 13.89
CA GLY D 141 12.17 26.93 12.60
C GLY D 141 10.99 27.89 12.62
N ALA D 142 10.10 27.72 11.63
CA ALA D 142 8.96 28.60 11.46
C ALA D 142 8.18 28.69 12.76
N ARG D 143 7.76 29.89 13.09
CA ARG D 143 6.99 30.15 14.29
C ARG D 143 5.60 29.52 14.13
N ILE D 144 5.14 28.83 15.17
CA ILE D 144 3.78 28.29 15.18
C ILE D 144 2.91 29.07 16.19
N GLY D 145 1.84 29.69 15.69
CA GLY D 145 0.98 30.56 16.50
C GLY D 145 -0.46 30.34 16.15
N MET D 146 -1.35 30.77 17.05
CA MET D 146 -2.79 30.77 16.79
C MET D 146 -3.37 32.10 17.22
N ALA D 147 -4.58 32.38 16.74
CA ALA D 147 -5.33 33.51 17.23
C ALA D 147 -5.70 33.25 18.67
N GLU D 148 -5.01 33.88 19.61
CA GLU D 148 -5.31 33.72 21.03
C GLU D 148 -6.63 34.42 21.40
N GLU D 149 -6.95 35.48 20.66
CA GLU D 149 -8.17 36.28 20.86
C GLU D 149 -9.43 35.43 20.73
N ILE D 150 -9.49 34.66 19.64
CA ILE D 150 -10.67 33.88 19.29
C ILE D 150 -10.73 32.63 20.13
N LYS D 151 -9.56 32.05 20.41
CA LYS D 151 -9.43 30.85 21.24
C LYS D 151 -10.26 30.92 22.52
N HIS D 152 -10.28 32.09 23.15
CA HIS D 152 -10.97 32.29 24.43
C HIS D 152 -12.43 32.69 24.27
N MET D 153 -12.89 32.86 23.04
CA MET D 153 -14.25 33.32 22.73
C MET D 153 -15.15 32.24 22.16
N PHE D 154 -14.64 31.51 21.18
CA PHE D 154 -15.48 30.67 20.32
C PHE D 154 -16.36 29.72 21.13
N HIS D 155 -17.44 29.29 20.50
CA HIS D 155 -18.35 28.33 21.09
C HIS D 155 -18.55 27.15 20.15
N VAL D 156 -19.19 26.12 20.66
CA VAL D 156 -19.41 24.88 19.92
C VAL D 156 -20.90 24.65 19.71
N ALA D 157 -21.31 24.60 18.44
CA ALA D 157 -22.67 24.23 18.08
C ALA D 157 -22.81 22.71 18.20
N TRP D 158 -23.22 22.25 19.39
CA TRP D 158 -23.27 20.81 19.68
C TRP D 158 -24.46 20.13 18.98
N VAL D 159 -24.18 19.00 18.37
CA VAL D 159 -25.22 18.14 17.80
C VAL D 159 -26.24 17.81 18.90
N ASP D 160 -25.74 17.59 20.12
CA ASP D 160 -26.60 17.49 21.29
C ASP D 160 -25.90 18.07 22.50
N PRO D 161 -26.32 19.27 22.94
CA PRO D 161 -25.73 19.89 24.12
C PRO D 161 -25.61 18.96 25.32
N GLU D 162 -26.53 18.00 25.45
CA GLU D 162 -26.47 17.03 26.54
C GLU D 162 -25.31 16.04 26.35
N ASP D 163 -25.12 15.56 25.13
CA ASP D 163 -24.07 14.57 24.83
C ASP D 163 -23.06 15.06 23.79
N PRO D 164 -21.97 15.70 24.24
CA PRO D 164 -20.91 16.20 23.36
C PRO D 164 -20.35 15.19 22.35
N HIS D 165 -20.35 13.90 22.70
CA HIS D 165 -19.86 12.86 21.80
C HIS D 165 -20.75 12.68 20.56
N LYS D 166 -21.99 13.18 20.61
CA LYS D 166 -22.85 13.21 19.42
C LYS D 166 -22.22 14.04 18.31
N GLY D 167 -21.27 14.90 18.68
CA GLY D 167 -20.49 15.67 17.71
C GLY D 167 -20.89 17.13 17.78
N PHE D 168 -20.24 17.95 16.95
CA PHE D 168 -20.55 19.37 16.83
C PHE D 168 -20.72 19.80 15.37
N LYS D 169 -21.60 20.77 15.14
CA LYS D 169 -21.93 21.24 13.78
C LYS D 169 -20.92 22.26 13.27
N TYR D 170 -20.67 23.28 14.09
CA TYR D 170 -19.79 24.36 13.72
C TYR D 170 -19.35 25.15 14.94
N LEU D 171 -18.38 26.03 14.76
CA LEU D 171 -17.96 26.94 15.82
C LEU D 171 -18.47 28.34 15.53
N TYR D 172 -18.77 29.10 16.58
CA TYR D 172 -19.32 30.43 16.41
C TYR D 172 -18.92 31.39 17.55
N LEU D 173 -19.02 32.69 17.26
CA LEU D 173 -18.84 33.74 18.26
C LEU D 173 -20.18 34.38 18.53
N THR D 174 -20.47 34.72 19.78
CA THR D 174 -21.70 35.46 20.10
C THR D 174 -21.65 36.85 19.45
N PRO D 175 -22.81 37.40 19.05
CA PRO D 175 -22.80 38.76 18.51
C PRO D 175 -22.15 39.79 19.43
N GLN D 176 -22.27 39.61 20.75
CA GLN D 176 -21.57 40.44 21.73
C GLN D 176 -20.06 40.49 21.41
N ASP D 177 -19.46 39.32 21.27
CA ASP D 177 -18.02 39.20 21.01
C ASP D 177 -17.62 39.64 19.61
N TYR D 178 -18.37 39.18 18.61
CA TYR D 178 -18.08 39.52 17.22
C TYR D 178 -18.00 41.04 17.01
N THR D 179 -18.76 41.79 17.81
CA THR D 179 -18.74 43.26 17.78
C THR D 179 -17.39 43.83 18.24
N ARG D 180 -16.78 43.20 19.24
CA ARG D 180 -15.45 43.61 19.73
C ARG D 180 -14.39 43.41 18.66
N ILE D 181 -14.49 42.27 17.98
CA ILE D 181 -13.44 41.77 17.11
C ILE D 181 -13.50 42.32 15.68
N SER D 182 -14.70 42.50 15.16
CA SER D 182 -14.89 42.95 13.78
C SER D 182 -13.91 44.06 13.39
N SER D 183 -13.84 45.07 14.26
CA SER D 183 -12.89 46.18 14.15
C SER D 183 -11.46 45.74 13.78
N LEU D 184 -11.01 44.63 14.36
CA LEU D 184 -9.62 44.17 14.26
C LEU D 184 -9.32 43.20 13.11
N ASN D 185 -10.36 42.79 12.36
CA ASN D 185 -10.19 41.87 11.21
C ASN D 185 -9.53 40.55 11.63
N SER D 186 -10.09 39.92 12.66
CA SER D 186 -9.52 38.69 13.21
C SER D 186 -10.19 37.44 12.66
N VAL D 187 -11.51 37.46 12.47
CA VAL D 187 -12.27 36.32 11.92
C VAL D 187 -13.09 36.67 10.67
N HIS D 188 -13.56 35.66 9.97
CA HIS D 188 -14.61 35.79 8.96
C HIS D 188 -15.76 34.92 9.38
N CYS D 189 -16.98 35.43 9.31
CA CYS D 189 -18.16 34.68 9.74
C CYS D 189 -19.34 34.85 8.80
N LYS D 190 -20.05 33.76 8.51
CA LYS D 190 -21.38 33.84 7.92
C LYS D 190 -22.37 33.98 9.08
N HIS D 191 -23.38 34.83 8.91
CA HIS D 191 -24.42 34.96 9.92
C HIS D 191 -25.32 33.74 9.88
N ILE D 192 -25.78 33.30 11.04
CA ILE D 192 -26.65 32.14 11.15
C ILE D 192 -27.63 32.32 12.32
N GLU D 193 -28.91 32.05 12.04
CA GLU D 193 -29.95 32.03 13.07
C GLU D 193 -30.26 30.57 13.38
N GLU D 194 -29.91 30.14 14.58
CA GLU D 194 -30.17 28.78 15.07
C GLU D 194 -31.11 28.89 16.27
N GLY D 195 -32.35 28.43 16.09
CA GLY D 195 -33.34 28.49 17.14
C GLY D 195 -33.62 29.94 17.55
N GLY D 196 -33.84 30.78 16.54
CA GLY D 196 -34.12 32.21 16.74
C GLY D 196 -32.97 32.98 17.39
N GLU D 197 -31.78 32.40 17.41
CA GLU D 197 -30.63 32.96 18.10
C GLU D 197 -29.59 33.34 17.07
N SER D 198 -29.09 34.57 17.17
CA SER D 198 -28.08 35.06 16.24
C SER D 198 -26.77 34.39 16.57
N ARG D 199 -26.10 33.90 15.54
CA ARG D 199 -24.78 33.34 15.71
C ARG D 199 -23.92 33.71 14.52
N TYR D 200 -22.65 33.98 14.80
CA TYR D 200 -21.72 34.29 13.76
C TYR D 200 -20.78 33.10 13.61
N MET D 201 -21.00 32.36 12.54
CA MET D 201 -20.39 31.07 12.31
C MET D 201 -18.98 31.19 11.70
N ILE D 202 -17.96 30.88 12.51
CA ILE D 202 -16.56 30.99 12.09
C ILE D 202 -16.30 30.22 10.80
N THR D 203 -15.83 30.92 9.77
CA THR D 203 -15.47 30.29 8.50
C THR D 203 -13.96 30.33 8.28
N ASP D 204 -13.34 31.49 8.49
CA ASP D 204 -11.88 31.62 8.51
C ASP D 204 -11.46 32.30 9.81
N ILE D 205 -10.30 31.93 10.35
CA ILE D 205 -9.71 32.64 11.49
C ILE D 205 -8.39 33.25 11.06
N ILE D 206 -8.29 34.57 11.10
CA ILE D 206 -7.08 35.29 10.66
C ILE D 206 -6.17 35.71 11.82
N GLY D 207 -6.78 36.14 12.92
CA GLY D 207 -6.05 36.58 14.11
C GLY D 207 -5.51 37.99 13.98
N LYS D 208 -5.76 38.82 14.99
CA LYS D 208 -5.28 40.21 14.97
C LYS D 208 -3.76 40.28 14.94
N ASP D 209 -3.10 39.45 15.75
CA ASP D 209 -1.64 39.43 15.81
C ASP D 209 -1.02 38.82 14.53
N ASP D 210 0.13 39.34 14.11
CA ASP D 210 0.80 38.90 12.88
C ASP D 210 1.92 37.89 13.15
N GLY D 211 2.04 36.91 12.26
CA GLY D 211 3.11 35.92 12.33
C GLY D 211 2.68 34.63 13.02
N LEU D 212 1.50 34.12 12.63
CA LEU D 212 0.92 32.92 13.26
C LEU D 212 1.22 31.63 12.50
N GLY D 213 1.40 31.70 11.18
CA GLY D 213 1.66 30.47 10.45
C GLY D 213 1.99 30.60 8.99
N VAL D 214 1.03 31.05 8.19
CA VAL D 214 1.18 30.94 6.73
C VAL D 214 2.16 31.99 6.24
N GLU D 215 2.11 33.19 6.82
CA GLU D 215 3.09 34.21 6.55
C GLU D 215 4.47 33.75 6.99
N ASN D 216 4.51 33.00 8.08
CA ASN D 216 5.78 32.55 8.64
C ASN D 216 6.54 31.65 7.67
N LEU D 217 5.81 31.03 6.74
CA LEU D 217 6.41 30.20 5.69
C LEU D 217 6.92 31.06 4.55
N ARG D 218 6.16 32.10 4.20
CA ARG D 218 6.59 33.06 3.20
C ARG D 218 7.95 33.65 3.59
N GLY D 219 7.99 34.38 4.71
CA GLY D 219 9.23 34.97 5.23
C GLY D 219 10.41 34.01 5.33
N SER D 220 10.12 32.73 5.59
CA SER D 220 11.14 31.68 5.60
C SER D 220 11.66 31.44 4.20
N GLY D 221 10.74 31.26 3.25
CA GLY D 221 11.12 31.08 1.86
C GLY D 221 11.87 32.28 1.32
N MET D 222 11.52 33.46 1.82
CA MET D 222 12.18 34.69 1.44
C MET D 222 13.67 34.63 1.78
N ILE D 223 13.99 34.35 3.04
CA ILE D 223 15.39 34.26 3.47
C ILE D 223 16.08 32.97 3.01
N ALA D 224 15.31 32.01 2.51
CA ALA D 224 15.87 30.79 1.92
C ALA D 224 16.52 31.11 0.59
N GLY D 225 15.79 31.79 -0.29
CA GLY D 225 16.31 32.25 -1.58
C GLY D 225 17.43 33.27 -1.41
N GLU D 226 17.30 34.16 -0.44
CA GLU D 226 18.35 35.09 -0.10
C GLU D 226 19.59 34.33 0.29
N SER D 227 19.41 33.29 1.12
CA SER D 227 20.51 32.44 1.53
C SER D 227 21.10 31.70 0.35
N SER D 228 20.24 31.25 -0.56
CA SER D 228 20.67 30.56 -1.77
C SER D 228 21.54 31.44 -2.65
N LEU D 229 21.20 32.72 -2.77
CA LEU D 229 21.98 33.66 -3.58
C LEU D 229 23.33 33.97 -2.94
N ALA D 230 23.33 34.26 -1.65
CA ALA D 230 24.55 34.62 -0.90
C ALA D 230 25.68 33.63 -1.14
N TYR D 231 25.36 32.36 -1.15
CA TYR D 231 26.38 31.33 -1.39
C TYR D 231 27.09 31.48 -2.76
N GLU D 232 26.38 32.09 -3.72
CA GLU D 232 26.92 32.36 -5.05
C GLU D 232 27.89 33.53 -5.04
N GLU D 233 27.58 34.55 -4.25
CA GLU D 233 28.30 35.83 -4.29
C GLU D 233 29.32 36.04 -3.19
N ILE D 234 29.22 35.31 -2.10
CA ILE D 234 30.06 35.58 -0.96
C ILE D 234 30.38 34.34 -0.15
N VAL D 235 31.41 34.43 0.68
CA VAL D 235 31.72 33.39 1.63
C VAL D 235 30.55 33.26 2.60
N THR D 236 30.15 32.02 2.86
CA THR D 236 29.06 31.72 3.78
C THR D 236 29.44 30.53 4.66
N ILE D 237 29.45 30.75 5.98
CA ILE D 237 29.73 29.72 6.98
C ILE D 237 28.51 29.62 7.91
N SER D 238 28.36 28.50 8.59
CA SER D 238 27.30 28.36 9.58
C SER D 238 27.76 27.52 10.77
N LEU D 239 27.40 27.97 11.97
CA LEU D 239 27.70 27.25 13.21
C LEU D 239 26.42 26.76 13.85
N VAL D 240 26.21 25.45 13.85
CA VAL D 240 25.02 24.85 14.46
C VAL D 240 25.38 24.57 15.91
N THR D 241 24.68 25.20 16.86
CA THR D 241 25.14 25.20 18.25
C THR D 241 24.30 24.32 19.16
N CYS D 242 22.99 24.53 19.13
CA CYS D 242 22.08 23.75 19.95
C CYS D 242 21.20 22.86 19.09
N ARG D 243 20.63 23.44 18.04
CA ARG D 243 19.42 22.94 17.40
C ARG D 243 19.17 23.82 16.17
N ALA D 244 19.04 23.21 15.00
CA ALA D 244 18.65 23.93 13.78
C ALA D 244 17.47 23.21 13.15
N ILE D 245 16.29 23.81 13.21
CA ILE D 245 15.06 23.12 12.79
C ILE D 245 14.44 23.77 11.57
N GLY D 246 13.91 22.95 10.67
CA GLY D 246 13.08 23.43 9.58
C GLY D 246 13.80 24.41 8.66
N ILE D 247 13.28 25.63 8.57
CA ILE D 247 13.94 26.71 7.83
C ILE D 247 15.38 26.93 8.33
N GLY D 248 15.60 26.74 9.64
CA GLY D 248 16.94 26.75 10.22
C GLY D 248 17.87 25.69 9.65
N ALA D 249 17.32 24.50 9.38
CA ALA D 249 18.08 23.42 8.73
C ALA D 249 18.48 23.82 7.32
N TYR D 250 17.48 24.24 6.55
CA TYR D 250 17.67 24.68 5.17
C TYR D 250 18.55 25.93 5.03
N LEU D 251 18.53 26.82 6.01
CA LEU D 251 19.43 27.96 5.97
C LEU D 251 20.88 27.46 6.12
N VAL D 252 21.12 26.64 7.14
CA VAL D 252 22.46 26.08 7.37
C VAL D 252 23.00 25.38 6.10
N ARG D 253 22.16 24.56 5.48
CA ARG D 253 22.52 23.79 4.27
C ARG D 253 22.77 24.67 3.04
N LEU D 254 21.91 25.65 2.82
CA LEU D 254 22.01 26.54 1.66
C LEU D 254 23.35 27.29 1.63
N GLY D 255 23.86 27.64 2.81
CA GLY D 255 25.21 28.17 2.95
C GLY D 255 26.31 27.13 2.92
N GLN D 256 25.95 25.86 2.67
CA GLN D 256 26.90 24.76 2.44
C GLN D 256 27.92 24.53 3.57
N ARG D 257 28.80 25.49 3.78
CA ARG D 257 29.85 25.39 4.78
C ARG D 257 29.22 25.46 6.17
N VAL D 258 29.34 24.36 6.91
CA VAL D 258 28.62 24.21 8.17
C VAL D 258 29.44 23.48 9.23
N ILE D 259 29.64 24.15 10.36
CA ILE D 259 30.28 23.59 11.54
C ILE D 259 29.17 23.12 12.47
N GLN D 260 29.24 21.88 12.95
CA GLN D 260 28.23 21.37 13.89
C GLN D 260 28.83 21.03 15.26
N VAL D 261 28.24 21.59 16.31
CA VAL D 261 28.64 21.29 17.69
C VAL D 261 28.19 19.88 18.08
N GLU D 262 28.87 19.28 19.06
CA GLU D 262 28.74 17.84 19.38
C GLU D 262 27.31 17.32 19.64
N ASN D 263 26.63 17.76 20.70
CA ASN D 263 25.29 17.19 20.98
C ASN D 263 24.14 17.92 20.25
N SER D 264 24.47 18.82 19.31
CA SER D 264 23.45 19.54 18.55
C SER D 264 22.90 18.67 17.44
N HIS D 265 21.83 19.15 16.80
CA HIS D 265 21.17 18.41 15.72
C HIS D 265 20.53 19.31 14.64
N ILE D 266 20.65 18.87 13.38
CA ILE D 266 20.07 19.56 12.24
C ILE D 266 18.91 18.72 11.71
N ILE D 267 17.68 19.13 12.04
CA ILE D 267 16.49 18.34 11.68
C ILE D 267 15.43 19.16 10.95
N LEU D 268 14.46 18.43 10.37
CA LEU D 268 13.29 19.04 9.72
C LEU D 268 12.06 18.85 10.60
N THR D 269 11.64 17.61 10.81
CA THR D 269 10.57 17.31 11.77
C THR D 269 11.19 16.42 12.85
N GLY D 270 10.83 16.69 14.11
CA GLY D 270 11.48 16.05 15.25
C GLY D 270 11.02 14.64 15.49
N ALA D 271 11.74 13.93 16.35
CA ALA D 271 11.49 12.51 16.59
C ALA D 271 10.10 12.25 17.16
N SER D 272 9.70 12.98 18.19
CA SER D 272 8.36 12.82 18.76
C SER D 272 7.32 12.83 17.66
N ALA D 273 7.31 13.90 16.87
CA ALA D 273 6.34 14.06 15.79
C ALA D 273 6.37 12.86 14.86
N LEU D 274 7.57 12.49 14.41
CA LEU D 274 7.71 11.35 13.52
C LEU D 274 7.19 10.08 14.19
N ASN D 275 7.44 9.93 15.48
CA ASN D 275 6.90 8.79 16.22
C ASN D 275 5.37 8.85 16.26
N LYS D 276 4.82 10.02 16.59
CA LYS D 276 3.36 10.17 16.69
C LYS D 276 2.67 9.78 15.38
N VAL D 277 3.18 10.25 14.25
CA VAL D 277 2.55 9.97 12.96
C VAL D 277 2.80 8.55 12.48
N LEU D 278 4.01 8.03 12.67
CA LEU D 278 4.39 6.71 12.14
C LEU D 278 3.62 5.57 12.80
N GLY D 279 3.22 5.76 14.05
CA GLY D 279 2.38 4.78 14.73
C GLY D 279 3.10 4.02 15.83
N ARG D 280 4.43 4.05 15.82
CA ARG D 280 5.18 3.46 16.92
C ARG D 280 6.41 4.27 17.27
N GLU D 281 6.96 3.97 18.43
CA GLU D 281 8.04 4.73 19.03
C GLU D 281 9.35 4.40 18.34
N VAL D 282 9.51 4.88 17.12
CA VAL D 282 10.62 4.45 16.28
C VAL D 282 11.97 5.10 16.65
N TYR D 283 11.97 6.41 16.90
CA TYR D 283 13.22 7.15 17.12
C TYR D 283 13.41 7.60 18.55
N THR D 284 14.56 7.30 19.13
CA THR D 284 14.82 7.57 20.53
C THR D 284 15.36 8.98 20.80
N SER D 285 15.64 9.75 19.75
CA SER D 285 16.38 10.99 19.92
C SER D 285 16.27 11.88 18.68
N ASN D 286 16.39 13.20 18.87
CA ASN D 286 16.51 14.10 17.72
C ASN D 286 17.91 14.01 17.09
N ASN D 287 18.92 13.72 17.91
CA ASN D 287 20.28 13.50 17.41
C ASN D 287 20.34 12.29 16.51
N GLN D 288 19.44 11.33 16.75
CA GLN D 288 19.34 10.14 15.92
C GLN D 288 19.02 10.48 14.47
N LEU D 289 18.28 11.58 14.29
CA LEU D 289 17.82 12.03 12.96
C LEU D 289 18.80 12.97 12.27
N GLY D 290 19.35 13.92 13.04
CA GLY D 290 20.19 14.99 12.48
C GLY D 290 21.40 15.40 13.30
N GLY D 291 21.81 14.56 14.25
CA GLY D 291 22.98 14.83 15.06
C GLY D 291 24.23 14.66 14.22
N VAL D 292 25.37 14.96 14.83
CA VAL D 292 26.68 14.81 14.20
C VAL D 292 26.81 13.46 13.50
N GLN D 293 26.41 12.38 14.17
CA GLN D 293 26.62 11.05 13.64
C GLN D 293 25.99 10.83 12.25
N ILE D 294 24.93 11.56 11.95
CA ILE D 294 24.29 11.47 10.63
C ILE D 294 24.84 12.52 9.66
N MET D 295 24.85 13.77 10.12
CA MET D 295 25.18 14.91 9.24
C MET D 295 26.68 15.04 8.90
N HIS D 296 27.53 14.72 9.87
CA HIS D 296 28.99 14.67 9.66
C HIS D 296 29.35 13.56 8.64
N TYR D 297 28.51 12.53 8.59
CA TYR D 297 28.77 11.34 7.78
C TYR D 297 28.07 11.33 6.41
N ASN D 298 27.26 12.35 6.11
CA ASN D 298 26.63 12.48 4.79
C ASN D 298 27.04 13.73 4.02
N GLY D 299 27.99 14.50 4.58
CA GLY D 299 28.51 15.69 3.91
C GLY D 299 27.80 16.99 4.26
N VAL D 300 26.64 16.90 4.92
CA VAL D 300 25.89 18.10 5.31
C VAL D 300 26.71 18.94 6.28
N SER D 301 27.23 18.32 7.33
CA SER D 301 28.14 18.99 8.24
C SER D 301 29.58 18.80 7.74
N HIS D 302 30.30 19.91 7.58
CA HIS D 302 31.68 19.89 7.06
C HIS D 302 32.73 19.50 8.13
N ILE D 303 32.46 19.86 9.39
CA ILE D 303 33.33 19.49 10.51
C ILE D 303 32.54 19.52 11.82
N THR D 304 33.10 18.96 12.89
CA THR D 304 32.47 18.99 14.21
C THR D 304 33.34 19.73 15.23
N VAL D 305 32.74 20.11 16.35
CA VAL D 305 33.46 20.83 17.41
C VAL D 305 32.84 20.54 18.78
N PRO D 306 33.68 20.35 19.81
CA PRO D 306 33.20 19.95 21.12
C PRO D 306 32.21 20.93 21.73
N ASP D 307 32.45 22.23 21.50
CA ASP D 307 31.63 23.28 22.08
C ASP D 307 31.49 24.46 21.13
N ASP D 308 30.77 25.49 21.57
CA ASP D 308 30.59 26.68 20.76
C ASP D 308 31.90 27.40 20.51
N PHE D 309 32.81 27.37 21.49
CA PHE D 309 34.10 28.02 21.35
C PHE D 309 34.94 27.51 20.17
N GLU D 310 35.27 26.22 20.18
CA GLU D 310 36.06 25.63 19.09
C GLU D 310 35.35 25.88 17.74
N GLY D 311 34.03 26.07 17.79
CA GLY D 311 33.26 26.51 16.63
C GLY D 311 33.64 27.92 16.16
N VAL D 312 33.50 28.90 17.06
CA VAL D 312 33.88 30.28 16.75
C VAL D 312 35.33 30.32 16.27
N TYR D 313 36.16 29.47 16.88
CA TYR D 313 37.57 29.36 16.53
C TYR D 313 37.75 28.74 15.14
N THR D 314 36.95 27.74 14.80
CA THR D 314 37.00 27.10 13.49
C THR D 314 36.60 28.04 12.36
N ILE D 315 35.58 28.87 12.61
CA ILE D 315 35.18 29.90 11.67
C ILE D 315 36.37 30.75 11.26
N LEU D 316 37.14 31.24 12.24
CA LEU D 316 38.35 32.01 11.97
C LEU D 316 39.41 31.19 11.22
N GLU D 317 39.68 29.98 11.72
CA GLU D 317 40.68 29.09 11.12
C GLU D 317 40.33 28.82 9.65
N TRP D 318 39.04 28.71 9.36
CA TRP D 318 38.55 28.64 7.97
C TRP D 318 38.83 29.93 7.20
N LEU D 319 38.43 31.07 7.76
CA LEU D 319 38.56 32.35 7.07
C LEU D 319 40.02 32.76 6.86
N SER D 320 40.94 32.14 7.60
CA SER D 320 42.36 32.38 7.39
C SER D 320 42.78 32.06 5.96
N TYR D 321 42.08 31.13 5.32
CA TYR D 321 42.38 30.71 3.95
C TYR D 321 41.81 31.63 2.89
N MET D 322 40.96 32.57 3.30
CA MET D 322 40.06 33.21 2.36
C MET D 322 40.19 34.74 2.32
N PRO D 323 39.89 35.36 1.16
CA PRO D 323 40.02 36.81 1.01
C PRO D 323 39.04 37.63 1.82
N LYS D 324 39.52 38.75 2.35
CA LYS D 324 38.70 39.73 3.07
C LYS D 324 37.41 40.01 2.30
N ASP D 325 37.56 40.24 0.99
CA ASP D 325 36.44 40.60 0.13
C ASP D 325 36.09 39.56 -0.92
N ASN D 326 34.84 39.66 -1.32
CA ASN D 326 34.34 39.26 -2.62
C ASN D 326 35.29 39.67 -3.77
N HIS D 327 35.84 40.87 -3.67
CA HIS D 327 36.66 41.46 -4.73
C HIS D 327 38.14 41.65 -4.35
N SER D 328 38.66 40.79 -3.48
CA SER D 328 40.08 40.86 -3.10
C SER D 328 40.78 39.55 -3.41
N PRO D 329 42.11 39.60 -3.59
CA PRO D 329 42.84 38.40 -3.96
C PRO D 329 43.08 37.48 -2.78
N VAL D 330 43.48 36.24 -3.08
CA VAL D 330 43.76 35.24 -2.06
C VAL D 330 44.90 35.71 -1.16
N PRO D 331 44.72 35.60 0.17
CA PRO D 331 45.65 36.18 1.14
C PRO D 331 46.92 35.35 1.34
N ILE D 332 47.96 35.65 0.56
CA ILE D 332 49.22 34.91 0.68
C ILE D 332 50.01 35.44 1.88
N ILE D 333 50.16 34.59 2.89
CA ILE D 333 51.00 34.87 4.05
C ILE D 333 52.46 34.51 3.75
N THR D 334 53.39 34.94 4.61
CA THR D 334 54.81 34.61 4.43
C THR D 334 55.13 33.43 5.33
N PRO D 335 55.79 32.37 4.81
CA PRO D 335 55.78 31.08 5.50
C PRO D 335 56.98 30.79 6.41
N THR D 336 56.76 30.05 7.50
CA THR D 336 57.84 29.51 8.34
C THR D 336 58.31 28.14 7.86
N ASP D 337 57.73 27.64 6.76
CA ASP D 337 58.09 26.34 6.22
C ASP D 337 58.68 26.54 4.83
N PRO D 338 60.02 26.45 4.71
CA PRO D 338 60.76 26.90 3.52
C PRO D 338 60.34 26.29 2.17
N ILE D 339 60.04 27.15 1.19
CA ILE D 339 59.62 26.68 -0.14
C ILE D 339 60.74 25.90 -0.84
N ASP D 340 62.00 26.24 -0.52
CA ASP D 340 63.16 25.52 -1.06
C ASP D 340 63.48 24.31 -0.18
N ARG D 341 62.66 23.27 -0.28
CA ARG D 341 62.95 21.97 0.34
C ARG D 341 62.32 20.82 -0.44
N GLU D 342 62.85 19.62 -0.25
CA GLU D 342 62.23 18.41 -0.79
C GLU D 342 61.04 18.00 0.10
N ILE D 343 60.23 17.07 -0.41
CA ILE D 343 59.18 16.45 0.40
C ILE D 343 59.72 15.10 0.87
N GLU D 344 59.78 14.92 2.18
CA GLU D 344 60.43 13.76 2.79
C GLU D 344 59.57 12.50 2.76
N PHE D 345 58.26 12.67 2.88
CA PHE D 345 57.36 11.55 2.66
C PHE D 345 57.33 11.16 1.19
N LEU D 346 57.28 9.86 0.95
CA LEU D 346 57.32 9.32 -0.39
C LEU D 346 56.09 8.47 -0.62
N PRO D 347 55.19 8.92 -1.52
CA PRO D 347 54.13 8.05 -1.99
C PRO D 347 54.70 6.73 -2.50
N SER D 348 53.93 5.66 -2.33
CA SER D 348 54.38 4.31 -2.65
C SER D 348 53.28 3.49 -3.30
N ARG D 349 53.66 2.46 -4.04
CA ARG D 349 52.69 1.51 -4.60
C ARG D 349 51.83 0.90 -3.51
N ALA D 350 52.50 0.43 -2.45
CA ALA D 350 51.82 -0.07 -1.26
C ALA D 350 50.89 1.03 -0.76
N PRO D 351 49.59 0.73 -0.67
CA PRO D 351 48.65 1.80 -0.33
C PRO D 351 49.02 2.54 0.95
N TYR D 352 48.69 3.84 0.97
CA TYR D 352 49.07 4.73 2.08
C TYR D 352 48.00 5.80 2.28
N ASP D 353 48.08 6.48 3.42
CA ASP D 353 47.13 7.54 3.76
C ASP D 353 47.49 8.80 2.97
N PRO D 354 46.61 9.24 2.06
CA PRO D 354 46.93 10.45 1.32
C PRO D 354 47.32 11.57 2.26
N ARG D 355 46.75 11.58 3.45
CA ARG D 355 46.98 12.64 4.40
C ARG D 355 48.44 12.77 4.84
N TRP D 356 49.25 11.74 4.64
CA TRP D 356 50.68 11.85 4.98
C TRP D 356 51.46 12.63 3.93
N MET D 357 51.11 12.43 2.66
CA MET D 357 51.76 13.17 1.58
C MET D 357 51.27 14.63 1.48
N LEU D 358 50.17 14.95 2.16
CA LEU D 358 49.70 16.32 2.25
C LEU D 358 50.37 16.98 3.45
N ALA D 359 50.02 16.53 4.64
CA ALA D 359 50.41 17.19 5.88
C ALA D 359 51.64 16.57 6.55
N GLY D 360 52.21 15.55 5.93
CA GLY D 360 53.34 14.86 6.52
C GLY D 360 52.90 13.96 7.66
N ARG D 361 53.88 13.36 8.34
CA ARG D 361 53.61 12.37 9.38
C ARG D 361 54.75 12.29 10.38
N PRO D 362 54.50 11.65 11.53
CA PRO D 362 55.59 11.31 12.43
C PRO D 362 56.49 10.24 11.83
N HIS D 363 57.79 10.48 11.88
CA HIS D 363 58.76 9.60 11.22
C HIS D 363 58.65 8.14 11.69
N PRO D 364 58.42 7.20 10.76
CA PRO D 364 58.25 5.80 11.15
C PRO D 364 59.45 5.22 11.91
N THR D 365 60.66 5.58 11.49
CA THR D 365 61.90 5.12 12.14
C THR D 365 62.74 6.28 12.71
N LEU D 366 62.19 7.00 13.70
CA LEU D 366 62.91 8.12 14.32
C LEU D 366 62.19 8.67 15.54
N LYS D 367 62.96 9.09 16.53
CA LYS D 367 62.44 9.46 17.87
C LYS D 367 61.48 10.62 17.79
N GLY D 368 62.01 11.83 17.61
CA GLY D 368 61.20 13.04 17.51
C GLY D 368 61.23 13.65 16.11
N THR D 369 61.39 12.79 15.11
CA THR D 369 61.52 13.24 13.73
C THR D 369 60.14 13.32 13.07
N TRP D 370 60.01 14.25 12.11
CA TRP D 370 58.79 14.41 11.32
C TRP D 370 59.14 14.22 9.84
N GLN D 371 58.24 13.56 9.10
CA GLN D 371 58.38 13.47 7.65
C GLN D 371 57.47 14.50 7.00
N SER D 372 58.05 15.42 6.24
CA SER D 372 57.30 16.52 5.65
C SER D 372 56.44 16.05 4.49
N GLY D 373 55.23 16.59 4.43
CA GLY D 373 54.33 16.38 3.31
C GLY D 373 54.58 17.42 2.23
N PHE D 374 53.58 17.59 1.36
CA PHE D 374 53.67 18.53 0.26
C PHE D 374 53.50 19.96 0.73
N PHE D 375 52.47 20.20 1.54
CA PHE D 375 52.09 21.55 1.94
C PHE D 375 52.82 22.05 3.18
N ASP D 376 52.71 23.34 3.44
CA ASP D 376 53.29 23.99 4.62
C ASP D 376 52.94 23.24 5.89
N HIS D 377 53.95 22.94 6.71
CA HIS D 377 53.70 22.15 7.90
C HIS D 377 52.58 22.74 8.74
N GLY D 378 51.62 21.90 9.10
CA GLY D 378 50.53 22.29 9.99
C GLY D 378 49.41 23.03 9.29
N SER D 379 49.47 23.13 7.97
CA SER D 379 48.51 23.98 7.26
C SER D 379 47.29 23.23 6.72
N PHE D 380 47.34 21.89 6.67
CA PHE D 380 46.23 21.14 6.06
C PHE D 380 45.07 20.91 7.01
N LYS D 381 43.89 21.37 6.61
CA LYS D 381 42.73 21.29 7.46
C LYS D 381 41.57 20.69 6.67
N GLU D 382 41.24 19.45 7.00
CA GLU D 382 40.32 18.65 6.22
C GLU D 382 38.88 19.02 6.49
N ILE D 383 38.04 18.90 5.47
CA ILE D 383 36.59 19.08 5.61
C ILE D 383 35.84 17.91 4.99
N MET D 384 34.63 17.63 5.49
CA MET D 384 33.85 16.44 5.10
C MET D 384 34.66 15.14 5.22
N ALA D 385 35.44 15.01 6.30
CA ALA D 385 36.36 13.89 6.50
C ALA D 385 35.70 12.51 6.50
N PRO D 386 34.65 12.31 7.33
CA PRO D 386 34.02 10.99 7.43
C PRO D 386 33.03 10.60 6.33
N TRP D 387 32.76 11.49 5.37
CA TRP D 387 31.88 11.16 4.24
C TRP D 387 32.68 10.84 2.97
N ALA D 388 32.22 9.84 2.22
CA ALA D 388 32.77 9.51 0.91
C ALA D 388 34.27 9.37 1.02
N GLN D 389 34.71 8.48 1.89
CA GLN D 389 36.11 8.46 2.34
C GLN D 389 37.13 8.08 1.27
N THR D 390 36.62 7.65 0.12
CA THR D 390 37.44 7.35 -1.06
C THR D 390 38.20 8.58 -1.57
N VAL D 391 37.63 9.76 -1.32
CA VAL D 391 38.26 11.03 -1.68
C VAL D 391 38.46 11.83 -0.39
N VAL D 392 39.49 12.67 -0.38
CA VAL D 392 39.79 13.55 0.75
C VAL D 392 39.81 14.98 0.25
N THR D 393 39.03 15.86 0.90
CA THR D 393 38.94 17.28 0.53
C THR D 393 39.23 18.20 1.71
N GLY D 394 39.79 19.36 1.43
CA GLY D 394 40.16 20.32 2.48
C GLY D 394 40.97 21.51 1.99
N ARG D 395 41.63 22.17 2.94
CA ARG D 395 42.42 23.36 2.66
C ARG D 395 43.81 23.25 3.25
N ALA D 396 44.77 23.86 2.56
CA ALA D 396 46.16 23.86 3.01
C ALA D 396 46.86 25.11 2.47
N ARG D 397 48.17 25.18 2.66
CA ARG D 397 48.97 26.28 2.13
C ARG D 397 50.26 25.83 1.49
N LEU D 398 50.58 26.41 0.33
CA LEU D 398 51.81 26.15 -0.38
C LEU D 398 52.64 27.43 -0.37
N GLY D 399 53.65 27.48 0.48
CA GLY D 399 54.52 28.66 0.62
C GLY D 399 53.77 29.93 0.98
N GLY D 400 52.71 29.77 1.76
CA GLY D 400 51.86 30.90 2.15
C GLY D 400 50.55 30.98 1.38
N ILE D 401 50.50 30.37 0.19
CA ILE D 401 49.32 30.46 -0.67
C ILE D 401 48.25 29.50 -0.17
N PRO D 402 47.05 30.04 0.16
CA PRO D 402 45.93 29.16 0.47
C PRO D 402 45.42 28.51 -0.81
N VAL D 403 45.15 27.21 -0.75
CA VAL D 403 44.73 26.45 -1.92
C VAL D 403 43.73 25.35 -1.54
N GLY D 404 42.68 25.21 -2.32
CA GLY D 404 41.76 24.08 -2.20
C GLY D 404 42.45 22.78 -2.57
N VAL D 405 42.38 21.80 -1.67
CA VAL D 405 43.07 20.51 -1.86
C VAL D 405 42.07 19.37 -2.08
N ILE D 406 42.38 18.53 -3.07
CA ILE D 406 41.61 17.31 -3.36
C ILE D 406 42.59 16.15 -3.61
N ALA D 407 42.52 15.14 -2.77
CA ALA D 407 43.41 13.99 -2.84
C ALA D 407 42.56 12.74 -2.94
N VAL D 408 43.21 11.59 -3.08
CA VAL D 408 42.51 10.28 -3.17
C VAL D 408 43.01 9.27 -2.12
N GLU D 409 42.11 8.42 -1.66
CA GLU D 409 42.47 7.34 -0.75
C GLU D 409 42.94 6.14 -1.57
N THR D 410 43.94 5.43 -1.07
CA THR D 410 44.48 4.25 -1.77
C THR D 410 44.31 2.95 -0.97
N ARG D 411 43.79 3.07 0.25
CA ARG D 411 43.51 1.93 1.12
C ARG D 411 42.02 1.62 1.12
N THR D 412 41.64 0.34 1.12
CA THR D 412 40.23 -0.02 1.09
C THR D 412 39.52 0.54 2.32
N VAL D 413 38.38 1.16 2.09
CA VAL D 413 37.69 1.91 3.12
C VAL D 413 36.40 1.19 3.53
N GLU D 414 36.15 1.15 4.83
CA GLU D 414 34.94 0.56 5.38
C GLU D 414 34.09 1.65 5.97
N VAL D 415 32.82 1.65 5.59
CA VAL D 415 31.82 2.59 6.10
C VAL D 415 30.71 1.78 6.77
N ALA D 416 30.27 2.22 7.94
CA ALA D 416 29.13 1.59 8.60
C ALA D 416 27.88 2.40 8.30
N VAL D 417 27.01 1.87 7.43
CA VAL D 417 25.68 2.44 7.22
C VAL D 417 24.71 1.78 8.21
N PRO D 418 23.97 2.59 8.98
CA PRO D 418 23.18 2.05 10.07
C PRO D 418 21.78 1.63 9.62
N ALA D 419 21.11 0.84 10.47
CA ALA D 419 19.78 0.32 10.18
C ALA D 419 18.74 1.42 10.30
N ASP D 420 17.72 1.35 9.45
CA ASP D 420 16.63 2.32 9.43
C ASP D 420 15.58 1.93 10.45
N PRO D 421 15.55 2.62 11.61
CA PRO D 421 14.67 2.16 12.70
C PRO D 421 13.22 1.99 12.27
N ALA D 422 12.80 2.79 11.28
CA ALA D 422 11.44 2.75 10.77
C ALA D 422 11.16 1.52 9.92
N ASN D 423 12.21 0.85 9.45
CA ASN D 423 12.09 -0.37 8.66
C ASN D 423 12.54 -1.61 9.42
N LEU D 424 11.58 -2.48 9.74
CA LEU D 424 11.85 -3.70 10.49
C LEU D 424 12.78 -4.68 9.76
N ASP D 425 12.83 -4.59 8.44
CA ASP D 425 13.64 -5.49 7.63
C ASP D 425 15.02 -4.96 7.27
N SER D 426 15.48 -3.88 7.91
CA SER D 426 16.85 -3.40 7.66
C SER D 426 17.69 -3.49 8.91
N GLU D 427 18.98 -3.76 8.73
CA GLU D 427 19.95 -3.75 9.83
C GLU D 427 21.33 -3.18 9.43
N ALA D 428 22.08 -2.71 10.42
CA ALA D 428 23.36 -2.05 10.20
C ALA D 428 24.30 -2.96 9.42
N LYS D 429 24.63 -2.56 8.19
CA LYS D 429 25.65 -3.21 7.38
C LYS D 429 26.93 -2.36 7.39
N ILE D 430 28.03 -2.92 6.88
CA ILE D 430 29.23 -2.14 6.51
C ILE D 430 29.68 -2.43 5.09
N ILE D 431 29.90 -1.36 4.32
CA ILE D 431 30.20 -1.44 2.90
C ILE D 431 31.67 -1.17 2.65
N GLN D 432 32.27 -2.06 1.85
CA GLN D 432 33.65 -1.92 1.42
C GLN D 432 33.67 -0.97 0.25
N GLN D 433 34.52 0.05 0.31
CA GLN D 433 34.73 0.97 -0.82
C GLN D 433 36.20 0.93 -1.19
N ALA D 434 36.48 0.65 -2.46
CA ALA D 434 37.84 0.44 -2.94
C ALA D 434 38.57 1.77 -3.17
N GLY D 435 39.86 1.80 -2.82
CA GLY D 435 40.69 2.98 -3.06
C GLY D 435 40.82 3.26 -4.54
N GLN D 436 41.15 4.52 -4.86
CA GLN D 436 41.40 4.98 -6.25
C GLN D 436 40.21 4.79 -7.21
N VAL D 437 39.00 4.91 -6.66
CA VAL D 437 37.78 4.79 -7.45
C VAL D 437 36.81 5.91 -7.08
N TRP D 438 36.15 6.48 -8.08
CA TRP D 438 35.10 7.46 -7.82
C TRP D 438 33.78 6.72 -7.75
N PHE D 439 33.15 6.81 -6.58
CA PHE D 439 31.81 6.28 -6.35
C PHE D 439 30.85 7.47 -6.37
N PRO D 440 29.53 7.19 -6.27
CA PRO D 440 28.61 8.32 -6.23
C PRO D 440 29.03 9.29 -5.15
N ASP D 441 29.21 8.81 -3.93
CA ASP D 441 29.55 9.72 -2.83
C ASP D 441 30.89 10.45 -3.02
N SER D 442 31.91 9.76 -3.51
CA SER D 442 33.22 10.41 -3.73
C SER D 442 33.09 11.42 -4.85
N ALA D 443 32.32 11.06 -5.87
CA ALA D 443 32.05 11.93 -6.98
C ALA D 443 31.33 13.15 -6.46
N TYR D 444 30.23 12.94 -5.75
CA TYR D 444 29.45 14.04 -5.19
C TYR D 444 30.31 14.93 -4.30
N LYS D 445 31.00 14.32 -3.34
CA LYS D 445 31.90 15.05 -2.45
C LYS D 445 32.93 15.89 -3.20
N THR D 446 33.49 15.32 -4.25
CA THR D 446 34.50 15.99 -5.08
C THR D 446 33.91 17.18 -5.82
N ALA D 447 32.72 16.99 -6.40
CA ALA D 447 31.99 18.05 -7.12
C ALA D 447 31.59 19.16 -6.16
N GLN D 448 31.35 18.79 -4.91
CA GLN D 448 30.98 19.75 -3.87
C GLN D 448 32.17 20.61 -3.48
N ALA D 449 33.32 19.98 -3.27
CA ALA D 449 34.53 20.69 -2.91
C ALA D 449 34.97 21.59 -4.05
N ILE D 450 34.80 21.13 -5.29
CA ILE D 450 35.09 21.97 -6.45
C ILE D 450 34.20 23.21 -6.44
N LYS D 451 32.92 23.04 -6.09
CA LYS D 451 31.99 24.16 -6.15
C LYS D 451 32.25 25.13 -5.02
N ASP D 452 32.35 24.62 -3.80
CA ASP D 452 32.54 25.49 -2.62
C ASP D 452 33.83 26.28 -2.73
N PHE D 453 34.93 25.58 -2.95
CA PHE D 453 36.21 26.24 -3.04
C PHE D 453 36.18 27.34 -4.08
N ASN D 454 35.45 27.09 -5.18
CA ASN D 454 35.31 28.09 -6.25
C ASN D 454 34.73 29.39 -5.72
N ARG D 455 33.64 29.30 -4.95
CA ARG D 455 33.01 30.49 -4.35
C ARG D 455 33.82 31.11 -3.21
N GLU D 456 34.85 30.41 -2.73
CA GLU D 456 35.78 30.99 -1.78
C GLU D 456 36.90 31.72 -2.52
N LYS D 457 36.81 31.74 -3.86
CA LYS D 457 37.79 32.42 -4.69
C LYS D 457 39.21 31.89 -4.42
N LEU D 458 39.30 30.57 -4.17
CA LEU D 458 40.57 29.90 -3.91
C LEU D 458 41.05 29.15 -5.14
N PRO D 459 42.37 29.05 -5.33
CA PRO D 459 42.89 28.17 -6.36
C PRO D 459 42.77 26.73 -5.90
N LEU D 460 42.58 25.81 -6.83
CA LEU D 460 42.38 24.40 -6.50
C LEU D 460 43.58 23.58 -6.92
N MET D 461 44.00 22.65 -6.05
CA MET D 461 45.04 21.66 -6.38
C MET D 461 44.51 20.21 -6.26
N ILE D 462 44.47 19.50 -7.38
CA ILE D 462 43.95 18.14 -7.41
C ILE D 462 45.08 17.12 -7.58
N PHE D 463 45.35 16.34 -6.52
CA PHE D 463 46.36 15.29 -6.58
C PHE D 463 45.77 14.01 -7.19
N ALA D 464 45.53 14.05 -8.50
CA ALA D 464 44.74 13.01 -9.19
C ALA D 464 45.32 11.61 -9.03
N ASN D 465 44.45 10.66 -8.64
CA ASN D 465 44.84 9.25 -8.54
C ASN D 465 43.62 8.33 -8.63
N TRP D 466 42.90 8.44 -9.74
CA TRP D 466 41.70 7.64 -9.98
C TRP D 466 41.85 6.68 -11.16
N ARG D 467 41.38 5.46 -10.99
CA ARG D 467 41.38 4.45 -12.05
C ARG D 467 40.17 4.55 -12.97
N GLY D 468 39.14 5.26 -12.52
CA GLY D 468 37.85 5.32 -13.19
C GLY D 468 36.72 5.41 -12.18
N PHE D 469 35.50 5.55 -12.69
CA PHE D 469 34.31 5.55 -11.84
C PHE D 469 33.85 4.12 -11.62
N SER D 470 33.27 3.85 -10.47
CA SER D 470 32.67 2.55 -10.22
C SER D 470 31.49 2.31 -11.17
N GLY D 471 31.69 1.47 -12.19
CA GLY D 471 30.61 0.99 -13.05
C GLY D 471 29.94 -0.17 -12.34
N GLY D 472 28.82 -0.64 -12.86
CA GLY D 472 28.15 -1.79 -12.23
C GLY D 472 26.78 -1.45 -11.67
N MET D 473 26.03 -2.48 -11.32
CA MET D 473 24.60 -2.38 -10.97
C MET D 473 24.32 -1.33 -9.90
N LYS D 474 24.78 -1.64 -8.69
CA LYS D 474 24.38 -0.87 -7.52
C LYS D 474 24.80 0.58 -7.70
N ASP D 475 26.05 0.82 -8.06
CA ASP D 475 26.54 2.19 -8.23
C ASP D 475 25.92 2.95 -9.42
N MET D 476 25.62 2.24 -10.51
CA MET D 476 24.99 2.87 -11.69
C MET D 476 23.57 3.27 -11.38
N TYR D 477 22.84 2.33 -10.77
CA TYR D 477 21.52 2.57 -10.24
C TYR D 477 21.55 3.69 -9.22
N ASP D 478 22.58 3.72 -8.38
CA ASP D 478 22.76 4.80 -7.41
C ASP D 478 23.17 6.12 -8.06
N GLN D 479 23.04 6.18 -9.38
CA GLN D 479 23.22 7.40 -10.14
C GLN D 479 24.65 7.94 -10.08
N VAL D 480 25.64 7.06 -10.28
CA VAL D 480 27.04 7.51 -10.31
C VAL D 480 27.28 8.42 -11.52
N LEU D 481 26.59 8.11 -12.63
CA LEU D 481 26.76 8.82 -13.88
C LEU D 481 26.38 10.28 -13.74
N LYS D 482 25.41 10.55 -12.87
CA LYS D 482 24.94 11.92 -12.62
C LYS D 482 26.03 12.76 -11.93
N PHE D 483 26.57 12.23 -10.85
CA PHE D 483 27.52 12.96 -10.01
C PHE D 483 28.90 13.00 -10.64
N GLY D 484 29.15 12.10 -11.58
CA GLY D 484 30.34 12.19 -12.40
C GLY D 484 30.24 13.43 -13.26
N ALA D 485 29.06 13.63 -13.85
CA ALA D 485 28.80 14.77 -14.74
C ALA D 485 28.95 16.11 -14.02
N TYR D 486 28.61 16.15 -12.72
CA TYR D 486 28.74 17.38 -11.95
C TYR D 486 30.18 17.85 -11.78
N ILE D 487 31.14 16.92 -11.92
CA ILE D 487 32.55 17.26 -11.84
C ILE D 487 32.94 18.15 -13.02
N VAL D 488 32.43 17.82 -14.20
CA VAL D 488 32.71 18.58 -15.41
C VAL D 488 32.15 19.99 -15.22
N ASP D 489 30.84 20.07 -14.99
CA ASP D 489 30.16 21.31 -14.60
C ASP D 489 31.00 22.14 -13.64
N GLY D 490 31.50 21.47 -12.60
CA GLY D 490 32.28 22.12 -11.55
C GLY D 490 33.54 22.78 -12.03
N LEU D 491 34.46 21.97 -12.58
CA LEU D 491 35.75 22.48 -13.08
C LEU D 491 35.59 23.48 -14.22
N ARG D 492 34.58 23.28 -15.06
CA ARG D 492 34.32 24.16 -16.20
C ARG D 492 34.11 25.60 -15.76
N GLN D 493 33.41 25.77 -14.65
CA GLN D 493 33.04 27.07 -14.12
C GLN D 493 34.07 27.64 -13.15
N TYR D 494 35.06 26.82 -12.80
CA TYR D 494 36.10 27.24 -11.86
C TYR D 494 36.83 28.45 -12.43
N LYS D 495 36.93 29.50 -11.64
CA LYS D 495 37.47 30.78 -12.12
C LYS D 495 38.80 31.18 -11.46
N GLN D 496 39.49 30.20 -10.88
CA GLN D 496 40.82 30.41 -10.31
C GLN D 496 41.72 29.31 -10.86
N PRO D 497 43.04 29.40 -10.66
CA PRO D 497 43.92 28.39 -11.23
C PRO D 497 43.68 27.00 -10.66
N ILE D 498 43.57 26.00 -11.53
CA ILE D 498 43.47 24.60 -11.12
C ILE D 498 44.74 23.84 -11.51
N LEU D 499 45.47 23.35 -10.52
CA LEU D 499 46.69 22.57 -10.76
C LEU D 499 46.46 21.09 -10.45
N ILE D 500 46.32 20.25 -11.49
CA ILE D 500 46.14 18.82 -11.29
C ILE D 500 47.52 18.19 -11.38
N TYR D 501 47.81 17.28 -10.46
CA TYR D 501 49.12 16.64 -10.40
C TYR D 501 48.97 15.15 -10.08
N ILE D 502 49.53 14.30 -10.92
CA ILE D 502 49.51 12.86 -10.65
C ILE D 502 50.77 12.52 -9.86
N PRO D 503 50.65 12.23 -8.55
CA PRO D 503 51.84 11.98 -7.72
C PRO D 503 52.55 10.69 -8.09
N PRO D 504 53.68 10.38 -7.41
CA PRO D 504 54.35 9.10 -7.63
C PRO D 504 53.43 7.91 -7.40
N TYR D 505 53.57 6.89 -8.25
CA TYR D 505 52.82 5.65 -8.12
C TYR D 505 51.33 5.94 -8.03
N ALA D 506 50.89 6.87 -8.85
CA ALA D 506 49.49 7.19 -8.96
C ALA D 506 49.09 6.97 -10.40
N GLU D 507 47.82 7.13 -10.68
CA GLU D 507 47.32 6.93 -12.02
C GLU D 507 46.05 7.74 -12.25
N LEU D 508 45.90 8.26 -13.46
CA LEU D 508 44.67 8.88 -13.89
C LEU D 508 44.25 8.13 -15.14
N ARG D 509 43.03 7.60 -15.12
CA ARG D 509 42.62 6.61 -16.11
C ARG D 509 41.20 6.83 -16.65
N GLY D 510 41.00 6.40 -17.89
CA GLY D 510 39.68 6.41 -18.53
C GLY D 510 38.74 7.56 -18.18
N GLY D 511 37.56 7.21 -17.68
CA GLY D 511 36.54 8.20 -17.35
C GLY D 511 36.97 9.22 -16.31
N SER D 512 37.84 8.82 -15.39
CA SER D 512 38.34 9.76 -14.41
C SER D 512 39.19 10.84 -15.08
N TRP D 513 39.99 10.48 -16.06
CA TRP D 513 40.71 11.50 -16.84
C TRP D 513 39.74 12.45 -17.53
N VAL D 514 38.68 11.91 -18.14
CA VAL D 514 37.73 12.71 -18.94
C VAL D 514 37.21 13.93 -18.19
N VAL D 515 36.70 13.72 -16.99
CA VAL D 515 36.02 14.80 -16.24
C VAL D 515 36.97 15.81 -15.56
N ILE D 516 38.26 15.54 -15.58
CA ILE D 516 39.25 16.32 -14.84
C ILE D 516 40.20 17.07 -15.80
N ASP D 517 39.96 16.92 -17.11
CA ASP D 517 40.96 17.30 -18.15
C ASP D 517 41.03 18.80 -18.39
N ALA D 518 42.19 19.26 -18.82
CA ALA D 518 42.44 20.68 -19.10
C ALA D 518 41.51 21.31 -20.15
N THR D 519 41.08 20.56 -21.16
CA THR D 519 40.22 21.12 -22.21
C THR D 519 38.82 21.57 -21.74
N ILE D 520 38.40 21.08 -20.57
CA ILE D 520 37.16 21.52 -19.92
C ILE D 520 37.26 22.99 -19.54
N ASN D 521 38.42 23.39 -19.01
CA ASN D 521 38.67 24.78 -18.68
C ASN D 521 40.14 25.11 -18.96
N PRO D 522 40.47 25.40 -20.23
CA PRO D 522 41.86 25.66 -20.61
C PRO D 522 42.41 26.98 -20.06
N LEU D 523 41.52 27.89 -19.68
CA LEU D 523 41.96 29.13 -19.04
C LEU D 523 42.46 28.92 -17.60
N CYS D 524 42.09 27.81 -16.96
CA CYS D 524 42.45 27.57 -15.55
C CYS D 524 43.28 26.32 -15.25
N ILE D 525 42.94 25.20 -15.90
CA ILE D 525 43.50 23.90 -15.55
C ILE D 525 44.88 23.64 -16.19
N GLU D 526 45.86 23.28 -15.35
CA GLU D 526 47.17 22.81 -15.81
C GLU D 526 47.45 21.42 -15.20
N MET D 527 47.82 20.46 -16.05
CA MET D 527 48.04 19.08 -15.62
C MET D 527 49.53 18.76 -15.54
N TYR D 528 49.94 18.10 -14.47
CA TYR D 528 51.33 17.69 -14.30
C TYR D 528 51.38 16.23 -13.88
N ALA D 529 52.36 15.51 -14.40
CA ALA D 529 52.51 14.09 -14.13
C ALA D 529 53.90 13.78 -13.58
N ASP D 530 53.95 13.12 -12.42
CA ASP D 530 55.21 12.69 -11.85
C ASP D 530 55.94 11.72 -12.77
N LYS D 531 57.27 11.65 -12.64
CA LYS D 531 58.05 10.68 -13.41
C LYS D 531 57.60 9.23 -13.16
N GLU D 532 57.10 8.96 -11.95
CA GLU D 532 56.66 7.62 -11.54
C GLU D 532 55.14 7.40 -11.60
N SER D 533 54.44 8.22 -12.39
CA SER D 533 53.00 8.10 -12.56
C SER D 533 52.66 7.31 -13.82
N ARG D 534 51.37 7.10 -14.05
CA ARG D 534 50.86 6.48 -15.27
C ARG D 534 49.55 7.12 -15.66
N GLY D 535 49.14 6.88 -16.91
CA GLY D 535 47.86 7.39 -17.39
C GLY D 535 47.45 6.85 -18.74
N GLY D 536 46.19 6.44 -18.84
CA GLY D 536 45.63 5.90 -20.08
C GLY D 536 44.13 5.66 -20.03
N VAL D 537 43.56 5.29 -21.17
CA VAL D 537 42.13 4.95 -21.26
C VAL D 537 41.79 3.72 -20.38
N LEU D 538 42.63 2.69 -20.45
CA LEU D 538 42.45 1.48 -19.67
C LEU D 538 43.68 1.21 -18.80
N GLU D 539 43.50 0.32 -17.82
CA GLU D 539 44.63 -0.29 -17.17
C GLU D 539 45.30 -1.17 -18.24
N PRO D 540 46.62 -1.42 -18.13
CA PRO D 540 47.29 -2.24 -19.13
C PRO D 540 46.64 -3.60 -19.30
N GLU D 541 46.06 -4.11 -18.22
CA GLU D 541 45.35 -5.38 -18.24
C GLU D 541 44.19 -5.39 -19.25
N GLY D 542 43.39 -4.33 -19.23
CA GLY D 542 42.29 -4.14 -20.19
C GLY D 542 42.80 -3.86 -21.59
N THR D 543 43.76 -2.94 -21.69
CA THR D 543 44.43 -2.63 -22.94
C THR D 543 44.80 -3.93 -23.66
N VAL D 544 45.46 -4.82 -22.91
CA VAL D 544 45.92 -6.10 -23.43
C VAL D 544 44.74 -7.03 -23.69
N GLU D 545 43.75 -6.97 -22.81
CA GLU D 545 42.56 -7.83 -22.92
C GLU D 545 41.78 -7.55 -24.19
N ILE D 546 41.88 -6.31 -24.67
CA ILE D 546 41.16 -5.88 -25.85
C ILE D 546 42.02 -5.87 -27.10
N LYS D 547 43.32 -5.55 -26.95
CA LYS D 547 44.23 -5.39 -28.09
C LYS D 547 45.24 -6.53 -28.24
N PHE D 548 45.95 -6.82 -27.16
CA PHE D 548 46.98 -7.86 -27.19
C PHE D 548 46.39 -9.20 -26.77
N ARG D 549 45.36 -9.65 -27.50
CA ARG D 549 44.67 -10.89 -27.13
C ARG D 549 45.50 -12.12 -27.48
N LYS D 550 44.95 -13.30 -27.18
CA LYS D 550 45.68 -14.57 -27.33
C LYS D 550 46.30 -14.78 -28.71
N LYS D 551 45.50 -14.57 -29.75
CA LYS D 551 45.97 -14.72 -31.14
C LYS D 551 47.26 -13.93 -31.36
N ASP D 552 47.32 -12.72 -30.78
CA ASP D 552 48.54 -11.91 -30.81
C ASP D 552 49.65 -12.54 -29.98
N LEU D 553 49.29 -13.10 -28.82
CA LEU D 553 50.27 -13.78 -27.95
C LEU D 553 50.95 -14.91 -28.70
N ILE D 554 50.14 -15.73 -29.37
CA ILE D 554 50.65 -16.86 -30.14
C ILE D 554 51.62 -16.37 -31.23
N LYS D 555 51.22 -15.30 -31.92
CA LYS D 555 52.09 -14.69 -32.92
C LYS D 555 53.46 -14.40 -32.33
N SER D 556 53.45 -13.67 -31.21
CA SER D 556 54.69 -13.24 -30.57
C SER D 556 55.52 -14.41 -30.06
N MET D 557 54.88 -15.53 -29.72
CA MET D 557 55.59 -16.76 -29.40
C MET D 557 56.37 -17.25 -30.63
N ARG D 558 55.74 -17.20 -31.81
CA ARG D 558 56.39 -17.65 -33.04
C ARG D 558 57.65 -16.87 -33.32
N ARG D 559 57.55 -15.54 -33.22
CA ARG D 559 58.69 -14.67 -33.47
C ARG D 559 59.77 -14.84 -32.40
N ILE D 560 59.38 -14.72 -31.13
CA ILE D 560 60.31 -14.67 -30.03
C ILE D 560 60.83 -16.04 -29.59
N ASP D 561 59.95 -16.93 -29.17
CA ASP D 561 60.36 -18.25 -28.67
C ASP D 561 60.88 -19.14 -29.81
N PRO D 562 62.16 -19.56 -29.75
CA PRO D 562 62.68 -20.47 -30.78
C PRO D 562 62.08 -21.88 -30.71
N ALA D 563 61.80 -22.35 -29.50
CA ALA D 563 61.20 -23.68 -29.31
C ALA D 563 59.89 -23.79 -30.06
N TYR D 564 59.04 -22.79 -29.90
CA TYR D 564 57.72 -22.75 -30.52
C TYR D 564 57.81 -22.57 -32.05
N LYS D 565 58.79 -21.81 -32.50
CA LYS D 565 58.98 -21.57 -33.94
C LYS D 565 59.42 -22.83 -34.68
N LYS D 566 60.23 -23.67 -34.05
CA LYS D 566 60.69 -24.93 -34.66
C LYS D 566 59.52 -25.91 -34.81
N LEU D 567 58.73 -26.06 -33.74
CA LEU D 567 57.51 -26.86 -33.80
C LEU D 567 56.61 -26.42 -34.94
N MET D 568 56.37 -25.12 -35.03
CA MET D 568 55.50 -24.58 -36.08
C MET D 568 56.02 -24.91 -37.47
N GLU D 569 57.32 -24.77 -37.68
CA GLU D 569 57.92 -25.07 -38.99
C GLU D 569 57.67 -26.53 -39.39
N GLN D 570 57.79 -27.42 -38.42
CA GLN D 570 57.58 -28.85 -38.64
C GLN D 570 56.11 -29.16 -38.87
N LEU D 571 55.23 -28.52 -38.11
CA LEU D 571 53.79 -28.76 -38.20
C LEU D 571 53.28 -28.45 -39.59
N GLY D 572 53.85 -27.41 -40.21
CA GLY D 572 53.62 -27.14 -41.62
C GLY D 572 54.56 -27.96 -42.47
N GLU D 573 54.25 -29.26 -42.59
CA GLU D 573 55.01 -30.17 -43.46
C GLU D 573 54.09 -31.21 -44.07
N PRO D 574 53.95 -31.21 -45.40
CA PRO D 574 52.95 -32.04 -46.05
C PRO D 574 53.19 -33.55 -45.94
N ASP D 575 54.45 -33.95 -45.79
CA ASP D 575 54.80 -35.38 -45.72
C ASP D 575 54.96 -35.85 -44.26
N LEU D 576 54.08 -35.35 -43.40
CA LEU D 576 54.09 -35.63 -41.99
C LEU D 576 52.83 -36.42 -41.66
N SER D 577 53.00 -37.66 -41.23
CA SER D 577 51.88 -38.57 -40.97
C SER D 577 50.88 -38.01 -39.96
N ASP D 578 49.63 -38.47 -40.05
CA ASP D 578 48.59 -38.02 -39.11
C ASP D 578 48.93 -38.37 -37.66
N LYS D 579 49.65 -39.49 -37.50
CA LYS D 579 50.11 -39.93 -36.19
C LYS D 579 51.12 -38.95 -35.62
N ASP D 580 52.21 -38.73 -36.35
CA ASP D 580 53.26 -37.79 -35.92
C ASP D 580 52.70 -36.37 -35.74
N ARG D 581 51.70 -36.01 -36.54
CA ARG D 581 51.07 -34.70 -36.48
C ARG D 581 50.34 -34.48 -35.15
N LYS D 582 49.65 -35.52 -34.67
CA LYS D 582 49.03 -35.48 -33.35
C LYS D 582 50.10 -35.31 -32.28
N ASP D 583 51.22 -36.01 -32.47
CA ASP D 583 52.36 -35.98 -31.53
C ASP D 583 53.20 -34.69 -31.62
N LEU D 584 52.73 -33.71 -32.38
CA LEU D 584 53.33 -32.37 -32.43
C LEU D 584 52.29 -31.28 -32.11
N GLU D 585 51.06 -31.50 -32.56
CA GLU D 585 49.93 -30.64 -32.22
C GLU D 585 49.81 -30.52 -30.71
N GLY D 586 49.77 -31.66 -30.04
CA GLY D 586 49.73 -31.69 -28.58
C GLY D 586 51.02 -31.14 -28.01
N ARG D 587 52.14 -31.53 -28.63
CA ARG D 587 53.46 -31.06 -28.23
C ARG D 587 53.64 -29.54 -28.42
N LEU D 588 52.77 -28.93 -29.23
CA LEU D 588 52.74 -27.47 -29.41
C LEU D 588 51.81 -26.81 -28.39
N LYS D 589 50.60 -27.35 -28.26
CA LYS D 589 49.64 -26.88 -27.26
C LYS D 589 50.28 -26.80 -25.89
N ALA D 590 51.10 -27.81 -25.57
CA ALA D 590 51.90 -27.82 -24.33
C ALA D 590 52.71 -26.51 -24.18
N ARG D 591 53.73 -26.36 -25.03
CA ARG D 591 54.59 -25.16 -25.05
C ARG D 591 53.77 -23.86 -25.11
N GLU D 592 52.65 -23.91 -25.84
CA GLU D 592 51.71 -22.79 -25.91
C GLU D 592 51.16 -22.50 -24.52
N ASP D 593 50.58 -23.52 -23.90
CA ASP D 593 49.94 -23.39 -22.59
C ASP D 593 50.93 -23.06 -21.47
N LEU D 594 52.16 -23.54 -21.60
CA LEU D 594 53.23 -23.17 -20.68
C LEU D 594 53.53 -21.68 -20.78
N LEU D 595 53.71 -21.20 -22.00
CA LEU D 595 54.16 -19.82 -22.23
C LEU D 595 53.06 -18.76 -22.12
N LEU D 596 51.81 -19.13 -22.41
CA LEU D 596 50.70 -18.16 -22.43
C LEU D 596 50.69 -17.22 -21.22
N PRO D 597 50.91 -17.74 -20.00
CA PRO D 597 50.97 -16.86 -18.81
C PRO D 597 51.96 -15.69 -18.96
N ILE D 598 53.26 -15.97 -18.98
CA ILE D 598 54.25 -14.88 -18.97
C ILE D 598 54.33 -14.07 -20.28
N TYR D 599 53.87 -14.65 -21.38
CA TYR D 599 53.76 -13.89 -22.64
C TYR D 599 52.61 -12.88 -22.53
N HIS D 600 51.59 -13.21 -21.75
CA HIS D 600 50.59 -12.22 -21.36
C HIS D 600 51.29 -11.12 -20.55
N GLN D 601 52.19 -11.53 -19.65
CA GLN D 601 52.89 -10.58 -18.77
C GLN D 601 53.76 -9.60 -19.53
N VAL D 602 54.46 -10.09 -20.55
CA VAL D 602 55.26 -9.21 -21.42
C VAL D 602 54.34 -8.23 -22.18
N ALA D 603 53.11 -8.68 -22.49
CA ALA D 603 52.14 -7.86 -23.19
C ALA D 603 51.66 -6.72 -22.30
N VAL D 604 51.36 -7.01 -21.04
CA VAL D 604 50.90 -5.99 -20.10
C VAL D 604 52.02 -4.98 -19.83
N GLN D 605 53.26 -5.43 -19.92
CA GLN D 605 54.39 -4.54 -19.78
C GLN D 605 54.57 -3.74 -21.05
N PHE D 606 54.37 -4.39 -22.21
CA PHE D 606 54.40 -3.68 -23.48
C PHE D 606 53.29 -2.65 -23.50
N ALA D 607 52.13 -3.04 -22.98
CA ALA D 607 50.99 -2.14 -22.83
C ALA D 607 51.28 -1.03 -21.82
N ASP D 608 52.04 -1.35 -20.78
CA ASP D 608 52.45 -0.36 -19.76
C ASP D 608 53.21 0.81 -20.36
N PHE D 609 54.12 0.53 -21.30
CA PHE D 609 55.04 1.55 -21.81
C PHE D 609 54.35 2.70 -22.60
N HIS D 610 53.09 2.52 -23.00
CA HIS D 610 52.32 3.58 -23.64
C HIS D 610 51.79 4.56 -22.59
N ASP D 611 51.28 4.02 -21.49
CA ASP D 611 50.60 4.82 -20.45
C ASP D 611 51.56 5.69 -19.62
N THR D 612 52.77 5.92 -20.16
CA THR D 612 53.85 6.60 -19.46
C THR D 612 53.73 8.13 -19.53
N PRO D 613 54.32 8.85 -18.55
CA PRO D 613 54.39 10.31 -18.68
C PRO D 613 55.27 10.76 -19.85
N GLY D 614 56.16 9.89 -20.31
CA GLY D 614 56.93 10.16 -21.52
C GLY D 614 55.99 10.43 -22.68
N ARG D 615 54.97 9.60 -22.80
CA ARG D 615 54.01 9.73 -23.88
C ARG D 615 53.03 10.88 -23.63
N MET D 616 52.66 11.11 -22.37
CA MET D 616 51.74 12.21 -22.02
C MET D 616 52.31 13.55 -22.50
N LEU D 617 53.59 13.79 -22.22
CA LEU D 617 54.23 15.03 -22.61
C LEU D 617 54.24 15.15 -24.12
N GLU D 618 54.59 14.04 -24.78
CA GLU D 618 54.70 13.99 -26.25
C GLU D 618 53.41 14.42 -26.94
N LYS D 619 52.30 13.83 -26.54
CA LYS D 619 51.02 14.16 -27.13
C LYS D 619 50.56 15.54 -26.66
N GLY D 620 51.00 15.92 -25.46
CA GLY D 620 50.73 17.26 -24.92
C GLY D 620 49.46 17.32 -24.09
N VAL D 621 49.26 16.29 -23.27
CA VAL D 621 48.09 16.23 -22.38
C VAL D 621 48.46 16.78 -21.00
N ILE D 622 49.71 16.54 -20.58
CA ILE D 622 50.29 17.21 -19.42
C ILE D 622 51.14 18.39 -19.87
N SER D 623 51.37 19.32 -18.96
CA SER D 623 52.12 20.54 -19.24
C SER D 623 53.60 20.39 -18.91
N ASP D 624 53.92 19.46 -18.01
CA ASP D 624 55.32 19.16 -17.68
C ASP D 624 55.37 17.91 -16.82
N ILE D 625 56.32 17.01 -17.08
CA ILE D 625 56.58 15.90 -16.14
C ILE D 625 57.30 16.52 -14.93
N LEU D 626 57.19 15.90 -13.75
CA LEU D 626 57.76 16.48 -12.52
C LEU D 626 58.39 15.43 -11.61
N GLU D 627 59.13 15.89 -10.60
CA GLU D 627 59.73 15.00 -9.61
C GLU D 627 59.33 15.39 -8.20
N TRP D 628 58.61 14.49 -7.56
CA TRP D 628 57.96 14.72 -6.26
C TRP D 628 58.82 15.46 -5.22
N LYS D 629 60.12 15.17 -5.17
CA LYS D 629 61.00 15.84 -4.20
C LYS D 629 61.00 17.36 -4.43
N THR D 630 61.30 17.78 -5.64
CA THR D 630 61.30 19.20 -5.98
C THR D 630 59.90 19.73 -6.34
N ALA D 631 58.91 18.84 -6.38
CA ALA D 631 57.53 19.18 -6.78
C ALA D 631 56.93 20.33 -5.98
N ARG D 632 57.15 20.31 -4.67
CA ARG D 632 56.72 21.39 -3.78
C ARG D 632 57.20 22.74 -4.28
N THR D 633 58.51 22.89 -4.44
CA THR D 633 59.08 24.18 -4.83
C THR D 633 58.60 24.61 -6.22
N PHE D 634 58.56 23.67 -7.17
CA PHE D 634 58.18 24.02 -8.54
C PHE D 634 56.77 24.61 -8.60
N LEU D 635 55.81 23.87 -8.07
CA LEU D 635 54.40 24.26 -8.10
C LEU D 635 54.10 25.50 -7.27
N TYR D 636 55.01 25.87 -6.36
CA TYR D 636 54.88 27.12 -5.60
C TYR D 636 55.06 28.32 -6.52
N TRP D 637 56.22 28.37 -7.18
CA TRP D 637 56.50 29.48 -8.09
C TRP D 637 55.47 29.49 -9.21
N ARG D 638 55.09 28.31 -9.69
CA ARG D 638 54.11 28.20 -10.77
C ARG D 638 52.73 28.72 -10.41
N LEU D 639 52.34 28.51 -9.16
CA LEU D 639 51.08 29.03 -8.68
C LEU D 639 51.21 30.55 -8.54
N ARG D 640 52.22 30.97 -7.80
CA ARG D 640 52.35 32.39 -7.48
C ARG D 640 52.42 33.23 -8.75
N ARG D 641 53.14 32.72 -9.74
CA ARG D 641 53.15 33.32 -11.07
C ARG D 641 51.73 33.45 -11.61
N LEU D 642 51.01 32.33 -11.68
CA LEU D 642 49.66 32.32 -12.26
C LEU D 642 48.67 33.19 -11.47
N LEU D 643 48.79 33.19 -10.15
CA LEU D 643 47.96 34.08 -9.32
C LEU D 643 48.24 35.56 -9.60
N LEU D 644 49.51 35.95 -9.64
CA LEU D 644 49.89 37.34 -10.01
C LEU D 644 49.56 37.67 -11.47
N GLU D 645 49.62 36.68 -12.36
CA GLU D 645 49.24 36.87 -13.76
C GLU D 645 47.75 37.16 -13.84
N ASP D 646 46.97 36.31 -13.18
CA ASP D 646 45.53 36.50 -13.12
C ASP D 646 45.16 37.79 -12.40
N GLN D 647 45.91 38.11 -11.34
CA GLN D 647 45.68 39.34 -10.55
C GLN D 647 45.72 40.58 -11.42
N VAL D 648 46.63 40.59 -12.39
CA VAL D 648 46.71 41.67 -13.37
C VAL D 648 45.62 41.50 -14.43
N LYS D 649 45.62 40.33 -15.08
CA LYS D 649 44.72 40.03 -16.21
C LYS D 649 43.27 40.37 -15.89
N GLN D 650 42.73 39.74 -14.86
CA GLN D 650 41.36 40.03 -14.42
C GLN D 650 41.30 41.44 -13.81
N GLU D 651 41.72 41.55 -12.54
CA GLU D 651 41.43 42.72 -11.66
C GLU D 651 41.35 44.08 -12.37
N ILE D 652 42.39 44.42 -13.13
CA ILE D 652 42.46 45.73 -13.78
C ILE D 652 42.51 45.61 -15.29
N LEU D 653 43.35 44.72 -15.81
CA LEU D 653 43.56 44.61 -17.26
C LEU D 653 42.26 44.29 -17.97
N GLN D 654 41.35 43.59 -17.29
CA GLN D 654 40.05 43.24 -17.86
C GLN D 654 39.00 44.33 -17.65
N ALA D 655 39.06 45.00 -16.50
CA ALA D 655 38.11 46.05 -16.15
C ALA D 655 38.01 47.17 -17.21
N SER D 656 39.04 47.33 -18.04
CA SER D 656 39.06 48.38 -19.07
C SER D 656 38.91 47.84 -20.51
N GLY D 657 39.51 46.69 -20.79
CA GLY D 657 39.45 46.08 -22.12
C GLY D 657 38.09 45.46 -22.41
N GLU D 658 38.04 44.12 -22.48
CA GLU D 658 36.76 43.41 -22.72
C GLU D 658 36.97 41.90 -22.76
N LEU D 659 37.77 41.42 -23.72
CA LEU D 659 38.08 39.99 -23.83
C LEU D 659 39.33 39.75 -24.69
N SER D 660 40.09 38.71 -24.36
CA SER D 660 41.32 38.39 -25.11
C SER D 660 42.06 37.16 -24.57
N HIS D 661 41.87 36.01 -25.22
CA HIS D 661 42.53 34.78 -24.80
C HIS D 661 44.01 34.83 -25.15
N VAL D 662 44.30 35.03 -26.44
CA VAL D 662 45.68 35.14 -26.91
C VAL D 662 46.37 36.36 -26.30
N HIS D 663 45.59 37.40 -25.98
CA HIS D 663 46.17 38.63 -25.45
C HIS D 663 46.56 38.51 -23.98
N ILE D 664 45.91 37.62 -23.24
CA ILE D 664 46.32 37.35 -21.86
C ILE D 664 47.82 37.05 -21.82
N GLN D 665 48.20 35.81 -22.17
CA GLN D 665 49.58 35.37 -22.11
C GLN D 665 50.46 36.24 -23.04
N SER D 666 49.89 36.65 -24.18
CA SER D 666 50.66 37.40 -25.19
C SER D 666 51.03 38.80 -24.71
N MET D 667 50.03 39.54 -24.23
CA MET D 667 50.25 40.94 -23.85
C MET D 667 51.31 41.09 -22.76
N LEU D 668 51.14 40.33 -21.67
CA LEU D 668 52.08 40.39 -20.56
C LEU D 668 53.49 39.97 -20.99
N ARG D 669 53.58 38.87 -21.75
CA ARG D 669 54.84 38.42 -22.33
C ARG D 669 55.46 39.51 -23.22
N ARG D 670 54.61 40.26 -23.92
CA ARG D 670 55.08 41.34 -24.77
C ARG D 670 55.58 42.50 -23.93
N TRP D 671 54.87 42.78 -22.84
CA TRP D 671 55.29 43.83 -21.91
C TRP D 671 56.61 43.50 -21.22
N PHE D 672 56.85 42.20 -20.99
CA PHE D 672 58.05 41.74 -20.29
C PHE D 672 59.31 41.93 -21.13
N VAL D 673 59.31 41.43 -22.36
CA VAL D 673 60.46 41.60 -23.27
C VAL D 673 60.63 43.07 -23.63
N GLU D 674 59.51 43.78 -23.72
CA GLU D 674 59.49 45.22 -23.94
C GLU D 674 60.33 45.97 -22.90
N THR D 675 60.30 45.51 -21.66
CA THR D 675 61.01 46.17 -20.56
C THR D 675 62.38 45.53 -20.25
N GLU D 676 62.54 44.24 -20.55
CA GLU D 676 63.77 43.53 -20.21
C GLU D 676 64.64 43.22 -21.41
N GLY D 677 64.07 43.27 -22.61
CA GLY D 677 64.82 43.05 -23.83
C GLY D 677 64.60 41.67 -24.43
N ALA D 678 64.61 41.62 -25.76
CA ALA D 678 64.39 40.38 -26.50
C ALA D 678 65.40 39.30 -26.12
N VAL D 679 66.66 39.69 -25.92
CA VAL D 679 67.72 38.75 -25.50
C VAL D 679 67.38 38.09 -24.16
N LYS D 680 66.81 38.86 -23.23
CA LYS D 680 66.39 38.34 -21.93
C LYS D 680 64.97 37.74 -21.95
N ALA D 681 64.41 37.49 -23.13
CA ALA D 681 63.00 37.07 -23.25
C ALA D 681 62.76 35.65 -22.76
N TYR D 682 63.66 34.73 -23.09
CA TYR D 682 63.54 33.32 -22.71
C TYR D 682 63.22 33.10 -21.23
N LEU D 683 63.55 34.09 -20.40
CA LEU D 683 63.28 34.03 -18.95
C LEU D 683 61.77 33.98 -18.63
N TRP D 684 60.93 34.32 -19.60
CA TRP D 684 59.47 34.20 -19.43
C TRP D 684 59.06 32.80 -18.99
N ASP D 685 59.81 31.78 -19.40
CA ASP D 685 59.55 30.40 -18.97
C ASP D 685 59.89 30.17 -17.50
N ASN D 686 60.77 31.00 -16.96
CA ASN D 686 61.13 30.95 -15.54
C ASN D 686 60.02 31.54 -14.66
N ASN D 687 59.29 30.68 -13.97
CA ASN D 687 58.20 31.09 -13.07
C ASN D 687 58.62 32.12 -12.06
N GLN D 688 59.80 31.92 -11.47
CA GLN D 688 60.31 32.80 -10.42
C GLN D 688 60.69 34.18 -10.94
N VAL D 689 61.41 34.22 -12.06
CA VAL D 689 61.86 35.50 -12.61
C VAL D 689 60.67 36.35 -13.03
N VAL D 690 59.60 35.71 -13.47
CA VAL D 690 58.35 36.40 -13.79
C VAL D 690 57.62 36.87 -12.51
N VAL D 691 57.70 36.09 -11.43
CA VAL D 691 57.11 36.49 -10.15
C VAL D 691 57.91 37.64 -9.50
N GLN D 692 59.23 37.62 -9.64
CA GLN D 692 60.08 38.73 -9.20
C GLN D 692 59.78 40.00 -10.01
N TRP D 693 59.60 39.82 -11.31
CA TRP D 693 59.30 40.92 -12.23
C TRP D 693 57.95 41.54 -11.95
N LEU D 694 56.92 40.70 -11.87
CA LEU D 694 55.56 41.17 -11.62
C LEU D 694 55.48 41.94 -10.30
N GLU D 695 56.11 41.40 -9.26
CA GLU D 695 56.09 42.04 -7.94
C GLU D 695 56.64 43.46 -7.97
N GLN D 696 57.72 43.66 -8.72
CA GLN D 696 58.41 44.95 -8.72
C GLN D 696 57.68 45.99 -9.56
N HIS D 697 57.42 45.64 -10.83
CA HIS D 697 56.86 46.61 -11.78
C HIS D 697 55.43 47.00 -11.43
N TRP D 698 54.72 46.13 -10.73
CA TRP D 698 53.37 46.45 -10.27
C TRP D 698 53.31 46.99 -8.82
N GLN D 699 54.47 47.16 -8.18
CA GLN D 699 54.56 47.77 -6.84
C GLN D 699 54.54 49.30 -6.91
N ALA D 700 55.62 49.90 -7.42
CA ALA D 700 55.76 51.35 -7.53
C ALA D 700 55.55 51.82 -8.97
N ARG D 705 59.04 52.35 -11.38
CA ARG D 705 59.07 51.07 -12.09
C ARG D 705 57.67 50.52 -12.50
N SER D 706 56.61 51.31 -12.32
CA SER D 706 55.24 50.90 -12.72
C SER D 706 55.02 50.92 -14.24
N THR D 707 55.37 49.81 -14.89
CA THR D 707 55.25 49.64 -16.35
C THR D 707 53.93 49.00 -16.75
N ILE D 708 53.46 48.06 -15.93
CA ILE D 708 52.13 47.45 -16.10
C ILE D 708 51.04 48.50 -15.85
N ARG D 709 51.32 49.46 -14.96
CA ARG D 709 50.38 50.52 -14.65
C ARG D 709 50.27 51.53 -15.79
N GLU D 710 51.40 51.90 -16.39
CA GLU D 710 51.42 52.84 -17.51
C GLU D 710 50.59 52.31 -18.69
N ASN D 711 50.75 51.03 -18.99
CA ASN D 711 50.13 50.41 -20.18
C ASN D 711 48.62 50.19 -20.02
N ILE D 712 48.19 49.87 -18.80
CA ILE D 712 46.77 49.70 -18.51
C ILE D 712 45.99 50.99 -18.78
N THR D 713 46.59 52.14 -18.50
CA THR D 713 45.95 53.44 -18.74
C THR D 713 45.60 53.61 -20.23
N TYR D 714 46.59 53.42 -21.10
CA TYR D 714 46.40 53.54 -22.55
C TYR D 714 45.12 52.83 -22.99
N LEU D 715 45.00 51.56 -22.60
CA LEU D 715 43.81 50.76 -22.92
C LEU D 715 42.53 51.37 -22.36
N LYS D 716 42.55 51.71 -21.07
CA LYS D 716 41.36 52.22 -20.36
C LYS D 716 40.79 53.47 -21.02
N HIS D 717 41.68 54.38 -21.43
CA HIS D 717 41.26 55.56 -22.19
C HIS D 717 40.80 55.15 -23.59
N ASP D 718 41.62 54.35 -24.27
CA ASP D 718 41.35 53.94 -25.66
C ASP D 718 40.22 52.91 -25.82
N SER D 719 39.71 52.35 -24.73
CA SER D 719 38.50 51.53 -24.75
C SER D 719 37.26 52.33 -24.30
N VAL D 720 37.46 53.26 -23.36
CA VAL D 720 36.38 54.13 -22.90
C VAL D 720 35.92 55.10 -24.00
N LEU D 721 36.86 55.54 -24.82
CA LEU D 721 36.49 56.29 -26.02
C LEU D 721 35.62 55.43 -26.92
N LYS D 722 36.08 54.21 -27.21
CA LYS D 722 35.36 53.30 -28.08
C LYS D 722 33.89 53.17 -27.70
N THR D 723 33.64 53.05 -26.39
CA THR D 723 32.29 52.90 -25.86
C THR D 723 31.38 54.07 -26.23
N ILE D 724 31.91 55.29 -26.18
CA ILE D 724 31.12 56.47 -26.55
C ILE D 724 30.94 56.53 -28.07
N ARG D 725 32.03 56.25 -28.80
CA ARG D 725 32.01 56.27 -30.28
C ARG D 725 30.96 55.32 -30.87
N GLY D 726 30.79 54.15 -30.24
CA GLY D 726 29.79 53.18 -30.66
C GLY D 726 28.37 53.62 -30.31
N LEU D 727 28.21 54.25 -29.15
CA LEU D 727 26.90 54.70 -28.67
C LEU D 727 26.29 55.77 -29.57
N VAL D 728 27.07 56.81 -29.86
CA VAL D 728 26.62 57.90 -30.73
C VAL D 728 26.27 57.41 -32.15
N GLU D 729 27.01 56.40 -32.62
CA GLU D 729 26.76 55.76 -33.92
C GLU D 729 25.39 55.05 -33.97
N GLU D 730 24.88 54.64 -32.80
CA GLU D 730 23.51 54.14 -32.69
C GLU D 730 22.52 55.26 -32.33
N ASN D 731 22.98 56.24 -31.56
CA ASN D 731 22.10 57.27 -30.93
C ASN D 731 22.47 58.72 -31.31
N PRO D 732 22.31 59.09 -32.59
CA PRO D 732 22.80 60.43 -33.03
C PRO D 732 22.04 61.64 -32.47
N GLU D 733 20.90 61.40 -31.82
CA GLU D 733 20.15 62.47 -31.16
C GLU D 733 20.94 62.98 -29.96
N VAL D 734 21.32 62.04 -29.08
CA VAL D 734 22.06 62.34 -27.85
C VAL D 734 23.19 63.37 -28.06
N ALA D 735 23.98 63.14 -29.11
CA ALA D 735 25.18 63.92 -29.40
C ALA D 735 25.04 65.41 -29.07
N VAL D 736 24.03 66.03 -29.66
CA VAL D 736 23.85 67.48 -29.51
C VAL D 736 23.61 67.87 -28.05
N ASP D 737 22.82 67.07 -27.34
CA ASP D 737 22.52 67.33 -25.93
C ASP D 737 23.77 67.17 -25.09
N CYS D 738 24.39 66.00 -25.19
CA CYS D 738 25.61 65.67 -24.42
C CYS D 738 26.75 66.66 -24.67
N VAL D 739 26.88 67.14 -25.90
CA VAL D 739 27.91 68.11 -26.27
C VAL D 739 27.74 69.39 -25.45
N ILE D 740 26.53 69.94 -25.48
CA ILE D 740 26.19 71.12 -24.68
C ILE D 740 26.41 70.83 -23.20
N TYR D 741 26.11 69.60 -22.79
CA TYR D 741 26.27 69.15 -21.41
C TYR D 741 27.73 69.18 -20.90
N LEU D 742 28.69 69.26 -21.81
CA LEU D 742 30.11 69.31 -21.44
C LEU D 742 30.90 70.11 -22.47
#